data_7PW5
#
_entry.id   7PW5
#
_cell.length_a   1.00
_cell.length_b   1.00
_cell.length_c   1.00
_cell.angle_alpha   90.00
_cell.angle_beta   90.00
_cell.angle_gamma   90.00
#
_symmetry.space_group_name_H-M   'P 1'
#
loop_
_entity.id
_entity.type
_entity.pdbx_description
1 polymer 'SMG1,Serine/threonine-protein kinase SMG1,SMG1,Serine/threonine-protein kinase SMG1,SMG1,Serine/threonine-protein kinase SMG1,SMG1,Serine/threonine-protein kinase SMG1'
2 polymer 'Protein SMG8'
3 polymer 'Protein SMG9'
4 non-polymer 'INOSITOL HEXAKISPHOSPHATE'
5 non-polymer 1-[4-[4-[2-[[4-chloranyl-3-(diethylsulfamoyl)phenyl]amino]pyrimidin-4-yl]pyridin-2-yl]phenyl]-3-methyl-urea
6 non-polymer "ADENOSINE-5'-TRIPHOSPHATE"
7 non-polymer 'MAGNESIUM ION'
#
loop_
_entity_poly.entity_id
_entity_poly.type
_entity_poly.pdbx_seq_one_letter_code
_entity_poly.pdbx_strand_id
1 'polypeptide(L)'
;(UNK)(UNK)(UNK)(UNK)(UNK)(UNK)(UNK)(UNK)(UNK)(UNK)(UNK)(UNK)(UNK)(UNK)(UNK)(UNK)
(UNK)(UNK)(UNK)(UNK)(UNK)(UNK)(UNK)(UNK)(UNK)(UNK)(UNK)(UNK)(UNK)(UNK)(UNK)(UNK)
(UNK)(UNK)(UNK)(UNK)(UNK)(UNK)(UNK)(UNK)(UNK)(UNK)(UNK)(UNK)(UNK)(UNK)(UNK)(UNK)
(UNK)(UNK)(UNK)(UNK)(UNK)(UNK)(UNK)(UNK)(UNK)(UNK)(UNK)(UNK)(UNK)(UNK)(UNK)(UNK)
(UNK)(UNK)(UNK)(UNK)(UNK)(UNK)(UNK)(UNK)(UNK)(UNK)(UNK)(UNK)(UNK)(UNK)(UNK)(UNK)
(UNK)(UNK)(UNK)(UNK)(UNK)(UNK)(UNK)(UNK)(UNK)(UNK)(UNK)(UNK)(UNK)(UNK)(UNK)(UNK)
(UNK)(UNK)(UNK)(UNK)(UNK)(UNK)(UNK)(UNK)(UNK)(UNK)(UNK)(UNK)(UNK)(UNK)(UNK)(UNK)
(UNK)(UNK)(UNK)(UNK)(UNK)(UNK)(UNK)(UNK)(UNK)(UNK)(UNK)(UNK)(UNK)(UNK)(UNK)(UNK)
(UNK)(UNK)(UNK)(UNK)(UNK)(UNK)(UNK)(UNK)(UNK)(UNK)(UNK)(UNK)(UNK)(UNK)(UNK)(UNK)
(UNK)(UNK)(UNK)(UNK)(UNK)(UNK)(UNK)(UNK)(UNK)(UNK)(UNK)(UNK)(UNK)(UNK)(UNK)(UNK)
(UNK)(UNK)(UNK)(UNK)(UNK)(UNK)(UNK)(UNK)(UNK)(UNK)(UNK)(UNK)(UNK)(UNK)(UNK)(UNK)
(UNK)(UNK)(UNK)(UNK)(UNK)(UNK)(UNK)(UNK)(UNK)(UNK)(UNK)(UNK)(UNK)(UNK)(UNK)(UNK)
(UNK)(UNK)(UNK)(UNK)(UNK)(UNK)(UNK)(UNK)(UNK)(UNK)(UNK)(UNK)(UNK)(UNK)(UNK)(UNK)
(UNK)(UNK)(UNK)(UNK)(UNK)(UNK)(UNK)(UNK)(UNK)(UNK)(UNK)(UNK)(UNK)(UNK)(UNK)(UNK)
(UNK)(UNK)(UNK)(UNK)(UNK)(UNK)(UNK)(UNK)(UNK)(UNK)(UNK)(UNK)(UNK)(UNK)(UNK)(UNK)
(UNK)(UNK)(UNK)(UNK)(UNK)(UNK)(UNK)(UNK)(UNK)(UNK)(UNK)(UNK)(UNK)(UNK)(UNK)(UNK)
(UNK)(UNK)(UNK)(UNK)(UNK)(UNK)(UNK)(UNK)(UNK)(UNK)(UNK)(UNK)(UNK)(UNK)(UNK)(UNK)
(UNK)(UNK)(UNK)(UNK)(UNK)(UNK)(UNK)(UNK)(UNK)(UNK)(UNK)(UNK)(UNK)(UNK)(UNK)(UNK)
(UNK)(UNK)(UNK)(UNK)(UNK)(UNK)(UNK)(UNK)(UNK)(UNK)(UNK)(UNK)(UNK)(UNK)(UNK)(UNK)
(UNK)(UNK)FSTNFRDTVDILVGWHIDHTQKPSLTQQVSGWLQSLEPFWVADLAFSTTLLGQFLEDMEAYAEDLSHVAS
GESVDEDVPPPSVSLPKLAALLRVFSTVVRSIGERFSPIRGPPITEAYVTDVLYRVMRCVTAANQVFFSEAVLTAANECV
GVLLGSLDPSMTIHCDMVITYGLDQLENCQTCGTDYIISVLNLLTLIVEQINTKLPSSFVEKLFIPSSKLLFLRYHKEKE
VVAVAHAVYQAVLSLKNIPVLETAYKLILGEMTCALNNLLHSLQLPEACSEIKHEAFKNHVFNVDNAKFVVIFDLSALTT
IGNAKNSLIGMWALSPTVFALLSKNLMIVHSDLAVHFPAIQYAVLYTLYSHCTRHDHFISSSLSSSSPSLFDGAVISTVT
TATKKHFSIILNLLGILLKKDNLNQDTRKLLMTWALEAAVLMRKSETYAPLFSLPSFHKFCKGLLANTLVEDVNICLQAC
SSLHALSSSLPDDLLQRCVDVCRVQLVHSGTRIRQAFGKLLKSIPLDVVLSNNNHTEIQEISLALRSHMSKAPSNTFHPQ
DFSDVISFILYGNSHRTGKDNWLERLFYSCQRLDKRDQSTIPRNLLKTDAVLWQWAIWEAAQFTVLSKLRTPLGRAQDTF
QTIEGIIRSLAAHTLNPDQDVSQWTTADNDEGHGNNQLRLVLLLQYLENLEKLMYNAYEGCANALTSPPKVIRTFFYTNR
QTCQDWLTRIRLSIMRVGLLAGQPAVTVRHGFDLLTEMKTTSLSQGNELEVTIMMVVEALCELHCPEAIQGIAVWSSSIV
GKNLLWINSVAQQAEGRFEKASVEYQEHLCAMTGVDCCISSFDKSVLTLANAGRNSASPKHSLNGESRKTVLSKPTDSSP
EVINYLGNKACECYISIADWAAVQEWQNSIHDLKKSTSSTSLNLKADFNYIKSLSSFESGKFVECTEQLELLPGENINLL
AGGSKEKIDMKKLLPNMLSPDPRELQKSIEVQLLRSSVCLATALNPIEQDQKWQSITENVVKYLKQTSRIAIGPLRLSTL
TVSQSLPVLSTLQLYCSSALENTVSNRLSTEDCLIPLFSEALRSCKQHDVRPWMQALRYTMYQNQLLEKIKEQTVPIRSH
LMELGLTAAKFARKRGNVSLATRLLAQCSEVQLGKTTTAQDLVQHFKKLSTQGQVDEKWGPELDIEKTKLLYTAGQSTHA
MEMLSSCAISFCKSVKAEYAVAKSILTLAKWIQAEWKEISGQLKQVYRAQHQQNFTGLSTLSKNILTLIELPSVNTMEEE
YPRIESESTVHIGVGEPDFILGQLYHLSSVQAPEVAKSWAALASWAYRWGRKVVDNAS(UNK)(UNK)(UNK)(UNK)
(UNK)(UNK)(UNK)(UNK)(UNK)(UNK)(UNK)(UNK)(UNK)(UNK)(UNK)(UNK)(UNK)(UNK)(UNK)(UNK)
(UNK)(UNK)(UNK)(UNK)(UNK)(UNK)(UNK)(UNK)(UNK)(UNK)(UNK)(UNK)(UNK)(UNK)(UNK)(UNK)
(UNK)(UNK)(UNK)(UNK)(UNK)(UNK)(UNK)(UNK)(UNK)(UNK)(UNK)(UNK)(UNK)(UNK)(UNK)(UNK)
(UNK)(UNK)(UNK)(UNK)(UNK)(UNK)(UNK)(UNK)(UNK)(UNK)(UNK)(UNK)(UNK)(UNK)(UNK)(UNK)
(UNK)(UNK)(UNK)(UNK)(UNK)(UNK)(UNK)(UNK)(UNK)(UNK)(UNK)(UNK)(UNK)(UNK)(UNK)(UNK)
(UNK)(UNK)(UNK)(UNK)EGVIKVWRKVVDRIFSLYKLSCSAYFTFLKLNAGQIPLDEDDPRLHLSHRVEQSTDDMIV
MATLRLLRLLVKHAGELRQYLEHGLETTPTAPWRGIIPQLFSRLNHPEVYVRQSICNLLCRVAQDSPHLILYPAIVGTIS
LSSESQASGNKFSTAIPTLLGNIQGEELLVSECEGGSPPASQDSNKDEPKSGLNEDQAMMQDCYSKIVDKLSSANPTMVL
QVQMLVAELRRVTVLWDELWLGVLLQQHMYVL(UNK)(UNK)(UNK)(UNK)(UNK)(UNK)(UNK)(UNK)(UNK)
(UNK)(UNK)(UNK)(UNK)(UNK)(UNK)(UNK)(UNK)(UNK)(UNK)(UNK)(UNK)(UNK)(UNK)(UNK)(UNK)
(UNK)(UNK)(UNK)(UNK)(UNK)(UNK)(UNK)(UNK)(UNK)(UNK)(UNK)(UNK)(UNK)(UNK)(UNK)(UNK)
(UNK)(UNK)(UNK)(UNK)(UNK)(UNK)(UNK)(UNK)(UNK)(UNK)(UNK)(UNK)(UNK)(UNK)(UNK)PHEKW
FQDNYGDAIENALEKLK(UNK)(UNK)(UNK)(UNK)(UNK)(UNK)(UNK)(UNK)(UNK)(UNK)(UNK)(UNK)
(UNK)(UNK)(UNK)(UNK)(UNK)(UNK)(UNK)(UNK)(UNK)(UNK)(UNK)(UNK)(UNK)(UNK)(UNK)(UNK)
(UNK)(UNK)(UNK)YILRLEEISPWLAAMTNTEIALPGEVSARDTVTIHSVGGTITILPTKTKPKKLLFLGSDGKSYPY
LFKGLEDLHLDERIMQFLSIVNTMFATINRQETPRFHARHYSVTPLGTRSGLIQWVDGATPLFGLYKRWQQREAALQAQK
AQDSYQTPQNPGIVPRPSELYYSKIGPALKTVGLSLDVSRRDWPLHVMKAVLEELMEATPPNLLAKELWSSCTTPDEWWR
VTQSYARSTAVMSMVGYIIGLGDRHLDNVLIDMTTGEVVHIDYNVCFEKGKSLRVPEKVPFRMTQNIETALGVTGVEGVF
RLSCEQVLHIMRRGRETLLTLLEAFVYDPLVDWTAGGEAGFAGAVYGGGGQQAESKQSKREMEREITRSLFSSRVAEIKV
NWFKNRDEMLVVLPKLDGSLDEYLSLQEQLTDVEKLQGKLLEEIEFLEGAEGVDHPSHTLQHRYSEHTQLQTQQRAVQEA
IQVKLNEFEQWITHYQAAFNNLEATQLASLLQEISTQMDLGPPSYVPATAFLQNAGQAHLISQCEQLEGEVGALLQQRRS
VLRGCLEQLHHYATVALQYPKAIFQKHRIEQWKTWMEELICNTTVERCQELYRKYEMQYAPQPPPTVCQFITATEMTLQR
YAADINSRLIRQVERLKQEAVTVPVCEDQLKEIERCIKVFLHENGEEGSLSLASVIISALCTLTRRNLMMEGAASSAGEQ
LVDLTSRDGAWFLEELCSMSGNVTCLVQLLKQCHLVPQDLDIPNPMEASETVHLANGVYTSLQELNSNFRQIIFPEALRC
LMKGEYTLESMLHELDGLIEQTTDGVPLQTLVESLQAYLRNAAMGLEEETHAHYIDVARLLHAQYGELIQPRNGSVDETP
KMSAGQMLLVAFDGMFAQVETAFSLLVEKLNKMEIPIAWRKIDIIREARSTQVNFFDDDNHRQVLEEIFFLKRLQTIKEF
FRLCGTFSKTLSGSSSLEDQNTVNGPVQIVNVKTLFRNSCFSEDQMAKPIKAFTADFVRQLLIGLPNQALGLTLCSFISA
LGVDIIAQVEAKDFGAESKVSVDDLCKKAVEHNIQIGKFSQLVMNRATVLASSYDTAWKKHDLVRRLETSISSCKTSLQR
VQLHIAMFQWQHEDLLINRPQAMSVTPPPRSAILTSMKKKLHTLSQIETSIATVQEKLAALESSIEQRLKWAGGANPALA
PVLQDFEATIAERRNLVLKESQRASQVTFLCSNIIHFESLRTRTAEALNLDAALFELIKRCQQMCSFASQFNSSVSELEL
RLLQRVDTGLEHPIGSSEWLLSAHKQLTQDMSTQRAIQTEKEQQIETVCETIQNLVDNIKTVLTGHNRQLGDVKHLLKAM
AKDEEAALADGEDVPYENSVRQFLGEYKSWQDNIQTVLFTLVQAMGQVRSQEHVEMLQEITPTLKELKTQSQSIYNNLVS
FASPLVTDATNECSSPTSSATYQPSFAAAVRSNTGQKTQPDVMSQNARKLIQKNLATSADTPPSTVPGTGKSVACSPKKA
VRDPKTGKAVQERNSYAVSVWKRVKAKLEGRDVDPNRRMSVAEQVDYVIKEATNLDNLAQLYEGWTAWV
;
A
2 'polypeptide(L)'
;MAGPVSLRDLLMGASAWMGSESPGGSPTEGGGSAAGGPEPPWREDEICVVGIFGKTALRLNSEKFSLVNTVCDRQVFPLF
RHQDPGDPGPGIRTEAGAVGEAGGAEDPGAAAGGSVRGSGAVAEGNRTEAGSQDYSLLQAYYSQESKVLYLLLTSICDNS
QLLRACRALQSGEAGGGLSLPHAEAHEFWKHQEKLQCLSLLYLFSVCHILLLVHPTCSFDITYDRVFRALDGLRQKVLPL
LKTAIKDCPVGKDWKLNCRPCPPRLLFLFQLNGALKVEPPRNQDPAHPDKPKKHSPKRRLQHALEDQIYRIFRKSRVLTN
QSINCLFTVPANQAFVYIVPGSQEEDPVGMLLDQLRSHCTVKDPESLLVPAPLSGPRRYQVMRQHSRQQLSFHIDSSSSS
SSGQLVDFTLREFLWQHVELVLSKKGFDDSVGRNPQPSHFELPTYQKWISAASKLYEVAIDGKEEDLGSPTGELTSKILS
SIKVLEGFLDIDTKFSENRCQKALPMAHSAYQSNLPHNYTMTVHKNQLAQALRVYSQHARGPAFHKYAMQLHEDCYKFWS
NGHQLCEERSLTDQHCVHKFHSLPKSGEKPEADRNPPVLYHNSRARSTGACNCGRKQAPRDDPFDIKAANYDFYQLLEEK
CCGKLDHINFPVFEPSTPDPAPAKNESSPAPPDSDADKLKEKEPQTQGESTSLSLALSLGQSTDSLGTYPADPQAGGDNP
EVHGQVEVKTEKRPNFVDRQASTVEYLPGMLHSNCPKGLLPKFSSWSLVKLGPAKSYNFHTGLDQQGFIPGTNYLMPWDI
VIRTRAEDEGDLDTNSWPAPNKAIPGKRSAVVMGRGRRRDDIARAFVGFEYEDSRGRRFMCSGPDKVMKVMGSGPKESAL
KALNSDMPLYILSSSQGRGLKPHYAQLMRLFVVVPDAPLQIILMPQVQPGPPPCPVFYPEKQEITLPPDGLWVLRFPYAY
VTERGPCFPPKENVQLMSYKVLRGVLKAVTQ
;
B
3 'polypeptide(L)'
;MSESGHSQPGLYGIERRRRWKEPGSGGPQNLSGPGGRERDYIAPWERERRDASEETSTSVMQKTPIILSKPPAERSKQPP
PPTAPAAPPAPAPLEKPIVLMKPREEGKGPVAVTGASTPEGTAPPPPAAPAPPKGEKEGQRPTQPVYQIQNRGMGTAAPA
AMDPVVGQAKLLPPERMKHSIKLVDDQMNWCDSAIEYLLDQTDVLVVGVLGLQGTGKSMVMSLLSANTPEEDQRTYVFRA
QSAEMKERGGNQTSGIDFFITQERIVFLDTQPILSPSILDHLINNDRKLPPEYNLPHTYVEMQSLQIAAFLFTVCHVVIV
VQDWFTDLSLYRFLQTAEMVKPSTPSPSHESSSSSGSDEGTEYYPHLVFLQNKARREDFCPRKLRQMHLMIDQLMAHSHL
RYKGTLSMLQCNVFPGLPPDFLDSEVNLFLVPFMDSEAESENPPRAGPGSSPLFSLLPGYRGHPSFQSLVSKLRSQVMSM
ARPQLSHTILTEKNWFHYAARIWDGVRKSSALAEYSRLLA
;
C
#
# COMPACT_ATOMS: atom_id res chain seq x y z
N UNK A 147 89.90 -0.67 45.55
CA UNK A 147 89.69 -0.39 46.97
C UNK A 147 88.30 0.20 47.20
N UNK A 148 87.91 1.15 46.34
CA UNK A 148 86.60 1.79 46.49
C UNK A 148 85.48 0.77 46.27
N UNK A 149 85.62 -0.10 45.27
CA UNK A 149 84.59 -1.09 44.99
C UNK A 149 84.43 -2.05 46.16
N UNK A 150 85.54 -2.51 46.75
CA UNK A 150 85.46 -3.43 47.88
C UNK A 150 84.78 -2.78 49.07
N UNK A 151 85.11 -1.52 49.35
CA UNK A 151 84.50 -0.82 50.47
C UNK A 151 83.02 -0.57 50.24
N UNK A 152 82.64 -0.23 49.00
CA UNK A 152 81.24 0.02 48.69
C UNK A 152 80.42 -1.25 48.61
N UNK A 153 81.06 -2.41 48.38
CA UNK A 153 80.32 -3.66 48.31
C UNK A 153 79.63 -3.98 49.64
N UNK A 154 80.34 -3.77 50.76
CA UNK A 154 79.75 -4.05 52.06
C UNK A 154 78.54 -3.17 52.33
N UNK A 155 78.64 -1.88 52.01
CA UNK A 155 77.52 -0.97 52.24
C UNK A 155 76.34 -1.31 51.34
N UNK A 156 76.61 -1.64 50.08
CA UNK A 156 75.56 -1.98 49.13
C UNK A 156 75.16 -3.44 49.25
N UNK A 162 67.63 1.83 45.57
CA UNK A 162 68.50 2.01 44.40
C UNK A 162 69.95 2.17 44.83
N UNK A 163 70.16 2.56 46.08
CA UNK A 163 71.51 2.74 46.61
C UNK A 163 72.24 1.42 46.85
N UNK A 164 71.52 0.30 46.86
CA UNK A 164 72.13 -1.01 47.09
C UNK A 164 72.75 -1.59 45.83
N UNK A 165 72.55 -0.97 44.67
CA UNK A 165 73.11 -1.45 43.41
C UNK A 165 74.00 -0.45 42.71
N UNK A 166 74.06 0.80 43.19
CA UNK A 166 74.90 1.80 42.55
C UNK A 166 76.35 1.36 42.49
N UNK A 167 76.84 0.73 43.57
CA UNK A 167 78.22 0.26 43.59
C UNK A 167 78.50 -0.68 42.43
N UNK A 168 77.49 -1.47 42.04
CA UNK A 168 77.67 -2.40 40.94
C UNK A 168 77.63 -1.69 39.60
N UNK A 169 76.83 -0.61 39.50
CA UNK A 169 76.75 0.14 38.25
C UNK A 169 78.10 0.67 37.82
N UNK A 170 78.89 1.16 38.78
CA UNK A 170 80.21 1.69 38.48
C UNK A 170 81.26 0.60 38.35
N UNK A 171 80.89 -0.66 38.62
CA UNK A 171 81.85 -1.76 38.51
C UNK A 171 82.46 -1.82 37.11
N UNK A 172 81.61 -1.70 36.08
CA UNK A 172 82.12 -1.75 34.71
C UNK A 172 83.10 -0.62 34.45
N UNK A 173 82.95 0.50 35.16
CA UNK A 173 83.82 1.65 35.01
C UNK A 173 84.98 1.63 36.00
N UNK A 174 85.05 0.62 36.87
CA UNK A 174 86.13 0.55 37.84
C UNK A 174 87.48 0.38 37.16
N UNK A 175 87.55 -0.47 36.13
CA UNK A 175 88.79 -0.70 35.41
C UNK A 175 88.54 -0.74 33.90
N UNK A 191 85.94 -10.68 45.56
CA UNK A 191 84.85 -10.56 46.53
C UNK A 191 83.68 -11.46 46.14
N UNK A 192 84.00 -12.71 45.77
CA UNK A 192 82.96 -13.65 45.38
C UNK A 192 82.09 -14.05 46.57
N UNK A 193 82.65 -14.05 47.78
CA UNK A 193 81.88 -14.42 48.96
C UNK A 193 80.73 -13.44 49.20
N UNK A 194 80.99 -12.14 49.04
CA UNK A 194 79.96 -11.14 49.26
C UNK A 194 78.82 -11.30 48.25
N UNK A 195 79.17 -11.57 46.99
CA UNK A 195 78.15 -11.74 45.96
C UNK A 195 77.39 -13.05 46.11
N UNK A 196 78.03 -14.09 46.63
CA UNK A 196 77.38 -15.38 46.81
C UNK A 196 76.63 -15.50 48.13
N UNK A 197 76.84 -14.57 49.06
CA UNK A 197 76.17 -14.60 50.35
C UNK A 197 75.10 -13.53 50.52
N UNK A 198 75.11 -12.49 49.69
CA UNK A 198 74.10 -11.44 49.81
C UNK A 198 72.74 -11.91 49.34
N UNK A 199 72.70 -12.89 48.45
CA UNK A 199 71.44 -13.43 47.93
C UNK A 199 70.88 -14.57 48.77
N UNK A 200 71.55 -14.92 49.88
CA UNK A 200 71.06 -16.00 50.72
C UNK A 200 69.72 -15.68 51.34
N UNK A 201 69.53 -14.44 51.80
CA UNK A 201 68.27 -14.03 52.41
C UNK A 201 67.18 -13.87 51.36
N UNK A 207 65.52 -10.23 52.76
CA UNK A 207 64.23 -10.65 52.20
C UNK A 207 64.38 -11.05 50.74
N UNK A 208 63.26 -11.42 50.11
CA UNK A 208 63.29 -11.83 48.71
C UNK A 208 63.73 -10.69 47.80
N UNK A 209 63.22 -9.48 48.06
CA UNK A 209 63.59 -8.33 47.24
C UNK A 209 65.09 -8.03 47.35
N UNK A 210 65.63 -8.08 48.57
CA UNK A 210 67.05 -7.81 48.75
C UNK A 210 67.90 -8.85 48.03
N UNK A 211 67.51 -10.13 48.14
CA UNK A 211 68.27 -11.18 47.48
C UNK A 211 68.22 -11.02 45.96
N UNK A 212 67.03 -10.69 45.43
CA UNK A 212 66.90 -10.50 43.98
C UNK A 212 67.74 -9.33 43.51
N UNK A 213 67.72 -8.22 44.26
CA UNK A 213 68.51 -7.06 43.87
C UNK A 213 70.00 -7.38 43.91
N UNK A 214 70.44 -8.10 44.96
CA UNK A 214 71.85 -8.45 45.07
C UNK A 214 72.27 -9.35 43.91
N UNK A 215 71.44 -10.33 43.56
CA UNK A 215 71.76 -11.22 42.47
C UNK A 215 71.83 -10.47 41.14
N UNK A 216 70.88 -9.55 40.92
CA UNK A 216 70.88 -8.78 39.68
C UNK A 216 72.12 -7.91 39.59
N UNK A 217 72.52 -7.30 40.71
CA UNK A 217 73.70 -6.44 40.72
C UNK A 217 74.97 -7.26 40.49
N UNK A 218 75.05 -8.45 41.09
CA UNK A 218 76.23 -9.29 40.94
C UNK A 218 76.27 -9.98 39.59
N UNK A 219 75.15 -10.01 38.86
CA UNK A 219 75.13 -10.66 37.55
C UNK A 219 76.10 -10.03 36.56
N UNK A 220 76.48 -8.77 36.77
CA UNK A 220 77.40 -8.07 35.89
C UNK A 220 78.86 -8.21 36.32
N UNK A 221 79.12 -8.93 37.41
CA UNK A 221 80.50 -9.09 37.87
C UNK A 221 81.33 -9.87 36.86
N UNK A 222 80.77 -10.92 36.28
CA UNK A 222 81.48 -11.75 35.30
C UNK A 222 81.45 -11.16 33.90
N UNK A 223 80.69 -10.08 33.67
CA UNK A 223 80.60 -9.45 32.37
C UNK A 223 81.40 -8.15 32.27
N UNK A 224 81.90 -7.63 33.38
CA UNK A 224 82.67 -6.39 33.36
C UNK A 224 84.17 -6.69 33.33
N UNK A 229 87.24 -13.68 32.12
CA UNK A 229 87.42 -15.12 32.25
C UNK A 229 87.70 -15.51 33.70
N UNK A 230 88.41 -14.63 34.42
CA UNK A 230 88.73 -14.91 35.82
C UNK A 230 87.48 -14.98 36.67
N UNK A 231 86.53 -14.06 36.44
CA UNK A 231 85.30 -14.07 37.23
C UNK A 231 84.40 -15.24 36.86
N UNK A 232 84.54 -15.77 35.64
CA UNK A 232 83.72 -16.90 35.22
C UNK A 232 83.99 -18.12 36.09
N UNK A 233 85.26 -18.39 36.38
CA UNK A 233 85.59 -19.55 37.21
C UNK A 233 85.01 -19.39 38.61
N UNK A 234 85.11 -18.18 39.18
CA UNK A 234 84.58 -17.95 40.52
C UNK A 234 83.07 -18.12 40.53
N UNK A 235 82.39 -17.60 39.50
CA UNK A 235 80.93 -17.73 39.44
C UNK A 235 80.53 -19.19 39.32
N UNK A 236 81.24 -19.95 38.48
CA UNK A 236 80.92 -21.37 38.31
C UNK A 236 81.14 -22.12 39.62
N UNK A 237 82.24 -21.82 40.31
CA UNK A 237 82.52 -22.49 41.58
C UNK A 237 81.45 -22.17 42.61
N UNK A 238 81.04 -20.90 42.68
CA UNK A 238 80.01 -20.51 43.64
C UNK A 238 78.69 -21.21 43.32
N UNK A 239 78.33 -21.28 42.05
CA UNK A 239 77.08 -21.94 41.66
C UNK A 239 77.13 -23.42 42.02
N UNK A 240 78.27 -24.08 41.75
CA UNK A 240 78.40 -25.49 42.06
C UNK A 240 78.31 -25.73 43.57
N UNK A 241 78.95 -24.86 44.35
CA UNK A 241 78.92 -25.01 45.81
C UNK A 241 77.50 -24.80 46.34
N UNK A 242 76.79 -23.80 45.80
CA UNK A 242 75.43 -23.54 46.25
C UNK A 242 74.49 -24.69 45.88
N UNK A 243 74.68 -25.26 44.69
CA UNK A 243 73.82 -26.36 44.26
C UNK A 243 74.02 -27.60 45.13
N UNK A 244 75.22 -27.82 45.63
CA UNK A 244 75.51 -28.98 46.47
C UNK A 244 74.90 -28.80 47.86
N UNK A 248 66.72 -24.42 46.94
CA UNK A 248 68.03 -23.82 46.79
C UNK A 248 67.99 -22.68 45.77
N UNK A 249 67.46 -21.53 46.19
CA UNK A 249 67.37 -20.38 45.31
C UNK A 249 68.74 -19.80 44.97
N UNK A 250 69.74 -20.02 45.82
CA UNK A 250 71.07 -19.49 45.56
C UNK A 250 71.65 -20.09 44.28
N UNK A 251 71.49 -21.40 44.08
CA UNK A 251 72.01 -22.03 42.88
C UNK A 251 71.34 -21.48 41.63
N UNK A 252 70.02 -21.32 41.68
CA UNK A 252 69.30 -20.78 40.52
C UNK A 252 69.74 -19.36 40.23
N UNK A 253 69.88 -18.54 41.27
CA UNK A 253 70.30 -17.16 41.07
C UNK A 253 71.71 -17.10 40.47
N UNK A 254 72.62 -17.93 40.97
CA UNK A 254 73.98 -17.95 40.45
C UNK A 254 73.99 -18.40 38.99
N UNK A 255 73.21 -19.42 38.67
CA UNK A 255 73.16 -19.91 37.29
C UNK A 255 72.61 -18.83 36.37
N UNK A 256 71.55 -18.14 36.79
CA UNK A 256 70.97 -17.09 35.95
C UNK A 256 71.97 -15.96 35.76
N UNK A 257 72.67 -15.58 36.83
CA UNK A 257 73.65 -14.50 36.71
C UNK A 257 74.77 -14.89 35.76
N UNK A 258 75.26 -16.13 35.87
CA UNK A 258 76.33 -16.58 34.99
C UNK A 258 75.86 -16.60 33.54
N UNK A 259 74.64 -17.07 33.29
CA UNK A 259 74.12 -17.11 31.93
C UNK A 259 73.98 -15.71 31.37
N UNK A 260 73.47 -14.78 32.18
CA UNK A 260 73.30 -13.41 31.70
C UNK A 260 74.65 -12.77 31.40
N UNK A 261 75.64 -13.00 32.26
CA UNK A 261 76.97 -12.44 32.03
C UNK A 261 77.60 -13.02 30.77
N UNK A 262 77.44 -14.32 30.56
CA UNK A 262 78.00 -14.96 29.37
C UNK A 262 77.33 -14.45 28.10
N UNK A 263 76.00 -14.26 28.13
CA UNK A 263 75.27 -13.78 26.98
C UNK A 263 75.44 -12.29 26.75
N UNK A 264 75.89 -11.53 27.75
CA UNK A 264 76.08 -10.10 27.59
C UNK A 264 77.20 -9.76 26.62
N UNK A 265 78.14 -10.67 26.41
CA UNK A 265 79.26 -10.43 25.50
C UNK A 265 78.79 -10.43 24.04
N UNK A 267 86.64 -15.87 28.10
CA UNK A 267 85.35 -16.15 27.47
C UNK A 267 85.56 -16.83 26.11
N UNK A 268 86.41 -16.25 25.27
CA UNK A 268 86.68 -16.83 23.97
C UNK A 268 87.35 -18.19 24.09
N UNK A 269 88.32 -18.31 24.98
CA UNK A 269 89.03 -19.57 25.19
C UNK A 269 88.47 -20.40 26.34
N UNK A 270 87.57 -19.84 27.15
CA UNK A 270 86.97 -20.55 28.27
C UNK A 270 85.58 -21.08 27.95
N UNK A 271 85.17 -21.05 26.68
CA UNK A 271 83.85 -21.55 26.32
C UNK A 271 83.72 -23.04 26.57
N UNK A 272 84.79 -23.79 26.28
CA UNK A 272 84.75 -25.24 26.49
C UNK A 272 84.56 -25.58 27.97
N UNK A 273 85.27 -24.88 28.86
CA UNK A 273 85.12 -25.16 30.28
C UNK A 273 83.71 -24.85 30.76
N UNK A 274 83.15 -23.72 30.33
CA UNK A 274 81.79 -23.36 30.73
C UNK A 274 80.79 -24.38 30.21
N UNK A 275 80.95 -24.81 28.96
CA UNK A 275 80.03 -25.79 28.39
C UNK A 275 80.11 -27.11 29.15
N UNK A 276 81.32 -27.55 29.47
CA UNK A 276 81.49 -28.80 30.20
C UNK A 276 80.86 -28.70 31.59
N UNK A 277 81.08 -27.59 32.28
CA UNK A 277 80.50 -27.41 33.60
C UNK A 277 78.99 -27.41 33.54
N UNK A 278 78.42 -26.71 32.55
CA UNK A 278 76.96 -26.66 32.42
C UNK A 278 76.40 -28.04 32.13
N UNK A 279 77.06 -28.80 31.25
CA UNK A 279 76.59 -30.13 30.92
C UNK A 279 76.65 -31.04 32.14
N UNK A 280 77.74 -30.95 32.91
CA UNK A 280 77.87 -31.79 34.09
C UNK A 280 76.80 -31.44 35.12
N UNK A 281 76.52 -30.14 35.30
CA UNK A 281 75.51 -29.72 36.26
C UNK A 281 74.11 -30.16 35.82
N UNK A 282 73.82 -30.07 34.52
CA UNK A 282 72.52 -30.47 34.01
C UNK A 282 72.33 -31.97 33.95
N UNK A 283 73.42 -32.74 33.92
CA UNK A 283 73.30 -34.19 33.86
C UNK A 283 72.64 -34.76 35.12
N UNK A 284 72.75 -34.06 36.24
CA UNK A 284 72.16 -34.50 37.50
C UNK A 284 70.75 -33.93 37.69
N UNK A 285 70.61 -32.61 37.62
CA UNK A 285 69.32 -31.97 37.80
C UNK A 285 68.73 -31.55 36.46
N UNK A 290 64.21 -29.47 39.50
CA UNK A 290 65.30 -29.58 38.54
C UNK A 290 64.94 -28.91 37.22
N UNK A 291 63.68 -28.52 37.09
CA UNK A 291 63.23 -27.86 35.87
C UNK A 291 63.93 -26.53 35.65
N UNK A 292 64.10 -25.74 36.72
CA UNK A 292 64.77 -24.46 36.60
C UNK A 292 66.22 -24.64 36.16
N UNK A 293 66.93 -25.60 36.74
CA UNK A 293 68.32 -25.83 36.36
C UNK A 293 68.42 -26.24 34.90
N UNK A 294 67.54 -27.14 34.44
CA UNK A 294 67.57 -27.58 33.06
C UNK A 294 67.28 -26.43 32.12
N UNK A 295 66.29 -25.60 32.47
CA UNK A 295 65.94 -24.46 31.61
C UNK A 295 67.11 -23.48 31.54
N UNK A 296 67.76 -23.20 32.67
CA UNK A 296 68.88 -22.27 32.67
C UNK A 296 70.03 -22.83 31.83
N UNK A 297 70.32 -24.13 31.98
CA UNK A 297 71.40 -24.73 31.22
C UNK A 297 71.11 -24.67 29.72
N UNK A 298 69.87 -24.96 29.34
CA UNK A 298 69.51 -24.93 27.93
C UNK A 298 69.62 -23.51 27.38
N UNK A 299 69.15 -22.52 28.15
CA UNK A 299 69.22 -21.14 27.69
C UNK A 299 70.67 -20.70 27.53
N UNK A 300 71.53 -21.10 28.47
CA UNK A 300 72.93 -20.71 28.39
C UNK A 300 73.63 -21.39 27.22
N UNK A 301 73.31 -22.66 26.96
CA UNK A 301 73.92 -23.39 25.86
C UNK A 301 73.38 -22.99 24.50
N UNK A 302 72.19 -22.38 24.45
CA UNK A 302 71.62 -21.97 23.17
C UNK A 302 72.46 -20.91 22.48
N UNK A 303 73.20 -20.12 23.25
CA UNK A 303 74.05 -19.07 22.66
C UNK A 303 75.21 -19.65 21.87
N UNK A 304 75.58 -20.90 22.11
CA UNK A 304 76.69 -21.53 21.40
C UNK A 304 76.31 -21.83 19.95
N PHE A 307 77.02 -33.43 21.89
CA PHE A 307 75.64 -33.21 21.44
C PHE A 307 74.95 -34.54 21.17
N SER A 308 75.75 -35.57 20.86
CA SER A 308 75.18 -36.89 20.58
C SER A 308 74.48 -37.45 21.81
N THR A 309 75.10 -37.32 22.98
CA THR A 309 74.53 -37.82 24.22
C THR A 309 73.71 -36.78 24.97
N ASN A 310 73.80 -35.51 24.57
CA ASN A 310 73.04 -34.46 25.26
C ASN A 310 71.54 -34.64 25.04
N PHE A 311 71.14 -35.05 23.84
CA PHE A 311 69.72 -35.24 23.54
C PHE A 311 69.11 -36.40 24.33
N ARG A 312 69.94 -37.34 24.80
CA ARG A 312 69.41 -38.47 25.56
C ARG A 312 68.76 -37.99 26.86
N ASP A 313 69.41 -37.06 27.57
CA ASP A 313 68.84 -36.56 28.81
C ASP A 313 67.53 -35.84 28.55
N THR A 314 67.47 -35.02 27.50
CA THR A 314 66.23 -34.31 27.18
C THR A 314 65.11 -35.28 26.84
N VAL A 315 65.43 -36.32 26.06
CA VAL A 315 64.41 -37.29 25.68
C VAL A 315 63.91 -38.03 26.92
N ASP A 316 64.82 -38.42 27.81
CA ASP A 316 64.42 -39.13 29.02
C ASP A 316 63.55 -38.25 29.90
N ILE A 317 63.90 -36.96 30.01
CA ILE A 317 63.12 -36.05 30.83
C ILE A 317 61.73 -35.82 30.23
N LEU A 318 61.65 -35.68 28.91
CA LEU A 318 60.37 -35.47 28.26
C LEU A 318 59.54 -36.75 28.13
N VAL A 319 60.13 -37.91 28.39
CA VAL A 319 59.41 -39.18 28.29
C VAL A 319 58.71 -39.47 29.61
N GLY A 320 58.75 -38.52 30.54
CA GLY A 320 58.12 -38.67 31.83
C GLY A 320 56.72 -38.10 31.89
N SER A 330 52.30 -30.43 31.18
CA SER A 330 52.11 -29.09 30.63
C SER A 330 53.45 -28.47 30.23
N LEU A 331 54.53 -29.06 30.71
CA LEU A 331 55.87 -28.59 30.40
C LEU A 331 56.48 -29.25 29.18
N THR A 332 55.73 -30.13 28.50
CA THR A 332 56.27 -30.81 27.33
C THR A 332 56.49 -29.83 26.17
N GLN A 333 55.73 -28.74 26.13
CA GLN A 333 55.91 -27.76 25.05
C GLN A 333 57.28 -27.10 25.11
N GLN A 334 57.74 -26.76 26.31
CA GLN A 334 59.05 -26.12 26.45
C GLN A 334 60.18 -27.04 25.99
N VAL A 335 60.18 -28.30 26.45
CA VAL A 335 61.23 -29.22 26.05
C VAL A 335 61.13 -29.51 24.55
N SER A 336 59.91 -29.61 24.02
CA SER A 336 59.75 -29.89 22.60
C SER A 336 60.33 -28.75 21.77
N GLY A 337 60.03 -27.51 22.17
CA GLY A 337 60.55 -26.37 21.43
C GLY A 337 62.06 -26.27 21.53
N TRP A 338 62.61 -26.55 22.72
CA TRP A 338 64.05 -26.50 22.90
C TRP A 338 64.74 -27.54 22.03
N LEU A 339 64.19 -28.75 21.99
CA LEU A 339 64.78 -29.81 21.17
C LEU A 339 64.68 -29.47 19.70
N GLN A 340 63.54 -28.91 19.27
CA GLN A 340 63.38 -28.56 17.87
C GLN A 340 64.35 -27.46 17.46
N SER A 341 64.54 -26.46 18.34
CA SER A 341 65.45 -25.37 18.03
C SER A 341 66.92 -25.76 18.19
N LEU A 342 67.20 -26.86 18.89
CA LEU A 342 68.59 -27.28 19.07
C LEU A 342 69.24 -27.65 17.75
N GLU A 343 68.51 -28.34 16.89
CA GLU A 343 69.04 -28.75 15.59
C GLU A 343 68.30 -28.04 14.45
N ALA A 351 71.46 -39.39 10.08
CA ALA A 351 72.67 -39.94 10.67
C ALA A 351 72.34 -40.74 11.93
N PHE A 352 72.47 -40.10 13.08
CA PHE A 352 72.18 -40.77 14.35
C PHE A 352 70.69 -41.02 14.53
N SER A 353 69.85 -40.15 13.97
CA SER A 353 68.40 -40.32 14.11
C SER A 353 67.92 -41.60 13.45
N THR A 354 68.52 -41.98 12.31
CA THR A 354 68.11 -43.20 11.62
C THR A 354 68.19 -44.40 12.54
N THR A 355 69.32 -44.56 13.24
CA THR A 355 69.49 -45.68 14.16
C THR A 355 68.81 -45.44 15.49
N LEU A 356 68.51 -44.18 15.83
CA LEU A 356 67.86 -43.87 17.10
C LEU A 356 66.38 -44.20 17.08
N LEU A 357 65.71 -43.99 15.95
CA LEU A 357 64.29 -44.30 15.86
C LEU A 357 64.01 -45.79 16.03
N GLY A 358 65.01 -46.63 15.77
CA GLY A 358 64.81 -48.06 15.91
C GLY A 358 64.49 -48.46 17.34
N GLN A 359 65.09 -47.76 18.32
CA GLN A 359 64.82 -48.07 19.72
C GLN A 359 63.35 -47.83 20.04
N PHE A 360 62.81 -46.70 19.60
CA PHE A 360 61.40 -46.40 19.86
C PHE A 360 60.50 -47.38 19.12
N LEU A 361 60.85 -47.73 17.89
CA LEU A 361 60.04 -48.67 17.13
C LEU A 361 59.98 -50.02 17.84
N GLU A 362 61.14 -50.49 18.30
CA GLU A 362 61.20 -51.77 19.00
C GLU A 362 60.43 -51.70 20.31
N ASP A 363 60.51 -50.56 21.00
CA ASP A 363 59.79 -50.42 22.26
C ASP A 363 58.29 -50.51 22.03
N MET A 364 57.78 -49.82 21.01
CA MET A 364 56.34 -49.88 20.73
C MET A 364 55.93 -51.29 20.34
N GLU A 365 56.73 -51.96 19.52
CA GLU A 365 56.39 -53.32 19.10
C GLU A 365 56.35 -54.26 20.30
N ALA A 366 57.35 -54.15 21.19
CA ALA A 366 57.39 -55.00 22.38
C ALA A 366 56.20 -54.74 23.29
N TYR A 367 55.86 -53.46 23.50
CA TYR A 367 54.73 -53.15 24.37
C TYR A 367 53.43 -53.68 23.77
N ALA A 368 53.26 -53.55 22.45
CA ALA A 368 52.04 -54.05 21.82
C ALA A 368 51.96 -55.57 21.93
N GLU A 369 53.09 -56.25 21.75
CA GLU A 369 53.09 -57.71 21.84
C GLU A 369 52.80 -58.17 23.25
N ASP A 370 53.37 -57.48 24.25
CA ASP A 370 53.14 -57.86 25.65
C ASP A 370 51.77 -57.44 26.15
N LEU A 371 51.10 -56.49 25.48
CA LEU A 371 49.78 -56.06 25.92
C LEU A 371 48.77 -57.19 25.85
N SER A 372 48.81 -57.98 24.77
CA SER A 372 47.88 -59.09 24.61
C SER A 372 48.33 -60.30 25.42
N SER A 388 46.85 -52.88 32.37
CA SER A 388 46.76 -51.83 31.36
C SER A 388 47.19 -50.48 31.93
N VAL A 389 48.50 -50.29 32.07
CA VAL A 389 49.05 -49.05 32.60
C VAL A 389 50.13 -48.58 31.65
N SER A 390 50.36 -49.33 30.57
CA SER A 390 51.38 -48.99 29.59
C SER A 390 50.91 -47.92 28.61
N LEU A 391 49.64 -47.51 28.65
CA LEU A 391 49.15 -46.49 27.74
C LEU A 391 49.88 -45.15 27.90
N PRO A 392 50.09 -44.61 29.11
CA PRO A 392 50.82 -43.33 29.20
C PRO A 392 52.20 -43.41 28.57
N LYS A 393 52.89 -44.53 28.75
CA LYS A 393 54.22 -44.67 28.16
C LYS A 393 54.15 -44.64 26.64
N LEU A 394 53.16 -45.32 26.06
CA LEU A 394 53.01 -45.32 24.61
C LEU A 394 52.71 -43.92 24.10
N ALA A 395 51.84 -43.19 24.81
CA ALA A 395 51.50 -41.84 24.38
C ALA A 395 52.73 -40.94 24.45
N ALA A 396 53.52 -41.05 25.52
CA ALA A 396 54.72 -40.23 25.65
C ALA A 396 55.71 -40.56 24.54
N LEU A 397 55.87 -41.85 24.23
CA LEU A 397 56.80 -42.24 23.18
C LEU A 397 56.35 -41.69 21.84
N LEU A 398 55.04 -41.75 21.57
CA LEU A 398 54.53 -41.23 20.30
C LEU A 398 54.76 -39.74 20.20
N ARG A 399 54.53 -39.01 21.30
CA ARG A 399 54.71 -37.57 21.29
C ARG A 399 56.18 -37.21 21.06
N VAL A 400 57.09 -37.89 21.77
CA VAL A 400 58.51 -37.57 21.58
C VAL A 400 58.95 -37.96 20.17
N PHE A 401 58.40 -39.05 19.62
CA PHE A 401 58.78 -39.46 18.28
C PHE A 401 58.33 -38.40 17.27
N SER A 402 57.11 -37.89 17.44
CA SER A 402 56.62 -36.87 16.53
C SER A 402 57.45 -35.60 16.65
N THR A 403 57.82 -35.23 17.88
CA THR A 403 58.62 -34.03 18.07
C THR A 403 60.01 -34.16 17.44
N VAL A 404 60.66 -35.33 17.61
CA VAL A 404 61.98 -35.51 17.03
C VAL A 404 61.90 -35.56 15.51
N VAL A 405 60.86 -36.18 14.94
CA VAL A 405 60.78 -36.23 13.48
C VAL A 405 60.46 -34.84 12.93
N ARG A 406 59.69 -34.04 13.67
CA ARG A 406 59.36 -32.70 13.22
C ARG A 406 60.52 -31.73 13.39
N SER A 407 61.46 -32.03 14.30
CA SER A 407 62.59 -31.15 14.52
C SER A 407 63.50 -31.04 13.30
N ILE A 408 63.44 -32.01 12.39
CA ILE A 408 64.26 -31.98 11.18
C ILE A 408 63.82 -30.86 10.26
N ALA A 423 64.70 -42.38 1.27
CA ALA A 423 63.29 -42.05 1.20
C ALA A 423 62.45 -43.28 0.89
N TYR A 424 63.00 -44.47 1.20
CA TYR A 424 62.31 -45.72 0.96
C TYR A 424 61.78 -46.38 2.23
N VAL A 425 62.35 -46.08 3.40
CA VAL A 425 61.88 -46.67 4.65
C VAL A 425 60.67 -45.95 5.22
N THR A 426 60.25 -44.85 4.61
CA THR A 426 59.09 -44.11 5.11
C THR A 426 57.84 -44.98 5.10
N ASP A 427 57.61 -45.71 3.99
CA ASP A 427 56.43 -46.56 3.90
C ASP A 427 56.49 -47.68 4.93
N VAL A 428 57.68 -48.27 5.12
CA VAL A 428 57.82 -49.36 6.08
C VAL A 428 57.52 -48.87 7.49
N LEU A 429 58.10 -47.72 7.88
CA LEU A 429 57.85 -47.19 9.21
C LEU A 429 56.38 -46.80 9.39
N TYR A 430 55.76 -46.23 8.34
CA TYR A 430 54.37 -45.84 8.46
C TYR A 430 53.48 -47.07 8.64
N ARG A 431 53.76 -48.14 7.88
CA ARG A 431 52.97 -49.35 8.00
C ARG A 431 53.16 -49.99 9.38
N VAL A 432 54.40 -49.97 9.88
CA VAL A 432 54.67 -50.54 11.20
C VAL A 432 53.91 -49.77 12.27
N MET A 433 53.92 -48.43 12.17
CA MET A 433 53.21 -47.62 13.16
C MET A 433 51.71 -47.86 13.09
N ARG A 434 51.17 -47.96 11.87
CA ARG A 434 49.74 -48.19 11.73
C ARG A 434 49.35 -49.54 12.30
N CYS A 435 50.16 -50.57 12.04
CA CYS A 435 49.87 -51.91 12.55
C CYS A 435 49.97 -51.95 14.07
N VAL A 436 51.00 -51.34 14.64
CA VAL A 436 51.16 -51.34 16.09
C VAL A 436 50.02 -50.57 16.75
N THR A 437 49.54 -49.51 16.11
CA THR A 437 48.44 -48.74 16.70
C THR A 437 47.13 -49.50 16.61
N ALA A 438 46.85 -50.11 15.44
CA ALA A 438 45.61 -50.86 15.28
C ALA A 438 45.60 -52.15 16.10
N ALA A 439 46.77 -52.66 16.48
CA ALA A 439 46.81 -53.89 17.27
C ALA A 439 46.15 -53.69 18.63
N ASN A 440 46.40 -52.54 19.27
CA ASN A 440 45.82 -52.24 20.58
C ASN A 440 44.38 -51.76 20.38
N GLN A 441 43.49 -52.73 20.20
CA GLN A 441 42.07 -52.46 20.00
C GLN A 441 41.22 -53.01 21.14
N VAL A 442 41.75 -52.98 22.35
CA VAL A 442 41.04 -53.48 23.52
C VAL A 442 40.89 -52.36 24.54
N PHE A 443 42.01 -51.73 24.91
CA PHE A 443 41.96 -50.64 25.89
C PHE A 443 41.15 -49.46 25.37
N PHE A 444 41.35 -49.09 24.10
CA PHE A 444 40.65 -47.98 23.45
C PHE A 444 40.85 -46.68 24.23
N SER A 445 42.11 -46.24 24.24
CA SER A 445 42.51 -45.02 24.92
C SER A 445 42.54 -43.88 23.91
N GLU A 446 41.96 -42.73 24.28
CA GLU A 446 41.93 -41.59 23.38
C GLU A 446 43.28 -40.91 23.23
N ALA A 447 44.09 -40.88 24.29
CA ALA A 447 45.40 -40.25 24.21
C ALA A 447 46.31 -40.94 23.19
N VAL A 448 46.39 -42.27 23.25
CA VAL A 448 47.24 -42.98 22.31
C VAL A 448 46.72 -42.81 20.89
N LEU A 449 45.40 -42.82 20.70
CA LEU A 449 44.85 -42.65 19.36
C LEU A 449 45.16 -41.26 18.81
N THR A 450 45.04 -40.24 19.64
CA THR A 450 45.33 -38.88 19.19
C THR A 450 46.80 -38.74 18.83
N ALA A 451 47.69 -39.29 19.68
CA ALA A 451 49.12 -39.20 19.41
C ALA A 451 49.46 -39.95 18.12
N ALA A 452 48.88 -41.13 17.92
CA ALA A 452 49.15 -41.90 16.73
C ALA A 452 48.64 -41.17 15.49
N ASN A 453 47.47 -40.52 15.60
CA ASN A 453 46.93 -39.79 14.46
C ASN A 453 47.86 -38.65 14.09
N GLU A 454 48.36 -37.92 15.08
CA GLU A 454 49.27 -36.80 14.80
C GLU A 454 50.56 -37.31 14.17
N CYS A 455 51.08 -38.42 14.69
CA CYS A 455 52.32 -38.99 14.16
C CYS A 455 52.13 -39.43 12.71
N VAL A 456 51.01 -40.12 12.42
CA VAL A 456 50.75 -40.58 11.06
C VAL A 456 50.59 -39.38 10.13
N GLY A 457 49.92 -38.33 10.62
CA GLY A 457 49.73 -37.16 9.80
C GLY A 457 51.04 -36.49 9.42
N VAL A 458 51.92 -36.28 10.41
CA VAL A 458 53.20 -35.64 10.10
C VAL A 458 54.06 -36.55 9.22
N LEU A 459 54.04 -37.85 9.47
CA LEU A 459 54.84 -38.77 8.66
C LEU A 459 54.36 -38.75 7.21
N LEU A 460 53.04 -38.75 7.01
CA LEU A 460 52.51 -38.73 5.64
C LEU A 460 52.79 -37.39 4.98
N GLY A 461 52.72 -36.30 5.73
CA GLY A 461 52.98 -34.99 5.17
C GLY A 461 54.44 -34.75 4.86
N SER A 462 55.33 -35.53 5.46
CA SER A 462 56.76 -35.35 5.21
C SER A 462 57.09 -35.61 3.74
N LEU A 463 56.47 -36.62 3.14
CA LEU A 463 56.71 -36.95 1.74
C LEU A 463 55.86 -36.05 0.85
N ASP A 464 55.85 -36.33 -0.45
CA ASP A 464 55.10 -35.56 -1.42
C ASP A 464 54.16 -36.47 -2.20
N PRO A 465 53.04 -35.93 -2.70
CA PRO A 465 52.10 -36.77 -3.46
C PRO A 465 52.60 -37.13 -4.85
N SER A 466 53.74 -37.80 -4.91
CA SER A 466 54.34 -38.21 -6.18
C SER A 466 54.86 -39.63 -6.09
N MET A 467 54.08 -40.51 -5.48
CA MET A 467 54.47 -41.92 -5.33
C MET A 467 53.21 -42.78 -5.41
N THR A 468 53.38 -44.07 -5.11
CA THR A 468 52.30 -45.05 -5.14
C THR A 468 52.29 -45.86 -3.85
N ILE A 469 52.37 -45.16 -2.71
CA ILE A 469 52.37 -45.83 -1.42
C ILE A 469 51.05 -46.55 -1.19
N HIS A 470 51.07 -47.50 -0.25
CA HIS A 470 49.87 -48.26 0.08
C HIS A 470 48.81 -47.34 0.67
N CYS A 471 47.67 -47.27 0.00
CA CYS A 471 46.56 -46.43 0.44
C CYS A 471 45.42 -47.22 1.09
N ASP A 472 45.33 -48.52 0.84
CA ASP A 472 44.27 -49.32 1.43
C ASP A 472 44.35 -49.31 2.95
N MET A 473 45.54 -49.48 3.50
CA MET A 473 45.70 -49.49 4.96
C MET A 473 45.33 -48.14 5.56
N VAL A 474 45.80 -47.05 4.95
CA VAL A 474 45.49 -45.72 5.47
C VAL A 474 44.00 -45.44 5.38
N ILE A 475 43.37 -45.80 4.25
CA ILE A 475 41.95 -45.56 4.07
C ILE A 475 41.15 -46.35 5.10
N THR A 476 41.46 -47.64 5.27
CA THR A 476 40.71 -48.43 6.25
C THR A 476 40.95 -47.92 7.67
N TYR A 477 42.16 -47.44 7.97
CA TYR A 477 42.45 -46.92 9.30
C TYR A 477 41.60 -45.68 9.57
N GLY A 478 41.58 -44.75 8.60
CA GLY A 478 40.80 -43.54 8.78
C GLY A 478 39.32 -43.83 8.89
N LEU A 479 38.81 -44.73 8.06
CA LEU A 479 37.39 -45.07 8.11
C LEU A 479 37.04 -45.73 9.45
N ASP A 480 37.91 -46.62 9.93
CA ASP A 480 37.64 -47.29 11.20
C ASP A 480 37.62 -46.28 12.34
N GLN A 481 38.53 -45.31 12.32
CA GLN A 481 38.54 -44.32 13.40
C GLN A 481 37.35 -43.37 13.29
N LEU A 482 36.91 -43.07 12.07
CA LEU A 482 35.77 -42.17 11.90
C LEU A 482 34.45 -42.85 12.28
N GLU A 483 34.33 -44.15 12.02
CA GLU A 483 33.11 -44.87 12.33
C GLU A 483 32.84 -45.00 13.82
N ASN A 484 33.82 -44.72 14.67
CA ASN A 484 33.67 -44.82 16.12
C ASN A 484 34.21 -43.57 16.80
N CYS A 485 33.84 -42.40 16.28
CA CYS A 485 34.28 -41.12 16.83
C CYS A 485 33.10 -40.17 16.98
N GLN A 486 32.00 -40.67 17.55
CA GLN A 486 30.81 -39.85 17.74
C GLN A 486 30.85 -39.13 19.09
N THR A 487 30.83 -39.90 20.18
CA THR A 487 30.86 -39.34 21.53
C THR A 487 32.29 -39.26 22.07
N CYS A 488 33.18 -38.68 21.28
CA CYS A 488 34.58 -38.53 21.64
C CYS A 488 34.84 -37.14 22.21
N GLY A 489 36.08 -36.90 22.62
CA GLY A 489 36.47 -35.62 23.16
C GLY A 489 36.57 -34.54 22.10
N THR A 490 36.73 -33.30 22.58
CA THR A 490 36.84 -32.17 21.68
C THR A 490 38.14 -32.19 20.87
N ASP A 491 39.17 -32.87 21.36
CA ASP A 491 40.45 -32.93 20.65
C ASP A 491 40.54 -34.12 19.71
N TYR A 492 39.95 -35.27 20.09
CA TYR A 492 40.02 -36.44 19.24
C TYR A 492 39.29 -36.21 17.92
N ILE A 493 38.12 -35.53 17.97
CA ILE A 493 37.37 -35.26 16.75
C ILE A 493 38.18 -34.38 15.82
N ILE A 494 38.82 -33.34 16.37
CA ILE A 494 39.63 -32.44 15.54
C ILE A 494 40.79 -33.21 14.93
N SER A 495 41.43 -34.07 15.72
CA SER A 495 42.56 -34.85 15.21
C SER A 495 42.12 -35.77 14.08
N VAL A 496 40.98 -36.43 14.24
CA VAL A 496 40.49 -37.35 13.21
C VAL A 496 40.16 -36.58 11.93
N LEU A 497 39.50 -35.43 12.07
CA LEU A 497 39.16 -34.65 10.89
C LEU A 497 40.42 -34.14 10.19
N ASN A 498 41.42 -33.71 10.97
CA ASN A 498 42.65 -33.23 10.37
C ASN A 498 43.34 -34.35 9.62
N LEU A 499 43.33 -35.55 10.20
CA LEU A 499 43.95 -36.70 9.56
C LEU A 499 43.24 -37.02 8.26
N LEU A 500 41.91 -36.95 8.26
CA LEU A 500 41.15 -37.23 7.05
C LEU A 500 41.49 -36.21 5.96
N THR A 501 41.59 -34.93 6.34
CA THR A 501 41.91 -33.90 5.36
C THR A 501 43.30 -34.14 4.78
N LEU A 502 44.26 -34.48 5.64
CA LEU A 502 45.62 -34.73 5.17
C LEU A 502 45.65 -35.95 4.25
N ILE A 503 44.87 -36.98 4.58
CA ILE A 503 44.84 -38.18 3.75
C ILE A 503 44.26 -37.87 2.38
N VAL A 504 43.18 -37.10 2.34
CA VAL A 504 42.56 -36.75 1.07
C VAL A 504 43.51 -35.90 0.22
N GLU A 505 44.20 -34.94 0.85
CA GLU A 505 45.12 -34.10 0.10
C GLU A 505 46.32 -34.89 -0.39
N GLN A 506 46.84 -35.81 0.43
CA GLN A 506 48.00 -36.62 0.04
C GLN A 506 47.68 -37.53 -1.13
N ILE A 507 46.53 -38.20 -1.10
CA ILE A 507 46.12 -39.11 -2.16
C ILE A 507 45.23 -38.32 -3.12
N ASN A 508 45.81 -37.82 -4.19
CA ASN A 508 45.10 -37.04 -5.20
C ASN A 508 44.96 -37.87 -6.47
N THR A 509 43.75 -37.89 -7.03
CA THR A 509 43.37 -38.59 -8.25
C THR A 509 43.47 -40.11 -8.12
N LYS A 510 43.83 -40.63 -6.96
CA LYS A 510 43.95 -42.07 -6.75
C LYS A 510 42.93 -42.62 -5.76
N LEU A 511 42.12 -41.76 -5.16
CA LEU A 511 41.12 -42.21 -4.20
C LEU A 511 39.95 -42.86 -4.94
N PRO A 512 39.57 -44.08 -4.58
CA PRO A 512 38.45 -44.74 -5.27
C PRO A 512 37.14 -44.04 -4.97
N SER A 513 36.19 -44.21 -5.89
CA SER A 513 34.88 -43.59 -5.74
C SER A 513 34.17 -44.08 -4.48
N SER A 514 34.47 -45.30 -4.04
CA SER A 514 33.83 -45.83 -2.83
C SER A 514 34.24 -45.04 -1.59
N PHE A 515 35.41 -44.40 -1.61
CA PHE A 515 35.85 -43.63 -0.46
C PHE A 515 34.91 -42.46 -0.20
N VAL A 516 34.62 -41.68 -1.23
CA VAL A 516 33.71 -40.53 -1.07
C VAL A 516 32.25 -40.95 -1.11
N GLU A 517 31.94 -42.12 -1.70
CA GLU A 517 30.55 -42.56 -1.76
C GLU A 517 29.99 -42.82 -0.37
N LYS A 518 30.79 -43.43 0.50
CA LYS A 518 30.37 -43.74 1.86
C LYS A 518 30.69 -42.63 2.85
N LEU A 519 31.23 -41.50 2.37
CA LEU A 519 31.58 -40.39 3.22
C LEU A 519 30.53 -39.29 3.24
N PHE A 520 29.67 -39.22 2.23
CA PHE A 520 28.62 -38.20 2.18
C PHE A 520 27.24 -38.82 2.15
N ILE A 521 27.00 -39.79 3.01
CA ILE A 521 25.70 -40.47 3.09
C ILE A 521 25.12 -40.18 4.47
N PRO A 522 23.80 -40.31 4.63
CA PRO A 522 23.21 -40.04 5.95
C PRO A 522 23.79 -40.90 7.06
N SER A 523 24.16 -42.15 6.76
CA SER A 523 24.71 -43.02 7.79
C SER A 523 26.13 -42.61 8.18
N SER A 524 26.80 -41.80 7.36
CA SER A 524 28.16 -41.37 7.68
C SER A 524 28.16 -40.46 8.90
N LYS A 525 29.15 -40.67 9.79
CA LYS A 525 29.25 -39.87 11.00
C LYS A 525 29.75 -38.46 10.71
N LEU A 526 30.40 -38.24 9.56
CA LEU A 526 30.90 -36.91 9.23
C LEU A 526 29.77 -35.89 9.20
N LEU A 527 28.61 -36.27 8.66
CA LEU A 527 27.49 -35.36 8.60
C LEU A 527 26.97 -35.00 9.99
N PHE A 528 27.20 -35.86 10.98
CA PHE A 528 26.74 -35.60 12.34
C PHE A 528 27.78 -34.88 13.18
N LEU A 529 28.99 -34.69 12.66
CA LEU A 529 30.04 -33.99 13.40
C LEU A 529 30.03 -32.49 13.20
N ARG A 530 29.32 -31.99 12.19
CA ARG A 530 29.26 -30.56 11.94
C ARG A 530 28.28 -29.84 12.86
N TYR A 531 27.55 -30.57 13.69
CA TYR A 531 26.58 -29.97 14.60
C TYR A 531 27.21 -29.55 15.92
N HIS A 532 28.52 -29.71 16.08
CA HIS A 532 29.19 -29.32 17.31
C HIS A 532 29.09 -27.81 17.53
N LYS A 533 29.02 -27.42 18.81
CA LYS A 533 28.92 -26.01 19.15
C LYS A 533 30.26 -25.29 18.96
N GLU A 534 31.38 -25.98 19.16
CA GLU A 534 32.68 -25.35 19.01
C GLU A 534 32.92 -24.94 17.56
N LYS A 535 33.51 -23.76 17.38
CA LYS A 535 33.79 -23.27 16.03
C LYS A 535 34.93 -24.05 15.37
N GLU A 536 35.84 -24.61 16.16
CA GLU A 536 36.95 -25.36 15.59
C GLU A 536 36.46 -26.60 14.85
N VAL A 537 35.47 -27.30 15.40
CA VAL A 537 34.93 -28.50 14.75
C VAL A 537 34.29 -28.13 13.43
N VAL A 538 33.51 -27.05 13.41
CA VAL A 538 32.87 -26.64 12.16
C VAL A 538 33.93 -26.22 11.14
N ALA A 539 34.99 -25.57 11.61
CA ALA A 539 36.05 -25.14 10.71
C ALA A 539 36.75 -26.33 10.07
N VAL A 540 37.11 -27.34 10.88
CA VAL A 540 37.77 -28.51 10.31
C VAL A 540 36.82 -29.25 9.39
N ALA A 541 35.53 -29.30 9.72
CA ALA A 541 34.58 -30.00 8.86
C ALA A 541 34.53 -29.29 7.50
N HIS A 542 34.48 -27.96 7.53
CA HIS A 542 34.45 -27.22 6.28
C HIS A 542 35.73 -27.45 5.50
N ALA A 543 36.86 -27.59 6.22
CA ALA A 543 38.13 -27.84 5.56
C ALA A 543 38.08 -29.19 4.86
N VAL A 544 37.45 -30.18 5.50
CA VAL A 544 37.34 -31.50 4.90
C VAL A 544 36.53 -31.40 3.62
N TYR A 545 35.42 -30.68 3.67
CA TYR A 545 34.58 -30.52 2.49
C TYR A 545 35.35 -29.82 1.38
N GLN A 546 36.12 -28.79 1.73
CA GLN A 546 36.90 -28.05 0.75
C GLN A 546 37.96 -28.95 0.11
N ALA A 547 38.63 -29.77 0.91
CA ALA A 547 39.65 -30.67 0.38
C ALA A 547 39.03 -31.70 -0.55
N VAL A 548 37.86 -32.23 -0.20
CA VAL A 548 37.21 -33.21 -1.05
C VAL A 548 36.76 -32.58 -2.36
N LEU A 549 36.21 -31.37 -2.29
CA LEU A 549 35.74 -30.68 -3.49
C LEU A 549 36.87 -30.06 -4.30
N SER A 550 38.09 -30.04 -3.78
CA SER A 550 39.23 -29.47 -4.49
C SER A 550 40.05 -30.53 -5.22
N LEU A 551 39.40 -31.59 -5.68
CA LEU A 551 40.08 -32.67 -6.40
C LEU A 551 40.03 -32.42 -7.91
N LYS A 552 41.06 -32.92 -8.59
CA LYS A 552 41.17 -32.76 -10.04
C LYS A 552 40.56 -33.93 -10.81
N ASN A 553 40.03 -34.93 -10.11
CA ASN A 553 39.42 -36.10 -10.74
C ASN A 553 37.93 -35.86 -10.85
N ILE A 554 37.44 -35.65 -12.08
CA ILE A 554 36.01 -35.40 -12.30
C ILE A 554 35.13 -36.58 -11.89
N PRO A 555 35.43 -37.83 -12.26
CA PRO A 555 34.54 -38.93 -11.84
C PRO A 555 34.39 -39.08 -10.34
N VAL A 556 35.42 -38.82 -9.55
CA VAL A 556 35.28 -38.96 -8.10
C VAL A 556 34.61 -37.74 -7.47
N LEU A 557 34.62 -36.60 -8.16
CA LEU A 557 34.01 -35.39 -7.65
C LEU A 557 32.54 -35.26 -8.02
N GLU A 558 32.14 -35.87 -9.14
CA GLU A 558 30.75 -35.81 -9.57
C GLU A 558 29.82 -36.44 -8.55
N THR A 559 30.20 -37.60 -8.00
CA THR A 559 29.36 -38.26 -7.01
C THR A 559 29.21 -37.39 -5.76
N ALA A 560 30.29 -36.77 -5.31
CA ALA A 560 30.20 -35.93 -4.11
C ALA A 560 29.31 -34.73 -4.37
N TYR A 561 29.45 -34.12 -5.56
CA TYR A 561 28.63 -32.96 -5.90
C TYR A 561 27.16 -33.35 -5.94
N LYS A 562 26.86 -34.51 -6.55
CA LYS A 562 25.48 -34.96 -6.63
C LYS A 562 24.92 -35.25 -5.25
N LEU A 563 25.73 -35.83 -4.36
CA LEU A 563 25.26 -36.12 -3.02
C LEU A 563 24.94 -34.83 -2.27
N ILE A 564 25.82 -33.82 -2.40
CA ILE A 564 25.58 -32.54 -1.72
C ILE A 564 24.30 -31.91 -2.25
N LEU A 565 24.12 -31.91 -3.58
CA LEU A 565 22.92 -31.32 -4.17
C LEU A 565 21.69 -32.07 -3.70
N GLY A 566 21.78 -33.40 -3.60
CA GLY A 566 20.63 -34.17 -3.15
C GLY A 566 20.27 -33.82 -1.71
N GLU A 567 21.28 -33.64 -0.86
CA GLU A 567 21.00 -33.29 0.53
C GLU A 567 20.32 -31.92 0.59
N MET A 568 20.81 -30.97 -0.21
CA MET A 568 20.21 -29.64 -0.21
C MET A 568 18.76 -29.72 -0.67
N THR A 569 18.51 -30.52 -1.72
CA THR A 569 17.15 -30.66 -2.23
C THR A 569 16.24 -31.29 -1.17
N CYS A 570 16.76 -32.29 -0.45
CA CYS A 570 15.95 -32.93 0.58
C CYS A 570 15.58 -31.93 1.67
N ALA A 571 16.56 -31.11 2.09
CA ALA A 571 16.27 -30.12 3.13
C ALA A 571 15.25 -29.11 2.63
N LEU A 572 15.40 -28.66 1.38
CA LEU A 572 14.46 -27.69 0.83
C LEU A 572 13.06 -28.29 0.76
N ASN A 573 12.95 -29.55 0.35
CA ASN A 573 11.65 -30.19 0.26
C ASN A 573 11.04 -30.32 1.65
N ASN A 574 11.86 -30.63 2.65
CA ASN A 574 11.34 -30.75 4.01
C ASN A 574 10.79 -29.41 4.47
N LEU A 575 11.51 -28.33 4.17
CA LEU A 575 11.03 -27.00 4.58
C LEU A 575 9.73 -26.66 3.87
N LEU A 576 9.65 -26.97 2.57
CA LEU A 576 8.44 -26.68 1.82
C LEU A 576 7.27 -27.47 2.38
N HIS A 577 7.48 -28.74 2.70
CA HIS A 577 6.41 -29.57 3.25
C HIS A 577 5.97 -29.03 4.60
N SER A 578 6.91 -28.61 5.43
CA SER A 578 6.56 -28.06 6.74
C SER A 578 5.88 -26.71 6.63
N LEU A 579 6.03 -26.02 5.50
CA LEU A 579 5.41 -24.73 5.28
C LEU A 579 4.09 -24.88 4.54
N GLN A 580 3.65 -26.13 4.37
CA GLN A 580 2.40 -26.51 3.69
C GLN A 580 2.41 -26.13 2.21
N LEU A 581 3.47 -26.50 1.52
CA LEU A 581 3.66 -26.24 0.10
C LEU A 581 4.22 -27.48 -0.58
N PRO A 582 3.93 -27.67 -1.86
CA PRO A 582 4.44 -28.84 -2.57
C PRO A 582 5.94 -28.76 -2.77
N GLU A 583 6.55 -29.94 -2.97
CA GLU A 583 7.97 -30.05 -3.18
C GLU A 583 8.36 -29.58 -4.58
N ALA A 584 9.65 -29.37 -4.78
CA ALA A 584 10.18 -28.92 -6.06
C ALA A 584 11.64 -29.37 -6.17
N CYS A 585 12.33 -28.85 -7.18
CA CYS A 585 13.74 -29.17 -7.43
C CYS A 585 13.95 -30.68 -7.61
N SER A 586 13.01 -31.33 -8.27
CA SER A 586 13.09 -32.77 -8.51
C SER A 586 14.14 -33.15 -9.53
N GLU A 587 14.73 -32.19 -10.23
CA GLU A 587 15.75 -32.46 -11.23
C GLU A 587 17.13 -32.68 -10.65
N ILE A 588 17.32 -32.51 -9.34
CA ILE A 588 18.63 -32.71 -8.71
C ILE A 588 18.50 -33.62 -7.51
N LYS A 589 17.38 -34.34 -7.42
CA LYS A 589 17.16 -35.25 -6.29
C LYS A 589 18.08 -36.46 -6.39
N HIS A 590 18.32 -37.09 -5.24
CA HIS A 590 19.18 -38.26 -5.16
C HIS A 590 18.43 -39.40 -4.50
N GLU A 591 18.82 -40.64 -4.84
CA GLU A 591 18.17 -41.81 -4.26
C GLU A 591 18.58 -42.04 -2.82
N ALA A 592 19.80 -41.61 -2.43
CA ALA A 592 20.26 -41.80 -1.07
C ALA A 592 19.40 -41.04 -0.05
N PHE A 593 18.72 -39.98 -0.47
CA PHE A 593 17.87 -39.18 0.39
C PHE A 593 16.40 -39.28 -0.04
N LYS A 594 15.98 -40.49 -0.40
CA LYS A 594 14.59 -40.69 -0.82
C LYS A 594 13.61 -40.41 0.31
N ASN A 595 13.82 -41.05 1.47
CA ASN A 595 12.93 -40.87 2.62
C ASN A 595 13.77 -40.51 3.84
N HIS A 596 13.63 -39.27 4.31
CA HIS A 596 14.37 -38.81 5.47
C HIS A 596 13.60 -37.61 6.03
N VAL A 597 13.84 -37.31 7.30
CA VAL A 597 13.18 -36.19 7.98
C VAL A 597 14.22 -35.23 8.53
N PHE A 598 14.05 -33.94 8.23
CA PHE A 598 14.93 -32.87 8.67
C PHE A 598 14.09 -31.83 9.39
N ASN A 599 14.53 -31.40 10.57
CA ASN A 599 13.79 -30.39 11.31
C ASN A 599 13.97 -29.04 10.63
N VAL A 600 13.15 -28.07 11.04
CA VAL A 600 13.25 -26.74 10.44
C VAL A 600 14.64 -26.16 10.66
N ASP A 601 15.10 -26.16 11.92
CA ASP A 601 16.42 -25.64 12.22
C ASP A 601 17.50 -26.48 11.55
N ASN A 602 17.33 -27.80 11.59
CA ASN A 602 18.31 -28.69 10.98
C ASN A 602 18.38 -28.47 9.48
N ALA A 603 17.21 -28.33 8.82
CA ALA A 603 17.20 -28.11 7.38
C ALA A 603 17.87 -26.79 7.03
N LYS A 604 17.57 -25.73 7.79
CA LYS A 604 18.18 -24.43 7.51
C LYS A 604 19.69 -24.51 7.68
N PHE A 605 20.15 -25.14 8.76
CA PHE A 605 21.58 -25.27 9.01
C PHE A 605 22.27 -26.06 7.90
N VAL A 606 21.63 -27.15 7.46
CA VAL A 606 22.21 -27.98 6.39
C VAL A 606 22.30 -27.20 5.09
N VAL A 607 21.24 -26.47 4.73
CA VAL A 607 21.26 -25.70 3.50
C VAL A 607 22.35 -24.63 3.54
N ILE A 608 22.45 -23.92 4.66
CA ILE A 608 23.47 -22.87 4.77
C ILE A 608 24.87 -23.48 4.72
N PHE A 609 25.08 -24.60 5.41
CA PHE A 609 26.39 -25.23 5.41
C PHE A 609 26.79 -25.68 4.00
N ASP A 610 25.85 -26.30 3.27
CA ASP A 610 26.16 -26.74 1.91
C ASP A 610 26.45 -25.55 1.00
N LEU A 611 25.67 -24.47 1.15
CA LEU A 611 25.89 -23.30 0.31
C LEU A 611 27.26 -22.72 0.57
N SER A 612 27.68 -22.68 1.85
CA SER A 612 28.99 -22.15 2.19
C SER A 612 30.09 -23.06 1.67
N ALA A 613 29.86 -24.38 1.71
CA ALA A 613 30.87 -25.33 1.24
C ALA A 613 31.03 -25.26 -0.28
N LEU A 614 29.97 -24.91 -1.00
CA LEU A 614 30.05 -24.82 -2.46
C LEU A 614 30.97 -23.71 -2.93
N THR A 615 31.38 -22.80 -2.03
CA THR A 615 32.26 -21.71 -2.42
C THR A 615 33.62 -22.22 -2.90
N THR A 616 33.99 -23.45 -2.53
CA THR A 616 35.27 -23.98 -2.96
C THR A 616 35.35 -24.04 -4.48
N ILE A 617 34.27 -24.50 -5.12
CA ILE A 617 34.24 -24.58 -6.58
C ILE A 617 33.65 -23.31 -7.18
N GLY A 618 32.79 -22.61 -6.44
CA GLY A 618 32.20 -21.40 -6.98
C GLY A 618 33.21 -20.28 -7.15
N ASN A 619 34.15 -20.16 -6.21
CA ASN A 619 35.19 -19.14 -6.22
C ASN A 619 36.49 -19.65 -6.82
N ALA A 620 36.42 -20.61 -7.73
CA ALA A 620 37.62 -21.16 -8.35
C ALA A 620 38.22 -20.15 -9.33
N LYS A 621 39.54 -20.28 -9.55
CA LYS A 621 40.26 -19.41 -10.46
C LYS A 621 40.59 -20.10 -11.78
N ASN A 622 39.77 -21.06 -12.19
CA ASN A 622 39.95 -21.80 -13.43
C ASN A 622 41.33 -22.46 -13.50
N TRP A 628 36.68 -28.08 -13.92
CA TRP A 628 35.41 -28.18 -13.22
C TRP A 628 34.24 -28.07 -14.20
N ALA A 629 34.03 -29.12 -14.98
CA ALA A 629 32.95 -29.17 -15.97
C ALA A 629 31.91 -30.19 -15.49
N LEU A 630 30.98 -29.72 -14.67
CA LEU A 630 29.91 -30.54 -14.12
C LEU A 630 28.61 -30.27 -14.87
N SER A 631 27.65 -31.19 -14.72
CA SER A 631 26.37 -31.01 -15.40
C SER A 631 25.64 -29.78 -14.88
N PRO A 632 25.23 -29.70 -13.59
CA PRO A 632 24.55 -28.50 -13.12
C PRO A 632 25.58 -27.43 -12.74
N THR A 633 25.68 -26.40 -13.57
CA THR A 633 26.64 -25.33 -13.31
C THR A 633 26.24 -24.57 -12.05
N VAL A 634 27.26 -24.08 -11.33
CA VAL A 634 27.02 -23.34 -10.10
C VAL A 634 26.18 -22.11 -10.39
N PHE A 635 26.49 -21.40 -11.48
CA PHE A 635 25.73 -20.20 -11.84
C PHE A 635 24.28 -20.56 -12.12
N ALA A 636 24.05 -21.62 -12.90
CA ALA A 636 22.69 -22.04 -13.20
C ALA A 636 21.99 -22.59 -11.97
N LEU A 637 22.73 -23.26 -11.09
CA LEU A 637 22.13 -23.81 -9.88
C LEU A 637 21.66 -22.71 -8.95
N LEU A 638 22.45 -21.65 -8.79
CA LEU A 638 22.09 -20.54 -7.91
C LEU A 638 21.22 -19.49 -8.59
N SER A 639 21.04 -19.56 -9.91
CA SER A 639 20.22 -18.58 -10.61
C SER A 639 18.95 -19.16 -11.22
N LYS A 640 18.90 -20.44 -11.51
CA LYS A 640 17.69 -21.02 -12.10
C LYS A 640 17.14 -22.21 -11.33
N ASN A 641 18.02 -23.07 -10.80
CA ASN A 641 17.55 -24.24 -10.06
C ASN A 641 16.92 -23.83 -8.73
N LEU A 642 17.59 -22.96 -7.98
CA LEU A 642 17.08 -22.51 -6.68
C LEU A 642 16.24 -21.24 -6.83
N MET A 643 15.24 -21.29 -7.70
CA MET A 643 14.36 -20.15 -7.94
C MET A 643 13.13 -20.14 -7.02
N ILE A 644 12.92 -21.21 -6.24
CA ILE A 644 11.78 -21.27 -5.34
C ILE A 644 12.01 -20.54 -4.03
N VAL A 645 13.27 -20.25 -3.68
CA VAL A 645 13.55 -19.55 -2.44
C VAL A 645 13.04 -18.11 -2.46
N HIS A 646 12.83 -17.53 -3.64
CA HIS A 646 12.34 -16.16 -3.75
C HIS A 646 10.82 -16.06 -3.85
N SER A 647 10.12 -17.19 -3.98
CA SER A 647 8.66 -17.15 -4.08
C SER A 647 8.00 -17.04 -2.71
N ASP A 648 8.18 -18.05 -1.87
CA ASP A 648 7.59 -18.06 -0.53
C ASP A 648 8.60 -18.26 0.59
N LEU A 649 9.71 -18.95 0.33
CA LEU A 649 10.71 -19.16 1.37
C LEU A 649 11.40 -17.87 1.79
N ALA A 650 11.36 -16.83 0.95
CA ALA A 650 11.99 -15.56 1.27
C ALA A 650 11.26 -14.82 2.38
N VAL A 651 10.04 -15.22 2.73
CA VAL A 651 9.28 -14.55 3.78
C VAL A 651 9.50 -15.20 5.13
N HIS A 652 9.48 -16.53 5.19
CA HIS A 652 9.69 -17.24 6.45
C HIS A 652 11.14 -17.56 6.73
N PHE A 653 11.95 -17.78 5.70
CA PHE A 653 13.38 -18.09 5.85
C PHE A 653 14.19 -17.19 4.93
N PRO A 654 14.38 -15.92 5.31
CA PRO A 654 15.17 -15.02 4.46
C PRO A 654 16.66 -15.30 4.48
N ALA A 655 17.13 -16.07 5.47
CA ALA A 655 18.57 -16.39 5.55
C ALA A 655 19.01 -17.18 4.33
N ILE A 656 18.19 -18.14 3.89
CA ILE A 656 18.55 -18.95 2.73
C ILE A 656 18.67 -18.07 1.49
N GLN A 657 17.71 -17.17 1.29
CA GLN A 657 17.74 -16.30 0.13
C GLN A 657 18.97 -15.40 0.18
N TYR A 658 19.27 -14.84 1.36
CA TYR A 658 20.43 -13.97 1.48
C TYR A 658 21.72 -14.73 1.20
N ALA A 659 21.82 -15.97 1.70
CA ALA A 659 23.02 -16.76 1.46
C ALA A 659 23.18 -17.08 -0.02
N VAL A 660 22.08 -17.44 -0.69
CA VAL A 660 22.16 -17.77 -2.11
C VAL A 660 22.59 -16.53 -2.91
N LEU A 661 21.99 -15.39 -2.61
CA LEU A 661 22.36 -14.17 -3.33
C LEU A 661 23.80 -13.77 -3.04
N TYR A 662 24.25 -13.95 -1.78
CA TYR A 662 25.62 -13.59 -1.43
C TYR A 662 26.62 -14.47 -2.17
N THR A 663 26.38 -15.78 -2.21
CA THR A 663 27.32 -16.64 -2.91
C THR A 663 27.30 -16.36 -4.40
N LEU A 664 26.13 -16.07 -4.96
CA LEU A 664 26.07 -15.77 -6.39
C LEU A 664 26.83 -14.49 -6.70
N TYR A 665 26.68 -13.47 -5.85
CA TYR A 665 27.37 -12.21 -6.05
C TYR A 665 28.87 -12.41 -5.93
N SER A 666 29.31 -13.21 -4.94
CA SER A 666 30.74 -13.45 -4.76
C SER A 666 31.32 -14.20 -5.96
N HIS A 667 30.55 -15.11 -6.54
CA HIS A 667 31.04 -15.86 -7.69
C HIS A 667 31.07 -15.00 -8.95
N CYS A 668 30.09 -14.11 -9.12
CA CYS A 668 30.05 -13.26 -10.30
C CYS A 668 31.03 -12.10 -10.25
N THR A 669 31.29 -11.53 -9.07
CA THR A 669 32.22 -10.41 -8.97
C THR A 669 33.66 -10.80 -9.28
N ARG A 670 34.01 -12.08 -9.20
CA ARG A 670 35.37 -12.50 -9.49
C ARG A 670 35.64 -12.64 -10.98
N HIS A 671 34.60 -12.62 -11.82
CA HIS A 671 34.74 -12.74 -13.26
C HIS A 671 34.30 -11.47 -13.98
N ASP A 672 34.30 -10.33 -13.30
CA ASP A 672 33.90 -9.04 -13.87
C ASP A 672 32.47 -9.09 -14.40
N HIS A 673 31.60 -9.82 -13.69
CA HIS A 673 30.19 -9.98 -14.03
C HIS A 673 29.97 -10.53 -15.44
N PHE A 674 30.97 -11.20 -16.01
CA PHE A 674 30.89 -11.78 -17.35
C PHE A 674 30.52 -10.73 -18.40
N ILE A 675 31.38 -9.73 -18.54
CA ILE A 675 31.17 -8.65 -19.50
C ILE A 675 31.95 -8.88 -20.79
N SER A 676 33.19 -9.37 -20.67
CA SER A 676 34.00 -9.62 -21.86
C SER A 676 33.36 -10.67 -22.76
N SER A 677 32.80 -11.74 -22.17
CA SER A 677 32.17 -12.78 -22.96
C SER A 677 30.95 -12.25 -23.71
N SER A 678 30.14 -11.42 -23.04
CA SER A 678 28.95 -10.85 -23.65
C SER A 678 29.31 -9.80 -24.69
N THR A 694 36.01 -21.98 -25.45
CA THR A 694 35.23 -22.90 -24.64
C THR A 694 34.53 -22.19 -23.50
N VAL A 695 35.31 -21.60 -22.61
CA VAL A 695 34.75 -20.88 -21.47
C VAL A 695 33.99 -19.64 -21.93
N THR A 696 34.55 -18.92 -22.90
CA THR A 696 33.90 -17.72 -23.41
C THR A 696 32.56 -18.05 -24.08
N THR A 697 32.53 -19.11 -24.88
CA THR A 697 31.30 -19.50 -25.56
C THR A 697 30.26 -20.01 -24.57
N ALA A 698 30.69 -20.70 -23.51
CA ALA A 698 29.75 -21.23 -22.53
C ALA A 698 29.10 -20.12 -21.70
N THR A 699 29.82 -19.03 -21.48
CA THR A 699 29.32 -17.89 -20.69
C THR A 699 28.93 -16.72 -21.58
N LYS A 700 28.36 -16.97 -22.75
CA LYS A 700 27.95 -15.91 -23.66
C LYS A 700 26.59 -15.33 -23.33
N LYS A 701 25.88 -15.85 -22.32
CA LYS A 701 24.57 -15.34 -21.94
C LYS A 701 24.45 -15.25 -20.43
N HIS A 702 25.49 -14.75 -19.78
CA HIS A 702 25.48 -14.61 -18.32
C HIS A 702 25.06 -13.22 -17.87
N PHE A 703 25.56 -12.17 -18.55
CA PHE A 703 25.21 -10.81 -18.16
C PHE A 703 23.72 -10.57 -18.32
N SER A 704 23.12 -11.08 -19.40
CA SER A 704 21.69 -10.89 -19.61
C SER A 704 20.89 -11.52 -18.48
N ILE A 705 21.27 -12.73 -18.05
CA ILE A 705 20.58 -13.41 -16.98
C ILE A 705 20.75 -12.64 -15.67
N ILE A 706 21.95 -12.13 -15.42
CA ILE A 706 22.19 -11.38 -14.19
C ILE A 706 21.33 -10.13 -14.16
N LEU A 707 21.27 -9.40 -15.29
CA LEU A 707 20.47 -8.18 -15.35
C LEU A 707 18.99 -8.49 -15.16
N ASN A 708 18.51 -9.56 -15.81
CA ASN A 708 17.11 -9.93 -15.68
C ASN A 708 16.77 -10.29 -14.24
N LEU A 709 17.65 -11.06 -13.60
CA LEU A 709 17.41 -11.45 -12.20
C LEU A 709 17.39 -10.23 -11.30
N LEU A 710 18.33 -9.30 -11.50
CA LEU A 710 18.38 -8.10 -10.68
C LEU A 710 17.11 -7.28 -10.86
N GLY A 711 16.65 -7.14 -12.11
CA GLY A 711 15.45 -6.36 -12.36
C GLY A 711 14.22 -6.99 -11.73
N ILE A 712 14.06 -8.30 -11.88
CA ILE A 712 12.91 -8.99 -11.30
C ILE A 712 12.92 -8.88 -9.78
N LEU A 713 14.09 -9.09 -9.16
CA LEU A 713 14.18 -9.01 -7.70
C LEU A 713 13.93 -7.60 -7.20
N LEU A 714 14.49 -6.58 -7.86
CA LEU A 714 14.28 -5.20 -7.43
C LEU A 714 12.83 -4.76 -7.60
N LYS A 715 12.18 -5.22 -8.67
CA LYS A 715 10.79 -4.83 -8.89
C LYS A 715 9.83 -5.39 -7.84
N LYS A 716 10.26 -6.36 -7.05
CA LYS A 716 9.41 -6.94 -6.02
C LYS A 716 9.16 -5.94 -4.89
N ASP A 717 8.16 -6.23 -4.08
CA ASP A 717 7.79 -5.38 -2.95
C ASP A 717 7.82 -6.13 -1.62
N ASN A 718 8.35 -7.35 -1.60
CA ASN A 718 8.44 -8.16 -0.39
C ASN A 718 9.88 -8.54 -0.07
N LEU A 719 10.78 -7.57 -0.20
CA LEU A 719 12.20 -7.77 0.06
C LEU A 719 12.58 -7.27 1.45
N ASN A 720 13.62 -7.86 2.00
CA ASN A 720 14.13 -7.50 3.32
C ASN A 720 15.15 -6.38 3.20
N GLN A 721 15.47 -5.76 4.33
CA GLN A 721 16.44 -4.66 4.33
C GLN A 721 17.81 -5.15 3.88
N ASP A 722 18.28 -6.27 4.43
CA ASP A 722 19.59 -6.79 4.04
C ASP A 722 19.62 -7.19 2.58
N THR A 723 18.56 -7.88 2.12
CA THR A 723 18.50 -8.31 0.73
C THR A 723 18.46 -7.10 -0.20
N ARG A 724 17.66 -6.09 0.15
CA ARG A 724 17.58 -4.90 -0.69
C ARG A 724 18.93 -4.18 -0.74
N LYS A 725 19.61 -4.09 0.39
CA LYS A 725 20.92 -3.43 0.42
C LYS A 725 21.91 -4.17 -0.46
N LEU A 726 21.93 -5.50 -0.37
CA LEU A 726 22.85 -6.29 -1.19
C LEU A 726 22.53 -6.11 -2.66
N LEU A 727 21.25 -6.15 -3.02
CA LEU A 727 20.86 -5.99 -4.41
C LEU A 727 21.25 -4.61 -4.93
N MET A 728 21.06 -3.58 -4.10
CA MET A 728 21.43 -2.23 -4.52
C MET A 728 22.93 -2.11 -4.72
N THR A 729 23.71 -2.73 -3.84
CA THR A 729 25.17 -2.67 -3.99
C THR A 729 25.58 -3.35 -5.29
N TRP A 730 24.98 -4.50 -5.58
CA TRP A 730 25.30 -5.23 -6.81
C TRP A 730 24.92 -4.40 -8.03
N ALA A 731 23.74 -3.77 -7.98
CA ALA A 731 23.28 -2.95 -9.10
C ALA A 731 24.21 -1.77 -9.32
N LEU A 732 24.63 -1.12 -8.24
CA LEU A 732 25.53 0.02 -8.37
C LEU A 732 26.85 -0.41 -8.98
N GLU A 733 27.39 -1.54 -8.52
CA GLU A 733 28.65 -2.01 -9.07
C GLU A 733 28.52 -2.32 -10.56
N ALA A 734 27.41 -2.98 -10.94
CA ALA A 734 27.21 -3.31 -12.35
C ALA A 734 27.06 -2.03 -13.19
N ALA A 735 26.32 -1.06 -12.69
CA ALA A 735 26.12 0.19 -13.43
C ALA A 735 27.43 0.92 -13.62
N VAL A 736 28.16 1.18 -12.54
CA VAL A 736 29.40 1.93 -12.65
C VAL A 736 30.31 1.26 -13.65
N LEU A 737 30.23 -0.05 -13.67
CA LEU A 737 30.97 -0.86 -14.59
C LEU A 737 30.53 -0.65 -16.02
N MET A 738 29.25 -0.41 -16.23
CA MET A 738 28.76 -0.32 -17.59
C MET A 738 29.35 0.77 -18.46
N ARG A 739 29.52 1.97 -17.93
CA ARG A 739 30.06 3.06 -18.74
C ARG A 739 31.57 3.22 -18.77
N LYS A 740 32.29 2.44 -17.97
CA LYS A 740 33.74 2.59 -17.96
C LYS A 740 34.32 2.28 -19.32
N SER A 741 33.84 1.22 -19.95
CA SER A 741 34.29 0.86 -21.27
C SER A 741 33.59 1.73 -22.29
N GLU A 742 34.18 1.83 -23.48
CA GLU A 742 33.58 2.58 -24.56
C GLU A 742 33.19 1.54 -25.58
N THR A 743 33.39 0.29 -25.18
CA THR A 743 33.10 -0.87 -26.02
C THR A 743 31.83 -1.59 -25.59
N TYR A 744 31.21 -1.18 -24.49
CA TYR A 744 29.99 -1.79 -23.99
C TYR A 744 28.73 -1.06 -24.44
N ALA A 745 28.86 -0.17 -25.41
CA ALA A 745 27.70 0.58 -25.90
C ALA A 745 26.57 -0.30 -26.43
N PRO A 746 26.82 -1.35 -27.22
CA PRO A 746 25.68 -2.17 -27.70
C PRO A 746 24.89 -2.85 -26.59
N LEU A 747 25.46 -2.97 -25.39
CA LEU A 747 24.75 -3.61 -24.28
C LEU A 747 23.62 -2.78 -23.72
N PHE A 748 23.37 -1.58 -24.28
CA PHE A 748 22.30 -0.72 -23.81
C PHE A 748 21.00 -0.88 -24.59
N SER A 749 20.96 -1.82 -25.55
CA SER A 749 19.75 -2.04 -26.35
C SER A 749 19.01 -3.31 -25.98
N LEU A 750 19.66 -4.26 -25.31
CA LEU A 750 19.00 -5.50 -24.93
C LEU A 750 17.91 -5.23 -23.90
N PRO A 751 16.81 -6.01 -23.94
CA PRO A 751 15.70 -5.80 -22.97
C PRO A 751 16.07 -5.94 -21.50
N SER A 752 17.01 -6.82 -21.14
CA SER A 752 17.35 -6.95 -19.73
C SER A 752 17.79 -5.62 -19.16
N PHE A 753 18.47 -4.79 -19.96
CA PHE A 753 18.91 -3.49 -19.47
C PHE A 753 17.71 -2.62 -19.15
N HIS A 754 16.68 -2.67 -20.01
CA HIS A 754 15.48 -1.88 -19.76
C HIS A 754 14.80 -2.35 -18.48
N LYS A 755 14.74 -3.66 -18.26
CA LYS A 755 14.12 -4.18 -17.05
C LYS A 755 14.92 -3.74 -15.83
N PHE A 756 16.24 -3.74 -15.94
CA PHE A 756 17.10 -3.32 -14.83
C PHE A 756 16.85 -1.86 -14.50
N CYS A 757 16.75 -1.01 -15.53
CA CYS A 757 16.51 0.40 -15.29
C CYS A 757 15.14 0.60 -14.66
N LYS A 758 14.14 -0.17 -15.12
CA LYS A 758 12.80 -0.05 -14.55
C LYS A 758 12.83 -0.42 -13.07
N GLY A 759 13.58 -1.47 -12.73
CA GLY A 759 13.66 -1.88 -11.34
C GLY A 759 14.32 -0.81 -10.50
N LEU A 760 15.38 -0.21 -11.03
CA LEU A 760 16.08 0.84 -10.29
C LEU A 760 15.17 2.03 -10.05
N LEU A 761 14.39 2.41 -11.07
CA LEU A 761 13.48 3.54 -10.93
C LEU A 761 12.34 3.23 -9.97
N ALA A 762 11.83 2.00 -9.98
CA ALA A 762 10.74 1.64 -9.08
C ALA A 762 11.21 1.36 -7.66
N ASN A 763 12.51 1.16 -7.44
CA ASN A 763 12.98 0.89 -6.09
C ASN A 763 13.24 2.16 -5.29
N THR A 764 13.26 3.33 -5.91
CA THR A 764 13.50 4.57 -5.19
C THR A 764 12.19 5.03 -4.55
N LEU A 765 12.20 6.24 -3.97
CA LEU A 765 11.02 6.82 -3.32
C LEU A 765 10.52 5.90 -2.20
N VAL A 766 11.43 5.35 -1.43
CA VAL A 766 11.10 4.47 -0.33
C VAL A 766 11.43 5.16 0.99
N GLU A 767 11.03 4.52 2.09
CA GLU A 767 11.29 5.09 3.41
C GLU A 767 12.78 5.15 3.73
N ASP A 768 13.54 4.15 3.28
CA ASP A 768 14.97 4.12 3.55
C ASP A 768 15.68 5.25 2.81
N VAL A 769 16.62 5.90 3.50
CA VAL A 769 17.37 7.00 2.92
C VAL A 769 18.60 6.51 2.17
N ASN A 770 19.32 5.55 2.76
CA ASN A 770 20.52 5.02 2.11
C ASN A 770 20.16 4.34 0.78
N ILE A 771 19.03 3.61 0.76
CA ILE A 771 18.63 2.95 -0.47
C ILE A 771 18.33 3.98 -1.55
N CYS A 772 17.64 5.06 -1.19
CA CYS A 772 17.33 6.10 -2.17
C CYS A 772 18.60 6.74 -2.67
N LEU A 773 19.56 6.99 -1.78
CA LEU A 773 20.82 7.61 -2.19
C LEU A 773 21.56 6.69 -3.15
N GLN A 774 21.58 5.38 -2.86
CA GLN A 774 22.27 4.44 -3.74
C GLN A 774 21.61 4.41 -5.11
N ALA A 775 20.28 4.40 -5.14
CA ALA A 775 19.56 4.37 -6.42
C ALA A 775 19.86 5.65 -7.20
N CYS A 776 19.87 6.80 -6.52
CA CYS A 776 20.14 8.06 -7.20
C CYS A 776 21.55 8.07 -7.76
N SER A 777 22.52 7.57 -7.00
CA SER A 777 23.90 7.54 -7.46
C SER A 777 24.02 6.63 -8.68
N SER A 778 23.38 5.46 -8.63
CA SER A 778 23.44 4.53 -9.75
C SER A 778 22.82 5.16 -11.00
N LEU A 779 21.68 5.83 -10.85
CA LEU A 779 21.04 6.46 -12.00
C LEU A 779 21.89 7.58 -12.55
N HIS A 780 22.52 8.37 -11.66
CA HIS A 780 23.36 9.47 -12.10
C HIS A 780 24.62 8.98 -12.80
N ALA A 781 25.09 7.78 -12.45
CA ALA A 781 26.29 7.24 -13.07
C ALA A 781 26.10 7.13 -14.58
N LEU A 782 25.18 6.28 -15.01
CA LEU A 782 24.90 6.09 -16.44
C LEU A 782 23.70 6.94 -16.87
N SER A 783 23.82 8.26 -16.66
CA SER A 783 22.72 9.16 -17.03
C SER A 783 22.43 9.10 -18.53
N SER A 784 23.47 9.07 -19.36
CA SER A 784 23.28 9.01 -20.80
C SER A 784 22.96 7.58 -21.22
N SER A 785 22.72 7.41 -22.52
CA SER A 785 22.38 6.13 -23.15
C SER A 785 20.99 5.62 -22.79
N LEU A 786 20.16 6.44 -22.17
CA LEU A 786 18.81 6.02 -21.79
C LEU A 786 17.76 6.63 -22.71
N PRO A 787 16.66 5.92 -22.96
CA PRO A 787 15.62 6.46 -23.83
C PRO A 787 14.89 7.63 -23.19
N ASP A 788 13.98 8.22 -23.96
CA ASP A 788 13.20 9.35 -23.47
C ASP A 788 12.26 8.97 -22.35
N ASP A 789 11.75 7.72 -22.34
CA ASP A 789 10.84 7.31 -21.28
C ASP A 789 11.53 7.30 -19.92
N LEU A 790 12.70 6.68 -19.84
CA LEU A 790 13.43 6.63 -18.58
C LEU A 790 13.79 8.03 -18.09
N LEU A 791 14.26 8.89 -18.99
CA LEU A 791 14.62 10.25 -18.59
C LEU A 791 13.38 11.00 -18.12
N GLN A 792 12.24 10.79 -18.80
CA GLN A 792 11.02 11.47 -18.40
C GLN A 792 10.62 11.06 -16.99
N ARG A 793 10.72 9.75 -16.70
CA ARG A 793 10.36 9.30 -15.36
C ARG A 793 11.34 9.86 -14.33
N CYS A 794 12.62 9.93 -14.70
CA CYS A 794 13.63 10.46 -13.79
C CYS A 794 13.34 11.92 -13.47
N VAL A 795 12.83 12.67 -14.44
CA VAL A 795 12.52 14.08 -14.20
C VAL A 795 11.45 14.20 -13.13
N ASP A 796 10.40 13.38 -13.22
CA ASP A 796 9.33 13.43 -12.22
C ASP A 796 9.85 13.00 -10.86
N VAL A 797 10.70 11.97 -10.83
CA VAL A 797 11.24 11.51 -9.56
C VAL A 797 12.08 12.61 -8.92
N CYS A 798 12.91 13.29 -9.72
CA CYS A 798 13.73 14.36 -9.17
C CYS A 798 12.86 15.52 -8.70
N ARG A 799 11.79 15.82 -9.43
CA ARG A 799 10.91 16.91 -9.04
C ARG A 799 10.23 16.63 -7.70
N VAL A 800 9.74 15.40 -7.51
CA VAL A 800 9.09 15.08 -6.24
C VAL A 800 10.11 15.00 -5.11
N GLN A 801 11.34 14.56 -5.41
CA GLN A 801 12.36 14.46 -4.37
C GLN A 801 13.07 15.78 -4.08
N LEU A 802 12.85 16.82 -4.90
CA LEU A 802 13.51 18.10 -4.65
C LEU A 802 13.12 18.67 -3.30
N VAL A 803 11.91 18.39 -2.84
CA VAL A 803 11.44 18.89 -1.55
C VAL A 803 11.34 17.72 -0.57
N HIS A 804 12.42 17.50 0.17
CA HIS A 804 12.50 16.42 1.15
C HIS A 804 12.94 16.99 2.49
N SER A 805 12.53 16.33 3.57
CA SER A 805 12.90 16.77 4.90
C SER A 805 14.39 16.65 5.16
N GLY A 806 15.09 15.80 4.41
CA GLY A 806 16.52 15.61 4.58
C GLY A 806 17.33 16.63 3.81
N THR A 807 18.64 16.40 3.78
CA THR A 807 19.57 17.27 3.08
C THR A 807 20.35 16.57 1.98
N ARG A 808 20.85 15.36 2.25
CA ARG A 808 21.61 14.63 1.24
C ARG A 808 20.73 14.25 0.05
N ILE A 809 19.48 13.85 0.32
CA ILE A 809 18.56 13.46 -0.75
C ILE A 809 18.31 14.63 -1.69
N ARG A 810 18.08 15.82 -1.13
CA ARG A 810 17.83 16.99 -1.96
C ARG A 810 19.01 17.30 -2.86
N GLN A 811 20.23 17.29 -2.33
CA GLN A 811 21.40 17.58 -3.14
C GLN A 811 21.62 16.52 -4.21
N ALA A 812 21.49 15.24 -3.85
CA ALA A 812 21.68 14.18 -4.83
C ALA A 812 20.70 14.29 -5.98
N PHE A 813 19.41 14.44 -5.65
CA PHE A 813 18.42 14.56 -6.70
C PHE A 813 18.59 15.85 -7.48
N GLY A 814 19.08 16.91 -6.84
CA GLY A 814 19.28 18.16 -7.57
C GLY A 814 20.35 17.97 -8.62
N LYS A 815 21.44 17.29 -8.24
CA LYS A 815 22.52 17.07 -9.20
C LYS A 815 22.02 16.18 -10.34
N LEU A 816 21.26 15.15 -10.00
CA LEU A 816 20.73 14.26 -11.03
C LEU A 816 19.85 15.03 -12.01
N LEU A 817 19.00 15.92 -11.48
CA LEU A 817 18.14 16.72 -12.34
C LEU A 817 18.97 17.64 -13.22
N LYS A 818 20.01 18.24 -12.64
CA LYS A 818 20.87 19.14 -13.41
C LYS A 818 21.61 18.40 -14.52
N SER A 819 21.76 17.08 -14.39
CA SER A 819 22.45 16.28 -15.39
C SER A 819 21.54 15.88 -16.54
N ILE A 820 20.27 16.30 -16.53
CA ILE A 820 19.31 15.98 -17.59
C ILE A 820 19.22 17.15 -18.56
N PRO A 821 19.20 16.90 -19.87
CA PRO A 821 19.11 18.00 -20.84
C PRO A 821 17.77 18.74 -20.75
N LEU A 822 17.78 19.98 -21.26
CA LEU A 822 16.59 20.81 -21.25
C LEU A 822 15.50 20.30 -22.17
N ASP A 823 15.84 19.50 -23.18
CA ASP A 823 14.84 18.97 -24.10
C ASP A 823 13.84 18.06 -23.41
N VAL A 824 14.18 17.54 -22.23
CA VAL A 824 13.29 16.65 -21.50
C VAL A 824 12.70 17.31 -20.25
N VAL A 825 13.45 18.18 -19.57
CA VAL A 825 12.93 18.83 -18.38
C VAL A 825 11.82 19.81 -18.73
N LEU A 826 11.94 20.50 -19.85
CA LEU A 826 10.94 21.46 -20.29
C LEU A 826 9.82 20.83 -21.14
N SER A 827 9.80 19.51 -21.26
CA SER A 827 8.77 18.86 -22.05
C SER A 827 7.42 19.00 -21.36
N ASN A 828 6.35 18.89 -22.16
CA ASN A 828 4.98 19.00 -21.66
C ASN A 828 4.38 17.65 -21.29
N ASN A 829 5.20 16.67 -20.95
CA ASN A 829 4.68 15.36 -20.58
C ASN A 829 4.08 15.40 -19.18
N ASN A 830 3.17 14.46 -18.93
CA ASN A 830 2.50 14.37 -17.64
C ASN A 830 3.39 13.72 -16.59
N HIS A 831 3.31 14.21 -15.36
CA HIS A 831 4.10 13.70 -14.25
C HIS A 831 3.22 12.79 -13.41
N THR A 832 3.64 11.53 -13.24
CA THR A 832 2.86 10.57 -12.46
C THR A 832 2.95 10.84 -10.97
N GLU A 833 4.15 11.13 -10.44
CA GLU A 833 4.30 11.40 -9.02
C GLU A 833 3.44 12.57 -8.56
N ILE A 834 3.42 13.65 -9.35
CA ILE A 834 2.60 14.80 -8.97
C ILE A 834 1.13 14.40 -8.94
N GLN A 835 0.73 13.53 -9.89
CA GLN A 835 -0.64 13.08 -9.93
C GLN A 835 -0.99 12.29 -8.67
N GLU A 836 -0.07 11.42 -8.22
CA GLU A 836 -0.34 10.65 -7.01
C GLU A 836 -0.44 11.57 -5.80
N ILE A 837 0.41 12.60 -5.75
CA ILE A 837 0.36 13.52 -4.62
C ILE A 837 -0.99 14.24 -4.61
N SER A 838 -1.44 14.69 -5.78
CA SER A 838 -2.72 15.37 -5.87
C SER A 838 -3.86 14.43 -5.48
N LEU A 839 -3.78 13.18 -5.91
CA LEU A 839 -4.82 12.21 -5.57
C LEU A 839 -4.88 11.99 -4.07
N ALA A 840 -3.72 11.88 -3.42
CA ALA A 840 -3.70 11.68 -1.97
C ALA A 840 -4.31 12.88 -1.26
N LEU A 841 -3.96 14.09 -1.71
CA LEU A 841 -4.51 15.29 -1.08
C LEU A 841 -6.01 15.35 -1.27
N ARG A 842 -6.49 15.00 -2.46
CA ARG A 842 -7.93 15.02 -2.72
C ARG A 842 -8.65 14.02 -1.84
N SER A 843 -8.08 12.82 -1.70
CA SER A 843 -8.69 11.79 -0.87
C SER A 843 -8.76 12.24 0.58
N HIS A 844 -7.70 12.89 1.06
CA HIS A 844 -7.71 13.36 2.44
C HIS A 844 -8.73 14.47 2.64
N MET A 845 -8.86 15.37 1.67
CA MET A 845 -9.81 16.47 1.79
C MET A 845 -11.25 15.98 1.73
N SER A 846 -11.53 14.99 0.87
CA SER A 846 -12.89 14.47 0.75
C SER A 846 -13.35 13.73 2.01
N LYS A 847 -12.43 13.37 2.90
CA LYS A 847 -12.80 12.66 4.11
C LYS A 847 -13.52 13.59 5.08
N ALA A 848 -14.18 12.99 6.07
CA ALA A 848 -14.90 13.76 7.07
C ALA A 848 -13.92 14.48 7.99
N PRO A 849 -14.32 15.62 8.57
CA PRO A 849 -13.42 16.34 9.46
C PRO A 849 -13.05 15.50 10.68
N SER A 850 -11.81 15.66 11.13
CA SER A 850 -11.31 14.92 12.28
C SER A 850 -11.45 15.69 13.59
N ASN A 851 -11.42 17.02 13.53
CA ASN A 851 -11.55 17.87 14.71
C ASN A 851 -10.47 17.57 15.75
N THR A 852 -9.27 17.23 15.30
CA THR A 852 -8.17 16.92 16.19
C THR A 852 -7.09 18.00 16.22
N PHE A 853 -7.18 19.00 15.34
CA PHE A 853 -6.19 20.08 15.31
C PHE A 853 -6.35 20.93 16.55
N HIS A 854 -5.36 20.87 17.45
CA HIS A 854 -5.40 21.65 18.67
C HIS A 854 -5.09 23.12 18.41
N PRO A 855 -5.53 24.01 19.29
CA PRO A 855 -5.26 25.45 19.09
C PRO A 855 -3.79 25.79 19.04
N GLN A 856 -2.94 25.05 19.77
CA GLN A 856 -1.51 25.34 19.76
C GLN A 856 -0.92 25.15 18.36
N ASP A 857 -1.35 24.09 17.67
CA ASP A 857 -0.83 23.85 16.33
C ASP A 857 -1.21 24.98 15.40
N PHE A 858 -2.46 25.45 15.49
CA PHE A 858 -2.92 26.54 14.64
C PHE A 858 -2.15 27.81 14.96
N SER A 859 -1.90 28.06 16.25
CA SER A 859 -1.16 29.25 16.64
C SER A 859 0.25 29.21 16.09
N ASP A 860 0.89 28.04 16.14
CA ASP A 860 2.25 27.91 15.63
C ASP A 860 2.28 28.13 14.12
N VAL A 861 1.31 27.56 13.40
CA VAL A 861 1.27 27.73 11.96
C VAL A 861 1.06 29.20 11.59
N ILE A 862 0.13 29.86 12.29
CA ILE A 862 -0.15 31.26 12.02
C ILE A 862 1.08 32.11 12.34
N SER A 863 1.76 31.81 13.44
CA SER A 863 2.94 32.58 13.80
C SER A 863 4.04 32.40 12.76
N PHE A 864 4.17 31.20 12.20
CA PHE A 864 5.21 30.97 11.20
C PHE A 864 4.85 31.60 9.85
N ILE A 865 3.57 31.73 9.54
CA ILE A 865 3.16 32.32 8.25
C ILE A 865 3.12 33.84 8.31
N LEU A 866 2.44 34.41 9.30
CA LEU A 866 2.36 35.87 9.42
C LEU A 866 3.62 36.52 9.98
N TYR A 867 4.31 35.87 10.92
CA TYR A 867 5.52 36.45 11.49
C TYR A 867 6.82 35.74 11.13
N GLY A 868 6.77 34.48 10.70
CA GLY A 868 7.98 33.77 10.34
C GLY A 868 8.61 32.95 11.45
N ASN A 869 8.15 33.11 12.70
CA ASN A 869 8.70 32.37 13.83
C ASN A 869 7.75 31.23 14.16
N SER A 870 8.24 29.99 13.99
CA SER A 870 7.43 28.81 14.29
C SER A 870 7.52 28.36 15.73
N HIS A 871 8.59 28.74 16.45
CA HIS A 871 8.79 28.37 17.85
C HIS A 871 8.81 26.85 18.03
N ARG A 872 9.31 26.13 17.04
CA ARG A 872 9.39 24.67 17.09
C ARG A 872 10.69 24.23 16.45
N THR A 873 11.48 23.45 17.17
CA THR A 873 12.75 22.95 16.65
C THR A 873 12.53 21.84 15.64
N ASN A 877 12.10 18.97 11.08
CA ASN A 877 11.22 17.81 10.89
C ASN A 877 10.03 17.86 11.83
N TRP A 878 9.63 19.08 12.22
CA TRP A 878 8.49 19.24 13.12
C TRP A 878 7.16 18.96 12.42
N LEU A 879 7.11 19.10 11.10
CA LEU A 879 5.86 18.85 10.37
C LEU A 879 5.43 17.39 10.50
N GLU A 880 6.38 16.46 10.35
CA GLU A 880 6.05 15.05 10.47
C GLU A 880 5.57 14.72 11.87
N ARG A 881 6.25 15.28 12.88
CA ARG A 881 5.84 15.03 14.26
C ARG A 881 4.44 15.55 14.52
N LEU A 882 4.14 16.75 14.00
CA LEU A 882 2.81 17.32 14.19
C LEU A 882 1.76 16.45 13.51
N PHE A 883 2.04 16.02 12.29
CA PHE A 883 1.08 15.18 11.56
C PHE A 883 0.82 13.88 12.31
N TYR A 884 1.89 13.26 12.83
CA TYR A 884 1.72 12.02 13.57
C TYR A 884 0.93 12.24 14.85
N SER A 885 1.17 13.36 15.52
CA SER A 885 0.44 13.66 16.76
C SER A 885 -1.01 14.01 16.49
N CYS A 886 -1.36 14.39 15.26
CA CYS A 886 -2.72 14.73 14.92
C CYS A 886 -3.54 13.55 14.43
N GLN A 887 -2.99 12.34 14.44
CA GLN A 887 -3.70 11.15 13.98
C GLN A 887 -4.27 10.37 15.16
N ARG A 888 -5.07 9.36 14.84
CA ARG A 888 -5.71 8.51 15.84
C ARG A 888 -5.77 7.09 15.31
N LEU A 889 -5.50 6.12 16.20
CA LEU A 889 -5.52 4.72 15.81
C LEU A 889 -6.88 4.06 16.02
N ASP A 890 -7.67 4.57 16.97
CA ASP A 890 -8.98 3.99 17.22
C ASP A 890 -9.91 4.16 16.02
N LYS A 891 -9.87 5.33 15.38
CA LYS A 891 -10.71 5.60 14.23
C LYS A 891 -10.07 5.06 12.95
N THR A 896 -5.34 8.53 5.54
CA THR A 896 -4.61 7.33 5.16
C THR A 896 -3.57 7.65 4.08
N ILE A 897 -2.82 8.72 4.29
CA ILE A 897 -1.79 9.13 3.33
C ILE A 897 -0.67 8.10 3.33
N PRO A 898 -0.11 7.73 2.17
CA PRO A 898 0.97 6.74 2.15
C PRO A 898 2.16 7.18 2.99
N ARG A 899 2.80 6.21 3.63
CA ARG A 899 3.95 6.50 4.47
C ARG A 899 5.11 7.07 3.67
N ASN A 900 5.35 6.53 2.48
CA ASN A 900 6.44 7.03 1.64
C ASN A 900 6.29 8.50 1.29
N LEU A 901 5.07 9.02 1.30
CA LEU A 901 4.83 10.43 0.98
C LEU A 901 4.84 11.32 2.21
N LEU A 902 5.05 10.75 3.40
CA LEU A 902 5.07 11.54 4.63
C LEU A 902 6.39 12.29 4.82
N LYS A 903 7.41 11.98 4.03
CA LYS A 903 8.71 12.64 4.15
C LYS A 903 8.81 13.88 3.27
N THR A 904 7.78 14.18 2.48
CA THR A 904 7.78 15.34 1.60
C THR A 904 7.17 16.52 2.34
N ASP A 905 7.84 17.68 2.24
CA ASP A 905 7.34 18.88 2.90
C ASP A 905 6.13 19.48 2.21
N ALA A 906 5.96 19.24 0.91
CA ALA A 906 4.81 19.79 0.20
C ALA A 906 3.50 19.21 0.73
N VAL A 907 3.44 17.88 0.85
CA VAL A 907 2.23 17.24 1.35
C VAL A 907 1.94 17.67 2.78
N LEU A 908 2.97 17.73 3.62
CA LEU A 908 2.79 18.15 5.00
C LEU A 908 2.28 19.58 5.08
N TRP A 909 2.83 20.48 4.25
CA TRP A 909 2.40 21.86 4.27
C TRP A 909 0.95 21.98 3.83
N GLN A 910 0.57 21.28 2.77
CA GLN A 910 -0.82 21.34 2.31
C GLN A 910 -1.76 20.80 3.38
N TRP A 911 -1.36 19.70 4.02
CA TRP A 911 -2.20 19.11 5.06
C TRP A 911 -2.36 20.08 6.22
N ALA A 912 -1.27 20.74 6.62
CA ALA A 912 -1.34 21.68 7.73
C ALA A 912 -2.24 22.87 7.38
N ILE A 913 -2.12 23.38 6.16
CA ILE A 913 -2.95 24.51 5.75
C ILE A 913 -4.42 24.12 5.76
N TRP A 914 -4.74 22.95 5.20
CA TRP A 914 -6.13 22.51 5.17
C TRP A 914 -6.67 22.31 6.58
N GLU A 915 -5.85 21.73 7.46
CA GLU A 915 -6.29 21.51 8.84
C GLU A 915 -6.53 22.83 9.54
N ALA A 916 -5.66 23.82 9.31
CA ALA A 916 -5.84 25.12 9.95
C ALA A 916 -7.11 25.77 9.48
N ALA A 917 -7.39 25.70 8.17
CA ALA A 917 -8.61 26.29 7.64
C ALA A 917 -9.84 25.59 8.22
N GLN A 918 -9.78 24.26 8.31
CA GLN A 918 -10.90 23.50 8.87
C GLN A 918 -11.14 23.88 10.31
N PHE A 919 -10.07 24.04 11.08
CA PHE A 919 -10.20 24.42 12.49
C PHE A 919 -10.79 25.80 12.62
N THR A 920 -10.35 26.74 11.77
CA THR A 920 -10.88 28.10 11.83
C THR A 920 -12.36 28.15 11.49
N VAL A 921 -12.79 27.40 10.47
CA VAL A 921 -14.20 27.40 10.08
C VAL A 921 -15.05 26.68 11.12
N LEU A 922 -14.60 25.52 11.60
CA LEU A 922 -15.35 24.74 12.59
C LEU A 922 -15.37 25.38 13.97
N SER A 923 -14.57 26.41 14.23
CA SER A 923 -14.55 27.06 15.53
C SER A 923 -15.32 28.38 15.54
N LYS A 924 -16.20 28.58 14.57
CA LYS A 924 -17.00 29.81 14.46
C LYS A 924 -16.11 31.04 14.38
N LEU A 925 -14.95 30.90 13.75
CA LEU A 925 -13.97 31.96 13.57
C LEU A 925 -13.42 32.47 14.91
N ARG A 926 -13.60 31.71 15.98
CA ARG A 926 -13.13 32.08 17.30
C ARG A 926 -11.75 31.50 17.58
N THR A 927 -10.81 31.77 16.67
CA THR A 927 -9.45 31.28 16.80
C THR A 927 -8.74 32.00 17.96
N PRO A 928 -7.63 31.43 18.47
CA PRO A 928 -6.91 32.10 19.57
C PRO A 928 -6.35 33.45 19.16
N LEU A 929 -6.33 33.73 17.86
CA LEU A 929 -5.80 35.00 17.37
C LEU A 929 -6.66 36.17 17.82
N GLY A 930 -7.93 35.96 18.09
CA GLY A 930 -8.83 37.02 18.52
C GLY A 930 -10.27 36.59 18.36
N ARG A 931 -11.14 37.60 18.28
CA ARG A 931 -12.58 37.35 18.13
C ARG A 931 -12.87 37.04 16.67
N ALA A 932 -14.17 37.03 16.31
CA ALA A 932 -14.54 36.74 14.93
C ALA A 932 -14.07 37.84 14.00
N GLN A 933 -14.13 39.10 14.44
CA GLN A 933 -13.70 40.22 13.61
C GLN A 933 -12.21 40.50 13.72
N ASP A 934 -11.55 40.08 14.81
CA ASP A 934 -10.13 40.33 14.95
C ASP A 934 -9.33 39.61 13.87
N THR A 935 -9.68 38.36 13.57
CA THR A 935 -8.96 37.63 12.54
C THR A 935 -9.13 38.30 11.18
N PHE A 936 -10.36 38.72 10.88
CA PHE A 936 -10.63 39.36 9.61
C PHE A 936 -9.84 40.66 9.50
N GLN A 937 -9.79 41.44 10.60
CA GLN A 937 -9.06 42.70 10.57
C GLN A 937 -7.56 42.45 10.39
N THR A 938 -7.01 41.44 11.05
CA THR A 938 -5.58 41.15 10.92
C THR A 938 -5.25 40.75 9.49
N ILE A 939 -6.03 39.83 8.92
CA ILE A 939 -5.77 39.39 7.55
C ILE A 939 -5.92 40.56 6.58
N GLU A 940 -6.96 41.38 6.79
CA GLU A 940 -7.17 42.53 5.92
C GLU A 940 -6.00 43.51 6.00
N GLY A 941 -5.49 43.76 7.20
CA GLY A 941 -4.38 44.67 7.35
C GLY A 941 -3.12 44.16 6.65
N ILE A 942 -2.82 42.87 6.82
CA ILE A 942 -1.64 42.31 6.19
C ILE A 942 -1.77 42.36 4.66
N ILE A 943 -2.95 41.98 4.15
CA ILE A 943 -3.16 41.99 2.70
C ILE A 943 -3.07 43.41 2.16
N ARG A 944 -3.65 44.38 2.88
CA ARG A 944 -3.60 45.76 2.42
C ARG A 944 -2.16 46.27 2.42
N SER A 945 -1.38 45.92 3.43
CA SER A 945 0.00 46.37 3.48
C SER A 945 0.78 45.82 2.30
N LEU A 946 0.57 44.52 2.00
CA LEU A 946 1.27 43.93 0.87
C LEU A 946 0.83 44.57 -0.44
N ALA A 947 -0.47 44.84 -0.58
CA ALA A 947 -0.96 45.47 -1.80
C ALA A 947 -0.36 46.86 -1.97
N ALA A 948 -0.28 47.63 -0.89
CA ALA A 948 0.30 48.96 -0.96
C ALA A 948 1.77 48.88 -1.34
N HIS A 949 2.49 47.91 -0.78
CA HIS A 949 3.90 47.77 -1.11
C HIS A 949 4.08 47.36 -2.57
N THR A 950 3.12 46.63 -3.12
CA THR A 950 3.22 46.22 -4.52
C THR A 950 3.25 47.42 -5.46
N LEU A 951 2.49 48.48 -5.12
CA LEU A 951 2.48 49.67 -5.97
C LEU A 951 3.84 50.35 -5.98
N ASN A 952 4.41 50.57 -4.80
CA ASN A 952 5.71 51.22 -4.66
C ASN A 952 6.70 50.31 -3.93
N PRO A 953 7.72 49.80 -4.61
CA PRO A 953 8.68 48.92 -3.94
C PRO A 953 9.43 49.56 -2.79
N ASP A 954 9.50 50.89 -2.74
CA ASP A 954 10.21 51.58 -1.66
C ASP A 954 9.27 51.76 -0.46
N GLN A 955 8.96 50.63 0.18
CA GLN A 955 8.08 50.61 1.34
C GLN A 955 8.71 50.00 2.58
N ASP A 956 9.52 48.94 2.42
CA ASP A 956 10.20 48.26 3.52
C ASP A 956 9.19 47.72 4.55
N VAL A 957 8.39 46.77 4.10
CA VAL A 957 7.39 46.16 4.97
C VAL A 957 8.10 45.27 5.98
N SER A 958 7.81 45.47 7.26
CA SER A 958 8.43 44.69 8.31
C SER A 958 7.97 43.23 8.26
N GLN A 959 8.90 42.33 8.55
CA GLN A 959 8.70 40.88 8.58
C GLN A 959 8.32 40.29 7.22
N TRP A 960 8.40 41.07 6.15
CA TRP A 960 8.04 40.58 4.82
C TRP A 960 9.05 40.94 3.73
N THR A 961 9.89 41.95 3.94
CA THR A 961 10.88 42.35 2.94
C THR A 961 12.32 42.32 3.45
N THR A 962 12.53 42.25 4.77
CA THR A 962 13.86 42.21 5.34
C THR A 962 14.14 40.84 5.94
N ALA A 963 15.32 40.30 5.65
CA ALA A 963 15.74 39.00 6.14
C ALA A 963 17.13 39.12 6.76
N ASP A 964 17.63 38.00 7.28
CA ASP A 964 18.95 37.96 7.90
C ASP A 964 20.02 37.31 7.02
N ASN A 965 19.63 36.47 6.08
CA ASN A 965 20.57 35.79 5.20
C ASN A 965 19.81 35.34 3.95
N ASP A 966 20.45 34.52 3.13
CA ASP A 966 19.81 34.02 1.92
C ASP A 966 18.72 33.00 2.22
N GLU A 967 18.68 32.45 3.43
CA GLU A 967 17.65 31.46 3.78
C GLU A 967 16.30 32.11 4.04
N GLY A 968 16.27 33.31 4.60
CA GLY A 968 15.00 33.97 4.87
C GLY A 968 14.29 34.46 3.63
N HIS A 969 15.05 34.74 2.56
CA HIS A 969 14.42 35.22 1.34
C HIS A 969 13.47 34.18 0.76
N GLY A 970 13.90 32.91 0.72
CA GLY A 970 13.02 31.88 0.19
C GLY A 970 11.85 31.66 1.11
N ASN A 971 12.08 31.75 2.42
CA ASN A 971 11.01 31.57 3.39
C ASN A 971 9.94 32.63 3.22
N ASN A 972 10.32 33.85 2.84
CA ASN A 972 9.33 34.91 2.66
C ASN A 972 8.33 34.52 1.57
N GLN A 973 8.85 34.06 0.43
CA GLN A 973 7.98 33.65 -0.67
C GLN A 973 7.14 32.46 -0.25
N LEU A 974 7.74 31.51 0.48
CA LEU A 974 7.00 30.35 0.92
C LEU A 974 5.83 30.76 1.81
N ARG A 975 6.08 31.68 2.74
CA ARG A 975 5.03 32.15 3.64
C ARG A 975 3.92 32.84 2.86
N LEU A 976 4.28 33.65 1.87
CA LEU A 976 3.26 34.35 1.08
C LEU A 976 2.39 33.33 0.34
N VAL A 977 3.02 32.32 -0.25
CA VAL A 977 2.26 31.30 -0.98
C VAL A 977 1.33 30.56 -0.03
N LEU A 978 1.83 30.24 1.17
CA LEU A 978 1.01 29.54 2.15
C LEU A 978 -0.18 30.40 2.55
N LEU A 979 0.03 31.72 2.69
CA LEU A 979 -1.05 32.61 3.07
C LEU A 979 -2.13 32.60 1.99
N LEU A 980 -1.72 32.67 0.72
CA LEU A 980 -2.69 32.66 -0.36
C LEU A 980 -3.48 31.36 -0.36
N GLN A 981 -2.79 30.23 -0.17
CA GLN A 981 -3.47 28.94 -0.14
C GLN A 981 -4.45 28.88 1.02
N TYR A 982 -4.06 29.43 2.17
CA TYR A 982 -4.93 29.43 3.33
C TYR A 982 -6.20 30.21 3.05
N LEU A 983 -6.06 31.36 2.39
CA LEU A 983 -7.23 32.17 2.07
C LEU A 983 -8.16 31.41 1.13
N GLU A 984 -7.59 30.74 0.12
CA GLU A 984 -8.42 29.99 -0.83
C GLU A 984 -9.17 28.87 -0.11
N ASN A 985 -8.48 28.15 0.78
CA ASN A 985 -9.11 27.06 1.52
C ASN A 985 -10.22 27.60 2.40
N LEU A 986 -9.97 28.76 3.04
CA LEU A 986 -10.98 29.36 3.90
C LEU A 986 -12.23 29.68 3.11
N GLU A 987 -12.05 30.24 1.91
CA GLU A 987 -13.20 30.59 1.08
C GLU A 987 -13.97 29.33 0.69
N LYS A 988 -13.25 28.27 0.31
CA LYS A 988 -13.92 27.03 -0.08
C LYS A 988 -14.73 26.47 1.08
N LEU A 989 -14.14 26.45 2.28
CA LEU A 989 -14.85 25.92 3.44
C LEU A 989 -16.07 26.76 3.77
N MET A 990 -15.96 28.09 3.71
CA MET A 990 -17.12 28.93 4.02
C MET A 990 -18.24 28.67 3.01
N TYR A 991 -17.90 28.57 1.72
CA TYR A 991 -18.93 28.32 0.72
C TYR A 991 -19.61 26.99 0.98
N ASN A 992 -18.82 25.95 1.29
CA ASN A 992 -19.42 24.64 1.56
C ASN A 992 -20.25 24.67 2.84
N ALA A 993 -19.91 25.56 3.77
CA ALA A 993 -20.65 25.64 5.02
C ALA A 993 -22.01 26.31 4.83
N TYR A 994 -22.08 27.40 4.06
CA TYR A 994 -23.37 28.04 3.87
C TYR A 994 -24.17 27.52 2.68
N GLU A 995 -23.51 26.86 1.72
CA GLU A 995 -24.22 26.33 0.55
C GLU A 995 -24.18 24.81 0.50
N GLY A 996 -22.99 24.21 0.51
CA GLY A 996 -22.86 22.77 0.45
C GLY A 996 -22.42 22.28 -0.92
N CYS A 997 -21.86 21.06 -0.93
CA CYS A 997 -21.38 20.45 -2.16
C CYS A 997 -22.06 19.11 -2.39
N ALA A 998 -21.65 18.39 -3.43
CA ALA A 998 -22.21 17.08 -3.75
C ALA A 998 -21.08 16.15 -4.16
N ASN A 999 -20.83 15.12 -3.34
CA ASN A 999 -19.79 14.11 -3.54
C ASN A 999 -18.38 14.67 -3.49
N ALA A 1000 -18.19 15.88 -2.97
CA ALA A 1000 -16.88 16.50 -2.87
C ALA A 1000 -16.43 16.70 -1.44
N LEU A 1001 -17.24 17.40 -0.63
CA LEU A 1001 -16.94 17.67 0.76
C LEU A 1001 -18.10 17.22 1.63
N THR A 1002 -17.80 16.69 2.80
CA THR A 1002 -18.83 16.24 3.72
C THR A 1002 -19.58 17.42 4.31
N SER A 1003 -20.88 17.25 4.52
CA SER A 1003 -21.69 18.32 5.07
C SER A 1003 -21.29 18.57 6.52
N PRO A 1004 -21.06 19.82 6.91
CA PRO A 1004 -20.68 20.12 8.29
C PRO A 1004 -21.87 19.92 9.23
N PRO A 1005 -21.65 19.98 10.54
CA PRO A 1005 -22.77 19.80 11.48
C PRO A 1005 -23.87 20.83 11.27
N LYS A 1006 -25.02 20.56 11.90
CA LYS A 1006 -26.16 21.46 11.78
C LYS A 1006 -25.86 22.84 12.38
N VAL A 1007 -25.12 22.89 13.49
CA VAL A 1007 -24.81 24.17 14.12
C VAL A 1007 -23.97 25.03 13.20
N ILE A 1008 -22.95 24.44 12.56
CA ILE A 1008 -22.10 25.21 11.65
C ILE A 1008 -22.91 25.77 10.49
N ARG A 1009 -23.78 24.94 9.90
CA ARG A 1009 -24.58 25.41 8.78
C ARG A 1009 -25.57 26.50 9.21
N THR A 1010 -26.24 26.32 10.34
CA THR A 1010 -27.19 27.33 10.80
C THR A 1010 -26.48 28.62 11.17
N PHE A 1011 -25.20 28.56 11.56
CA PHE A 1011 -24.50 29.78 11.91
C PHE A 1011 -23.96 30.49 10.68
N PHE A 1012 -23.46 29.74 9.70
CA PHE A 1012 -22.93 30.34 8.49
C PHE A 1012 -24.02 30.79 7.54
N TYR A 1013 -25.25 30.29 7.69
CA TYR A 1013 -26.32 30.69 6.79
C TYR A 1013 -26.81 32.10 7.12
N THR A 1014 -26.88 32.45 8.40
CA THR A 1014 -27.35 33.78 8.78
C THR A 1014 -26.27 34.85 8.57
N ASN A 1015 -25.00 34.48 8.73
CA ASN A 1015 -23.89 35.42 8.56
C ASN A 1015 -23.20 35.26 7.21
N ARG A 1016 -23.93 34.88 6.18
CA ARG A 1016 -23.34 34.72 4.85
C ARG A 1016 -23.10 36.07 4.17
N GLN A 1017 -24.01 37.02 4.38
CA GLN A 1017 -23.87 38.34 3.76
C GLN A 1017 -22.60 39.04 4.22
N THR A 1018 -22.30 38.97 5.52
CA THR A 1018 -21.09 39.61 6.02
C THR A 1018 -19.84 39.00 5.40
N CYS A 1019 -19.80 37.68 5.28
CA CYS A 1019 -18.64 37.02 4.68
C CYS A 1019 -18.49 37.43 3.23
N GLN A 1020 -19.59 37.45 2.47
CA GLN A 1020 -19.52 37.84 1.08
C GLN A 1020 -19.04 39.28 0.94
N ASP A 1021 -19.53 40.17 1.80
CA ASP A 1021 -19.12 41.57 1.74
C ASP A 1021 -17.63 41.70 2.03
N TRP A 1022 -17.14 40.99 3.04
CA TRP A 1022 -15.72 41.07 3.38
C TRP A 1022 -14.86 40.55 2.24
N LEU A 1023 -15.25 39.42 1.64
CA LEU A 1023 -14.49 38.86 0.54
C LEU A 1023 -14.47 39.83 -0.64
N THR A 1024 -15.61 40.44 -0.96
CA THR A 1024 -15.66 41.38 -2.07
C THR A 1024 -14.83 42.62 -1.78
N ARG A 1025 -14.79 43.06 -0.52
CA ARG A 1025 -14.01 44.25 -0.16
C ARG A 1025 -12.52 43.98 -0.26
N ILE A 1026 -12.06 42.78 0.12
CA ILE A 1026 -10.64 42.47 0.06
C ILE A 1026 -10.21 41.82 -1.25
N ARG A 1027 -11.13 41.55 -2.18
CA ARG A 1027 -10.73 40.93 -3.44
C ARG A 1027 -9.76 41.78 -4.24
N LEU A 1028 -9.97 43.09 -4.26
CA LEU A 1028 -9.06 43.97 -5.01
C LEU A 1028 -7.63 43.85 -4.50
N SER A 1029 -7.46 43.86 -3.18
CA SER A 1029 -6.12 43.74 -2.62
C SER A 1029 -5.56 42.33 -2.81
N ILE A 1030 -6.43 41.32 -2.77
CA ILE A 1030 -5.98 39.94 -2.94
C ILE A 1030 -5.40 39.77 -4.34
N MET A 1031 -6.00 40.41 -5.33
CA MET A 1031 -5.48 40.30 -6.70
C MET A 1031 -4.05 40.84 -6.77
N ARG A 1032 -3.80 42.00 -6.15
CA ARG A 1032 -2.48 42.59 -6.18
C ARG A 1032 -1.48 41.69 -5.45
N VAL A 1033 -1.88 41.17 -4.29
CA VAL A 1033 -0.99 40.30 -3.52
C VAL A 1033 -0.63 39.07 -4.35
N GLY A 1034 -1.63 38.50 -5.03
CA GLY A 1034 -1.37 37.32 -5.84
C GLY A 1034 -0.43 37.64 -7.00
N LEU A 1035 -0.59 38.81 -7.60
CA LEU A 1035 0.28 39.19 -8.71
C LEU A 1035 1.71 39.39 -8.23
N LEU A 1036 1.88 39.92 -7.02
CA LEU A 1036 3.23 40.15 -6.48
C LEU A 1036 3.95 38.83 -6.22
N ALA A 1037 3.25 37.83 -5.70
CA ALA A 1037 3.82 36.53 -5.39
C ALA A 1037 4.03 35.64 -6.62
N GLY A 1038 3.78 36.15 -7.82
CA GLY A 1038 3.98 35.33 -9.01
C GLY A 1038 3.02 34.16 -9.07
N GLN A 1039 1.77 34.37 -8.66
CA GLN A 1039 0.74 33.33 -8.67
C GLN A 1039 -0.44 33.88 -9.46
N PRO A 1040 -0.36 33.86 -10.78
CA PRO A 1040 -1.47 34.40 -11.59
C PRO A 1040 -2.78 33.65 -11.42
N ALA A 1041 -2.76 32.39 -11.01
CA ALA A 1041 -4.02 31.65 -10.85
C ALA A 1041 -4.91 32.28 -9.78
N VAL A 1042 -4.32 32.68 -8.65
CA VAL A 1042 -5.10 33.28 -7.57
C VAL A 1042 -5.79 34.55 -8.04
N THR A 1043 -5.02 35.46 -8.65
CA THR A 1043 -5.61 36.71 -9.13
C THR A 1043 -6.61 36.47 -10.25
N VAL A 1044 -6.39 35.49 -11.13
CA VAL A 1044 -7.36 35.25 -12.20
C VAL A 1044 -8.68 34.77 -11.62
N ARG A 1045 -8.62 33.83 -10.67
CA ARG A 1045 -9.84 33.33 -10.06
C ARG A 1045 -10.57 34.44 -9.32
N HIS A 1046 -9.82 35.24 -8.55
CA HIS A 1046 -10.46 36.33 -7.82
C HIS A 1046 -11.07 37.35 -8.77
N GLY A 1047 -10.38 37.62 -9.88
CA GLY A 1047 -10.91 38.58 -10.83
C GLY A 1047 -12.19 38.07 -11.47
N PHE A 1048 -12.23 36.78 -11.79
CA PHE A 1048 -13.43 36.22 -12.40
C PHE A 1048 -14.59 36.31 -11.41
N ASP A 1049 -14.33 36.00 -10.13
CA ASP A 1049 -15.38 36.06 -9.13
C ASP A 1049 -15.87 37.49 -8.96
N LEU A 1050 -14.94 38.46 -8.95
CA LEU A 1050 -15.32 39.86 -8.79
C LEU A 1050 -16.15 40.32 -9.98
N LEU A 1051 -15.76 39.94 -11.19
CA LEU A 1051 -16.51 40.34 -12.37
C LEU A 1051 -17.91 39.76 -12.33
N THR A 1052 -18.03 38.50 -11.90
CA THR A 1052 -19.35 37.88 -11.83
C THR A 1052 -20.22 38.57 -10.78
N GLU A 1053 -19.63 38.91 -9.63
CA GLU A 1053 -20.39 39.57 -8.58
C GLU A 1053 -20.85 40.96 -8.99
N MET A 1054 -20.13 41.61 -9.89
CA MET A 1054 -20.49 42.95 -10.36
C MET A 1054 -21.48 42.86 -11.52
N LYS A 1055 -22.67 42.34 -11.19
CA LYS A 1055 -23.74 42.19 -12.18
C LYS A 1055 -24.60 43.43 -12.32
N THR A 1056 -24.41 44.44 -11.48
CA THR A 1056 -25.19 45.66 -11.55
C THR A 1056 -24.58 46.66 -12.52
N ASN A 1063 -14.93 53.68 -10.50
CA ASN A 1063 -14.09 53.39 -11.66
C ASN A 1063 -13.14 52.23 -11.38
N GLU A 1064 -13.68 51.17 -10.80
CA GLU A 1064 -12.90 49.98 -10.47
C GLU A 1064 -13.06 48.87 -11.50
N LEU A 1065 -13.78 49.13 -12.59
CA LEU A 1065 -13.98 48.12 -13.63
C LEU A 1065 -12.78 48.00 -14.56
N GLU A 1066 -12.08 49.11 -14.84
CA GLU A 1066 -10.94 49.06 -15.72
C GLU A 1066 -9.73 48.42 -15.05
N VAL A 1067 -9.48 48.74 -13.79
CA VAL A 1067 -8.34 48.15 -13.08
C VAL A 1067 -8.47 46.64 -12.98
N THR A 1068 -9.68 46.14 -12.74
CA THR A 1068 -9.86 44.69 -12.64
C THR A 1068 -9.54 44.02 -13.96
N ILE A 1069 -10.02 44.57 -15.07
CA ILE A 1069 -9.75 43.99 -16.38
C ILE A 1069 -8.26 44.04 -16.67
N MET A 1070 -7.60 45.14 -16.31
CA MET A 1070 -6.17 45.29 -16.54
C MET A 1070 -5.39 44.22 -15.78
N MET A 1071 -5.72 44.02 -14.50
CA MET A 1071 -5.02 43.02 -13.70
C MET A 1071 -5.26 41.62 -14.23
N VAL A 1072 -6.51 41.31 -14.60
CA VAL A 1072 -6.81 39.97 -15.12
C VAL A 1072 -6.07 39.74 -16.44
N VAL A 1073 -6.03 40.76 -17.30
CA VAL A 1073 -5.33 40.63 -18.58
C VAL A 1073 -3.84 40.37 -18.36
N GLU A 1074 -3.24 41.13 -17.43
CA GLU A 1074 -1.82 40.94 -17.16
C GLU A 1074 -1.56 39.53 -16.62
N ALA A 1075 -2.42 39.07 -15.70
CA ALA A 1075 -2.26 37.74 -15.14
C ALA A 1075 -2.36 36.68 -16.22
N LEU A 1076 -3.34 36.82 -17.13
CA LEU A 1076 -3.48 35.84 -18.20
C LEU A 1076 -2.26 35.87 -19.10
N CYS A 1077 -1.71 37.07 -19.33
CA CYS A 1077 -0.53 37.17 -20.19
C CYS A 1077 0.64 36.46 -19.54
N GLU A 1078 0.71 36.46 -18.21
CA GLU A 1078 1.81 35.77 -17.53
C GLU A 1078 1.68 34.27 -17.65
N LEU A 1079 0.46 33.77 -17.86
CA LEU A 1079 0.20 32.33 -17.99
C LEU A 1079 0.21 31.85 -19.44
N HIS A 1080 0.47 32.74 -20.40
CA HIS A 1080 0.51 32.39 -21.82
C HIS A 1080 -0.82 31.77 -22.28
N CYS A 1081 -1.89 32.53 -22.09
CA CYS A 1081 -3.24 32.12 -22.47
C CYS A 1081 -3.89 33.22 -23.30
N PRO A 1082 -3.53 33.33 -24.58
CA PRO A 1082 -4.12 34.37 -25.42
C PRO A 1082 -5.61 34.18 -25.67
N GLU A 1083 -6.10 32.93 -25.68
CA GLU A 1083 -7.52 32.69 -25.92
C GLU A 1083 -8.38 33.35 -24.85
N ALA A 1084 -7.98 33.22 -23.59
CA ALA A 1084 -8.76 33.83 -22.50
C ALA A 1084 -8.75 35.35 -22.64
N ILE A 1085 -7.61 35.91 -23.04
CA ILE A 1085 -7.51 37.36 -23.20
C ILE A 1085 -8.47 37.82 -24.29
N GLN A 1086 -8.48 37.10 -25.43
CA GLN A 1086 -9.37 37.48 -26.52
C GLN A 1086 -10.83 37.37 -26.07
N GLY A 1087 -11.15 36.31 -25.33
CA GLY A 1087 -12.52 36.15 -24.86
C GLY A 1087 -12.94 37.29 -23.95
N ILE A 1088 -12.04 37.69 -23.04
CA ILE A 1088 -12.38 38.80 -22.14
C ILE A 1088 -12.53 40.08 -22.94
N ALA A 1089 -11.70 40.28 -23.97
CA ALA A 1089 -11.81 41.49 -24.77
C ALA A 1089 -13.18 41.55 -25.45
N VAL A 1090 -13.60 40.43 -26.04
CA VAL A 1090 -14.90 40.40 -26.72
C VAL A 1090 -16.03 40.59 -25.71
N TRP A 1091 -15.90 39.98 -24.52
CA TRP A 1091 -16.94 40.12 -23.51
C TRP A 1091 -17.06 41.55 -23.02
N SER A 1092 -15.92 42.23 -22.82
CA SER A 1092 -15.92 43.61 -22.36
C SER A 1092 -16.32 44.60 -23.45
N SER A 1093 -16.18 44.23 -24.72
CA SER A 1093 -16.56 45.14 -25.80
C SER A 1093 -18.05 45.47 -25.79
N SER A 1094 -18.86 44.67 -25.10
CA SER A 1094 -20.30 44.89 -25.02
C SER A 1094 -20.70 45.71 -23.81
N ILE A 1095 -19.79 46.50 -23.26
CA ILE A 1095 -20.09 47.33 -22.09
C ILE A 1095 -19.50 48.72 -22.26
N ASN A 1099 -13.26 51.57 -26.50
CA ASN A 1099 -12.66 52.13 -25.30
C ASN A 1099 -11.69 51.15 -24.66
N LEU A 1100 -11.89 49.86 -24.92
CA LEU A 1100 -11.06 48.78 -24.40
C LEU A 1100 -10.57 47.90 -25.54
N LEU A 1101 -10.08 48.53 -26.60
CA LEU A 1101 -9.57 47.82 -27.77
C LEU A 1101 -8.10 47.48 -27.67
N TRP A 1102 -7.42 47.89 -26.59
CA TRP A 1102 -6.00 47.59 -26.43
C TRP A 1102 -5.74 46.20 -25.86
N ILE A 1103 -6.79 45.45 -25.52
CA ILE A 1103 -6.61 44.11 -24.97
C ILE A 1103 -6.01 43.18 -26.02
N ASN A 1104 -6.37 43.39 -27.30
CA ASN A 1104 -5.85 42.55 -28.37
C ASN A 1104 -4.33 42.61 -28.42
N SER A 1105 -3.74 43.76 -28.07
CA SER A 1105 -2.29 43.88 -28.09
C SER A 1105 -1.66 42.92 -27.09
N VAL A 1106 -2.22 42.88 -25.88
CA VAL A 1106 -1.68 41.98 -24.86
C VAL A 1106 -1.91 40.53 -25.29
N ALA A 1107 -3.06 40.28 -25.94
CA ALA A 1107 -3.33 38.92 -26.40
C ALA A 1107 -2.29 38.48 -27.41
N GLN A 1108 -1.91 39.37 -28.31
CA GLN A 1108 -0.91 39.05 -29.32
C GLN A 1108 0.46 38.88 -28.67
N GLN A 1109 0.75 39.69 -27.65
CA GLN A 1109 2.04 39.57 -26.97
C GLN A 1109 2.17 38.26 -26.23
N ALA A 1110 1.05 37.76 -25.67
CA ALA A 1110 1.09 36.50 -24.94
C ALA A 1110 1.48 35.33 -25.85
N GLU A 1111 1.28 35.47 -27.15
CA GLU A 1111 1.62 34.41 -28.10
C GLU A 1111 3.10 34.42 -28.49
N GLY A 1112 3.84 35.45 -28.11
CA GLY A 1112 5.26 35.54 -28.44
C GLY A 1112 5.61 36.53 -29.53
N ARG A 1113 4.63 37.26 -30.07
CA ARG A 1113 4.88 38.24 -31.12
C ARG A 1113 5.17 39.57 -30.44
N PHE A 1114 6.46 39.80 -30.16
CA PHE A 1114 6.88 41.04 -29.50
C PHE A 1114 6.89 42.24 -30.44
N GLU A 1115 7.32 42.07 -31.69
CA GLU A 1115 7.36 43.19 -32.62
C GLU A 1115 5.98 43.78 -32.87
N LYS A 1116 5.01 42.92 -33.22
CA LYS A 1116 3.65 43.40 -33.48
C LYS A 1116 3.04 44.00 -32.23
N ALA A 1117 3.27 43.38 -31.07
CA ALA A 1117 2.73 43.90 -29.82
C ALA A 1117 3.27 45.29 -29.52
N SER A 1118 4.58 45.48 -29.70
CA SER A 1118 5.17 46.79 -29.43
C SER A 1118 4.64 47.84 -30.39
N VAL A 1119 4.51 47.47 -31.68
CA VAL A 1119 4.00 48.43 -32.66
C VAL A 1119 2.58 48.84 -32.29
N GLU A 1120 1.75 47.86 -31.92
CA GLU A 1120 0.37 48.16 -31.54
C GLU A 1120 0.34 49.03 -30.29
N TYR A 1121 1.24 48.77 -29.34
CA TYR A 1121 1.28 49.56 -28.12
C TYR A 1121 1.59 51.01 -28.44
N GLN A 1122 2.58 51.24 -29.31
CA GLN A 1122 2.94 52.60 -29.67
C GLN A 1122 1.78 53.29 -30.38
N GLU A 1123 1.12 52.58 -31.30
CA GLU A 1123 0.00 53.17 -32.02
C GLU A 1123 -1.13 53.55 -31.06
N HIS A 1124 -1.45 52.66 -30.12
CA HIS A 1124 -2.51 52.93 -29.17
C HIS A 1124 -2.15 54.11 -28.28
N LEU A 1125 -0.90 54.18 -27.82
CA LEU A 1125 -0.48 55.28 -26.97
C LEU A 1125 -0.55 56.61 -27.72
N CYS A 1126 -0.12 56.61 -28.98
CA CYS A 1126 -0.15 57.83 -29.78
C CYS A 1126 -1.58 58.28 -30.04
N ALA A 1127 -2.49 57.33 -30.31
CA ALA A 1127 -3.88 57.70 -30.57
C ALA A 1127 -4.63 58.09 -29.30
N MET A 1128 -4.21 57.58 -28.14
CA MET A 1128 -4.89 57.92 -26.90
C MET A 1128 -4.33 59.19 -26.24
N THR A 1129 -3.06 59.51 -26.46
CA THR A 1129 -2.45 60.69 -25.87
C THR A 1129 -2.60 61.93 -26.74
N GLY A 1130 -2.52 61.78 -28.06
CA GLY A 1130 -2.65 62.90 -28.98
C GLY A 1130 -1.35 63.36 -29.59
N VAL A 1131 -0.21 62.93 -29.06
CA VAL A 1131 1.10 63.32 -29.57
C VAL A 1131 1.78 62.10 -30.17
N ASP A 1132 2.65 62.34 -31.13
CA ASP A 1132 3.38 61.26 -31.80
C ASP A 1132 4.39 60.65 -30.83
N CYS A 1133 4.14 59.40 -30.44
CA CYS A 1133 5.00 58.67 -29.52
C CYS A 1133 5.69 57.49 -30.22
N CYS A 1134 5.70 57.50 -31.55
CA CYS A 1134 6.32 56.43 -32.30
C CYS A 1134 7.84 56.53 -32.21
N ILE A 1135 8.49 55.38 -32.40
CA ILE A 1135 9.94 55.26 -32.36
C ILE A 1135 10.40 54.48 -33.58
N SER A 1136 11.70 54.55 -33.85
CA SER A 1136 12.27 53.85 -34.99
C SER A 1136 12.10 52.34 -34.82
N SER A 1137 11.67 51.68 -35.89
CA SER A 1137 11.46 50.24 -35.87
C SER A 1137 11.44 49.73 -37.31
N PHE A 1138 11.15 48.44 -37.45
CA PHE A 1138 11.09 47.82 -38.76
C PHE A 1138 9.85 48.31 -39.50
N ASP A 1139 9.82 48.08 -40.81
CA ASP A 1139 8.70 48.49 -41.65
C ASP A 1139 7.38 47.96 -41.09
N LYS A 1140 6.40 48.84 -40.96
CA LYS A 1140 5.10 48.44 -40.44
C LYS A 1140 4.39 47.47 -41.38
N SER A 1141 4.43 47.75 -42.69
CA SER A 1141 3.77 46.87 -43.65
C SER A 1141 4.38 45.48 -43.63
N VAL A 1142 5.71 45.40 -43.63
CA VAL A 1142 6.37 44.10 -43.61
C VAL A 1142 6.07 43.36 -42.32
N LEU A 1143 6.06 44.08 -41.20
CA LEU A 1143 5.77 43.46 -39.91
C LEU A 1143 4.36 42.90 -39.87
N THR A 1144 3.38 43.67 -40.37
CA THR A 1144 2.00 43.21 -40.36
C THR A 1144 1.82 42.02 -41.31
N LEU A 1145 2.50 42.05 -42.46
CA LEU A 1145 2.37 40.94 -43.41
C LEU A 1145 2.97 39.66 -42.86
N ALA A 1146 3.99 39.76 -42.01
CA ALA A 1146 4.63 38.58 -41.44
C ALA A 1146 3.75 37.87 -40.42
N ASN A 1147 3.03 38.60 -39.58
CA ASN A 1147 2.18 37.98 -38.58
C ASN A 1147 0.78 38.62 -38.55
N SER A 1174 -8.99 56.51 -21.85
CA SER A 1174 -8.03 57.60 -21.68
C SER A 1174 -7.81 57.91 -20.20
N SER A 1175 -7.03 57.07 -19.53
CA SER A 1175 -6.73 57.23 -18.13
C SER A 1175 -5.23 57.11 -17.90
N PRO A 1176 -4.69 57.78 -16.87
CA PRO A 1176 -3.25 57.68 -16.62
C PRO A 1176 -2.77 56.27 -16.35
N GLU A 1177 -3.59 55.46 -15.68
CA GLU A 1177 -3.19 54.08 -15.39
C GLU A 1177 -2.99 53.29 -16.67
N VAL A 1178 -3.89 53.47 -17.65
CA VAL A 1178 -3.77 52.74 -18.91
C VAL A 1178 -2.51 53.18 -19.65
N ILE A 1179 -2.22 54.48 -19.66
CA ILE A 1179 -1.04 54.98 -20.34
C ILE A 1179 0.22 54.39 -19.71
N ASN A 1180 0.28 54.41 -18.37
CA ASN A 1180 1.44 53.87 -17.67
C ASN A 1180 1.60 52.39 -17.95
N TYR A 1181 0.49 51.64 -17.95
CA TYR A 1181 0.55 50.21 -18.21
C TYR A 1181 1.06 49.94 -19.62
N LEU A 1182 0.57 50.68 -20.61
CA LEU A 1182 1.03 50.47 -21.97
C LEU A 1182 2.51 50.79 -22.10
N GLY A 1183 2.97 51.87 -21.47
CA GLY A 1183 4.37 52.22 -21.55
C GLY A 1183 5.26 51.15 -20.92
N ASN A 1184 4.86 50.67 -19.74
CA ASN A 1184 5.64 49.64 -19.07
C ASN A 1184 5.66 48.35 -19.89
N LYS A 1185 4.52 48.00 -20.49
CA LYS A 1185 4.46 46.80 -21.30
C LYS A 1185 5.40 46.92 -22.50
N ALA A 1186 5.42 48.11 -23.12
CA ALA A 1186 6.30 48.29 -24.28
C ALA A 1186 7.76 48.17 -23.87
N CYS A 1187 8.11 48.75 -22.71
CA CYS A 1187 9.49 48.66 -22.23
C CYS A 1187 9.87 47.20 -21.98
N GLU A 1188 8.98 46.45 -21.33
CA GLU A 1188 9.26 45.06 -21.05
C GLU A 1188 9.38 44.27 -22.35
N CYS A 1189 8.58 44.65 -23.35
CA CYS A 1189 8.64 43.97 -24.64
C CYS A 1189 10.00 44.18 -25.28
N TYR A 1190 10.52 45.41 -25.23
CA TYR A 1190 11.83 45.67 -25.81
C TYR A 1190 12.93 44.96 -25.03
N ILE A 1191 12.78 44.87 -23.71
CA ILE A 1191 13.80 44.21 -22.91
C ILE A 1191 13.82 42.70 -23.20
N SER A 1192 12.64 42.11 -23.42
CA SER A 1192 12.56 40.69 -23.70
C SER A 1192 13.33 40.29 -24.96
N ILE A 1193 13.19 41.07 -26.04
CA ILE A 1193 13.90 40.74 -27.28
C ILE A 1193 15.36 41.15 -27.26
N ALA A 1194 15.85 41.72 -26.16
CA ALA A 1194 17.23 42.16 -26.01
C ALA A 1194 17.61 43.18 -27.10
N ASP A 1195 16.92 44.32 -27.04
CA ASP A 1195 17.12 45.43 -27.98
C ASP A 1195 17.45 46.66 -27.12
N TRP A 1196 18.74 46.81 -26.80
CA TRP A 1196 19.18 47.94 -25.98
C TRP A 1196 18.94 49.27 -26.68
N ALA A 1197 19.23 49.35 -27.98
CA ALA A 1197 19.01 50.61 -28.69
C ALA A 1197 17.54 50.99 -28.66
N ALA A 1198 16.66 50.00 -28.83
CA ALA A 1198 15.23 50.27 -28.81
C ALA A 1198 14.81 50.74 -27.42
N VAL A 1199 15.41 50.18 -26.37
CA VAL A 1199 15.07 50.58 -25.01
C VAL A 1199 15.47 52.03 -24.78
N GLN A 1200 16.67 52.41 -25.24
CA GLN A 1200 17.12 53.78 -25.07
C GLN A 1200 16.21 54.74 -25.82
N GLU A 1201 15.86 54.39 -27.06
CA GLU A 1201 14.98 55.26 -27.85
C GLU A 1201 13.63 55.39 -27.17
N TRP A 1202 13.10 54.28 -26.63
CA TRP A 1202 11.81 54.33 -25.96
C TRP A 1202 11.88 55.21 -24.73
N GLN A 1203 12.98 55.13 -23.98
CA GLN A 1203 13.13 55.95 -22.79
C GLN A 1203 13.15 57.43 -23.18
N ASN A 1204 13.89 57.77 -24.24
CA ASN A 1204 13.94 59.16 -24.66
C ASN A 1204 12.57 59.64 -25.11
N SER A 1205 11.84 58.82 -25.86
CA SER A 1205 10.51 59.20 -26.32
C SER A 1205 9.57 59.38 -25.14
N ILE A 1206 9.66 58.49 -24.14
CA ILE A 1206 8.80 58.59 -22.97
C ILE A 1206 9.08 59.88 -22.22
N HIS A 1207 10.38 60.21 -22.04
CA HIS A 1207 10.72 61.44 -21.33
C HIS A 1207 10.20 62.65 -22.08
N ASP A 1208 10.36 62.66 -23.41
CA ASP A 1208 9.88 63.79 -24.20
C ASP A 1208 8.37 63.92 -24.11
N LEU A 1209 7.65 62.78 -24.15
CA LEU A 1209 6.19 62.82 -24.06
C LEU A 1209 5.75 63.34 -22.69
N LYS A 1210 6.42 62.89 -21.63
CA LYS A 1210 6.05 63.34 -20.29
C LYS A 1210 6.32 64.84 -20.13
N LYS A 1211 7.43 65.32 -20.69
CA LYS A 1211 7.75 66.74 -20.57
C LYS A 1211 6.83 67.60 -21.43
N SER A 1212 6.36 67.08 -22.57
CA SER A 1212 5.48 67.84 -23.45
C SER A 1212 3.99 67.65 -23.12
N THR A 1213 3.65 66.76 -22.20
CA THR A 1213 2.26 66.53 -21.84
C THR A 1213 1.96 66.76 -20.37
N SER A 1214 2.98 66.93 -19.52
CA SER A 1214 2.79 67.16 -18.08
C SER A 1214 1.92 66.07 -17.46
N SER A 1215 2.21 64.82 -17.82
CA SER A 1215 1.44 63.70 -17.29
C SER A 1215 1.58 63.61 -15.77
N THR A 1216 2.80 63.74 -15.27
CA THR A 1216 3.13 63.69 -13.84
C THR A 1216 2.74 62.36 -13.20
N SER A 1217 2.40 61.35 -13.99
CA SER A 1217 2.01 60.05 -13.47
C SER A 1217 2.67 58.88 -14.19
N LEU A 1218 3.29 59.10 -15.35
CA LEU A 1218 3.94 58.04 -16.10
C LEU A 1218 5.38 57.90 -15.62
N ASN A 1219 5.79 56.67 -15.33
CA ASN A 1219 7.16 56.41 -14.87
C ASN A 1219 7.47 54.95 -15.11
N LEU A 1220 8.48 54.68 -15.92
CA LEU A 1220 8.87 53.31 -16.20
C LEU A 1220 9.46 52.66 -14.97
N LYS A 1221 8.96 51.46 -14.63
CA LYS A 1221 9.44 50.72 -13.46
C LYS A 1221 10.46 49.69 -13.94
N ALA A 1222 11.66 50.16 -14.24
CA ALA A 1222 12.73 49.29 -14.71
C ALA A 1222 14.06 49.97 -14.44
N ASP A 1223 14.93 49.30 -13.70
CA ASP A 1223 16.24 49.87 -13.37
C ASP A 1223 17.07 49.94 -14.63
N PHE A 1224 17.35 51.17 -15.10
CA PHE A 1224 18.13 51.34 -16.32
C PHE A 1224 19.59 50.98 -16.11
N ASN A 1225 20.09 51.01 -14.87
CA ASN A 1225 21.49 50.65 -14.64
C ASN A 1225 21.73 49.20 -15.02
N TYR A 1226 20.78 48.32 -14.69
CA TYR A 1226 20.91 46.91 -15.02
C TYR A 1226 20.91 46.73 -16.54
N ILE A 1227 20.08 47.50 -17.25
CA ILE A 1227 20.02 47.40 -18.70
C ILE A 1227 21.34 47.83 -19.30
N LYS A 1228 21.91 48.93 -18.78
CA LYS A 1228 23.18 49.41 -19.29
C LYS A 1228 24.27 48.37 -19.04
N SER A 1229 24.23 47.74 -17.86
CA SER A 1229 25.22 46.72 -17.53
C SER A 1229 25.12 45.55 -18.50
N LEU A 1230 23.88 45.12 -18.79
CA LEU A 1230 23.69 44.00 -19.70
C LEU A 1230 24.20 44.35 -21.09
N SER A 1231 23.91 45.57 -21.55
CA SER A 1231 24.37 46.00 -22.87
C SER A 1231 25.90 46.03 -22.93
N SER A 1232 26.54 46.55 -21.89
CA SER A 1232 27.99 46.60 -21.86
C SER A 1232 28.60 45.20 -21.85
N PHE A 1233 28.03 44.29 -21.06
CA PHE A 1233 28.55 42.94 -21.00
C PHE A 1233 28.38 42.23 -22.34
N GLU A 1234 27.23 42.40 -22.98
CA GLU A 1234 27.02 41.75 -24.27
C GLU A 1234 27.89 42.35 -25.36
N SER A 1235 28.23 43.64 -25.24
CA SER A 1235 29.06 44.29 -26.24
C SER A 1235 30.53 43.95 -26.10
N GLY A 1236 30.95 43.37 -24.98
CA GLY A 1236 32.34 43.02 -24.75
C GLY A 1236 33.15 44.02 -23.96
N LYS A 1237 32.55 45.15 -23.57
CA LYS A 1237 33.27 46.17 -22.80
C LYS A 1237 33.15 45.82 -21.32
N PHE A 1238 34.11 45.03 -20.83
CA PHE A 1238 34.10 44.64 -19.43
C PHE A 1238 34.54 45.79 -18.52
N VAL A 1239 35.38 46.69 -19.02
CA VAL A 1239 35.84 47.81 -18.21
C VAL A 1239 34.67 48.68 -17.77
N GLU A 1240 33.77 49.00 -18.71
CA GLU A 1240 32.61 49.81 -18.35
C GLU A 1240 31.59 48.98 -17.59
N CYS A 1241 31.55 47.67 -17.87
CA CYS A 1241 30.61 46.80 -17.19
C CYS A 1241 30.90 46.74 -15.70
N THR A 1242 32.18 46.68 -15.33
CA THR A 1242 32.53 46.63 -13.92
C THR A 1242 32.09 47.91 -13.22
N GLU A 1243 32.32 49.06 -13.84
CA GLU A 1243 31.93 50.33 -13.25
C GLU A 1243 30.42 50.40 -13.08
N GLN A 1244 29.68 49.93 -14.09
CA GLN A 1244 28.22 49.97 -14.00
C GLN A 1244 27.73 49.03 -12.89
N LEU A 1245 28.35 47.86 -12.78
CA LEU A 1245 27.99 46.88 -11.76
C LEU A 1245 28.32 47.36 -10.36
N GLU A 1246 29.31 48.26 -10.22
CA GLU A 1246 29.67 48.75 -8.91
C GLU A 1246 28.56 49.56 -8.25
N LEU A 1247 27.56 50.01 -9.00
CA LEU A 1247 26.47 50.79 -8.45
C LEU A 1247 25.26 49.95 -8.08
N LEU A 1248 25.14 48.73 -8.61
CA LEU A 1248 24.00 47.90 -8.29
C LEU A 1248 24.06 47.43 -6.83
N PRO A 1249 22.91 47.25 -6.20
CA PRO A 1249 22.92 46.82 -4.80
C PRO A 1249 23.35 45.36 -4.66
N GLY A 1250 23.80 45.03 -3.47
CA GLY A 1250 24.26 43.69 -3.16
C GLY A 1250 25.71 43.68 -2.73
N GLU A 1251 26.25 42.45 -2.62
CA GLU A 1251 27.64 42.29 -2.23
C GLU A 1251 28.57 42.86 -3.29
N ASN A 1252 29.74 43.32 -2.84
CA ASN A 1252 30.71 43.89 -3.76
C ASN A 1252 31.28 42.82 -4.68
N ILE A 1253 31.86 43.26 -5.79
CA ILE A 1253 32.45 42.34 -6.75
C ILE A 1253 33.59 41.58 -6.09
N ASN A 1254 33.73 40.30 -6.47
CA ASN A 1254 34.79 39.47 -5.92
C ASN A 1254 36.16 40.05 -6.23
N LEU A 1255 37.06 39.94 -5.25
CA LEU A 1255 38.41 40.45 -5.40
C LEU A 1255 39.37 39.36 -5.88
N ASP A 1265 29.98 35.96 4.91
CA ASP A 1265 30.35 36.63 3.67
C ASP A 1265 29.74 35.91 2.47
N MET A 1266 29.64 34.59 2.57
CA MET A 1266 29.09 33.77 1.49
C MET A 1266 27.64 33.40 1.70
N LYS A 1267 27.19 33.29 2.96
CA LYS A 1267 25.80 32.95 3.22
C LYS A 1267 24.87 34.12 2.96
N LYS A 1268 25.29 35.33 3.32
CA LYS A 1268 24.47 36.52 3.13
C LYS A 1268 24.93 37.27 1.88
N LEU A 1269 24.51 36.75 0.73
CA LEU A 1269 24.88 37.37 -0.54
C LEU A 1269 23.82 38.36 -1.01
N LEU A 1270 22.55 37.98 -0.94
CA LEU A 1270 21.47 38.86 -1.37
C LEU A 1270 21.37 40.05 -0.42
N PRO A 1271 21.04 41.23 -0.94
CA PRO A 1271 20.92 42.41 -0.09
C PRO A 1271 19.63 42.39 0.70
N ASN A 1272 19.58 43.25 1.73
CA ASN A 1272 18.41 43.36 2.58
C ASN A 1272 17.34 44.20 1.88
N MET A 1273 16.17 44.28 2.51
CA MET A 1273 15.04 45.04 1.97
C MET A 1273 14.69 44.58 0.55
N LEU A 1274 14.71 43.27 0.34
CA LEU A 1274 14.39 42.69 -0.96
C LEU A 1274 12.94 42.23 -0.97
N SER A 1275 12.19 42.68 -1.97
CA SER A 1275 10.79 42.31 -2.09
C SER A 1275 10.66 40.84 -2.50
N PRO A 1276 9.56 40.18 -2.10
CA PRO A 1276 9.37 38.77 -2.47
C PRO A 1276 8.99 38.54 -3.92
N ASP A 1277 9.07 39.56 -4.76
CA ASP A 1277 8.73 39.41 -6.17
C ASP A 1277 9.77 38.54 -6.87
N PRO A 1278 9.36 37.49 -7.58
CA PRO A 1278 10.35 36.64 -8.27
C PRO A 1278 11.21 37.40 -9.26
N ARG A 1279 10.70 38.50 -9.84
CA ARG A 1279 11.49 39.27 -10.80
C ARG A 1279 12.74 39.82 -10.13
N GLU A 1280 12.61 40.30 -8.88
CA GLU A 1280 13.76 40.84 -8.17
C GLU A 1280 14.79 39.75 -7.95
N LEU A 1281 14.35 38.54 -7.61
CA LEU A 1281 15.27 37.44 -7.38
C LEU A 1281 16.00 37.10 -8.67
N GLN A 1282 15.26 37.08 -9.80
CA GLN A 1282 15.89 36.76 -11.08
C GLN A 1282 16.93 37.82 -11.41
N LYS A 1283 16.61 39.09 -11.16
CA LYS A 1283 17.55 40.16 -11.45
C LYS A 1283 18.81 40.02 -10.60
N SER A 1284 18.62 39.67 -9.32
CA SER A 1284 19.77 39.51 -8.43
C SER A 1284 20.65 38.35 -8.90
N ILE A 1285 20.02 37.25 -9.32
CA ILE A 1285 20.79 36.10 -9.80
C ILE A 1285 21.58 36.48 -11.04
N GLU A 1286 20.94 37.22 -11.96
CA GLU A 1286 21.63 37.63 -13.19
C GLU A 1286 22.81 38.54 -12.85
N VAL A 1287 22.61 39.44 -11.88
CA VAL A 1287 23.69 40.35 -11.49
C VAL A 1287 24.85 39.54 -10.91
N GLN A 1288 24.55 38.55 -10.08
CA GLN A 1288 25.61 37.73 -9.49
C GLN A 1288 26.37 36.99 -10.59
N LEU A 1289 25.65 36.44 -11.56
CA LEU A 1289 26.31 35.72 -12.64
C LEU A 1289 27.21 36.65 -13.43
N LEU A 1290 26.73 37.88 -13.71
CA LEU A 1290 27.55 38.84 -14.44
C LEU A 1290 28.79 39.21 -13.66
N ARG A 1291 28.64 39.37 -12.34
CA ARG A 1291 29.78 39.72 -11.50
C ARG A 1291 30.81 38.62 -11.54
N SER A 1292 30.37 37.36 -11.45
CA SER A 1292 31.31 36.25 -11.48
C SER A 1292 32.01 36.17 -12.83
N SER A 1293 31.27 36.38 -13.92
CA SER A 1293 31.86 36.33 -15.25
C SER A 1293 32.91 37.42 -15.44
N VAL A 1294 32.59 38.66 -15.05
CA VAL A 1294 33.57 39.74 -15.22
C VAL A 1294 34.77 39.51 -14.31
N CYS A 1295 34.55 38.99 -13.10
CA CYS A 1295 35.67 38.74 -12.20
C CYS A 1295 36.59 37.71 -12.79
N LEU A 1296 36.02 36.64 -13.36
CA LEU A 1296 36.84 35.59 -13.96
C LEU A 1296 37.61 36.13 -15.16
N ALA A 1297 36.95 36.92 -16.00
CA ALA A 1297 37.61 37.48 -17.17
C ALA A 1297 38.77 38.39 -16.78
N THR A 1298 38.57 39.22 -15.76
CA THR A 1298 39.64 40.12 -15.33
C THR A 1298 40.77 39.37 -14.64
N ALA A 1299 40.45 38.35 -13.85
CA ALA A 1299 41.49 37.59 -13.16
C ALA A 1299 42.33 36.77 -14.13
N LEU A 1300 41.68 36.15 -15.13
CA LEU A 1300 42.42 35.36 -16.09
C LEU A 1300 43.38 36.20 -16.91
N ASN A 1301 42.94 37.40 -17.32
CA ASN A 1301 43.78 38.29 -18.11
C ASN A 1301 43.35 39.74 -17.95
N TRP A 1309 46.38 27.49 -9.84
CA TRP A 1309 45.14 28.01 -10.40
C TRP A 1309 44.18 28.41 -9.29
N GLN A 1310 44.58 28.18 -8.04
CA GLN A 1310 43.77 28.52 -6.89
C GLN A 1310 43.93 29.97 -6.45
N SER A 1311 44.44 30.83 -7.34
CA SER A 1311 44.62 32.24 -6.99
C SER A 1311 43.29 32.96 -6.88
N ILE A 1312 42.52 32.98 -7.96
CA ILE A 1312 41.22 33.63 -8.00
C ILE A 1312 40.10 32.64 -8.29
N THR A 1313 40.27 31.39 -7.86
CA THR A 1313 39.27 30.35 -8.09
C THR A 1313 38.65 29.85 -6.79
N GLU A 1314 39.32 30.01 -5.66
CA GLU A 1314 38.77 29.55 -4.39
C GLU A 1314 37.50 30.31 -4.01
N ASN A 1315 37.41 31.59 -4.37
CA ASN A 1315 36.25 32.39 -4.05
C ASN A 1315 35.17 32.34 -5.13
N VAL A 1316 35.56 32.30 -6.39
CA VAL A 1316 34.58 32.25 -7.48
C VAL A 1316 33.75 30.97 -7.39
N VAL A 1317 34.40 29.85 -7.05
CA VAL A 1317 33.68 28.58 -6.94
C VAL A 1317 32.63 28.67 -5.85
N LYS A 1318 32.99 29.23 -4.70
CA LYS A 1318 32.03 29.35 -3.60
C LYS A 1318 30.89 30.28 -3.99
N TYR A 1319 31.21 31.38 -4.67
CA TYR A 1319 30.19 32.33 -5.09
C TYR A 1319 29.20 31.65 -6.04
N LEU A 1320 29.71 30.91 -7.01
CA LEU A 1320 28.84 30.23 -7.97
C LEU A 1320 28.03 29.13 -7.27
N LYS A 1321 28.63 28.45 -6.29
CA LYS A 1321 27.92 27.39 -5.58
C LYS A 1321 26.73 27.99 -4.84
N GLN A 1322 26.96 29.12 -4.15
CA GLN A 1322 25.87 29.75 -3.42
C GLN A 1322 24.80 30.24 -4.39
N THR A 1323 25.23 30.78 -5.55
CA THR A 1323 24.26 31.26 -6.52
C THR A 1323 23.39 30.11 -7.03
N SER A 1324 24.01 28.96 -7.29
CA SER A 1324 23.26 27.81 -7.76
C SER A 1324 22.30 27.32 -6.68
N ARG A 1325 22.73 27.34 -5.43
CA ARG A 1325 21.87 26.90 -4.34
C ARG A 1325 20.67 27.81 -4.17
N ILE A 1326 20.88 29.13 -4.35
CA ILE A 1326 19.77 30.07 -4.21
C ILE A 1326 18.84 30.02 -5.42
N ALA A 1327 19.37 29.77 -6.61
CA ALA A 1327 18.56 29.71 -7.82
C ALA A 1327 17.60 28.54 -7.86
N ILE A 1328 17.73 27.56 -6.95
CA ILE A 1328 16.83 26.41 -6.94
C ILE A 1328 15.54 26.69 -6.17
N GLY A 1329 15.38 27.88 -5.62
CA GLY A 1329 14.19 28.23 -4.87
C GLY A 1329 12.90 28.12 -5.66
N PRO A 1330 12.82 28.77 -6.83
CA PRO A 1330 11.59 28.68 -7.62
C PRO A 1330 11.23 27.26 -8.02
N LEU A 1331 12.23 26.43 -8.35
CA LEU A 1331 11.94 25.05 -8.72
C LEU A 1331 11.34 24.29 -7.55
N ARG A 1332 11.87 24.53 -6.34
CA ARG A 1332 11.34 23.85 -5.16
C ARG A 1332 9.94 24.36 -4.84
N LEU A 1333 9.69 25.65 -5.06
CA LEU A 1333 8.36 26.20 -4.78
C LEU A 1333 7.34 25.67 -5.77
N SER A 1334 7.75 25.42 -7.02
CA SER A 1334 6.81 24.91 -8.02
C SER A 1334 6.26 23.54 -7.62
N THR A 1335 7.06 22.75 -6.89
CA THR A 1335 6.63 21.43 -6.46
C THR A 1335 5.65 21.50 -5.31
N LEU A 1336 5.70 22.56 -4.50
CA LEU A 1336 4.79 22.70 -3.36
C LEU A 1336 3.33 22.64 -3.81
N THR A 1337 3.05 23.10 -5.02
CA THR A 1337 1.71 23.10 -5.59
C THR A 1337 1.69 22.20 -6.81
N VAL A 1338 0.50 21.70 -7.15
CA VAL A 1338 0.34 20.82 -8.31
C VAL A 1338 0.34 21.73 -9.53
N SER A 1339 1.52 21.94 -10.11
CA SER A 1339 1.67 22.79 -11.29
C SER A 1339 1.90 22.01 -12.57
N GLN A 1340 2.44 20.79 -12.49
CA GLN A 1340 2.72 19.94 -13.63
C GLN A 1340 3.71 20.56 -14.61
N SER A 1341 4.43 21.60 -14.20
CA SER A 1341 5.41 22.25 -15.06
C SER A 1341 6.41 22.99 -14.19
N LEU A 1342 7.54 23.36 -14.79
CA LEU A 1342 8.59 24.07 -14.09
C LEU A 1342 8.89 25.40 -14.79
N PRO A 1343 9.25 26.43 -14.03
CA PRO A 1343 9.56 27.73 -14.66
C PRO A 1343 10.72 27.59 -15.63
N VAL A 1344 10.66 28.34 -16.72
CA VAL A 1344 11.72 28.29 -17.72
C VAL A 1344 12.87 29.21 -17.35
N LEU A 1345 12.55 30.43 -16.91
CA LEU A 1345 13.60 31.38 -16.53
C LEU A 1345 14.44 30.87 -15.38
N SER A 1346 13.80 30.37 -14.33
CA SER A 1346 14.54 29.85 -13.18
C SER A 1346 15.39 28.64 -13.55
N THR A 1347 14.82 27.72 -14.33
CA THR A 1347 15.57 26.53 -14.73
C THR A 1347 16.79 26.92 -15.56
N LEU A 1348 16.61 27.85 -16.51
CA LEU A 1348 17.74 28.28 -17.32
C LEU A 1348 18.79 28.97 -16.48
N GLN A 1349 18.37 29.79 -15.51
CA GLN A 1349 19.33 30.47 -14.67
C GLN A 1349 20.14 29.46 -13.87
N LEU A 1350 19.48 28.44 -13.33
CA LEU A 1350 20.18 27.41 -12.56
C LEU A 1350 21.18 26.67 -13.45
N TYR A 1351 20.75 26.31 -14.66
CA TYR A 1351 21.65 25.59 -15.56
C TYR A 1351 22.85 26.47 -15.93
N CYS A 1352 22.62 27.76 -16.16
CA CYS A 1352 23.72 28.65 -16.51
C CYS A 1352 24.69 28.76 -15.34
N SER A 1353 24.17 28.83 -14.12
CA SER A 1353 25.04 28.92 -12.96
C SER A 1353 25.88 27.66 -12.83
N SER A 1354 25.27 26.50 -13.07
CA SER A 1354 26.01 25.24 -12.98
C SER A 1354 27.10 25.19 -14.05
N ALA A 1355 26.77 25.66 -15.27
CA ALA A 1355 27.75 25.67 -16.34
C ALA A 1355 28.93 26.56 -16.00
N LEU A 1356 28.65 27.73 -15.40
CA LEU A 1356 29.73 28.63 -15.03
C LEU A 1356 30.59 28.00 -13.93
N GLU A 1357 29.94 27.32 -12.97
CA GLU A 1357 30.68 26.68 -11.89
C GLU A 1357 31.58 25.58 -12.43
N ASN A 1358 31.13 24.90 -13.49
CA ASN A 1358 31.94 23.84 -14.07
C ASN A 1358 33.07 24.40 -14.92
N THR A 1359 32.82 25.51 -15.63
CA THR A 1359 33.86 26.09 -16.47
C THR A 1359 34.93 26.79 -15.64
N VAL A 1360 34.59 27.31 -14.46
CA VAL A 1360 35.61 27.99 -13.66
C VAL A 1360 36.59 26.98 -13.09
N SER A 1361 36.13 25.75 -12.81
CA SER A 1361 37.01 24.72 -12.26
C SER A 1361 37.62 23.82 -13.32
N ASN A 1362 37.08 23.82 -14.55
CA ASN A 1362 37.61 22.98 -15.61
C ASN A 1362 38.30 23.77 -16.71
N ARG A 1363 38.15 25.09 -16.74
CA ARG A 1363 38.77 25.94 -17.77
C ARG A 1363 38.40 25.49 -19.18
N LEU A 1364 37.12 25.11 -19.36
CA LEU A 1364 36.60 24.66 -20.65
C LEU A 1364 37.39 23.47 -21.19
N SER A 1365 37.35 22.37 -20.42
CA SER A 1365 38.06 21.16 -20.78
C SER A 1365 37.17 19.93 -20.82
N THR A 1366 35.90 20.06 -20.44
CA THR A 1366 34.96 18.95 -20.44
C THR A 1366 33.67 19.36 -21.12
N GLU A 1367 32.91 18.36 -21.59
CA GLU A 1367 31.64 18.61 -22.26
C GLU A 1367 30.55 19.07 -21.30
N ASP A 1368 30.78 19.00 -19.99
CA ASP A 1368 29.79 19.41 -19.01
C ASP A 1368 29.73 20.92 -18.83
N CYS A 1369 30.61 21.69 -19.48
CA CYS A 1369 30.63 23.13 -19.37
C CYS A 1369 29.69 23.81 -20.37
N LEU A 1370 29.02 23.05 -21.21
CA LEU A 1370 28.10 23.60 -22.20
C LEU A 1370 26.66 23.52 -21.70
N ILE A 1371 25.81 24.34 -22.30
CA ILE A 1371 24.39 24.39 -21.96
C ILE A 1371 23.70 23.22 -22.65
N PRO A 1372 22.80 22.51 -21.97
CA PRO A 1372 22.10 21.38 -22.59
C PRO A 1372 21.01 21.74 -23.58
N LEU A 1373 20.92 22.99 -24.03
CA LEU A 1373 19.89 23.39 -24.98
C LEU A 1373 20.34 23.02 -26.38
N PHE A 1374 19.79 21.93 -26.93
CA PHE A 1374 20.12 21.45 -28.26
C PHE A 1374 18.93 21.65 -29.20
N SER A 1375 19.12 21.24 -30.45
CA SER A 1375 18.07 21.37 -31.45
C SER A 1375 16.90 20.43 -31.20
N GLU A 1376 17.06 19.44 -30.32
CA GLU A 1376 15.97 18.52 -30.02
C GLU A 1376 14.74 19.22 -29.50
N ALA A 1377 14.89 20.43 -28.96
CA ALA A 1377 13.75 21.18 -28.44
C ALA A 1377 12.84 21.70 -29.54
N LEU A 1378 13.27 21.61 -30.80
CA LEU A 1378 12.43 22.10 -31.89
C LEU A 1378 11.12 21.32 -31.99
N ARG A 1379 11.17 20.01 -31.81
CA ARG A 1379 9.99 19.16 -31.89
C ARG A 1379 9.38 18.85 -30.52
N SER A 1380 9.89 19.43 -29.44
CA SER A 1380 9.35 19.15 -28.11
C SER A 1380 9.18 20.37 -27.24
N CYS A 1381 9.56 21.56 -27.69
CA CYS A 1381 9.42 22.79 -26.90
C CYS A 1381 8.86 23.91 -27.75
N LYS A 1382 7.80 23.62 -28.51
CA LYS A 1382 7.18 24.61 -29.36
C LYS A 1382 6.19 25.50 -28.63
N GLN A 1383 5.96 25.25 -27.34
CA GLN A 1383 5.02 26.05 -26.54
C GLN A 1383 5.71 27.16 -25.77
N HIS A 1384 7.00 27.40 -26.01
CA HIS A 1384 7.76 28.43 -25.32
C HIS A 1384 8.13 29.55 -26.30
N ASP A 1385 8.30 30.75 -25.76
CA ASP A 1385 8.65 31.90 -26.56
C ASP A 1385 10.16 31.89 -26.84
N VAL A 1386 10.67 33.00 -27.41
CA VAL A 1386 12.10 33.09 -27.73
C VAL A 1386 12.95 33.53 -26.55
N ARG A 1387 12.36 34.00 -25.46
CA ARG A 1387 13.15 34.43 -24.32
C ARG A 1387 14.07 33.34 -23.78
N PRO A 1388 13.65 32.07 -23.66
CA PRO A 1388 14.57 31.06 -23.14
C PRO A 1388 15.94 31.02 -23.80
N TRP A 1389 16.02 31.20 -25.11
CA TRP A 1389 17.30 31.16 -25.80
C TRP A 1389 18.15 32.41 -25.62
N MET A 1390 17.56 33.53 -25.19
CA MET A 1390 18.34 34.75 -25.01
C MET A 1390 19.41 34.56 -23.93
N GLN A 1391 19.03 33.97 -22.80
CA GLN A 1391 20.00 33.75 -21.73
C GLN A 1391 21.09 32.78 -22.16
N ALA A 1392 20.70 31.71 -22.86
CA ALA A 1392 21.68 30.73 -23.32
C ALA A 1392 22.69 31.38 -24.26
N LEU A 1393 22.21 32.18 -25.21
CA LEU A 1393 23.12 32.84 -26.14
C LEU A 1393 24.01 33.84 -25.41
N ARG A 1394 23.43 34.58 -24.46
CA ARG A 1394 24.20 35.57 -23.71
C ARG A 1394 25.35 34.90 -22.95
N TYR A 1395 25.09 33.76 -22.32
CA TYR A 1395 26.16 33.09 -21.58
C TYR A 1395 27.06 32.24 -22.46
N THR A 1396 26.65 31.93 -23.69
CA THR A 1396 27.49 31.13 -24.56
C THR A 1396 28.49 32.01 -25.32
N MET A 1397 28.05 33.21 -25.72
CA MET A 1397 28.97 34.10 -26.44
C MET A 1397 30.13 34.49 -25.53
N TYR A 1398 29.88 34.60 -24.23
CA TYR A 1398 30.94 34.97 -23.30
C TYR A 1398 32.03 33.90 -23.31
N GLN A 1399 31.63 32.63 -23.27
CA GLN A 1399 32.61 31.54 -23.28
C GLN A 1399 33.32 31.51 -24.63
N ASN A 1400 32.58 31.78 -25.71
CA ASN A 1400 33.20 31.77 -27.03
C ASN A 1400 34.30 32.83 -27.10
N GLN A 1401 34.04 34.01 -26.56
CA GLN A 1401 35.04 35.07 -26.59
C GLN A 1401 36.19 34.75 -25.64
N LEU A 1402 35.88 34.09 -24.51
CA LEU A 1402 36.91 33.73 -23.54
C LEU A 1402 37.85 32.66 -24.08
N LEU A 1403 37.39 31.87 -25.05
CA LEU A 1403 38.22 30.82 -25.63
C LEU A 1403 39.52 31.35 -26.22
N GLU A 1404 39.55 32.61 -26.65
CA GLU A 1404 40.75 33.19 -27.24
C GLU A 1404 41.86 33.43 -26.22
N LYS A 1405 41.56 33.33 -24.93
CA LYS A 1405 42.56 33.56 -23.89
C LYS A 1405 43.01 32.26 -23.22
N ILE A 1406 42.83 31.13 -23.88
CA ILE A 1406 43.22 29.82 -23.35
C ILE A 1406 44.15 29.17 -24.36
N LYS A 1407 45.32 28.73 -23.89
CA LYS A 1407 46.30 28.08 -24.76
C LYS A 1407 46.17 26.56 -24.77
N GLU A 1408 45.67 25.96 -23.68
CA GLU A 1408 45.52 24.52 -23.63
C GLU A 1408 44.34 24.07 -24.49
N GLN A 1409 44.24 22.77 -24.70
CA GLN A 1409 43.17 22.20 -25.50
C GLN A 1409 41.82 22.44 -24.82
N THR A 1410 40.82 22.82 -25.62
CA THR A 1410 39.48 23.07 -25.09
C THR A 1410 38.43 22.25 -25.83
N VAL A 1411 37.16 22.51 -25.51
CA VAL A 1411 36.05 21.80 -26.14
C VAL A 1411 35.56 22.63 -27.33
N PRO A 1412 34.98 22.02 -28.35
CA PRO A 1412 34.50 22.80 -29.51
C PRO A 1412 33.18 23.49 -29.20
N ILE A 1413 33.23 24.80 -29.02
CA ILE A 1413 32.04 25.59 -28.71
C ILE A 1413 31.45 26.25 -29.96
N ARG A 1414 32.21 26.35 -31.05
CA ARG A 1414 31.68 26.97 -32.27
C ARG A 1414 30.45 26.23 -32.77
N SER A 1415 30.50 24.90 -32.82
CA SER A 1415 29.36 24.14 -33.30
C SER A 1415 28.17 24.32 -32.37
N HIS A 1416 28.41 24.28 -31.06
CA HIS A 1416 27.31 24.46 -30.10
C HIS A 1416 26.70 25.84 -30.24
N LEU A 1417 27.54 26.86 -30.38
CA LEU A 1417 27.03 28.22 -30.53
C LEU A 1417 26.20 28.36 -31.80
N MET A 1418 26.70 27.80 -32.91
CA MET A 1418 25.97 27.88 -34.17
C MET A 1418 24.62 27.18 -34.07
N GLU A 1419 24.60 25.99 -33.46
CA GLU A 1419 23.34 25.26 -33.33
C GLU A 1419 22.35 26.01 -32.45
N LEU A 1420 22.83 26.55 -31.33
CA LEU A 1420 21.95 27.29 -30.43
C LEU A 1420 21.42 28.54 -31.11
N GLY A 1421 22.26 29.22 -31.89
CA GLY A 1421 21.81 30.41 -32.58
C GLY A 1421 20.79 30.10 -33.65
N LEU A 1422 21.01 29.01 -34.39
CA LEU A 1422 20.08 28.63 -35.45
C LEU A 1422 18.72 28.25 -34.87
N THR A 1423 18.71 27.50 -33.76
CA THR A 1423 17.44 27.12 -33.16
C THR A 1423 16.68 28.36 -32.72
N ALA A 1424 17.38 29.30 -32.08
CA ALA A 1424 16.75 30.53 -31.61
C ALA A 1424 16.22 31.33 -32.79
N ALA A 1425 16.96 31.37 -33.90
CA ALA A 1425 16.51 32.11 -35.07
C ALA A 1425 15.23 31.50 -35.61
N LYS A 1426 15.16 30.16 -35.64
CA LYS A 1426 13.95 29.50 -36.13
C LYS A 1426 12.77 29.83 -35.22
N PHE A 1427 13.00 29.81 -33.91
CA PHE A 1427 11.93 30.11 -32.96
C PHE A 1427 11.44 31.54 -33.13
N ALA A 1428 12.37 32.49 -33.34
CA ALA A 1428 11.98 33.88 -33.51
C ALA A 1428 11.22 34.09 -34.80
N ARG A 1429 11.66 33.45 -35.89
CA ARG A 1429 10.97 33.60 -37.17
C ARG A 1429 9.57 33.01 -37.11
N LYS A 1430 9.40 31.90 -36.40
CA LYS A 1430 8.08 31.28 -36.31
C LYS A 1430 7.06 32.21 -35.66
N ARG A 1431 7.52 33.16 -34.85
CA ARG A 1431 6.62 34.10 -34.18
C ARG A 1431 6.58 35.47 -34.84
N GLY A 1432 7.21 35.64 -36.00
CA GLY A 1432 7.20 36.92 -36.68
C GLY A 1432 8.23 37.93 -36.24
N ASN A 1433 9.13 37.58 -35.31
CA ASN A 1433 10.15 38.51 -34.85
C ASN A 1433 11.24 38.60 -35.92
N VAL A 1434 10.95 39.38 -36.95
CA VAL A 1434 11.91 39.55 -38.05
C VAL A 1434 13.13 40.33 -37.60
N SER A 1435 12.94 41.32 -36.73
CA SER A 1435 14.06 42.13 -36.25
C SER A 1435 15.08 41.28 -35.51
N LEU A 1436 14.60 40.39 -34.62
CA LEU A 1436 15.53 39.54 -33.87
C LEU A 1436 16.08 38.43 -34.76
N ALA A 1437 15.26 37.92 -35.69
CA ALA A 1437 15.73 36.86 -36.57
C ALA A 1437 16.87 37.35 -37.45
N THR A 1438 16.77 38.58 -37.95
CA THR A 1438 17.83 39.12 -38.79
C THR A 1438 19.14 39.20 -38.01
N ARG A 1439 19.06 39.65 -36.76
CA ARG A 1439 20.25 39.76 -35.92
C ARG A 1439 20.88 38.39 -35.70
N LEU A 1440 20.04 37.39 -35.40
CA LEU A 1440 20.58 36.04 -35.17
C LEU A 1440 21.23 35.49 -36.43
N LEU A 1441 20.59 35.67 -37.59
CA LEU A 1441 21.17 35.17 -38.83
C LEU A 1441 22.50 35.86 -39.12
N ALA A 1442 22.56 37.17 -38.91
CA ALA A 1442 23.80 37.90 -39.16
C ALA A 1442 24.90 37.43 -38.22
N GLN A 1443 24.55 37.19 -36.95
CA GLN A 1443 25.54 36.72 -35.99
C GLN A 1443 26.05 35.33 -36.36
N CYS A 1444 25.15 34.44 -36.77
CA CYS A 1444 25.55 33.09 -37.13
C CYS A 1444 26.41 33.10 -38.39
N SER A 1445 26.07 33.94 -39.37
CA SER A 1445 26.84 34.01 -40.60
C SER A 1445 28.19 34.70 -40.42
N GLU A 1446 28.41 35.35 -39.29
CA GLU A 1446 29.66 36.06 -39.00
C GLU A 1446 30.00 37.08 -40.08
N THR A 1453 16.45 47.69 -41.85
CA THR A 1453 15.09 48.09 -41.47
C THR A 1453 14.22 48.26 -42.71
N THR A 1454 14.63 47.65 -43.81
CA THR A 1454 13.89 47.72 -45.06
C THR A 1454 13.81 46.32 -45.68
N ALA A 1455 12.78 46.14 -46.52
CA ALA A 1455 12.59 44.85 -47.18
C ALA A 1455 13.76 44.53 -48.10
N GLN A 1456 14.25 45.53 -48.84
CA GLN A 1456 15.35 45.29 -49.75
C GLN A 1456 16.66 45.00 -49.03
N ASP A 1457 16.79 45.44 -47.78
CA ASP A 1457 18.03 45.19 -47.04
C ASP A 1457 18.25 43.70 -46.84
N LEU A 1458 17.19 42.97 -46.47
CA LEU A 1458 17.33 41.53 -46.27
C LEU A 1458 17.64 40.82 -47.58
N VAL A 1459 17.02 41.26 -48.68
CA VAL A 1459 17.26 40.64 -49.98
C VAL A 1459 18.70 40.86 -50.41
N GLN A 1460 19.22 42.07 -50.23
CA GLN A 1460 20.60 42.36 -50.62
C GLN A 1460 21.63 41.91 -49.60
N HIS A 1461 21.21 41.44 -48.42
CA HIS A 1461 22.14 40.99 -47.41
C HIS A 1461 22.20 39.47 -47.25
N PHE A 1462 21.21 38.75 -47.76
CA PHE A 1462 21.19 37.29 -47.65
C PHE A 1462 21.39 36.57 -48.98
N LYS A 1463 20.78 37.06 -50.05
CA LYS A 1463 20.93 36.43 -51.36
C LYS A 1463 22.34 36.60 -51.91
N LYS A 1474 28.65 21.58 -41.79
CA LYS A 1474 27.69 20.72 -41.10
C LYS A 1474 26.33 21.39 -40.99
N TRP A 1475 26.34 22.70 -40.77
CA TRP A 1475 25.12 23.49 -40.63
C TRP A 1475 24.84 24.35 -41.86
N GLY A 1476 25.48 24.05 -42.99
CA GLY A 1476 25.30 24.79 -44.21
C GLY A 1476 23.87 24.75 -44.73
N PRO A 1477 23.39 23.53 -45.04
CA PRO A 1477 22.01 23.42 -45.54
C PRO A 1477 20.97 23.99 -44.59
N GLU A 1478 21.13 23.77 -43.30
CA GLU A 1478 20.16 24.31 -42.34
C GLU A 1478 20.16 25.83 -42.38
N LEU A 1479 21.35 26.44 -42.45
CA LEU A 1479 21.44 27.90 -42.49
C LEU A 1479 20.80 28.44 -43.76
N ASP A 1480 21.05 27.79 -44.90
CA ASP A 1480 20.47 28.25 -46.15
C ASP A 1480 18.95 28.14 -46.12
N ILE A 1481 18.43 27.02 -45.60
CA ILE A 1481 16.99 26.85 -45.53
C ILE A 1481 16.38 27.90 -44.62
N GLU A 1482 17.05 28.19 -43.49
CA GLU A 1482 16.52 29.19 -42.58
C GLU A 1482 16.50 30.57 -43.24
N LYS A 1483 17.55 30.89 -44.00
CA LYS A 1483 17.59 32.18 -44.68
C LYS A 1483 16.45 32.28 -45.68
N THR A 1484 16.19 31.21 -46.43
CA THR A 1484 15.11 31.22 -47.41
C THR A 1484 13.77 31.40 -46.72
N LYS A 1485 13.57 30.70 -45.60
CA LYS A 1485 12.31 30.82 -44.87
C LYS A 1485 12.12 32.23 -44.36
N LEU A 1486 13.19 32.86 -43.86
CA LEU A 1486 13.08 34.22 -43.36
C LEU A 1486 12.73 35.18 -44.49
N LEU A 1487 13.36 35.00 -45.65
CA LEU A 1487 13.07 35.86 -46.79
C LEU A 1487 11.62 35.71 -47.21
N TYR A 1488 11.10 34.48 -47.21
CA TYR A 1488 9.71 34.26 -47.59
C TYR A 1488 8.77 34.90 -46.59
N THR A 1489 9.08 34.78 -45.30
CA THR A 1489 8.24 35.38 -44.26
C THR A 1489 8.25 36.90 -44.37
N ALA A 1490 9.36 37.47 -44.82
CA ALA A 1490 9.46 38.92 -44.95
C ALA A 1490 8.58 39.48 -46.06
N GLY A 1491 8.07 38.64 -46.95
CA GLY A 1491 7.23 39.06 -48.06
C GLY A 1491 7.79 38.74 -49.43
N GLN A 1492 9.11 38.71 -49.57
CA GLN A 1492 9.75 38.41 -50.86
C GLN A 1492 9.68 36.91 -51.11
N SER A 1493 8.53 36.48 -51.66
CA SER A 1493 8.34 35.06 -51.94
C SER A 1493 9.15 34.62 -53.16
N THR A 1494 9.22 35.46 -54.19
CA THR A 1494 9.97 35.09 -55.40
C THR A 1494 11.45 34.89 -55.09
N HIS A 1495 12.05 35.81 -54.33
CA HIS A 1495 13.46 35.70 -54.00
C HIS A 1495 13.72 34.44 -53.16
N ALA A 1496 12.85 34.17 -52.18
CA ALA A 1496 13.03 33.00 -51.34
C ALA A 1496 12.91 31.72 -52.16
N MET A 1497 11.94 31.67 -53.07
CA MET A 1497 11.77 30.48 -53.89
C MET A 1497 12.98 30.27 -54.80
N GLU A 1498 13.49 31.35 -55.40
CA GLU A 1498 14.65 31.21 -56.28
C GLU A 1498 15.87 30.74 -55.48
N MET A 1499 16.07 31.29 -54.29
CA MET A 1499 17.21 30.88 -53.48
C MET A 1499 17.06 29.42 -53.07
N LEU A 1500 15.84 28.99 -52.75
CA LEU A 1500 15.64 27.59 -52.37
C LEU A 1500 15.94 26.68 -53.54
N SER A 1501 15.53 27.08 -54.75
CA SER A 1501 15.81 26.25 -55.91
C SER A 1501 17.31 26.13 -56.12
N SER A 1502 18.04 27.24 -55.99
CA SER A 1502 19.49 27.19 -56.18
C SER A 1502 20.12 26.31 -55.11
N CYS A 1503 19.63 26.42 -53.87
CA CYS A 1503 20.16 25.62 -52.78
C CYS A 1503 19.93 24.14 -53.06
N ALA A 1504 18.76 23.79 -53.59
CA ALA A 1504 18.47 22.41 -53.90
C ALA A 1504 19.41 21.91 -55.00
N ILE A 1505 19.68 22.77 -56.00
CA ILE A 1505 20.58 22.38 -57.07
C ILE A 1505 21.96 22.06 -56.52
N SER A 1506 22.44 22.91 -55.61
CA SER A 1506 23.76 22.67 -55.02
C SER A 1506 23.77 21.48 -54.06
N PHE A 1507 22.64 21.21 -53.40
CA PHE A 1507 22.58 20.09 -52.46
C PHE A 1507 22.46 18.74 -53.16
N CYS A 1508 21.86 18.71 -54.35
CA CYS A 1508 21.71 17.46 -55.07
C CYS A 1508 23.04 16.84 -55.45
N LYS A 1509 24.13 17.60 -55.43
CA LYS A 1509 25.45 17.11 -55.78
C LYS A 1509 26.36 17.11 -54.55
N SER A 1510 25.77 16.92 -53.37
CA SER A 1510 26.50 16.89 -52.12
C SER A 1510 26.90 15.46 -51.78
N VAL A 1511 27.42 15.27 -50.57
CA VAL A 1511 27.85 13.93 -50.14
C VAL A 1511 26.66 13.15 -49.57
N LYS A 1512 26.08 13.65 -48.48
CA LYS A 1512 24.95 12.97 -47.88
C LYS A 1512 23.64 13.31 -48.59
N ALA A 1513 23.23 14.58 -48.53
CA ALA A 1513 22.00 15.05 -49.16
C ALA A 1513 20.81 14.16 -48.83
N GLU A 1514 20.65 13.88 -47.53
CA GLU A 1514 19.55 13.03 -47.05
C GLU A 1514 18.39 13.84 -46.50
N TYR A 1515 18.64 14.68 -45.49
CA TYR A 1515 17.61 15.49 -44.88
C TYR A 1515 17.59 16.92 -45.42
N ALA A 1516 18.41 17.23 -46.42
CA ALA A 1516 18.46 18.56 -47.00
C ALA A 1516 17.74 18.66 -48.33
N VAL A 1517 18.05 17.75 -49.26
CA VAL A 1517 17.40 17.78 -50.58
C VAL A 1517 15.90 17.56 -50.44
N ALA A 1518 15.50 16.57 -49.65
CA ALA A 1518 14.09 16.28 -49.47
C ALA A 1518 13.36 17.47 -48.83
N LYS A 1519 13.96 18.06 -47.78
CA LYS A 1519 13.32 19.19 -47.14
C LYS A 1519 13.19 20.39 -48.06
N SER A 1520 14.25 20.70 -48.82
CA SER A 1520 14.19 21.83 -49.74
C SER A 1520 13.16 21.59 -50.83
N ILE A 1521 13.11 20.39 -51.40
CA ILE A 1521 12.14 20.11 -52.45
C ILE A 1521 10.71 20.18 -51.90
N LEU A 1522 10.48 19.62 -50.70
CA LEU A 1522 9.14 19.66 -50.13
C LEU A 1522 8.70 21.11 -49.86
N THR A 1523 9.60 21.91 -49.29
CA THR A 1523 9.25 23.30 -49.00
C THR A 1523 8.97 24.06 -50.29
N LEU A 1524 9.79 23.84 -51.32
CA LEU A 1524 9.58 24.53 -52.59
C LEU A 1524 8.25 24.13 -53.20
N ALA A 1525 7.92 22.84 -53.16
CA ALA A 1525 6.65 22.38 -53.72
C ALA A 1525 5.48 22.98 -52.96
N LYS A 1526 5.57 23.04 -51.62
CA LYS A 1526 4.48 23.61 -50.84
C LYS A 1526 4.30 25.08 -51.17
N TRP A 1527 5.41 25.82 -51.29
CA TRP A 1527 5.31 27.24 -51.62
C TRP A 1527 4.72 27.43 -53.01
N ILE A 1528 5.10 26.58 -53.97
CA ILE A 1528 4.57 26.68 -55.31
C ILE A 1528 3.07 26.41 -55.29
N GLN A 1529 2.64 25.43 -54.49
CA GLN A 1529 1.23 25.10 -54.39
C GLN A 1529 0.44 26.27 -53.82
N ALA A 1530 1.03 26.96 -52.83
CA ALA A 1530 0.32 28.10 -52.24
C ALA A 1530 0.04 29.17 -53.28
N GLU A 1531 1.07 29.57 -54.02
CA GLU A 1531 0.93 30.59 -55.06
C GLU A 1531 0.77 29.95 -56.44
N TRP A 1532 -0.27 29.12 -56.57
CA TRP A 1532 -0.52 28.45 -57.85
C TRP A 1532 -1.04 29.41 -58.91
N LYS A 1533 -1.90 30.36 -58.52
CA LYS A 1533 -2.43 31.31 -59.48
C LYS A 1533 -1.34 32.23 -60.04
N GLU A 1534 -0.41 32.68 -59.21
CA GLU A 1534 0.66 33.55 -59.67
C GLU A 1534 1.84 32.81 -60.29
N ILE A 1535 1.86 31.48 -60.24
CA ILE A 1535 2.95 30.70 -60.81
C ILE A 1535 2.46 29.69 -61.85
N SER A 1536 1.25 29.86 -62.36
CA SER A 1536 0.72 28.92 -63.35
C SER A 1536 1.40 29.06 -64.70
N GLY A 1537 1.85 30.27 -65.06
CA GLY A 1537 2.50 30.47 -66.34
C GLY A 1537 3.91 29.92 -66.42
N GLN A 1538 4.65 30.02 -65.31
CA GLN A 1538 6.02 29.51 -65.30
C GLN A 1538 6.05 28.01 -65.51
N LEU A 1539 5.14 27.27 -64.87
CA LEU A 1539 5.10 25.83 -65.03
C LEU A 1539 4.79 25.46 -66.48
N LYS A 1540 3.84 26.16 -67.09
CA LYS A 1540 3.49 25.87 -68.48
C LYS A 1540 4.69 26.15 -69.38
N GLN A 1541 5.41 27.25 -69.11
CA GLN A 1541 6.57 27.59 -69.93
C GLN A 1541 7.64 26.50 -69.78
N VAL A 1542 7.83 26.00 -68.56
CA VAL A 1542 8.83 24.97 -68.33
C VAL A 1542 8.45 23.71 -69.11
N TYR A 1543 7.17 23.34 -69.05
CA TYR A 1543 6.73 22.15 -69.76
C TYR A 1543 6.91 22.32 -71.26
N ARG A 1544 6.59 23.51 -71.78
CA ARG A 1544 6.74 23.75 -73.22
C ARG A 1544 8.22 23.67 -73.60
N ALA A 1545 9.10 24.21 -72.77
CA ALA A 1545 10.53 24.18 -73.07
C ALA A 1545 11.07 22.76 -73.00
N GLN A 1546 10.50 21.91 -72.14
CA GLN A 1546 10.96 20.53 -72.02
C GLN A 1546 10.71 19.73 -73.29
N HIS A 1547 9.79 20.20 -74.16
CA HIS A 1547 9.46 19.53 -75.41
C HIS A 1547 9.57 20.56 -76.52
N GLN A 1548 10.77 20.71 -77.07
CA GLN A 1548 11.02 21.66 -78.14
C GLN A 1548 12.27 21.30 -78.93
N LEU A 1554 12.52 32.59 -70.72
CA LEU A 1554 12.15 31.94 -69.47
C LEU A 1554 12.71 32.69 -68.26
N SER A 1555 11.94 32.74 -67.18
CA SER A 1555 12.38 33.43 -65.98
C SER A 1555 13.44 32.62 -65.26
N THR A 1556 14.06 33.23 -64.26
CA THR A 1556 15.09 32.56 -63.48
C THR A 1556 14.54 31.31 -62.80
N LEU A 1557 13.37 31.44 -62.18
CA LEU A 1557 12.77 30.29 -61.51
C LEU A 1557 12.41 29.20 -62.51
N SER A 1558 11.91 29.58 -63.69
CA SER A 1558 11.54 28.59 -64.70
C SER A 1558 12.74 27.76 -65.12
N LYS A 1559 13.83 28.42 -65.50
CA LYS A 1559 15.02 27.69 -65.91
C LYS A 1559 15.63 26.90 -64.75
N ASN A 1560 15.57 27.43 -63.53
CA ASN A 1560 16.13 26.72 -62.40
C ASN A 1560 15.36 25.42 -62.16
N ILE A 1561 14.02 25.49 -62.22
CA ILE A 1561 13.21 24.29 -62.01
C ILE A 1561 13.43 23.32 -63.15
N LEU A 1562 13.58 23.84 -64.38
CA LEU A 1562 13.80 22.96 -65.52
C LEU A 1562 15.10 22.20 -65.35
N THR A 1563 16.15 22.88 -64.88
CA THR A 1563 17.43 22.21 -64.66
C THR A 1563 17.33 21.21 -63.53
N LEU A 1564 16.55 21.55 -62.50
CA LEU A 1564 16.39 20.65 -61.36
C LEU A 1564 15.69 19.36 -61.77
N ILE A 1565 14.63 19.46 -62.58
CA ILE A 1565 13.89 18.29 -63.04
C ILE A 1565 14.69 17.38 -63.95
N GLU A 1566 15.48 17.95 -64.86
CA GLU A 1566 16.30 17.18 -65.79
C GLU A 1566 17.56 16.61 -65.15
N LEU A 1567 17.64 16.60 -63.82
CA LEU A 1567 18.82 16.06 -63.16
C LEU A 1567 18.93 14.56 -63.41
N PRO A 1568 20.10 14.07 -63.79
CA PRO A 1568 20.24 12.63 -64.04
C PRO A 1568 20.47 11.84 -62.77
N SER A 1569 19.79 10.70 -62.64
CA SER A 1569 19.91 9.86 -61.46
C SER A 1569 21.19 9.03 -61.51
N ILE A 1580 9.96 7.13 -64.82
CA ILE A 1580 8.81 6.29 -64.46
C ILE A 1580 7.51 6.91 -64.95
N GLU A 1581 7.49 8.24 -65.05
CA GLU A 1581 6.32 8.98 -65.50
C GLU A 1581 6.53 9.44 -66.94
N SER A 1582 5.59 9.13 -67.82
CA SER A 1582 5.65 9.50 -69.21
C SER A 1582 4.61 10.56 -69.53
N GLU A 1583 4.94 11.43 -70.49
CA GLU A 1583 4.02 12.50 -70.87
C GLU A 1583 2.80 11.95 -71.59
N SER A 1584 2.93 10.80 -72.24
CA SER A 1584 1.80 10.21 -72.96
C SER A 1584 0.69 9.81 -72.00
N THR A 1585 1.05 9.24 -70.84
CA THR A 1585 0.04 8.83 -69.87
C THR A 1585 -0.68 10.03 -69.25
N VAL A 1586 0.06 11.10 -68.95
CA VAL A 1586 -0.53 12.29 -68.35
C VAL A 1586 -1.06 13.21 -69.43
N HIS A 1587 -1.07 12.74 -70.68
CA HIS A 1587 -1.57 13.56 -71.78
C HIS A 1587 -3.10 13.60 -71.83
N ILE A 1588 -3.78 12.81 -71.01
CA ILE A 1588 -5.24 12.78 -70.99
C ILE A 1588 -5.71 12.90 -69.54
N GLY A 1589 -6.46 13.97 -69.26
CA GLY A 1589 -6.98 14.22 -67.94
C GLY A 1589 -6.03 14.85 -66.95
N VAL A 1590 -4.77 15.07 -67.30
CA VAL A 1590 -3.79 15.67 -66.41
C VAL A 1590 -3.36 17.00 -66.99
N GLY A 1591 -3.41 18.05 -66.18
CA GLY A 1591 -3.02 19.37 -66.63
C GLY A 1591 -1.52 19.51 -66.77
N GLU A 1592 -1.13 20.46 -67.62
CA GLU A 1592 0.29 20.72 -67.86
C GLU A 1592 1.04 21.21 -66.61
N PRO A 1593 0.56 22.21 -65.86
CA PRO A 1593 1.32 22.64 -64.67
C PRO A 1593 1.30 21.64 -63.53
N ASP A 1594 0.30 20.75 -63.46
CA ASP A 1594 0.26 19.78 -62.38
C ASP A 1594 1.31 18.69 -62.55
N PHE A 1595 1.80 18.48 -63.77
CA PHE A 1595 2.81 17.46 -64.00
C PHE A 1595 4.14 17.82 -63.34
N ILE A 1596 4.40 19.12 -63.20
CA ILE A 1596 5.65 19.57 -62.57
C ILE A 1596 5.69 19.13 -61.12
N LEU A 1597 4.55 19.20 -60.43
CA LEU A 1597 4.52 18.78 -59.03
C LEU A 1597 4.84 17.30 -58.92
N GLY A 1598 4.28 16.49 -59.82
CA GLY A 1598 4.55 15.06 -59.78
C GLY A 1598 6.02 14.78 -60.04
N GLN A 1599 6.60 15.50 -60.99
CA GLN A 1599 8.01 15.31 -61.29
C GLN A 1599 8.87 15.68 -60.09
N LEU A 1600 8.51 16.77 -59.41
CA LEU A 1600 9.27 17.20 -58.24
C LEU A 1600 9.20 16.14 -57.14
N TYR A 1601 8.00 15.61 -56.90
CA TYR A 1601 7.83 14.60 -55.86
C TYR A 1601 8.62 13.33 -56.22
N HIS A 1602 8.57 12.92 -57.48
CA HIS A 1602 9.30 11.73 -57.90
C HIS A 1602 10.80 11.93 -57.72
N LEU A 1603 11.31 13.11 -58.10
CA LEU A 1603 12.73 13.37 -57.95
C LEU A 1603 13.13 13.37 -56.49
N SER A 1604 12.30 13.97 -55.63
CA SER A 1604 12.63 13.99 -54.20
C SER A 1604 12.66 12.58 -53.64
N SER A 1605 11.70 11.73 -54.05
CA SER A 1605 11.66 10.36 -53.56
C SER A 1605 12.87 9.57 -54.02
N VAL A 1606 13.27 9.71 -55.28
CA VAL A 1606 14.44 8.97 -55.75
C VAL A 1606 15.72 9.51 -55.15
N GLN A 1607 15.79 10.81 -54.85
CA GLN A 1607 17.00 11.37 -54.27
C GLN A 1607 17.14 11.03 -52.80
N ALA A 1608 16.04 10.93 -52.06
CA ALA A 1608 16.06 10.61 -50.64
C ALA A 1608 15.10 9.45 -50.39
N PRO A 1609 15.53 8.22 -50.69
CA PRO A 1609 14.65 7.05 -50.47
C PRO A 1609 14.53 6.65 -49.01
N GLU A 1610 15.26 7.27 -48.10
CA GLU A 1610 15.21 6.93 -46.69
C GLU A 1610 14.17 7.74 -45.92
N VAL A 1611 13.50 8.69 -46.56
CA VAL A 1611 12.49 9.51 -45.90
C VAL A 1611 11.11 9.02 -46.33
N ALA A 1612 10.14 9.11 -45.41
CA ALA A 1612 8.79 8.67 -45.69
C ALA A 1612 7.87 9.79 -46.19
N LYS A 1613 8.24 11.05 -45.93
CA LYS A 1613 7.40 12.16 -46.38
C LYS A 1613 7.32 12.22 -47.90
N SER A 1614 8.45 12.02 -48.59
CA SER A 1614 8.45 12.06 -50.06
C SER A 1614 7.57 10.96 -50.63
N TRP A 1615 7.67 9.74 -50.11
CA TRP A 1615 6.86 8.64 -50.61
C TRP A 1615 5.38 8.91 -50.40
N ALA A 1616 5.00 9.41 -49.23
CA ALA A 1616 3.61 9.69 -48.95
C ALA A 1616 3.08 10.78 -49.87
N ALA A 1617 3.86 11.85 -50.08
CA ALA A 1617 3.42 12.93 -50.95
C ALA A 1617 3.24 12.44 -52.37
N LEU A 1618 4.20 11.65 -52.87
CA LEU A 1618 4.10 11.14 -54.23
C LEU A 1618 2.90 10.22 -54.36
N ALA A 1619 2.65 9.36 -53.36
CA ALA A 1619 1.52 8.46 -53.41
C ALA A 1619 0.21 9.22 -53.42
N SER A 1620 0.10 10.25 -52.58
CA SER A 1620 -1.14 11.03 -52.53
C SER A 1620 -1.40 11.73 -53.86
N TRP A 1621 -0.36 12.35 -54.43
CA TRP A 1621 -0.52 13.04 -55.71
C TRP A 1621 -0.92 12.07 -56.82
N ALA A 1622 -0.22 10.93 -56.89
CA ALA A 1622 -0.52 9.94 -57.91
C ALA A 1622 -1.93 9.39 -57.76
N TYR A 1623 -2.35 9.10 -56.52
CA TYR A 1623 -3.68 8.57 -56.29
C TYR A 1623 -4.76 9.57 -56.68
N ARG A 1624 -4.58 10.84 -56.29
CA ARG A 1624 -5.56 11.86 -56.62
C ARG A 1624 -5.70 12.01 -58.13
N TRP A 1625 -4.57 12.16 -58.84
CA TRP A 1625 -4.67 12.32 -60.29
C TRP A 1625 -5.20 11.05 -60.96
N GLY A 1626 -4.83 9.87 -60.45
CA GLY A 1626 -5.32 8.65 -61.05
C GLY A 1626 -6.82 8.52 -60.91
N ARG A 1627 -7.34 8.86 -59.72
CA ARG A 1627 -8.77 8.78 -59.50
C ARG A 1627 -9.49 9.78 -60.39
N LYS A 1628 -8.93 10.99 -60.53
CA LYS A 1628 -9.56 12.00 -61.37
C LYS A 1628 -9.60 11.56 -62.83
N VAL A 1629 -8.49 11.03 -63.36
CA VAL A 1629 -8.49 10.61 -64.76
C VAL A 1629 -9.40 9.41 -64.97
N VAL A 1630 -9.44 8.48 -63.99
CA VAL A 1630 -10.31 7.31 -64.15
C VAL A 1630 -11.77 7.74 -64.16
N ASP A 1631 -12.14 8.65 -63.25
CA ASP A 1631 -13.53 9.11 -63.20
C ASP A 1631 -13.89 9.88 -64.46
N ASN A 1632 -12.98 10.71 -64.98
CA ASN A 1632 -13.24 11.47 -66.18
C ASN A 1632 -13.15 10.64 -67.46
N ALA A 1633 -12.63 9.42 -67.38
CA ALA A 1633 -12.48 8.54 -68.54
C ALA A 1633 -13.58 7.49 -68.60
N SER A 1634 -14.79 7.83 -68.14
CA SER A 1634 -15.90 6.89 -68.15
C SER A 1634 -17.24 7.63 -68.27
N UNK A 1646 -0.22 6.63 -81.49
CA UNK A 1646 -0.12 6.31 -82.91
C UNK A 1646 0.17 4.83 -83.12
N UNK A 1647 0.85 4.22 -82.14
CA UNK A 1647 1.18 2.80 -82.24
C UNK A 1647 -0.06 1.93 -82.22
N UNK A 1648 -1.04 2.27 -81.39
CA UNK A 1648 -2.26 1.47 -81.32
C UNK A 1648 -2.99 1.47 -82.67
N UNK A 1649 -3.09 2.64 -83.31
CA UNK A 1649 -3.78 2.71 -84.60
C UNK A 1649 -3.06 1.87 -85.64
N UNK A 1650 -1.73 1.96 -85.68
CA UNK A 1650 -0.96 1.17 -86.65
C UNK A 1650 -1.14 -0.31 -86.40
N UNK A 1651 -1.09 -0.74 -85.13
CA UNK A 1651 -1.25 -2.15 -84.82
C UNK A 1651 -2.64 -2.64 -85.23
N UNK A 1652 -3.67 -1.83 -84.95
CA UNK A 1652 -5.04 -2.23 -85.31
C UNK A 1652 -5.19 -2.32 -86.81
N UNK A 1653 -4.61 -1.37 -87.55
CA UNK A 1653 -4.72 -1.40 -89.00
C UNK A 1653 -3.98 -2.61 -89.58
N UNK A 1654 -2.80 -2.93 -89.05
CA UNK A 1654 -2.05 -4.06 -89.55
C UNK A 1654 -2.74 -5.38 -89.22
N UNK A 1655 -3.34 -5.48 -88.03
CA UNK A 1655 -4.03 -6.71 -87.65
C UNK A 1655 -5.36 -6.88 -88.37
N UNK A 1656 -5.91 -5.81 -88.96
CA UNK A 1656 -7.17 -5.85 -89.67
C UNK A 1656 -6.97 -5.72 -91.17
N UNK A 1657 -5.88 -6.27 -91.69
CA UNK A 1657 -5.58 -6.22 -93.12
C UNK A 1657 -6.50 -7.14 -93.91
N UNK A 1663 -12.98 3.61 -94.53
CA UNK A 1663 -12.52 4.54 -93.50
C UNK A 1663 -13.45 4.51 -92.29
N UNK A 1664 -14.73 4.31 -92.55
CA UNK A 1664 -15.71 4.26 -91.46
C UNK A 1664 -15.48 3.09 -90.53
N UNK A 1665 -15.10 1.93 -91.08
CA UNK A 1665 -14.85 0.76 -90.24
C UNK A 1665 -13.70 1.00 -89.28
N UNK A 1666 -12.61 1.60 -89.77
CA UNK A 1666 -11.47 1.87 -88.90
C UNK A 1666 -11.85 2.82 -87.78
N UNK A 1667 -12.59 3.89 -88.11
CA UNK A 1667 -12.99 4.86 -87.09
C UNK A 1667 -13.89 4.19 -86.06
N UNK A 1668 -14.85 3.37 -86.52
CA UNK A 1668 -15.75 2.70 -85.59
C UNK A 1668 -14.98 1.76 -84.67
N UNK A 1669 -14.03 1.01 -85.22
CA UNK A 1669 -13.25 0.08 -84.42
C UNK A 1669 -12.42 0.83 -83.39
N UNK A 1670 -11.80 1.95 -83.80
CA UNK A 1670 -10.98 2.72 -82.88
C UNK A 1670 -11.84 3.31 -81.77
N UNK A 1671 -13.03 3.80 -82.10
CA UNK A 1671 -13.91 4.38 -81.08
C UNK A 1671 -14.41 3.32 -80.12
N UNK A 1672 -14.74 2.13 -80.63
CA UNK A 1672 -15.22 1.05 -79.76
C UNK A 1672 -14.11 0.48 -78.89
N UNK A 1673 -12.86 0.53 -79.37
CA UNK A 1673 -11.75 0.00 -78.58
C UNK A 1673 -11.53 0.80 -77.30
N UNK A 1674 -11.92 2.07 -77.28
CA UNK A 1674 -11.78 2.93 -76.11
C UNK A 1674 -13.07 3.71 -75.87
N UNK A 1675 -14.20 3.01 -75.93
CA UNK A 1675 -15.49 3.65 -75.72
C UNK A 1675 -15.71 3.96 -74.24
N UNK A 1676 -15.71 2.93 -73.39
CA UNK A 1676 -15.92 3.10 -71.97
C UNK A 1676 -14.95 2.24 -71.14
N UNK A 1677 -13.75 2.01 -71.66
CA UNK A 1677 -12.76 1.19 -70.97
C UNK A 1677 -12.26 1.90 -69.71
N UNK A 1703 -16.84 -9.45 -67.43
CA UNK A 1703 -17.90 -9.27 -68.41
C UNK A 1703 -17.52 -8.20 -69.43
N UNK A 1704 -16.42 -7.48 -69.15
CA UNK A 1704 -15.96 -6.44 -70.05
C UNK A 1704 -15.50 -7.02 -71.39
N UNK A 1705 -14.80 -8.16 -71.36
CA UNK A 1705 -14.33 -8.77 -72.60
C UNK A 1705 -15.49 -9.19 -73.49
N UNK A 1706 -16.52 -9.79 -72.90
CA UNK A 1706 -17.68 -10.22 -73.68
C UNK A 1706 -18.39 -9.02 -74.30
N UNK A 1707 -18.58 -7.95 -73.52
CA UNK A 1707 -19.24 -6.77 -74.04
C UNK A 1707 -18.44 -6.14 -75.17
N UNK A 1708 -17.11 -6.05 -75.00
CA UNK A 1708 -16.28 -5.48 -76.04
C UNK A 1708 -16.33 -6.31 -77.31
N UNK A 1709 -16.27 -7.64 -77.16
CA UNK A 1709 -16.32 -8.51 -78.34
C UNK A 1709 -17.67 -8.37 -79.05
N UNK A 1710 -18.76 -8.33 -78.29
CA UNK A 1710 -20.08 -8.19 -78.90
C UNK A 1710 -20.20 -6.87 -79.63
N UNK A 1711 -19.72 -5.78 -79.02
CA UNK A 1711 -19.80 -4.47 -79.65
C UNK A 1711 -18.97 -4.44 -80.93
N UNK A 1712 -17.76 -5.01 -80.88
CA UNK A 1712 -16.92 -5.02 -82.07
C UNK A 1712 -17.55 -5.84 -83.19
N UNK A 1713 -18.15 -6.98 -82.85
CA UNK A 1713 -18.78 -7.82 -83.86
C UNK A 1713 -20.00 -7.13 -84.46
N UNK A 1714 -20.77 -6.42 -83.63
CA UNK A 1714 -21.96 -5.74 -84.13
C UNK A 1714 -21.61 -4.48 -84.93
N UNK A 1715 -20.45 -3.89 -84.67
CA UNK A 1715 -20.04 -2.69 -85.39
C UNK A 1715 -19.32 -3.02 -86.70
N UNK A 1716 -18.22 -3.78 -86.62
CA UNK A 1716 -17.49 -4.14 -87.82
C UNK A 1716 -18.31 -5.03 -88.73
N UNK A 1717 -19.02 -6.01 -88.16
CA UNK A 1717 -19.84 -6.92 -88.95
C UNK A 1717 -21.30 -6.79 -88.57
N GLU A 1723 -8.19 -12.92 -83.45
CA GLU A 1723 -8.72 -11.61 -83.07
C GLU A 1723 -7.73 -10.85 -82.21
N GLY A 1724 -7.07 -9.86 -82.82
CA GLY A 1724 -6.09 -9.04 -82.13
C GLY A 1724 -6.66 -7.87 -81.36
N VAL A 1725 -7.98 -7.70 -81.33
CA VAL A 1725 -8.57 -6.60 -80.59
C VAL A 1725 -8.37 -6.78 -79.09
N ILE A 1726 -8.33 -8.02 -78.61
CA ILE A 1726 -8.14 -8.26 -77.18
C ILE A 1726 -6.79 -7.73 -76.73
N LYS A 1727 -5.74 -8.00 -77.51
CA LYS A 1727 -4.40 -7.51 -77.14
C LYS A 1727 -4.36 -5.99 -77.13
N VAL A 1728 -4.96 -5.35 -78.13
CA VAL A 1728 -4.97 -3.90 -78.20
C VAL A 1728 -5.71 -3.32 -76.99
N TRP A 1729 -6.86 -3.90 -76.64
CA TRP A 1729 -7.61 -3.40 -75.51
C TRP A 1729 -6.83 -3.58 -74.21
N ARG A 1730 -6.17 -4.74 -74.05
CA ARG A 1730 -5.40 -4.98 -72.84
C ARG A 1730 -4.21 -4.04 -72.74
N LYS A 1731 -3.62 -3.67 -73.87
CA LYS A 1731 -2.47 -2.77 -73.85
C LYS A 1731 -2.91 -1.32 -73.62
N VAL A 1732 -4.08 -0.94 -74.13
CA VAL A 1732 -4.54 0.43 -73.94
C VAL A 1732 -5.15 0.64 -72.56
N VAL A 1733 -5.70 -0.42 -71.94
CA VAL A 1733 -6.28 -0.24 -70.62
C VAL A 1733 -5.20 -0.02 -69.57
N ASP A 1734 -4.02 -0.62 -69.74
CA ASP A 1734 -2.96 -0.45 -68.77
C ASP A 1734 -2.39 0.96 -68.78
N ARG A 1735 -2.32 1.59 -69.97
CA ARG A 1735 -1.80 2.95 -70.06
C ARG A 1735 -2.70 3.95 -69.36
N ILE A 1736 -4.01 3.77 -69.45
CA ILE A 1736 -4.98 4.67 -68.82
C ILE A 1736 -5.22 4.23 -67.39
N PHE A 1737 -4.49 3.20 -66.95
CA PHE A 1737 -4.63 2.67 -65.60
C PHE A 1737 -3.24 2.42 -65.03
N SER A 1738 -2.34 3.39 -65.19
CA SER A 1738 -0.97 3.27 -64.69
C SER A 1738 -0.69 4.12 -63.46
N LEU A 1739 -1.46 5.19 -63.23
CA LEU A 1739 -1.21 6.01 -62.06
C LEU A 1739 -1.47 5.23 -60.77
N TYR A 1740 -2.48 4.36 -60.79
CA TYR A 1740 -2.77 3.56 -59.60
C TYR A 1740 -1.61 2.64 -59.26
N LYS A 1741 -0.91 2.13 -60.27
CA LYS A 1741 0.22 1.25 -60.00
C LYS A 1741 1.30 2.01 -59.24
N LEU A 1742 1.61 3.23 -59.69
CA LEU A 1742 2.62 4.04 -59.03
C LEU A 1742 2.18 4.39 -57.61
N SER A 1743 0.90 4.71 -57.44
CA SER A 1743 0.39 5.05 -56.12
C SER A 1743 0.52 3.86 -55.17
N CYS A 1744 0.16 2.66 -55.65
CA CYS A 1744 0.25 1.47 -54.83
C CYS A 1744 1.69 1.17 -54.46
N SER A 1745 2.61 1.29 -55.42
CA SER A 1745 4.02 1.03 -55.13
C SER A 1745 4.55 2.02 -54.09
N ALA A 1746 4.22 3.30 -54.26
CA ALA A 1746 4.69 4.30 -53.32
C ALA A 1746 4.11 4.05 -51.93
N TYR A 1747 2.83 3.69 -51.87
CA TYR A 1747 2.20 3.42 -50.57
C TYR A 1747 2.85 2.22 -49.89
N PHE A 1748 3.13 1.16 -50.66
CA PHE A 1748 3.76 -0.02 -50.08
C PHE A 1748 5.15 0.33 -49.56
N THR A 1749 5.91 1.11 -50.33
CA THR A 1749 7.25 1.49 -49.90
C THR A 1749 7.18 2.35 -48.64
N PHE A 1750 6.21 3.26 -48.59
CA PHE A 1750 6.06 4.12 -47.41
C PHE A 1750 5.71 3.29 -46.18
N LEU A 1751 4.84 2.29 -46.34
CA LEU A 1751 4.46 1.45 -45.22
C LEU A 1751 5.61 0.56 -44.77
N LYS A 1752 6.46 0.13 -45.71
CA LYS A 1752 7.59 -0.72 -45.35
C LYS A 1752 8.56 0.00 -44.43
N LEU A 1753 8.62 1.32 -44.50
CA LEU A 1753 9.51 2.13 -43.67
C LEU A 1753 8.92 2.44 -42.30
N ASN A 1754 7.69 1.99 -42.02
CA ASN A 1754 7.03 2.23 -40.75
C ASN A 1754 6.89 0.96 -39.92
N ALA A 1755 7.65 -0.08 -40.26
CA ALA A 1755 7.58 -1.35 -39.53
C ALA A 1755 8.17 -1.21 -38.14
N GLN A 1775 8.14 7.17 -37.35
CA GLN A 1775 8.65 8.10 -38.35
C GLN A 1775 7.54 8.91 -38.98
N SER A 1776 6.29 8.51 -38.70
CA SER A 1776 5.13 9.20 -39.23
C SER A 1776 3.96 9.05 -38.27
N THR A 1777 3.00 9.96 -38.39
CA THR A 1777 1.83 9.92 -37.52
C THR A 1777 0.91 8.78 -37.91
N ASP A 1778 0.14 8.30 -36.94
CA ASP A 1778 -0.79 7.20 -37.19
C ASP A 1778 -1.86 7.61 -38.20
N ASP A 1779 -2.32 8.86 -38.13
CA ASP A 1779 -3.34 9.33 -39.06
C ASP A 1779 -2.82 9.33 -40.49
N MET A 1780 -1.51 9.48 -40.66
CA MET A 1780 -0.90 9.49 -41.99
C MET A 1780 -0.77 8.08 -42.56
N ILE A 1781 -0.88 7.06 -41.71
CA ILE A 1781 -0.78 5.67 -42.12
C ILE A 1781 -2.15 5.05 -42.32
N VAL A 1782 -3.11 5.43 -41.46
CA VAL A 1782 -4.47 4.90 -41.59
C VAL A 1782 -5.06 5.28 -42.93
N MET A 1783 -4.81 6.51 -43.38
CA MET A 1783 -5.32 6.97 -44.66
C MET A 1783 -4.75 6.13 -45.79
N ALA A 1784 -3.44 5.82 -45.72
CA ALA A 1784 -2.80 5.01 -46.75
C ALA A 1784 -3.40 3.61 -46.78
N THR A 1785 -3.58 3.01 -45.60
CA THR A 1785 -4.16 1.66 -45.54
C THR A 1785 -5.56 1.65 -46.11
N LEU A 1786 -6.36 2.67 -45.78
CA LEU A 1786 -7.72 2.74 -46.28
C LEU A 1786 -7.73 2.89 -47.80
N ARG A 1787 -6.82 3.71 -48.33
CA ARG A 1787 -6.77 3.89 -49.78
C ARG A 1787 -6.39 2.59 -50.46
N LEU A 1788 -5.42 1.86 -49.89
CA LEU A 1788 -5.00 0.59 -50.47
C LEU A 1788 -6.16 -0.40 -50.46
N LEU A 1789 -6.89 -0.45 -49.35
CA LEU A 1789 -8.02 -1.37 -49.27
C LEU A 1789 -9.08 -1.01 -50.29
N ARG A 1790 -9.36 0.29 -50.45
CA ARG A 1790 -10.35 0.72 -51.41
C ARG A 1790 -9.93 0.33 -52.82
N LEU A 1791 -8.63 0.49 -53.12
CA LEU A 1791 -8.15 0.13 -54.45
C LEU A 1791 -8.29 -1.36 -54.69
N LEU A 1792 -7.95 -2.18 -53.68
CA LEU A 1792 -8.05 -3.62 -53.82
C LEU A 1792 -9.50 -4.10 -53.89
N VAL A 1793 -10.45 -3.32 -53.37
CA VAL A 1793 -11.85 -3.71 -53.40
C VAL A 1793 -12.54 -3.26 -54.69
N LYS A 1794 -12.44 -1.98 -55.02
CA LYS A 1794 -13.08 -1.46 -56.23
C LYS A 1794 -12.49 -2.09 -57.49
N HIS A 1795 -11.22 -1.85 -57.76
CA HIS A 1795 -10.53 -2.39 -58.94
C HIS A 1795 -9.54 -3.46 -58.47
N ALA A 1796 -9.99 -4.71 -58.47
CA ALA A 1796 -9.16 -5.84 -58.06
C ALA A 1796 -8.49 -6.54 -59.23
N GLY A 1797 -9.22 -6.78 -60.33
CA GLY A 1797 -8.64 -7.45 -61.47
C GLY A 1797 -7.82 -6.57 -62.39
N GLU A 1798 -7.94 -5.25 -62.25
CA GLU A 1798 -7.18 -4.34 -63.11
C GLU A 1798 -5.73 -4.21 -62.67
N LEU A 1799 -5.45 -4.29 -61.38
CA LEU A 1799 -4.10 -4.18 -60.84
C LEU A 1799 -3.78 -5.32 -59.89
N ARG A 1800 -4.31 -6.51 -60.17
CA ARG A 1800 -4.06 -7.66 -59.30
C ARG A 1800 -2.60 -8.10 -59.30
N GLN A 1801 -1.83 -7.76 -60.33
CA GLN A 1801 -0.43 -8.16 -60.37
C GLN A 1801 0.37 -7.47 -59.28
N TYR A 1802 0.14 -6.17 -59.05
CA TYR A 1802 0.87 -5.44 -58.02
C TYR A 1802 0.52 -5.94 -56.62
N LEU A 1803 -0.78 -6.06 -56.33
CA LEU A 1803 -1.20 -6.52 -55.01
C LEU A 1803 -0.74 -7.95 -54.72
N GLU A 1804 -0.63 -8.78 -55.76
CA GLU A 1804 -0.20 -10.17 -55.58
C GLU A 1804 1.08 -10.27 -54.76
N HIS A 1805 2.11 -9.52 -55.14
CA HIS A 1805 3.36 -9.59 -54.38
C HIS A 1805 3.43 -8.51 -53.31
N GLY A 1806 2.62 -7.44 -53.44
CA GLY A 1806 2.66 -6.39 -52.45
C GLY A 1806 2.12 -6.84 -51.10
N LEU A 1807 1.05 -7.63 -51.11
CA LEU A 1807 0.46 -8.12 -49.86
C LEU A 1807 1.20 -9.30 -49.27
N GLU A 1808 2.19 -9.86 -49.97
CA GLU A 1808 2.95 -10.99 -49.46
C GLU A 1808 4.23 -10.58 -48.75
N THR A 1809 4.53 -9.29 -48.64
CA THR A 1809 5.74 -8.86 -47.96
C THR A 1809 5.55 -7.68 -47.01
N THR A 1810 4.42 -6.98 -47.05
CA THR A 1810 4.22 -5.85 -46.15
C THR A 1810 4.10 -6.32 -44.70
N PRO A 1811 4.57 -5.51 -43.75
CA PRO A 1811 4.48 -5.90 -42.35
C PRO A 1811 3.05 -5.83 -41.84
N THR A 1812 2.87 -6.32 -40.62
CA THR A 1812 1.55 -6.35 -39.98
C THR A 1812 1.37 -5.24 -38.95
N ALA A 1813 2.43 -4.52 -38.60
CA ALA A 1813 2.31 -3.45 -37.61
C ALA A 1813 1.39 -2.31 -38.06
N PRO A 1814 1.51 -1.76 -39.28
CA PRO A 1814 0.61 -0.67 -39.67
C PRO A 1814 -0.77 -1.11 -40.14
N TRP A 1815 -1.04 -2.41 -40.22
CA TRP A 1815 -2.34 -2.91 -40.66
C TRP A 1815 -3.25 -3.29 -39.50
N ARG A 1816 -2.91 -2.92 -38.28
CA ARG A 1816 -3.71 -3.25 -37.11
C ARG A 1816 -4.80 -2.22 -36.82
N GLY A 1817 -4.96 -1.20 -37.67
CA GLY A 1817 -5.96 -0.19 -37.45
C GLY A 1817 -7.20 -0.33 -38.30
N ILE A 1818 -7.19 -1.26 -39.26
CA ILE A 1818 -8.34 -1.47 -40.13
C ILE A 1818 -8.76 -2.93 -40.10
N ILE A 1819 -8.52 -3.60 -38.96
CA ILE A 1819 -8.90 -5.02 -38.84
C ILE A 1819 -10.40 -5.22 -39.04
N PRO A 1820 -11.30 -4.46 -38.39
CA PRO A 1820 -12.73 -4.70 -38.64
C PRO A 1820 -13.10 -4.57 -40.10
N GLN A 1821 -12.47 -3.63 -40.81
CA GLN A 1821 -12.76 -3.46 -42.23
C GLN A 1821 -12.35 -4.69 -43.00
N LEU A 1822 -11.19 -5.27 -42.65
CA LEU A 1822 -10.71 -6.46 -43.33
C LEU A 1822 -11.68 -7.61 -43.12
N PHE A 1823 -12.16 -7.79 -41.88
CA PHE A 1823 -13.09 -8.89 -41.62
C PHE A 1823 -14.41 -8.65 -42.35
N SER A 1824 -14.90 -7.40 -42.35
CA SER A 1824 -16.15 -7.09 -43.03
C SER A 1824 -16.04 -7.23 -44.53
N ARG A 1825 -14.83 -7.17 -45.09
CA ARG A 1825 -14.62 -7.29 -46.53
C ARG A 1825 -14.16 -8.68 -46.92
N LEU A 1826 -14.66 -9.71 -46.22
CA LEU A 1826 -14.28 -11.09 -46.49
C LEU A 1826 -15.24 -11.78 -47.46
N ASN A 1827 -16.23 -11.07 -48.00
CA ASN A 1827 -17.20 -11.64 -48.92
C ASN A 1827 -17.13 -10.98 -50.29
N HIS A 1828 -15.94 -10.59 -50.72
CA HIS A 1828 -15.78 -9.94 -52.01
C HIS A 1828 -16.00 -10.96 -53.13
N PRO A 1829 -16.79 -10.64 -54.14
CA PRO A 1829 -17.02 -11.61 -55.23
C PRO A 1829 -15.78 -11.81 -56.08
N GLU A 1830 -14.80 -12.52 -55.55
CA GLU A 1830 -13.56 -12.80 -56.27
C GLU A 1830 -13.01 -14.13 -55.77
N VAL A 1831 -11.77 -14.44 -56.15
CA VAL A 1831 -11.14 -15.69 -55.74
C VAL A 1831 -9.85 -15.39 -54.99
N TYR A 1832 -8.90 -14.73 -55.67
CA TYR A 1832 -7.62 -14.41 -55.05
C TYR A 1832 -7.74 -13.30 -54.01
N VAL A 1833 -8.74 -12.43 -54.11
CA VAL A 1833 -8.89 -11.35 -53.14
C VAL A 1833 -9.20 -11.93 -51.76
N ARG A 1834 -10.13 -12.88 -51.71
CA ARG A 1834 -10.48 -13.50 -50.43
C ARG A 1834 -9.30 -14.24 -49.84
N GLN A 1835 -8.56 -14.97 -50.68
CA GLN A 1835 -7.40 -15.71 -50.18
C GLN A 1835 -6.33 -14.75 -49.67
N SER A 1836 -6.12 -13.64 -50.37
CA SER A 1836 -5.11 -12.67 -49.94
C SER A 1836 -5.49 -12.06 -48.61
N ILE A 1837 -6.78 -11.72 -48.44
CA ILE A 1837 -7.21 -11.13 -47.17
C ILE A 1837 -7.05 -12.14 -46.05
N CYS A 1838 -7.40 -13.41 -46.31
CA CYS A 1838 -7.27 -14.44 -45.30
C CYS A 1838 -5.81 -14.63 -44.91
N ASN A 1839 -4.91 -14.64 -45.90
CA ASN A 1839 -3.50 -14.82 -45.62
C ASN A 1839 -2.96 -13.64 -44.80
N LEU A 1840 -3.40 -12.42 -45.14
CA LEU A 1840 -2.94 -11.25 -44.40
C LEU A 1840 -3.40 -11.34 -42.95
N LEU A 1841 -4.66 -11.74 -42.74
CA LEU A 1841 -5.16 -11.84 -41.37
C LEU A 1841 -4.40 -12.92 -40.61
N CYS A 1842 -4.12 -14.04 -41.27
CA CYS A 1842 -3.38 -15.12 -40.61
C CYS A 1842 -2.00 -14.64 -40.21
N ARG A 1843 -1.33 -13.89 -41.09
CA ARG A 1843 0.00 -13.38 -40.77
C ARG A 1843 -0.09 -12.39 -39.61
N VAL A 1844 -1.16 -11.59 -39.58
CA VAL A 1844 -1.33 -10.62 -38.50
C VAL A 1844 -1.51 -11.34 -37.18
N ALA A 1845 -2.16 -12.51 -37.20
CA ALA A 1845 -2.37 -13.27 -35.98
C ALA A 1845 -1.06 -13.59 -35.28
N GLN A 1846 -0.01 -13.86 -36.06
CA GLN A 1846 1.29 -14.17 -35.47
C GLN A 1846 1.88 -12.92 -34.84
N ASP A 1847 2.49 -13.10 -33.65
CA ASP A 1847 3.13 -12.03 -32.89
C ASP A 1847 2.10 -11.02 -32.37
N SER A 1848 0.83 -11.24 -32.67
CA SER A 1848 -0.25 -10.37 -32.25
C SER A 1848 -1.57 -11.12 -32.36
N PRO A 1849 -1.82 -12.12 -31.50
CA PRO A 1849 -3.09 -12.86 -31.59
C PRO A 1849 -4.24 -12.22 -30.83
N HIS A 1850 -3.97 -11.29 -29.93
CA HIS A 1850 -5.03 -10.64 -29.16
C HIS A 1850 -5.78 -9.57 -29.95
N LEU A 1851 -5.56 -9.49 -31.26
CA LEU A 1851 -6.23 -8.51 -32.10
C LEU A 1851 -7.36 -9.10 -32.94
N ILE A 1852 -7.23 -10.35 -33.38
CA ILE A 1852 -8.25 -11.00 -34.18
C ILE A 1852 -8.73 -12.30 -33.54
N LEU A 1853 -8.57 -12.41 -32.21
CA LEU A 1853 -9.00 -13.61 -31.51
C LEU A 1853 -10.51 -13.64 -31.30
N TYR A 1854 -11.04 -12.61 -30.62
CA TYR A 1854 -12.48 -12.55 -30.37
C TYR A 1854 -13.31 -12.48 -31.64
N PRO A 1855 -13.03 -11.62 -32.62
CA PRO A 1855 -13.88 -11.60 -33.83
C PRO A 1855 -13.92 -12.91 -34.58
N ALA A 1856 -12.79 -13.62 -34.68
CA ALA A 1856 -12.77 -14.89 -35.40
C ALA A 1856 -13.63 -15.95 -34.72
N ILE A 1857 -13.46 -16.14 -33.41
CA ILE A 1857 -14.24 -17.13 -32.69
C ILE A 1857 -15.72 -16.73 -32.67
N VAL A 1858 -16.01 -15.42 -32.59
CA VAL A 1858 -17.40 -14.99 -32.57
C VAL A 1858 -18.06 -15.27 -33.91
N GLY A 1859 -17.38 -14.96 -35.02
CA GLY A 1859 -17.95 -15.20 -36.32
C GLY A 1859 -18.09 -16.68 -36.63
N THR A 1860 -17.13 -17.49 -36.16
CA THR A 1860 -17.20 -18.93 -36.40
C THR A 1860 -18.42 -19.55 -35.74
N ILE A 1861 -18.73 -19.12 -34.51
CA ILE A 1861 -19.87 -19.65 -33.79
C ILE A 1861 -21.13 -18.83 -34.12
N GLN A 1919 -24.14 -18.40 -46.74
CA GLN A 1919 -23.01 -18.42 -47.65
C GLN A 1919 -21.77 -19.01 -46.99
N ALA A 1920 -21.05 -19.86 -47.72
CA ALA A 1920 -19.84 -20.48 -47.21
C ALA A 1920 -18.61 -19.60 -47.31
N MET A 1921 -18.73 -18.43 -47.95
CA MET A 1921 -17.58 -17.54 -48.07
C MET A 1921 -17.11 -17.04 -46.71
N MET A 1922 -18.05 -16.69 -45.83
CA MET A 1922 -17.73 -16.21 -44.50
C MET A 1922 -17.55 -17.33 -43.49
N GLN A 1923 -17.32 -18.55 -43.95
CA GLN A 1923 -17.14 -19.71 -43.07
C GLN A 1923 -15.76 -20.33 -43.22
N ASP A 1924 -15.33 -20.58 -44.46
CA ASP A 1924 -14.01 -21.19 -44.69
C ASP A 1924 -12.90 -20.27 -44.18
N CYS A 1925 -13.04 -18.96 -44.43
CA CYS A 1925 -12.03 -18.01 -43.98
C CYS A 1925 -11.92 -18.01 -42.46
N TYR A 1926 -13.07 -18.00 -41.77
CA TYR A 1926 -13.05 -18.00 -40.31
C TYR A 1926 -12.44 -19.29 -39.79
N SER A 1927 -12.77 -20.43 -40.42
CA SER A 1927 -12.23 -21.70 -39.99
C SER A 1927 -10.71 -21.71 -40.16
N LYS A 1928 -10.22 -21.19 -41.29
CA LYS A 1928 -8.78 -21.17 -41.52
C LYS A 1928 -8.09 -20.25 -40.53
N ILE A 1929 -8.71 -19.11 -40.22
CA ILE A 1929 -8.12 -18.16 -39.27
C ILE A 1929 -8.02 -18.79 -37.89
N VAL A 1930 -9.10 -19.42 -37.42
CA VAL A 1930 -9.06 -20.04 -36.09
C VAL A 1930 -8.08 -21.20 -36.08
N ASP A 1931 -7.99 -21.95 -37.19
CA ASP A 1931 -7.05 -23.08 -37.24
C ASP A 1931 -5.61 -22.59 -37.16
N LYS A 1932 -5.31 -21.49 -37.88
CA LYS A 1932 -3.96 -20.96 -37.85
C LYS A 1932 -3.63 -20.35 -36.49
N LEU A 1933 -4.62 -19.72 -35.84
CA LEU A 1933 -4.39 -19.13 -34.53
C LEU A 1933 -4.31 -20.17 -33.42
N SER A 1934 -4.85 -21.36 -33.64
CA SER A 1934 -4.83 -22.43 -32.65
C SER A 1934 -3.61 -23.31 -32.76
N SER A 1935 -2.75 -23.09 -33.76
CA SER A 1935 -1.56 -23.90 -33.93
C SER A 1935 -0.45 -23.54 -32.96
N ALA A 1936 -0.59 -22.46 -32.20
CA ALA A 1936 0.40 -22.03 -31.23
C ALA A 1936 -0.01 -22.33 -29.80
N ASN A 1937 -1.21 -21.92 -29.40
CA ASN A 1937 -1.74 -22.13 -28.05
C ASN A 1937 -3.15 -22.69 -28.15
N PRO A 1938 -3.29 -23.97 -28.47
CA PRO A 1938 -4.64 -24.56 -28.58
C PRO A 1938 -5.43 -24.49 -27.29
N THR A 1939 -4.76 -24.60 -26.14
CA THR A 1939 -5.47 -24.55 -24.86
C THR A 1939 -6.18 -23.21 -24.70
N MET A 1940 -5.51 -22.12 -25.07
CA MET A 1940 -6.13 -20.80 -24.95
C MET A 1940 -7.35 -20.69 -25.86
N VAL A 1941 -7.26 -21.24 -27.07
CA VAL A 1941 -8.38 -21.17 -28.00
C VAL A 1941 -9.57 -21.95 -27.45
N LEU A 1942 -9.34 -23.16 -26.96
CA LEU A 1942 -10.45 -23.95 -26.42
C LEU A 1942 -11.05 -23.27 -25.19
N GLN A 1943 -10.20 -22.71 -24.31
CA GLN A 1943 -10.72 -22.06 -23.12
C GLN A 1943 -11.53 -20.82 -23.49
N VAL A 1944 -11.06 -20.02 -24.45
CA VAL A 1944 -11.80 -18.83 -24.84
C VAL A 1944 -13.12 -19.23 -25.49
N GLN A 1945 -13.12 -20.33 -26.25
CA GLN A 1945 -14.36 -20.77 -26.88
C GLN A 1945 -15.36 -21.18 -25.80
N MET A 1946 -14.89 -21.89 -24.78
CA MET A 1946 -15.77 -22.31 -23.70
C MET A 1946 -16.32 -21.09 -22.96
N LEU A 1947 -15.46 -20.09 -22.74
CA LEU A 1947 -15.90 -18.88 -22.05
C LEU A 1947 -16.96 -18.16 -22.86
N VAL A 1948 -16.77 -18.07 -24.18
CA VAL A 1948 -17.75 -17.41 -25.03
C VAL A 1948 -19.08 -18.16 -24.98
N ALA A 1949 -19.02 -19.49 -25.04
CA ALA A 1949 -20.25 -20.27 -24.99
C ALA A 1949 -20.96 -20.06 -23.66
N GLU A 1950 -20.21 -20.03 -22.57
CA GLU A 1950 -20.82 -19.82 -21.26
C GLU A 1950 -21.47 -18.45 -21.19
N LEU A 1951 -20.79 -17.42 -21.73
CA LEU A 1951 -21.36 -16.08 -21.71
C LEU A 1951 -22.65 -16.02 -22.52
N ARG A 1952 -22.67 -16.69 -23.68
CA ARG A 1952 -23.87 -16.68 -24.50
C ARG A 1952 -25.01 -17.41 -23.80
N ARG A 1953 -24.70 -18.51 -23.09
CA ARG A 1953 -25.72 -19.28 -22.40
C ARG A 1953 -26.15 -18.62 -21.09
N VAL A 1954 -25.40 -17.64 -20.60
CA VAL A 1954 -25.73 -16.96 -19.35
C VAL A 1954 -26.45 -15.63 -19.60
N THR A 1955 -26.98 -15.44 -20.82
CA THR A 1955 -27.68 -14.21 -21.15
C THR A 1955 -29.09 -14.21 -20.58
N TRP A 1958 -33.59 -17.89 -18.34
CA TRP A 1958 -34.70 -18.83 -18.27
C TRP A 1958 -35.99 -18.13 -17.82
N ASP A 1959 -35.95 -17.56 -16.62
CA ASP A 1959 -37.12 -16.86 -16.10
C ASP A 1959 -37.48 -15.66 -16.96
N GLU A 1960 -36.47 -14.89 -17.38
CA GLU A 1960 -36.74 -13.72 -18.21
C GLU A 1960 -37.37 -14.11 -19.54
N LEU A 1961 -36.86 -15.18 -20.16
CA LEU A 1961 -37.42 -15.62 -21.44
C LEU A 1961 -38.88 -16.03 -21.28
N TRP A 1962 -39.19 -16.79 -20.24
CA TRP A 1962 -40.56 -17.22 -20.01
C TRP A 1962 -41.47 -16.03 -19.75
N LEU A 1963 -41.00 -15.07 -18.94
CA LEU A 1963 -41.81 -13.90 -18.65
C LEU A 1963 -42.09 -13.10 -19.92
N GLY A 1964 -41.07 -12.89 -20.75
CA GLY A 1964 -41.25 -12.14 -21.98
C GLY A 1964 -42.21 -12.86 -22.92
N VAL A 1965 -42.06 -14.19 -23.04
CA VAL A 1965 -42.95 -14.95 -23.91
C VAL A 1965 -44.39 -14.87 -23.43
N LEU A 1966 -44.59 -14.99 -22.11
CA LEU A 1966 -45.94 -14.92 -21.56
C LEU A 1966 -46.55 -13.54 -21.80
N LEU A 1967 -45.75 -12.48 -21.59
CA LEU A 1967 -46.27 -11.14 -21.80
C LEU A 1967 -46.65 -10.91 -23.25
N GLN A 1968 -45.79 -11.37 -24.18
CA GLN A 1968 -46.09 -11.20 -25.60
C GLN A 1968 -47.33 -11.98 -26.00
N GLN A 1969 -47.46 -13.21 -25.50
CA GLN A 1969 -48.63 -14.03 -25.82
C GLN A 1969 -49.90 -13.39 -25.28
N HIS A 1970 -49.85 -12.85 -24.06
CA HIS A 1970 -51.03 -12.23 -23.49
C HIS A 1970 -51.39 -10.95 -24.23
N MET A 1971 -50.39 -10.20 -24.68
CA MET A 1971 -50.66 -8.96 -25.41
C MET A 1971 -51.22 -9.24 -26.80
N TYR A 1972 -50.76 -10.31 -27.45
CA TYR A 1972 -51.22 -10.67 -28.78
C TYR A 1972 -52.42 -11.60 -28.77
N VAL A 1973 -52.89 -12.03 -27.60
CA VAL A 1973 -54.04 -12.93 -27.54
C VAL A 1973 -55.31 -12.23 -28.03
N LEU A 1974 -55.51 -10.99 -27.61
CA LEU A 1974 -56.69 -10.23 -28.01
C LEU A 1974 -56.42 -9.46 -29.30
N UNK A 2006 -54.42 -19.35 -29.99
CA UNK A 2006 -54.61 -20.09 -31.23
C UNK A 2006 -53.45 -21.05 -31.47
N UNK A 2007 -53.25 -21.43 -32.73
CA UNK A 2007 -52.15 -22.34 -33.07
C UNK A 2007 -50.79 -21.69 -32.88
N UNK A 2008 -50.68 -20.39 -33.16
CA UNK A 2008 -49.40 -19.71 -32.99
C UNK A 2008 -48.95 -19.72 -31.54
N UNK A 2009 -49.87 -19.44 -30.61
CA UNK A 2009 -49.52 -19.44 -29.20
C UNK A 2009 -49.07 -20.82 -28.74
N UNK A 2010 -49.79 -21.86 -29.16
CA UNK A 2010 -49.42 -23.22 -28.77
C UNK A 2010 -48.04 -23.58 -29.33
N UNK A 2011 -47.79 -23.23 -30.59
CA UNK A 2011 -46.49 -23.53 -31.20
C UNK A 2011 -45.37 -22.82 -30.47
N UNK A 2012 -45.58 -21.53 -30.14
CA UNK A 2012 -44.55 -20.78 -29.44
C UNK A 2012 -44.28 -21.37 -28.06
N UNK A 2013 -45.36 -21.74 -27.35
CA UNK A 2013 -45.18 -22.32 -26.01
C UNK A 2013 -44.43 -23.64 -26.10
N UNK A 2014 -44.78 -24.48 -27.08
CA UNK A 2014 -44.11 -25.76 -27.24
C UNK A 2014 -42.63 -25.56 -27.56
N UNK A 2015 -42.33 -24.61 -28.46
CA UNK A 2015 -40.94 -24.36 -28.81
C UNK A 2015 -40.16 -23.87 -27.60
N UNK A 2016 -40.75 -22.96 -26.82
CA UNK A 2016 -40.06 -22.44 -25.64
C UNK A 2016 -39.82 -23.55 -24.64
N UNK A 2017 -40.82 -24.42 -24.42
CA UNK A 2017 -40.65 -25.51 -23.47
C UNK A 2017 -39.57 -26.48 -23.94
N UNK A 2018 -39.54 -26.79 -25.24
CA UNK A 2018 -38.53 -27.69 -25.76
C UNK A 2018 -37.13 -27.09 -25.63
N UNK A 2019 -37.00 -25.79 -25.90
CA UNK A 2019 -35.70 -25.14 -25.79
C UNK A 2019 -35.24 -25.06 -24.34
N UNK A 2020 -36.16 -24.85 -23.41
CA UNK A 2020 -35.83 -24.75 -21.99
C UNK A 2020 -35.84 -26.10 -21.29
N UNK A 2021 -36.20 -27.18 -21.99
CA UNK A 2021 -36.24 -28.52 -21.43
C UNK A 2021 -37.10 -28.59 -20.18
N PRO A 2031 -27.21 -26.00 -11.78
CA PRO A 2031 -27.08 -25.08 -10.63
C PRO A 2031 -28.33 -24.21 -10.47
N HIS A 2032 -28.61 -23.37 -11.46
CA HIS A 2032 -29.77 -22.49 -11.45
C HIS A 2032 -30.92 -22.99 -12.30
N GLU A 2033 -30.63 -23.61 -13.45
CA GLU A 2033 -31.69 -24.12 -14.30
C GLU A 2033 -32.47 -25.23 -13.62
N LYS A 2034 -31.76 -26.10 -12.87
CA LYS A 2034 -32.43 -27.19 -12.18
C LYS A 2034 -33.43 -26.66 -11.14
N TRP A 2035 -33.04 -25.64 -10.39
CA TRP A 2035 -33.93 -25.09 -9.37
C TRP A 2035 -35.17 -24.49 -10.01
N PHE A 2036 -35.00 -23.75 -11.12
CA PHE A 2036 -36.14 -23.15 -11.79
C PHE A 2036 -37.06 -24.23 -12.36
N GLN A 2037 -36.48 -25.27 -12.94
CA GLN A 2037 -37.28 -26.35 -13.51
C GLN A 2037 -38.06 -27.07 -12.42
N ASP A 2038 -37.43 -27.29 -11.26
CA ASP A 2038 -38.11 -27.99 -10.18
C ASP A 2038 -39.21 -27.13 -9.56
N ASN A 2039 -38.99 -25.82 -9.45
CA ASN A 2039 -39.99 -24.93 -8.88
C ASN A 2039 -41.08 -24.54 -9.86
N TYR A 2040 -40.88 -24.77 -11.15
CA TYR A 2040 -41.87 -24.43 -12.17
C TYR A 2040 -42.01 -25.56 -13.18
N GLY A 2041 -42.05 -26.80 -12.70
CA GLY A 2041 -42.18 -27.95 -13.56
C GLY A 2041 -43.58 -28.25 -14.04
N ASP A 2042 -44.58 -27.53 -13.55
CA ASP A 2042 -45.97 -27.75 -13.95
C ASP A 2042 -46.39 -26.86 -15.11
N ALA A 2043 -45.47 -26.06 -15.66
CA ALA A 2043 -45.82 -25.20 -16.78
C ALA A 2043 -46.23 -26.01 -18.01
N ILE A 2044 -45.49 -27.08 -18.31
CA ILE A 2044 -45.81 -27.91 -19.47
C ILE A 2044 -47.16 -28.59 -19.26
N GLU A 2045 -47.37 -29.17 -18.08
CA GLU A 2045 -48.63 -29.84 -17.79
C GLU A 2045 -49.80 -28.87 -17.83
N ASN A 2046 -49.62 -27.67 -17.23
CA ASN A 2046 -50.68 -26.68 -17.23
C ASN A 2046 -51.02 -26.25 -18.65
N ALA A 2047 -49.99 -26.01 -19.48
CA ALA A 2047 -50.23 -25.58 -20.85
C ALA A 2047 -50.95 -26.67 -21.63
N LEU A 2048 -50.55 -27.93 -21.45
CA LEU A 2048 -51.20 -29.03 -22.16
C LEU A 2048 -52.65 -29.17 -21.73
N GLU A 2049 -52.91 -29.02 -20.43
CA GLU A 2049 -54.28 -29.14 -19.94
C GLU A 2049 -55.16 -27.99 -20.44
N LYS A 2050 -54.61 -26.78 -20.47
CA LYS A 2050 -55.36 -25.62 -20.93
C LYS A 2050 -55.47 -25.54 -22.44
N LEU A 2051 -54.67 -26.32 -23.18
CA LEU A 2051 -54.74 -26.29 -24.63
C LEU A 2051 -56.10 -26.75 -25.13
N LYS A 2052 -56.65 -27.81 -24.53
CA LYS A 2052 -57.94 -28.34 -24.94
C LYS A 2052 -59.07 -27.45 -24.44
N UNK A 2064 -57.32 -20.71 -19.59
CA UNK A 2064 -56.02 -20.11 -19.89
C UNK A 2064 -55.48 -19.34 -18.68
N UNK A 2065 -56.03 -19.62 -17.51
CA UNK A 2065 -55.58 -18.96 -16.30
C UNK A 2065 -54.18 -19.38 -15.87
N UNK A 2066 -53.70 -20.52 -16.36
CA UNK A 2066 -52.36 -20.99 -16.00
C UNK A 2066 -51.29 -20.01 -16.49
N UNK A 2067 -51.43 -19.52 -17.72
CA UNK A 2067 -50.45 -18.58 -18.24
C UNK A 2067 -50.44 -17.29 -17.43
N UNK A 2068 -51.63 -16.78 -17.09
CA UNK A 2068 -51.71 -15.56 -16.31
C UNK A 2068 -51.09 -15.75 -14.93
N UNK A 2069 -51.38 -16.89 -14.30
CA UNK A 2069 -50.82 -17.16 -12.97
C UNK A 2069 -49.31 -17.25 -13.04
N UNK A 2070 -48.78 -17.94 -14.06
CA UNK A 2070 -47.33 -18.07 -14.19
C UNK A 2070 -46.69 -16.71 -14.42
N UNK A 2071 -47.29 -15.88 -15.27
CA UNK A 2071 -46.73 -14.56 -15.55
C UNK A 2071 -46.75 -13.70 -14.29
N UNK A 2072 -47.84 -13.75 -13.52
CA UNK A 2072 -47.92 -12.96 -12.30
C UNK A 2072 -46.88 -13.43 -11.30
N UNK A 2073 -46.71 -14.74 -11.15
CA UNK A 2073 -45.72 -15.26 -10.22
C UNK A 2073 -44.31 -14.84 -10.61
N UNK A 2074 -44.00 -14.93 -11.92
CA UNK A 2074 -42.67 -14.54 -12.39
C UNK A 2074 -42.44 -13.05 -12.15
N UNK A 2075 -43.44 -12.22 -12.43
CA UNK A 2075 -43.28 -10.79 -12.23
C UNK A 2075 -43.08 -10.46 -10.76
N UNK A 2076 -43.83 -11.13 -9.88
CA UNK A 2076 -43.70 -10.88 -8.45
C UNK A 2076 -42.34 -11.33 -7.93
N UNK A 2077 -41.85 -12.47 -8.43
CA UNK A 2077 -40.55 -12.98 -7.99
C UNK A 2077 -39.39 -12.20 -8.59
N UNK A 2078 -39.62 -11.49 -9.70
CA UNK A 2078 -38.53 -10.73 -10.32
C UNK A 2078 -38.03 -9.63 -9.40
N UNK A 2079 -38.93 -8.93 -8.73
CA UNK A 2079 -38.55 -7.85 -7.82
C UNK A 2079 -38.26 -8.40 -6.43
N TYR A 2084 -32.03 -9.65 -7.46
CA TYR A 2084 -31.15 -8.84 -8.30
C TYR A 2084 -29.72 -9.35 -8.28
N ILE A 2085 -29.14 -9.45 -7.10
CA ILE A 2085 -27.76 -9.94 -6.97
C ILE A 2085 -27.72 -11.43 -7.27
N LEU A 2086 -26.80 -11.84 -8.13
CA LEU A 2086 -26.63 -13.22 -8.52
C LEU A 2086 -25.24 -13.71 -8.09
N ARG A 2087 -24.91 -14.93 -8.48
CA ARG A 2087 -23.62 -15.53 -8.15
C ARG A 2087 -23.08 -16.26 -9.37
N LEU A 2088 -21.77 -16.14 -9.59
CA LEU A 2088 -21.14 -16.80 -10.73
C LEU A 2088 -21.12 -18.31 -10.55
N GLU A 2089 -21.01 -18.79 -9.31
CA GLU A 2089 -20.99 -20.23 -9.07
C GLU A 2089 -22.31 -20.89 -9.43
N GLU A 2090 -23.42 -20.18 -9.25
CA GLU A 2090 -24.74 -20.71 -9.56
C GLU A 2090 -25.10 -20.57 -11.04
N ILE A 2091 -24.25 -19.97 -11.84
CA ILE A 2091 -24.53 -19.79 -13.27
C ILE A 2091 -23.23 -19.77 -14.06
N ALA A 2096 -16.66 -23.17 -16.19
CA ALA A 2096 -17.50 -22.31 -15.36
C ALA A 2096 -16.65 -21.31 -14.59
N ALA A 2097 -15.82 -21.82 -13.68
CA ALA A 2097 -14.92 -20.99 -12.86
C ALA A 2097 -13.50 -21.46 -13.09
N MET A 2098 -12.74 -20.69 -13.87
CA MET A 2098 -11.35 -21.00 -14.18
C MET A 2098 -10.42 -20.05 -13.46
N THR A 2099 -9.12 -20.34 -13.56
CA THR A 2099 -8.09 -19.51 -12.94
C THR A 2099 -6.80 -19.67 -13.73
N ASN A 2100 -5.94 -18.65 -13.61
CA ASN A 2100 -4.65 -18.63 -14.32
C ASN A 2100 -4.84 -18.83 -15.82
N THR A 2101 -5.84 -18.16 -16.37
CA THR A 2101 -6.15 -18.25 -17.79
C THR A 2101 -5.12 -17.50 -18.62
N GLU A 2102 -5.10 -17.79 -19.92
CA GLU A 2102 -4.18 -17.17 -20.85
C GLU A 2102 -4.93 -16.46 -21.98
N ILE A 2103 -6.20 -16.16 -21.78
CA ILE A 2103 -7.02 -15.48 -22.78
C ILE A 2103 -6.90 -13.97 -22.56
N ALA A 2104 -6.74 -13.23 -23.65
CA ALA A 2104 -6.62 -11.79 -23.56
C ALA A 2104 -7.94 -11.15 -23.13
N LEU A 2105 -7.83 -9.95 -22.58
CA LEU A 2105 -9.00 -9.21 -22.12
C LEU A 2105 -9.84 -8.76 -23.31
N PRO A 2106 -11.13 -8.47 -23.07
CA PRO A 2106 -12.01 -8.03 -24.18
C PRO A 2106 -11.73 -6.59 -24.61
N GLY A 2107 -10.72 -6.44 -25.47
CA GLY A 2107 -10.34 -5.14 -25.97
C GLY A 2107 -8.99 -4.68 -25.47
N GLU A 2108 -7.96 -4.81 -26.30
CA GLU A 2108 -6.59 -4.41 -25.97
C GLU A 2108 -5.95 -3.71 -27.17
N VAL A 2109 -6.67 -2.73 -27.72
CA VAL A 2109 -6.15 -1.99 -28.87
C VAL A 2109 -4.86 -1.25 -28.50
N SER A 2110 -4.85 -0.58 -27.34
CA SER A 2110 -3.69 0.16 -26.87
C SER A 2110 -3.14 -0.55 -25.64
N ALA A 2111 -2.27 -1.54 -25.88
CA ALA A 2111 -1.67 -2.30 -24.78
C ALA A 2111 -0.38 -2.92 -25.31
N ARG A 2112 0.77 -2.42 -24.85
CA ARG A 2112 2.04 -2.95 -25.29
C ARG A 2112 2.20 -4.41 -24.87
N ASP A 2113 1.82 -4.73 -23.64
CA ASP A 2113 1.91 -6.08 -23.11
C ASP A 2113 0.50 -6.55 -22.78
N THR A 2114 0.05 -7.59 -23.46
CA THR A 2114 -1.30 -8.11 -23.23
C THR A 2114 -1.42 -8.65 -21.81
N VAL A 2115 -2.61 -8.49 -21.23
CA VAL A 2115 -2.91 -8.94 -19.88
C VAL A 2115 -3.95 -10.05 -19.98
N THR A 2116 -3.62 -11.22 -19.43
CA THR A 2116 -4.51 -12.36 -19.45
C THR A 2116 -5.41 -12.36 -18.22
N ILE A 2117 -6.60 -12.96 -18.38
CA ILE A 2117 -7.55 -13.04 -17.28
C ILE A 2117 -7.04 -14.00 -16.23
N HIS A 2118 -7.23 -13.63 -14.96
CA HIS A 2118 -6.80 -14.45 -13.83
C HIS A 2118 -7.95 -15.06 -13.05
N SER A 2119 -9.06 -14.34 -12.93
CA SER A 2119 -10.22 -14.83 -12.21
C SER A 2119 -11.46 -14.06 -12.67
N VAL A 2120 -12.62 -14.46 -12.16
CA VAL A 2120 -13.89 -13.83 -12.49
C VAL A 2120 -14.59 -13.47 -11.18
N GLY A 2121 -15.42 -12.44 -11.23
CA GLY A 2121 -16.15 -12.01 -10.05
C GLY A 2121 -17.10 -13.09 -9.56
N GLY A 2122 -17.10 -13.30 -8.25
CA GLY A 2122 -17.97 -14.32 -7.68
C GLY A 2122 -19.44 -13.97 -7.79
N THR A 2123 -19.77 -12.68 -7.76
CA THR A 2123 -21.15 -12.21 -7.86
C THR A 2123 -21.29 -11.26 -9.04
N ILE A 2124 -22.48 -11.28 -9.65
CA ILE A 2124 -22.81 -10.44 -10.79
C ILE A 2124 -24.01 -9.60 -10.40
N THR A 2125 -23.93 -8.29 -10.64
CA THR A 2125 -25.03 -7.40 -10.30
C THR A 2125 -25.86 -7.07 -11.54
N ILE A 2126 -27.11 -6.67 -11.33
CA ILE A 2126 -28.01 -6.31 -12.42
C ILE A 2126 -28.37 -4.84 -12.27
N LEU A 2127 -28.62 -4.18 -13.40
CA LEU A 2127 -28.97 -2.77 -13.34
C LEU A 2127 -30.40 -2.55 -13.80
N PRO A 2128 -31.16 -1.70 -13.10
CA PRO A 2128 -32.54 -1.44 -13.48
C PRO A 2128 -32.62 -0.34 -14.53
N THR A 2129 -33.86 0.04 -14.85
CA THR A 2129 -34.16 1.08 -15.84
C THR A 2129 -33.52 0.77 -17.20
N LYS A 2130 -33.58 -0.50 -17.58
CA LYS A 2130 -33.02 -0.95 -18.85
C LYS A 2130 -33.59 -2.32 -19.15
N THR A 2131 -33.27 -2.83 -20.35
CA THR A 2131 -33.75 -4.14 -20.76
C THR A 2131 -33.23 -5.25 -19.86
N LYS A 2132 -31.91 -5.48 -19.88
CA LYS A 2132 -31.31 -6.52 -19.04
C LYS A 2132 -29.79 -6.33 -18.93
N PRO A 2133 -29.32 -5.26 -18.29
CA PRO A 2133 -27.88 -5.06 -18.19
C PRO A 2133 -27.29 -5.71 -16.94
N LYS A 2134 -26.18 -6.42 -17.09
CA LYS A 2134 -25.51 -7.09 -16.00
C LYS A 2134 -24.08 -6.59 -15.88
N LYS A 2135 -23.70 -6.19 -14.68
CA LYS A 2135 -22.37 -5.66 -14.37
C LYS A 2135 -21.55 -6.75 -13.70
N LEU A 2136 -20.33 -6.95 -14.21
CA LEU A 2136 -19.39 -7.94 -13.72
C LEU A 2136 -18.06 -7.32 -13.29
N LEU A 2137 -17.08 -8.16 -12.99
CA LEU A 2137 -15.75 -7.73 -12.58
C LEU A 2137 -14.73 -8.80 -12.94
N PHE A 2138 -13.62 -8.35 -13.52
CA PHE A 2138 -12.53 -9.23 -13.94
C PHE A 2138 -11.23 -8.83 -13.25
N LEU A 2139 -10.31 -9.78 -13.22
CA LEU A 2139 -9.00 -9.59 -12.60
C LEU A 2139 -7.93 -9.94 -13.63
N GLY A 2140 -6.88 -9.13 -13.68
CA GLY A 2140 -5.80 -9.33 -14.61
C GLY A 2140 -4.53 -9.84 -13.92
N SER A 2141 -3.47 -9.93 -14.72
CA SER A 2141 -2.18 -10.40 -14.19
C SER A 2141 -1.65 -9.45 -13.14
N ASP A 2142 -1.86 -8.15 -13.33
CA ASP A 2142 -1.40 -7.13 -12.39
C ASP A 2142 -2.38 -6.88 -11.25
N GLY A 2143 -3.31 -7.81 -11.01
CA GLY A 2143 -4.30 -7.70 -9.94
C GLY A 2143 -5.15 -6.43 -10.08
N LYS A 2144 -5.56 -6.10 -11.30
CA LYS A 2144 -6.36 -4.92 -11.57
C LYS A 2144 -7.79 -5.32 -11.86
N SER A 2145 -8.75 -4.56 -11.32
CA SER A 2145 -10.16 -4.81 -11.51
C SER A 2145 -10.63 -4.13 -12.79
N TYR A 2146 -11.15 -4.92 -13.73
CA TYR A 2146 -11.64 -4.42 -15.02
C TYR A 2146 -13.11 -4.79 -15.17
N PRO A 2147 -14.03 -3.94 -14.74
CA PRO A 2147 -15.46 -4.26 -14.88
C PRO A 2147 -15.94 -4.14 -16.32
N TYR A 2148 -17.05 -4.80 -16.60
CA TYR A 2148 -17.65 -4.80 -17.92
C TYR A 2148 -19.17 -4.75 -17.75
N LEU A 2149 -19.90 -4.91 -18.85
CA LEU A 2149 -21.36 -4.88 -18.80
C LEU A 2149 -21.93 -5.68 -19.96
N PHE A 2150 -22.96 -6.48 -19.66
CA PHE A 2150 -23.61 -7.31 -20.67
C PHE A 2150 -24.75 -6.56 -21.36
N LYS A 2151 -25.02 -6.97 -22.59
CA LYS A 2151 -26.09 -6.37 -23.41
C LYS A 2151 -26.65 -7.46 -24.30
N GLY A 2152 -27.85 -7.92 -23.98
CA GLY A 2152 -28.53 -8.95 -24.75
C GLY A 2152 -29.73 -8.39 -25.48
N LEU A 2153 -30.07 -9.02 -26.60
CA LEU A 2153 -31.20 -8.65 -27.46
C LEU A 2153 -31.02 -7.27 -28.09
N GLU A 2154 -29.82 -6.68 -28.01
CA GLU A 2154 -29.54 -5.37 -28.57
C GLU A 2154 -28.23 -5.45 -29.35
N ASP A 2155 -28.30 -5.26 -30.66
CA ASP A 2155 -27.10 -5.32 -31.48
C ASP A 2155 -26.17 -4.17 -31.16
N LEU A 2156 -24.87 -4.49 -31.03
CA LEU A 2156 -23.85 -3.50 -30.71
C LEU A 2156 -22.81 -3.39 -31.83
N HIS A 2157 -23.19 -3.74 -33.05
CA HIS A 2157 -22.26 -3.66 -34.16
C HIS A 2157 -21.99 -2.21 -34.55
N LEU A 2158 -23.00 -1.35 -34.45
CA LEU A 2158 -22.80 0.05 -34.80
C LEU A 2158 -21.94 0.78 -33.78
N ASP A 2159 -22.05 0.41 -32.50
CA ASP A 2159 -21.26 1.06 -31.46
C ASP A 2159 -19.77 0.85 -31.71
N GLU A 2160 -19.38 -0.35 -32.16
CA GLU A 2160 -17.97 -0.62 -32.42
C GLU A 2160 -17.45 0.31 -33.52
N ARG A 2161 -18.24 0.48 -34.57
CA ARG A 2161 -17.82 1.36 -35.66
C ARG A 2161 -17.73 2.80 -35.19
N ILE A 2162 -18.68 3.21 -34.34
CA ILE A 2162 -18.66 4.58 -33.83
C ILE A 2162 -17.39 4.81 -33.00
N MET A 2163 -17.04 3.82 -32.16
CA MET A 2163 -15.85 3.95 -31.34
C MET A 2163 -14.60 4.00 -32.21
N GLN A 2164 -14.59 3.18 -33.28
CA GLN A 2164 -13.44 3.19 -34.18
C GLN A 2164 -13.29 4.56 -34.83
N PHE A 2165 -14.43 5.16 -35.22
CA PHE A 2165 -14.41 6.47 -35.84
C PHE A 2165 -13.87 7.51 -34.84
N LEU A 2166 -14.31 7.40 -33.58
CA LEU A 2166 -13.84 8.34 -32.57
C LEU A 2166 -12.33 8.20 -32.37
N SER A 2167 -11.82 6.97 -32.37
CA SER A 2167 -10.39 6.76 -32.19
C SER A 2167 -9.63 7.36 -33.36
N ILE A 2168 -10.12 7.16 -34.59
CA ILE A 2168 -9.46 7.72 -35.76
C ILE A 2168 -9.44 9.24 -35.67
N VAL A 2169 -10.55 9.82 -35.20
CA VAL A 2169 -10.63 11.28 -35.07
C VAL A 2169 -9.62 11.77 -34.04
N ASN A 2170 -9.55 11.08 -32.90
CA ASN A 2170 -8.62 11.48 -31.84
C ASN A 2170 -7.17 11.36 -32.31
N THR A 2171 -6.91 10.44 -33.24
CA THR A 2171 -5.55 10.27 -33.75
C THR A 2171 -5.06 11.53 -34.46
N MET A 2172 -5.97 12.28 -35.09
CA MET A 2172 -5.60 13.50 -35.81
C MET A 2172 -5.08 14.60 -34.89
N PHE A 2173 -5.36 14.53 -33.59
CA PHE A 2173 -4.91 15.53 -32.64
C PHE A 2173 -3.54 15.24 -32.05
N ALA A 2174 -2.85 14.20 -32.52
CA ALA A 2174 -1.54 13.87 -31.99
C ALA A 2174 -0.51 14.96 -32.28
N THR A 2175 -0.54 15.53 -33.49
CA THR A 2175 0.41 16.58 -33.84
C THR A 2175 0.13 17.87 -33.07
N ILE A 2176 -1.12 18.31 -33.04
CA ILE A 2176 -1.46 19.55 -32.32
C ILE A 2176 -1.30 19.43 -30.81
N ASN A 2177 -1.19 18.21 -30.28
CA ASN A 2177 -1.02 18.02 -28.85
C ASN A 2177 0.42 18.17 -28.38
N ARG A 2178 1.37 18.39 -29.30
CA ARG A 2178 2.77 18.53 -28.92
C ARG A 2178 3.13 19.94 -28.48
N GLN A 2179 2.28 20.93 -28.72
CA GLN A 2179 2.56 22.31 -28.34
C GLN A 2179 1.33 22.98 -27.74
N GLU A 2180 0.62 22.27 -26.87
CA GLU A 2180 -0.57 22.81 -26.25
C GLU A 2180 -0.81 22.13 -24.91
N THR A 2181 -0.92 22.92 -23.84
CA THR A 2181 -1.15 22.35 -22.52
C THR A 2181 -2.44 21.53 -22.46
N PRO A 2182 -3.62 22.05 -22.88
CA PRO A 2182 -4.83 21.23 -22.81
C PRO A 2182 -4.88 20.28 -24.00
N ARG A 2183 -4.81 18.98 -23.70
CA ARG A 2183 -4.84 17.97 -24.74
C ARG A 2183 -6.18 17.88 -25.44
N PHE A 2184 -6.15 17.69 -26.76
CA PHE A 2184 -7.34 17.58 -27.60
C PHE A 2184 -7.68 16.10 -27.65
N HIS A 2185 -8.50 15.63 -26.70
CA HIS A 2185 -8.87 14.23 -26.67
C HIS A 2185 -10.36 14.07 -26.37
N ALA A 2186 -10.94 13.02 -26.94
CA ALA A 2186 -12.35 12.69 -26.78
C ALA A 2186 -12.41 11.34 -26.08
N ARG A 2187 -12.85 11.35 -24.83
CA ARG A 2187 -12.95 10.11 -24.06
C ARG A 2187 -13.98 9.17 -24.67
N HIS A 2188 -13.65 7.88 -24.66
CA HIS A 2188 -14.53 6.86 -25.22
C HIS A 2188 -14.14 5.51 -24.61
N TYR A 2189 -15.06 4.56 -24.72
CA TYR A 2189 -14.86 3.21 -24.21
C TYR A 2189 -14.83 2.22 -25.37
N SER A 2190 -14.63 0.94 -25.05
CA SER A 2190 -14.57 -0.13 -26.03
C SER A 2190 -15.76 -1.06 -25.88
N VAL A 2191 -16.33 -1.47 -27.01
CA VAL A 2191 -17.47 -2.36 -27.06
C VAL A 2191 -17.16 -3.51 -28.02
N THR A 2192 -17.61 -4.72 -27.68
CA THR A 2192 -17.36 -5.87 -28.53
C THR A 2192 -18.60 -6.76 -28.62
N PRO A 2193 -19.06 -7.06 -29.84
CA PRO A 2193 -20.25 -7.91 -29.97
C PRO A 2193 -19.90 -9.38 -29.83
N LEU A 2194 -20.86 -10.13 -29.30
CA LEU A 2194 -20.72 -11.57 -29.07
C LEU A 2194 -21.66 -12.36 -29.97
N GLY A 2195 -21.81 -11.92 -31.22
CA GLY A 2195 -22.69 -12.59 -32.15
C GLY A 2195 -23.60 -11.64 -32.88
N THR A 2196 -24.91 -11.80 -32.70
CA THR A 2196 -25.89 -10.94 -33.36
C THR A 2196 -26.67 -10.07 -32.39
N ARG A 2197 -26.92 -10.54 -31.16
CA ARG A 2197 -27.66 -9.75 -30.18
C ARG A 2197 -26.91 -9.51 -28.89
N SER A 2198 -25.99 -10.37 -28.50
CA SER A 2198 -25.25 -10.17 -27.26
C SER A 2198 -24.21 -9.07 -27.44
N GLY A 2199 -23.47 -8.80 -26.37
CA GLY A 2199 -22.45 -7.77 -26.42
C GLY A 2199 -21.85 -7.42 -25.07
N LEU A 2200 -20.55 -7.11 -25.05
CA LEU A 2200 -19.82 -6.75 -23.85
C LEU A 2200 -19.32 -5.33 -24.02
N ILE A 2201 -19.74 -4.43 -23.11
CA ILE A 2201 -19.35 -3.04 -23.13
C ILE A 2201 -18.44 -2.74 -21.96
N GLN A 2202 -17.35 -2.03 -22.23
CA GLN A 2202 -16.40 -1.68 -21.18
C GLN A 2202 -17.04 -0.72 -20.20
N TRP A 2203 -16.52 -0.72 -18.97
CA TRP A 2203 -17.02 0.14 -17.90
C TRP A 2203 -15.97 1.19 -17.58
N VAL A 2204 -16.38 2.46 -17.57
CA VAL A 2204 -15.49 3.57 -17.28
C VAL A 2204 -15.77 4.05 -15.87
N ASP A 2205 -14.76 3.97 -15.01
CA ASP A 2205 -14.89 4.39 -13.61
C ASP A 2205 -14.28 5.77 -13.41
N GLY A 2206 -14.64 6.39 -12.29
CA GLY A 2206 -14.15 7.71 -11.93
C GLY A 2206 -14.94 8.85 -12.51
N ALA A 2207 -15.97 8.58 -13.30
CA ALA A 2207 -16.80 9.60 -13.90
C ALA A 2207 -18.13 9.69 -13.17
N THR A 2208 -18.57 10.91 -12.88
CA THR A 2208 -19.82 11.16 -12.19
C THR A 2208 -20.83 11.80 -13.11
N PRO A 2209 -22.07 11.31 -13.14
CA PRO A 2209 -23.07 11.91 -14.03
C PRO A 2209 -23.50 13.28 -13.55
N LEU A 2210 -23.94 14.11 -14.48
CA LEU A 2210 -24.37 15.46 -14.14
C LEU A 2210 -25.70 15.50 -13.41
N PHE A 2211 -26.54 14.48 -13.57
CA PHE A 2211 -27.83 14.47 -12.88
C PHE A 2211 -27.67 14.38 -11.37
N GLY A 2212 -26.56 13.82 -10.89
CA GLY A 2212 -26.36 13.71 -9.46
C GLY A 2212 -26.31 15.06 -8.78
N LEU A 2213 -25.67 16.04 -9.42
CA LEU A 2213 -25.58 17.37 -8.84
C LEU A 2213 -26.97 17.98 -8.69
N TYR A 2214 -27.80 17.85 -9.72
CA TYR A 2214 -29.16 18.40 -9.66
C TYR A 2214 -29.97 17.69 -8.57
N LYS A 2215 -29.84 16.37 -8.48
CA LYS A 2215 -30.59 15.63 -7.46
C LYS A 2215 -30.17 16.06 -6.06
N ARG A 2216 -28.86 16.20 -5.84
CA ARG A 2216 -28.38 16.62 -4.53
C ARG A 2216 -28.84 18.02 -4.21
N TRP A 2217 -28.84 18.92 -5.20
CA TRP A 2217 -29.28 20.28 -4.95
C TRP A 2217 -30.75 20.29 -4.57
N GLN A 2218 -31.56 19.48 -5.26
CA GLN A 2218 -32.98 19.43 -4.95
C GLN A 2218 -33.19 18.91 -3.53
N GLN A 2219 -32.43 17.88 -3.14
CA GLN A 2219 -32.58 17.33 -1.79
C GLN A 2219 -32.18 18.37 -0.76
N ARG A 2220 -31.09 19.09 -1.00
CA ARG A 2220 -30.64 20.12 -0.06
C ARG A 2220 -31.68 21.23 0.07
N GLU A 2221 -32.25 21.66 -1.06
CA GLU A 2221 -33.25 22.72 -1.02
C GLU A 2221 -34.48 22.26 -0.26
N ALA A 2222 -34.91 21.02 -0.48
CA ALA A 2222 -36.08 20.50 0.22
C ALA A 2222 -35.81 20.42 1.72
N ALA A 2223 -34.62 19.95 2.10
CA ALA A 2223 -34.29 19.84 3.52
C ALA A 2223 -34.25 21.23 4.16
N LEU A 2224 -33.68 22.21 3.46
CA LEU A 2224 -33.60 23.56 4.01
C LEU A 2224 -34.99 24.17 4.15
N GLN A 2225 -35.86 23.95 3.17
CA GLN A 2225 -37.21 24.51 3.23
C GLN A 2225 -38.06 23.82 4.29
N ALA A 2226 -37.76 22.55 4.59
CA ALA A 2226 -38.53 21.82 5.59
C ALA A 2226 -38.38 22.47 6.97
N GLN A 2227 -37.16 22.87 7.33
CA GLN A 2227 -36.94 23.49 8.64
C GLN A 2227 -37.68 24.82 8.74
N LYS A 2228 -37.62 25.64 7.69
CA LYS A 2228 -38.29 26.93 7.68
C LYS A 2228 -38.54 27.41 6.26
N ILE A 2241 -39.82 12.58 -0.69
CA ILE A 2241 -38.89 12.57 -1.82
C ILE A 2241 -38.93 13.90 -2.55
N VAL A 2242 -38.16 13.99 -3.63
CA VAL A 2242 -38.08 15.22 -4.42
C VAL A 2242 -38.89 15.02 -5.71
N PRO A 2243 -39.53 16.06 -6.23
CA PRO A 2243 -40.32 15.89 -7.46
C PRO A 2243 -39.43 15.57 -8.66
N ARG A 2244 -39.99 14.78 -9.56
CA ARG A 2244 -39.31 14.34 -10.78
C ARG A 2244 -39.39 15.44 -11.83
N PRO A 2245 -38.50 15.42 -12.83
CA PRO A 2245 -38.56 16.47 -13.87
C PRO A 2245 -39.91 16.57 -14.56
N SER A 2246 -40.54 15.43 -14.85
CA SER A 2246 -41.84 15.46 -15.52
C SER A 2246 -42.90 16.10 -14.63
N GLU A 2247 -42.95 15.71 -13.35
CA GLU A 2247 -43.93 16.28 -12.45
C GLU A 2247 -43.72 17.78 -12.27
N LEU A 2248 -42.46 18.20 -12.10
CA LEU A 2248 -42.16 19.61 -11.93
C LEU A 2248 -42.54 20.41 -13.17
N TYR A 2249 -42.25 19.87 -14.36
CA TYR A 2249 -42.58 20.57 -15.59
C TYR A 2249 -44.08 20.68 -15.76
N TYR A 2250 -44.82 19.61 -15.45
CA TYR A 2250 -46.27 19.65 -15.59
C TYR A 2250 -46.90 20.60 -14.59
N SER A 2251 -46.35 20.67 -13.37
CA SER A 2251 -46.90 21.57 -12.36
C SER A 2251 -46.90 23.02 -12.83
N LYS A 2252 -46.02 23.37 -13.76
CA LYS A 2252 -45.93 24.72 -14.29
C LYS A 2252 -46.61 24.87 -15.65
N ILE A 2253 -46.65 23.79 -16.44
CA ILE A 2253 -47.29 23.87 -17.75
C ILE A 2253 -48.80 23.74 -17.65
N GLY A 2254 -49.32 23.23 -16.54
CA GLY A 2254 -50.75 23.09 -16.38
C GLY A 2254 -51.47 24.40 -16.19
N PRO A 2255 -51.16 25.11 -15.10
CA PRO A 2255 -51.82 26.41 -14.86
C PRO A 2255 -51.65 27.39 -16.00
N ALA A 2256 -50.48 27.41 -16.65
CA ALA A 2256 -50.27 28.34 -17.75
C ALA A 2256 -51.23 28.05 -18.90
N LEU A 2257 -51.37 26.77 -19.26
CA LEU A 2257 -52.27 26.40 -20.34
C LEU A 2257 -53.72 26.66 -19.95
N LYS A 2258 -54.06 26.45 -18.68
CA LYS A 2258 -55.43 26.69 -18.23
C LYS A 2258 -55.77 28.17 -18.28
N THR A 2259 -54.80 29.02 -17.94
CA THR A 2259 -55.02 30.46 -17.95
C THR A 2259 -55.03 31.04 -19.36
N VAL A 2260 -54.20 30.50 -20.27
CA VAL A 2260 -54.18 31.02 -21.64
C VAL A 2260 -55.44 30.68 -22.41
N GLY A 2261 -56.25 29.74 -21.92
CA GLY A 2261 -57.48 29.35 -22.57
C GLY A 2261 -57.50 27.92 -23.06
N LEU A 2262 -56.36 27.25 -23.14
CA LEU A 2262 -56.30 25.87 -23.61
C LEU A 2262 -56.41 24.92 -22.41
N SER A 2263 -56.15 23.63 -22.65
CA SER A 2263 -56.21 22.62 -21.60
C SER A 2263 -55.11 21.60 -21.82
N LEU A 2264 -54.91 20.74 -20.83
CA LEU A 2264 -53.89 19.70 -20.94
C LEU A 2264 -54.25 18.63 -21.96
N ASP A 2265 -55.52 18.53 -22.34
CA ASP A 2265 -55.93 17.52 -23.33
C ASP A 2265 -55.44 17.86 -24.73
N VAL A 2266 -55.08 19.11 -24.99
CA VAL A 2266 -54.61 19.49 -26.31
C VAL A 2266 -53.28 18.82 -26.61
N SER A 2267 -53.05 18.52 -27.88
CA SER A 2267 -51.81 17.87 -28.29
C SER A 2267 -50.61 18.77 -28.03
N ARG A 2268 -49.46 18.15 -27.79
CA ARG A 2268 -48.24 18.91 -27.53
C ARG A 2268 -47.83 19.75 -28.73
N ARG A 2269 -48.07 19.25 -29.94
CA ARG A 2269 -47.71 20.01 -31.13
C ARG A 2269 -48.47 21.33 -31.22
N ASP A 2270 -49.76 21.31 -30.88
CA ASP A 2270 -50.58 22.52 -30.93
C ASP A 2270 -50.54 23.22 -29.56
N TRP A 2271 -49.37 23.76 -29.26
CA TRP A 2271 -49.14 24.47 -28.01
C TRP A 2271 -48.53 25.83 -28.28
N PRO A 2272 -48.93 26.85 -27.54
CA PRO A 2272 -48.37 28.20 -27.77
C PRO A 2272 -46.89 28.26 -27.43
N LEU A 2273 -46.16 29.04 -28.22
CA LEU A 2273 -44.73 29.19 -27.99
C LEU A 2273 -44.42 30.10 -26.80
N HIS A 2274 -45.21 31.16 -26.64
CA HIS A 2274 -44.98 32.08 -25.52
C HIS A 2274 -45.17 31.38 -24.18
N VAL A 2275 -46.15 30.46 -24.09
CA VAL A 2275 -46.39 29.76 -22.84
C VAL A 2275 -45.17 28.92 -22.47
N MET A 2276 -44.65 28.15 -23.43
CA MET A 2276 -43.48 27.32 -23.17
C MET A 2276 -42.26 28.18 -22.82
N LYS A 2277 -42.09 29.30 -23.54
CA LYS A 2277 -40.95 30.17 -23.25
C LYS A 2277 -41.05 30.74 -21.84
N ALA A 2278 -42.25 31.15 -21.42
CA ALA A 2278 -42.43 31.70 -20.09
C ALA A 2278 -42.16 30.64 -19.03
N VAL A 2279 -42.63 29.41 -19.27
CA VAL A 2279 -42.40 28.34 -18.29
C VAL A 2279 -40.91 28.05 -18.18
N LEU A 2280 -40.20 28.00 -19.31
CA LEU A 2280 -38.77 27.74 -19.27
C LEU A 2280 -38.03 28.87 -18.55
N GLU A 2281 -38.42 30.12 -18.81
CA GLU A 2281 -37.76 31.25 -18.15
C GLU A 2281 -38.01 31.20 -16.64
N GLU A 2282 -39.22 30.82 -16.23
CA GLU A 2282 -39.52 30.75 -14.81
C GLU A 2282 -38.78 29.60 -14.15
N LEU A 2283 -38.57 28.51 -14.87
CA LEU A 2283 -37.85 27.37 -14.31
C LEU A 2283 -36.37 27.65 -14.19
N MET A 2284 -35.78 28.33 -15.19
CA MET A 2284 -34.36 28.64 -15.14
C MET A 2284 -34.02 29.63 -14.03
N GLU A 2285 -34.97 30.50 -13.67
CA GLU A 2285 -34.73 31.47 -12.62
C GLU A 2285 -34.64 30.85 -11.22
N ALA A 2286 -34.99 29.57 -11.08
CA ALA A 2286 -34.93 28.90 -9.79
C ALA A 2286 -33.69 28.05 -9.60
N THR A 2287 -33.20 27.41 -10.66
CA THR A 2287 -32.01 26.56 -10.57
C THR A 2287 -30.76 27.43 -10.71
N PRO A 2288 -29.87 27.45 -9.70
CA PRO A 2288 -28.67 28.27 -9.83
C PRO A 2288 -27.72 27.68 -10.85
N PRO A 2289 -26.94 28.52 -11.53
CA PRO A 2289 -25.99 28.02 -12.54
C PRO A 2289 -24.61 27.68 -12.00
N ASN A 2290 -24.42 27.64 -10.69
CA ASN A 2290 -23.15 27.32 -10.07
C ASN A 2290 -23.05 25.87 -9.61
N LEU A 2291 -23.96 25.00 -10.06
CA LEU A 2291 -23.93 23.60 -9.66
C LEU A 2291 -22.67 22.91 -10.17
N LEU A 2292 -22.26 23.18 -11.41
CA LEU A 2292 -21.07 22.54 -11.96
C LEU A 2292 -19.80 23.33 -11.71
N ALA A 2293 -19.85 24.66 -11.80
CA ALA A 2293 -18.65 25.45 -11.57
C ALA A 2293 -18.14 25.30 -10.15
N LYS A 2294 -19.03 25.48 -9.16
CA LYS A 2294 -18.60 25.35 -7.77
C LYS A 2294 -18.13 23.92 -7.48
N GLU A 2295 -18.72 22.94 -8.16
CA GLU A 2295 -18.31 21.55 -7.93
C GLU A 2295 -16.86 21.35 -8.33
N LEU A 2296 -16.49 21.82 -9.52
CA LEU A 2296 -15.12 21.68 -9.99
C LEU A 2296 -14.18 22.51 -9.12
N TRP A 2297 -14.62 23.69 -8.69
CA TRP A 2297 -13.78 24.53 -7.85
C TRP A 2297 -13.50 23.87 -6.50
N SER A 2298 -14.52 23.24 -5.91
CA SER A 2298 -14.33 22.59 -4.61
C SER A 2298 -13.58 21.27 -4.74
N SER A 2299 -13.65 20.62 -5.91
CA SER A 2299 -12.96 19.35 -6.09
C SER A 2299 -11.45 19.51 -6.24
N CYS A 2300 -10.95 20.73 -6.44
CA CYS A 2300 -9.53 20.95 -6.60
C CYS A 2300 -8.86 21.19 -5.25
N THR A 2301 -7.54 21.37 -5.28
CA THR A 2301 -6.73 21.61 -4.10
C THR A 2301 -6.00 22.95 -4.12
N THR A 2302 -5.39 23.30 -5.24
CA THR A 2302 -4.65 24.54 -5.40
C THR A 2302 -5.17 25.33 -6.60
N PRO A 2303 -4.98 26.65 -6.61
CA PRO A 2303 -5.47 27.44 -7.76
C PRO A 2303 -4.91 26.99 -9.09
N ASP A 2304 -3.64 26.55 -9.13
CA ASP A 2304 -3.06 26.10 -10.38
C ASP A 2304 -3.83 24.88 -10.90
N GLU A 2305 -4.15 23.96 -10.00
CA GLU A 2305 -4.89 22.77 -10.39
C GLU A 2305 -6.28 23.16 -10.91
N TRP A 2306 -6.90 24.14 -10.26
CA TRP A 2306 -8.22 24.58 -10.68
C TRP A 2306 -8.16 25.16 -12.08
N TRP A 2307 -7.14 25.98 -12.36
CA TRP A 2307 -7.02 26.56 -13.69
C TRP A 2307 -6.77 25.49 -14.74
N ARG A 2308 -5.92 24.51 -14.41
CA ARG A 2308 -5.63 23.43 -15.35
C ARG A 2308 -6.88 22.61 -15.66
N VAL A 2309 -7.63 22.23 -14.62
CA VAL A 2309 -8.84 21.44 -14.87
C VAL A 2309 -9.87 22.27 -15.61
N THR A 2310 -9.95 23.58 -15.35
CA THR A 2310 -10.92 24.41 -16.05
C THR A 2310 -10.60 24.47 -17.53
N GLN A 2311 -9.33 24.68 -17.87
CA GLN A 2311 -8.93 24.73 -19.28
C GLN A 2311 -9.18 23.39 -19.95
N SER A 2312 -8.83 22.30 -19.27
CA SER A 2312 -9.03 20.97 -19.84
C SER A 2312 -10.51 20.70 -20.06
N TYR A 2313 -11.36 21.11 -19.12
CA TYR A 2313 -12.79 20.89 -19.25
C TYR A 2313 -13.35 21.68 -20.42
N ALA A 2314 -12.91 22.94 -20.58
CA ALA A 2314 -13.40 23.75 -21.68
C ALA A 2314 -13.01 23.14 -23.02
N ARG A 2315 -11.75 22.71 -23.14
CA ARG A 2315 -11.30 22.10 -24.40
C ARG A 2315 -12.03 20.80 -24.67
N SER A 2316 -12.20 19.96 -23.65
CA SER A 2316 -12.89 18.69 -23.83
C SER A 2316 -14.34 18.92 -24.24
N THR A 2317 -15.01 19.88 -23.61
CA THR A 2317 -16.40 20.17 -23.94
C THR A 2317 -16.51 20.64 -25.38
N ALA A 2318 -15.58 21.50 -25.82
CA ALA A 2318 -15.62 21.99 -27.19
C ALA A 2318 -15.41 20.85 -28.19
N VAL A 2319 -14.45 19.97 -27.90
CA VAL A 2319 -14.18 18.85 -28.80
C VAL A 2319 -15.39 17.92 -28.88
N MET A 2320 -15.97 17.59 -27.73
CA MET A 2320 -17.13 16.71 -27.72
C MET A 2320 -18.31 17.34 -28.45
N SER A 2321 -18.53 18.64 -28.25
CA SER A 2321 -19.64 19.32 -28.92
C SER A 2321 -19.46 19.29 -30.43
N MET A 2322 -18.25 19.58 -30.91
CA MET A 2322 -18.02 19.56 -32.35
C MET A 2322 -18.18 18.16 -32.92
N VAL A 2323 -17.66 17.14 -32.20
CA VAL A 2323 -17.78 15.77 -32.69
C VAL A 2323 -19.24 15.37 -32.75
N GLY A 2324 -20.00 15.70 -31.71
CA GLY A 2324 -21.41 15.35 -31.70
C GLY A 2324 -22.17 16.04 -32.81
N TYR A 2325 -21.84 17.31 -33.07
CA TYR A 2325 -22.53 18.04 -34.14
C TYR A 2325 -22.22 17.43 -35.49
N ILE A 2326 -20.96 17.04 -35.72
CA ILE A 2326 -20.60 16.45 -37.00
C ILE A 2326 -21.27 15.09 -37.18
N ILE A 2327 -21.22 14.25 -36.15
CA ILE A 2327 -21.84 12.93 -36.24
C ILE A 2327 -23.36 13.06 -36.22
N GLY A 2328 -23.89 13.87 -35.32
CA GLY A 2328 -25.33 14.07 -35.23
C GLY A 2328 -25.90 13.35 -34.02
N LEU A 2329 -25.08 13.20 -32.98
CA LEU A 2329 -25.52 12.52 -31.78
C LEU A 2329 -26.60 13.32 -31.07
N GLY A 2330 -27.65 12.64 -30.63
CA GLY A 2330 -28.75 13.28 -29.95
C GLY A 2330 -29.08 12.62 -28.62
N ASP A 2331 -30.15 13.08 -27.97
CA ASP A 2331 -30.59 12.56 -26.69
C ASP A 2331 -29.47 12.66 -25.65
N ARG A 2332 -28.96 13.88 -25.49
CA ARG A 2332 -27.87 14.14 -24.53
C ARG A 2332 -28.43 14.71 -23.23
N HIS A 2333 -29.07 13.83 -22.46
CA HIS A 2333 -29.63 14.26 -21.19
C HIS A 2333 -28.54 14.25 -20.12
N LEU A 2334 -28.94 14.61 -18.89
CA LEU A 2334 -27.97 14.65 -17.78
C LEU A 2334 -27.41 13.28 -17.43
N ASP A 2335 -28.13 12.20 -17.74
CA ASP A 2335 -27.63 10.86 -17.42
C ASP A 2335 -26.69 10.30 -18.47
N ASN A 2336 -26.59 10.93 -19.64
CA ASN A 2336 -25.72 10.47 -20.71
C ASN A 2336 -24.42 11.26 -20.78
N VAL A 2337 -24.17 12.14 -19.83
CA VAL A 2337 -22.95 12.95 -19.79
C VAL A 2337 -22.29 12.77 -18.44
N LEU A 2338 -21.01 12.42 -18.44
CA LEU A 2338 -20.25 12.21 -17.22
C LEU A 2338 -19.05 13.15 -17.18
N ILE A 2339 -18.74 13.62 -15.98
CA ILE A 2339 -17.63 14.54 -15.75
C ILE A 2339 -16.60 13.82 -14.89
N ASP A 2340 -15.33 14.03 -15.21
CA ASP A 2340 -14.21 13.43 -14.49
C ASP A 2340 -13.58 14.50 -13.61
N MET A 2341 -13.85 14.44 -12.31
CA MET A 2341 -13.31 15.43 -11.39
C MET A 2341 -11.79 15.39 -11.31
N THR A 2342 -11.16 14.29 -11.75
CA THR A 2342 -9.71 14.21 -11.69
C THR A 2342 -9.05 15.07 -12.76
N THR A 2343 -9.61 15.09 -13.97
CA THR A 2343 -9.05 15.88 -15.06
C THR A 2343 -10.02 16.89 -15.67
N GLY A 2344 -11.31 16.82 -15.36
CA GLY A 2344 -12.27 17.75 -15.91
C GLY A 2344 -12.82 17.38 -17.27
N GLU A 2345 -12.39 16.28 -17.85
CA GLU A 2345 -12.88 15.89 -19.17
C GLU A 2345 -14.32 15.40 -19.09
N VAL A 2346 -15.01 15.48 -20.22
CA VAL A 2346 -16.40 15.07 -20.35
C VAL A 2346 -16.46 13.85 -21.25
N VAL A 2347 -17.27 12.86 -20.85
CA VAL A 2347 -17.43 11.63 -21.62
C VAL A 2347 -18.91 11.32 -21.79
N HIS A 2348 -19.28 10.82 -22.97
CA HIS A 2348 -20.66 10.47 -23.26
C HIS A 2348 -20.91 9.00 -22.95
N ILE A 2349 -22.18 8.60 -22.96
CA ILE A 2349 -22.50 7.20 -22.64
C ILE A 2349 -23.30 6.44 -23.68
N ASP A 2350 -24.54 6.86 -23.95
CA ASP A 2350 -25.40 6.19 -24.92
C ASP A 2350 -25.26 6.73 -26.33
N TYR A 2351 -24.58 5.97 -27.19
CA TYR A 2351 -24.37 6.35 -28.58
C TYR A 2351 -25.40 5.66 -29.48
N ASN A 2352 -26.67 5.83 -29.15
CA ASN A 2352 -27.77 5.22 -29.91
C ASN A 2352 -28.45 6.20 -30.84
N VAL A 2353 -28.93 7.33 -30.33
CA VAL A 2353 -29.59 8.32 -31.15
C VAL A 2353 -28.54 9.22 -31.79
N CYS A 2354 -28.01 8.79 -32.93
CA CYS A 2354 -26.99 9.52 -33.66
C CYS A 2354 -27.38 9.57 -35.13
N PHE A 2355 -26.54 10.22 -35.93
CA PHE A 2355 -26.76 10.37 -37.37
C PHE A 2355 -28.11 11.05 -37.66
N GLU A 2356 -28.42 12.07 -36.86
CA GLU A 2356 -29.66 12.84 -37.00
C GLU A 2356 -30.89 11.95 -36.83
N LYS A 2357 -30.95 11.22 -35.72
CA LYS A 2357 -32.07 10.34 -35.45
C LYS A 2357 -33.08 10.95 -34.49
N GLY A 2358 -32.70 11.99 -33.76
CA GLY A 2358 -33.62 12.63 -32.82
C GLY A 2358 -34.65 13.54 -33.46
N LYS A 2359 -34.50 13.84 -34.75
CA LYS A 2359 -35.45 14.70 -35.44
C LYS A 2359 -36.72 13.97 -35.87
N SER A 2360 -36.72 12.64 -35.86
CA SER A 2360 -37.87 11.85 -36.25
C SER A 2360 -38.60 11.24 -35.06
N LEU A 2361 -38.26 11.65 -33.84
CA LEU A 2361 -38.91 11.13 -32.66
C LEU A 2361 -40.25 11.80 -32.44
N ARG A 2362 -40.95 11.42 -31.37
CA ARG A 2362 -42.25 12.02 -31.08
C ARG A 2362 -42.09 13.51 -30.81
N VAL A 2363 -41.01 13.89 -30.15
CA VAL A 2363 -40.72 15.28 -29.82
C VAL A 2363 -39.35 15.60 -30.42
N PRO A 2364 -39.30 16.04 -31.67
CA PRO A 2364 -38.01 16.36 -32.31
C PRO A 2364 -37.21 17.43 -31.60
N GLU A 2365 -35.88 17.31 -31.69
CA GLU A 2365 -34.95 18.25 -31.08
C GLU A 2365 -34.13 18.90 -32.19
N LYS A 2366 -33.92 20.22 -32.07
CA LYS A 2366 -33.18 20.97 -33.06
C LYS A 2366 -31.80 21.43 -32.58
N VAL A 2367 -31.53 21.40 -31.28
CA VAL A 2367 -30.22 21.84 -30.79
C VAL A 2367 -29.16 20.83 -31.21
N PRO A 2368 -28.00 21.28 -31.69
CA PRO A 2368 -26.97 20.30 -32.10
C PRO A 2368 -26.36 19.56 -30.92
N PHE A 2369 -26.03 20.27 -29.84
CA PHE A 2369 -25.44 19.67 -28.65
C PHE A 2369 -26.08 20.31 -27.44
N ARG A 2370 -25.60 19.93 -26.26
CA ARG A 2370 -26.12 20.47 -25.01
C ARG A 2370 -25.32 21.69 -24.61
N MET A 2371 -25.98 22.84 -24.55
CA MET A 2371 -25.39 24.12 -24.18
C MET A 2371 -26.25 24.79 -23.12
N THR A 2372 -26.61 24.01 -22.11
CA THR A 2372 -27.44 24.46 -21.00
C THR A 2372 -26.72 25.56 -20.20
N GLN A 2373 -27.47 26.20 -19.30
CA GLN A 2373 -26.95 27.26 -18.45
C GLN A 2373 -25.75 26.81 -17.62
N ASN A 2374 -25.86 25.63 -16.99
CA ASN A 2374 -24.75 25.14 -16.17
C ASN A 2374 -23.50 24.90 -17.00
N ILE A 2375 -23.66 24.33 -18.20
CA ILE A 2375 -22.52 24.07 -19.06
C ILE A 2375 -21.82 25.37 -19.43
N GLU A 2376 -22.61 26.40 -19.77
CA GLU A 2376 -22.04 27.69 -20.14
C GLU A 2376 -21.37 28.36 -18.95
N THR A 2377 -21.98 28.30 -17.76
CA THR A 2377 -21.39 28.92 -16.59
C THR A 2377 -20.10 28.24 -16.18
N ALA A 2378 -19.99 26.92 -16.38
CA ALA A 2378 -18.79 26.20 -16.01
C ALA A 2378 -17.58 26.56 -16.86
N LEU A 2379 -17.77 27.27 -17.97
CA LEU A 2379 -16.68 27.66 -18.85
C LEU A 2379 -15.99 28.96 -18.43
N GLY A 2380 -16.53 29.67 -17.45
CA GLY A 2380 -15.96 30.91 -16.98
C GLY A 2380 -16.90 32.09 -17.21
N VAL A 2381 -16.39 33.28 -16.85
CA VAL A 2381 -17.17 34.49 -17.01
C VAL A 2381 -17.33 34.86 -18.48
N THR A 2382 -16.35 34.51 -19.31
CA THR A 2382 -16.43 34.83 -20.74
C THR A 2382 -17.59 34.10 -21.40
N GLY A 2383 -17.77 32.82 -21.08
CA GLY A 2383 -18.84 32.04 -21.66
C GLY A 2383 -18.39 31.16 -22.80
N VAL A 2384 -18.84 31.46 -24.02
CA VAL A 2384 -18.47 30.71 -25.20
C VAL A 2384 -17.65 31.54 -26.17
N GLU A 2385 -17.18 32.71 -25.74
CA GLU A 2385 -16.38 33.59 -26.57
C GLU A 2385 -14.88 33.51 -26.28
N GLY A 2386 -14.46 32.67 -25.34
CA GLY A 2386 -13.05 32.56 -25.03
C GLY A 2386 -12.36 31.36 -25.63
N VAL A 2387 -12.02 30.38 -24.79
CA VAL A 2387 -11.35 29.17 -25.26
C VAL A 2387 -12.30 28.23 -25.99
N PHE A 2388 -13.59 28.27 -25.67
CA PHE A 2388 -14.56 27.38 -26.33
C PHE A 2388 -14.65 27.64 -27.83
N ARG A 2389 -14.84 28.90 -28.23
CA ARG A 2389 -14.94 29.23 -29.65
C ARG A 2389 -13.66 28.90 -30.40
N LEU A 2390 -12.51 29.27 -29.85
CA LEU A 2390 -11.24 28.99 -30.53
C LEU A 2390 -11.02 27.49 -30.65
N SER A 2391 -11.33 26.74 -29.59
CA SER A 2391 -11.14 25.29 -29.64
C SER A 2391 -12.05 24.67 -30.69
N CYS A 2392 -13.30 25.15 -30.77
CA CYS A 2392 -14.23 24.61 -31.76
C CYS A 2392 -13.73 24.89 -33.16
N GLU A 2393 -13.22 26.11 -33.39
CA GLU A 2393 -12.70 26.46 -34.71
C GLU A 2393 -11.52 25.57 -35.07
N GLN A 2394 -10.62 25.34 -34.12
CA GLN A 2394 -9.45 24.50 -34.40
C GLN A 2394 -9.88 23.07 -34.70
N VAL A 2395 -10.84 22.55 -33.94
CA VAL A 2395 -11.32 21.20 -34.17
C VAL A 2395 -11.94 21.07 -35.56
N LEU A 2396 -12.76 22.05 -35.94
CA LEU A 2396 -13.38 21.99 -37.27
C LEU A 2396 -12.31 22.09 -38.36
N HIS A 2397 -11.28 22.91 -38.15
CA HIS A 2397 -10.23 23.01 -39.15
C HIS A 2397 -9.51 21.68 -39.32
N ILE A 2398 -9.22 21.01 -38.21
CA ILE A 2398 -8.54 19.72 -38.25
C ILE A 2398 -9.41 18.68 -38.97
N MET A 2399 -10.70 18.64 -38.64
CA MET A 2399 -11.58 17.68 -39.28
C MET A 2399 -11.75 17.95 -40.77
N ARG A 2400 -11.88 19.23 -41.15
CA ARG A 2400 -12.05 19.57 -42.56
C ARG A 2400 -10.78 19.30 -43.37
N ARG A 2401 -9.60 19.46 -42.76
CA ARG A 2401 -8.37 19.21 -43.50
C ARG A 2401 -8.23 17.74 -43.87
N GLY A 2402 -8.58 16.84 -42.96
CA GLY A 2402 -8.48 15.41 -43.23
C GLY A 2402 -9.82 14.71 -43.33
N ARG A 2403 -10.77 15.32 -44.03
CA ARG A 2403 -12.09 14.72 -44.18
C ARG A 2403 -12.12 13.54 -45.16
N GLU A 2404 -11.08 13.38 -45.98
CA GLU A 2404 -11.06 12.27 -46.93
C GLU A 2404 -11.07 10.93 -46.22
N THR A 2405 -10.21 10.77 -45.21
CA THR A 2405 -10.17 9.51 -44.48
C THR A 2405 -11.48 9.25 -43.74
N LEU A 2406 -12.09 10.30 -43.17
CA LEU A 2406 -13.35 10.13 -42.47
C LEU A 2406 -14.43 9.67 -43.42
N LEU A 2407 -14.49 10.28 -44.62
CA LEU A 2407 -15.48 9.90 -45.59
C LEU A 2407 -15.27 8.46 -46.04
N THR A 2408 -14.00 8.06 -46.23
CA THR A 2408 -13.72 6.70 -46.65
C THR A 2408 -14.17 5.71 -45.57
N LEU A 2409 -13.89 6.04 -44.30
CA LEU A 2409 -14.28 5.16 -43.21
C LEU A 2409 -15.80 5.04 -43.15
N LEU A 2410 -16.51 6.15 -43.34
CA LEU A 2410 -17.97 6.11 -43.31
C LEU A 2410 -18.49 5.26 -44.45
N GLU A 2411 -17.89 5.40 -45.64
CA GLU A 2411 -18.32 4.62 -46.78
C GLU A 2411 -18.13 3.13 -46.49
N ALA A 2412 -17.01 2.79 -45.84
CA ALA A 2412 -16.76 1.39 -45.51
C ALA A 2412 -17.81 0.91 -44.51
N PHE A 2413 -18.19 1.77 -43.57
CA PHE A 2413 -19.20 1.40 -42.58
C PHE A 2413 -20.55 1.14 -43.23
N VAL A 2414 -20.87 1.92 -44.27
CA VAL A 2414 -22.14 1.77 -44.98
C VAL A 2414 -22.23 0.38 -45.61
N TYR A 2415 -21.20 -0.02 -46.35
CA TYR A 2415 -21.18 -1.32 -47.01
C TYR A 2415 -20.63 -2.39 -46.05
N ASP A 2416 -21.37 -2.59 -44.97
CA ASP A 2416 -21.02 -3.58 -43.94
C ASP A 2416 -22.20 -4.52 -43.76
N PRO A 2417 -22.07 -5.80 -44.12
CA PRO A 2417 -23.20 -6.72 -43.95
C PRO A 2417 -23.51 -7.06 -42.51
N LEU A 2418 -22.62 -6.74 -41.57
CA LEU A 2418 -22.83 -7.02 -40.16
C LEU A 2418 -23.42 -5.84 -39.39
N VAL A 2419 -23.74 -4.74 -40.08
CA VAL A 2419 -24.30 -3.55 -39.45
C VAL A 2419 -25.77 -3.45 -39.82
N ASP A 2420 -26.64 -3.34 -38.82
CA ASP A 2420 -28.08 -3.22 -39.00
C ASP A 2420 -28.45 -1.75 -38.90
N TRP A 2421 -28.48 -1.06 -40.05
CA TRP A 2421 -28.82 0.36 -40.05
C TRP A 2421 -30.27 0.57 -39.64
N THR A 2422 -31.19 -0.26 -40.14
CA THR A 2422 -32.61 -0.15 -39.84
C THR A 2422 -32.87 -0.80 -38.49
N ALA A 2423 -32.84 0.00 -37.43
CA ALA A 2423 -33.07 -0.50 -36.07
C ALA A 2423 -33.65 0.59 -35.18
N SER A 3603 -31.62 2.67 -48.37
CA SER A 3603 -30.93 3.88 -48.78
C SER A 3603 -30.68 4.80 -47.59
N TYR A 3604 -30.98 4.30 -46.39
CA TYR A 3604 -30.77 5.10 -45.18
C TYR A 3604 -29.30 5.40 -44.97
N ALA A 3605 -28.44 4.39 -45.18
CA ALA A 3605 -27.01 4.60 -45.01
C ALA A 3605 -26.47 5.63 -45.98
N VAL A 3606 -26.95 5.61 -47.22
CA VAL A 3606 -26.50 6.58 -48.21
C VAL A 3606 -26.89 7.99 -47.78
N SER A 3607 -28.11 8.14 -47.28
CA SER A 3607 -28.56 9.46 -46.83
C SER A 3607 -27.72 9.94 -45.66
N VAL A 3608 -27.40 9.03 -44.73
CA VAL A 3608 -26.59 9.41 -43.57
C VAL A 3608 -25.21 9.86 -44.03
N TRP A 3609 -24.61 9.12 -44.95
CA TRP A 3609 -23.28 9.48 -45.46
C TRP A 3609 -23.33 10.83 -46.17
N LYS A 3610 -24.38 11.07 -46.95
CA LYS A 3610 -24.50 12.35 -47.65
C LYS A 3610 -24.63 13.50 -46.66
N ARG A 3611 -25.40 13.29 -45.60
CA ARG A 3611 -25.57 14.34 -44.60
C ARG A 3611 -24.25 14.64 -43.91
N VAL A 3612 -23.49 13.59 -43.56
CA VAL A 3612 -22.21 13.80 -42.89
C VAL A 3612 -21.25 14.53 -43.83
N LYS A 3613 -21.23 14.14 -45.11
CA LYS A 3613 -20.35 14.79 -46.06
C LYS A 3613 -20.71 16.26 -46.21
N ALA A 3614 -22.01 16.56 -46.26
CA ALA A 3614 -22.44 17.95 -46.40
C ALA A 3614 -22.02 18.76 -45.18
N LYS A 3615 -22.16 18.17 -43.99
CA LYS A 3615 -21.77 18.87 -42.76
C LYS A 3615 -20.27 19.14 -42.74
N LEU A 3616 -19.47 18.16 -43.15
CA LEU A 3616 -18.01 18.33 -43.16
C LEU A 3616 -17.59 19.36 -44.20
N GLU A 3617 -18.24 19.37 -45.36
CA GLU A 3617 -17.89 20.32 -46.41
C GLU A 3617 -18.28 21.75 -46.07
N GLY A 3618 -19.02 21.97 -44.99
CA GLY A 3618 -19.44 23.29 -44.60
C GLY A 3618 -20.79 23.73 -45.11
N ARG A 3619 -21.38 22.98 -46.04
CA ARG A 3619 -22.70 23.31 -46.59
C ARG A 3619 -23.80 22.64 -45.77
N ASP A 3620 -23.81 22.96 -44.47
CA ASP A 3620 -24.82 22.39 -43.58
C ASP A 3620 -26.22 22.82 -44.01
N VAL A 3621 -26.50 24.12 -43.94
CA VAL A 3621 -27.80 24.67 -44.33
C VAL A 3621 -27.54 25.82 -45.29
N ASP A 3622 -27.48 25.51 -46.58
CA ASP A 3622 -27.24 26.49 -47.63
C ASP A 3622 -27.40 25.82 -49.00
N PRO A 3623 -27.96 26.51 -49.99
CA PRO A 3623 -28.11 25.90 -51.31
C PRO A 3623 -26.77 25.62 -51.97
N ASN A 3624 -25.95 26.67 -52.09
CA ASN A 3624 -24.63 26.55 -52.70
C ASN A 3624 -23.54 27.30 -51.96
N ARG A 3625 -23.87 28.18 -51.02
CA ARG A 3625 -22.85 28.92 -50.28
C ARG A 3625 -22.15 28.02 -49.28
N ARG A 3626 -20.82 28.09 -49.25
CA ARG A 3626 -20.00 27.29 -48.35
C ARG A 3626 -19.63 28.15 -47.15
N MET A 3627 -20.22 27.85 -46.00
CA MET A 3627 -19.94 28.60 -44.79
C MET A 3627 -18.52 28.36 -44.31
N SER A 3628 -17.91 29.41 -43.76
CA SER A 3628 -16.55 29.30 -43.26
C SER A 3628 -16.56 28.67 -41.87
N VAL A 3629 -15.36 28.42 -41.34
CA VAL A 3629 -15.26 27.82 -40.01
C VAL A 3629 -15.83 28.75 -38.95
N ALA A 3630 -15.46 30.03 -39.00
CA ALA A 3630 -15.97 30.98 -38.01
C ALA A 3630 -17.48 31.13 -38.13
N GLU A 3631 -17.99 31.26 -39.36
CA GLU A 3631 -19.43 31.39 -39.55
C GLU A 3631 -20.16 30.14 -39.08
N GLN A 3632 -19.60 28.97 -39.38
CA GLN A 3632 -20.24 27.72 -38.96
C GLN A 3632 -20.29 27.62 -37.44
N VAL A 3633 -19.20 27.98 -36.77
CA VAL A 3633 -19.16 27.92 -35.31
C VAL A 3633 -20.19 28.89 -34.72
N ASP A 3634 -20.24 30.11 -35.26
CA ASP A 3634 -21.20 31.09 -34.75
C ASP A 3634 -22.63 30.64 -34.95
N TYR A 3635 -22.95 30.11 -36.14
CA TYR A 3635 -24.30 29.64 -36.41
C TYR A 3635 -24.69 28.47 -35.51
N VAL A 3636 -23.77 27.52 -35.33
CA VAL A 3636 -24.05 26.37 -34.48
C VAL A 3636 -24.26 26.80 -33.03
N ILE A 3637 -23.42 27.71 -32.54
CA ILE A 3637 -23.56 28.18 -31.17
C ILE A 3637 -24.87 28.93 -30.98
N LYS A 3638 -25.23 29.77 -31.95
CA LYS A 3638 -26.48 30.51 -31.86
C LYS A 3638 -27.69 29.59 -31.88
N GLU A 3639 -27.66 28.56 -32.74
CA GLU A 3639 -28.77 27.63 -32.82
C GLU A 3639 -28.90 26.76 -31.58
N ALA A 3640 -27.85 26.63 -30.79
CA ALA A 3640 -27.86 25.82 -29.58
C ALA A 3640 -28.06 26.63 -28.30
N THR A 3641 -28.24 27.95 -28.42
CA THR A 3641 -28.43 28.79 -27.25
C THR A 3641 -29.70 29.63 -27.28
N ASN A 3642 -30.38 29.74 -28.42
CA ASN A 3642 -31.60 30.53 -28.48
C ASN A 3642 -32.71 29.88 -27.67
N LEU A 3643 -33.48 30.71 -26.97
CA LEU A 3643 -34.58 30.21 -26.16
C LEU A 3643 -35.72 29.62 -26.99
N ASP A 3644 -35.79 29.97 -28.28
CA ASP A 3644 -36.85 29.45 -29.14
C ASP A 3644 -36.72 27.95 -29.38
N ASN A 3645 -35.51 27.39 -29.22
CA ASN A 3645 -35.29 25.97 -29.43
C ASN A 3645 -35.24 25.17 -28.14
N LEU A 3646 -34.86 25.80 -27.02
CA LEU A 3646 -34.78 25.09 -25.75
C LEU A 3646 -36.14 24.93 -25.08
N ALA A 3647 -37.11 25.77 -25.44
CA ALA A 3647 -38.44 25.66 -24.83
C ALA A 3647 -39.20 24.46 -25.37
N GLN A 3648 -39.15 24.25 -26.69
CA GLN A 3648 -39.84 23.13 -27.32
C GLN A 3648 -38.90 21.92 -27.36
N LEU A 3649 -38.78 21.26 -26.22
CA LEU A 3649 -37.93 20.09 -26.07
C LEU A 3649 -38.59 19.11 -25.10
N TYR A 3650 -38.03 17.91 -25.04
CA TYR A 3650 -38.56 16.89 -24.15
C TYR A 3650 -38.39 17.29 -22.69
N GLU A 3651 -39.33 16.84 -21.85
CA GLU A 3651 -39.28 17.16 -20.44
C GLU A 3651 -38.07 16.52 -19.76
N GLY A 3652 -37.74 15.28 -20.14
CA GLY A 3652 -36.60 14.58 -19.57
C GLY A 3652 -35.25 15.13 -19.96
N TRP A 3653 -35.19 16.01 -20.96
CA TRP A 3653 -33.91 16.56 -21.38
C TRP A 3653 -33.33 17.53 -20.35
N THR A 3654 -34.17 18.04 -19.44
CA THR A 3654 -33.77 18.97 -18.39
C THR A 3654 -33.07 20.20 -18.99
N ALA A 3655 -33.81 20.94 -19.80
CA ALA A 3655 -33.29 22.13 -20.44
C ALA A 3655 -33.07 23.30 -19.48
N TRP A 3656 -33.59 23.21 -18.25
CA TRP A 3656 -33.44 24.28 -17.27
C TRP A 3656 -32.29 24.03 -16.30
N VAL A 3657 -31.52 22.95 -16.47
CA VAL A 3657 -30.41 22.65 -15.58
C VAL A 3657 -29.35 21.83 -16.30
N PRO B 4 22.29 -39.54 29.10
CA PRO B 4 21.14 -38.62 29.05
C PRO B 4 19.81 -39.35 28.98
N VAL B 5 19.35 -39.87 30.12
CA VAL B 5 18.10 -40.59 30.22
C VAL B 5 17.27 -40.00 31.35
N SER B 6 15.98 -40.28 31.32
CA SER B 6 15.08 -39.78 32.35
C SER B 6 15.43 -40.38 33.70
N LEU B 7 15.18 -39.61 34.76
CA LEU B 7 15.47 -40.07 36.11
C LEU B 7 14.61 -41.27 36.47
N ARG B 8 13.33 -41.25 36.08
CA ARG B 8 12.45 -42.37 36.39
C ARG B 8 12.89 -43.64 35.68
N ASP B 9 13.45 -43.52 34.48
CA ASP B 9 13.92 -44.66 33.71
C ASP B 9 15.30 -45.13 34.12
N LEU B 10 15.96 -44.44 35.05
CA LEU B 10 17.29 -44.81 35.50
C LEU B 10 17.29 -45.54 36.84
N LEU B 11 16.40 -45.17 37.75
CA LEU B 11 16.36 -45.83 39.06
C LEU B 11 15.88 -47.27 38.94
N MET B 12 15.01 -47.57 37.96
CA MET B 12 14.52 -48.93 37.80
C MET B 12 15.65 -49.89 37.45
N GLY B 13 16.55 -49.48 36.56
CA GLY B 13 17.66 -50.33 36.16
C GLY B 13 18.79 -50.35 37.17
N GLU B 39 25.30 -50.65 35.29
CA GLU B 39 25.51 -50.60 36.73
C GLU B 39 26.70 -51.43 37.24
N PRO B 40 26.86 -52.68 36.77
CA PRO B 40 28.00 -53.49 37.24
C PRO B 40 29.34 -52.83 36.98
N PRO B 41 29.56 -52.16 35.85
CA PRO B 41 30.88 -51.52 35.63
C PRO B 41 31.22 -50.47 36.68
N TRP B 42 30.23 -49.75 37.19
CA TRP B 42 30.43 -48.71 38.20
C TRP B 42 29.49 -48.93 39.38
N ARG B 43 29.47 -50.17 39.89
CA ARG B 43 28.61 -50.50 41.02
C ARG B 43 29.00 -49.77 42.30
N GLU B 44 30.30 -49.53 42.51
CA GLU B 44 30.75 -48.84 43.73
C GLU B 44 31.89 -47.86 43.37
N ASP B 45 31.51 -46.62 43.10
CA ASP B 45 32.45 -45.56 42.75
C ASP B 45 32.02 -44.27 43.43
N GLU B 46 32.97 -43.57 44.04
CA GLU B 46 32.65 -42.31 44.72
C GLU B 46 32.27 -41.27 43.68
N ILE B 47 31.07 -40.71 43.79
CA ILE B 47 30.59 -39.71 42.86
C ILE B 47 30.01 -38.51 43.61
N CYS B 48 29.75 -37.46 42.86
CA CYS B 48 29.20 -36.20 43.35
C CYS B 48 27.95 -35.87 42.56
N VAL B 49 26.89 -35.46 43.25
CA VAL B 49 25.62 -35.10 42.62
C VAL B 49 25.57 -33.60 42.42
N VAL B 50 25.29 -33.18 41.19
CA VAL B 50 25.19 -31.76 40.84
C VAL B 50 23.83 -31.52 40.20
N GLY B 51 23.03 -30.66 40.82
CA GLY B 51 21.71 -30.33 40.33
C GLY B 51 21.75 -29.02 39.56
N ILE B 52 21.00 -28.95 38.47
CA ILE B 52 20.93 -27.77 37.62
C ILE B 52 19.48 -27.32 37.51
N PHE B 53 19.24 -26.04 37.78
CA PHE B 53 17.88 -25.52 37.69
C PHE B 53 17.92 -24.02 37.46
N GLY B 54 16.76 -23.44 37.20
CA GLY B 54 16.61 -22.03 36.96
C GLY B 54 15.70 -21.78 35.78
N LYS B 55 15.66 -20.53 35.33
CA LYS B 55 14.84 -20.12 34.21
C LYS B 55 15.63 -20.19 32.91
N THR B 56 14.92 -20.22 31.79
CA THR B 56 15.53 -20.28 30.47
C THR B 56 14.65 -19.56 29.46
N ALA B 57 15.27 -18.74 28.63
CA ALA B 57 14.54 -18.00 27.61
C ALA B 57 14.22 -18.88 26.41
N LEU B 58 13.38 -18.37 25.52
CA LEU B 58 12.97 -19.10 24.32
C LEU B 58 14.12 -19.10 23.32
N ARG B 59 14.87 -20.19 23.26
CA ARG B 59 15.98 -20.30 22.34
C ARG B 59 16.15 -21.76 21.92
N LEU B 60 16.80 -21.95 20.77
CA LEU B 60 17.02 -23.30 20.27
C LEU B 60 17.94 -24.10 21.17
N ASN B 61 19.01 -23.47 21.65
CA ASN B 61 19.99 -24.12 22.53
C ASN B 61 19.77 -23.63 23.96
N SER B 62 19.32 -24.52 24.82
CA SER B 62 19.08 -24.16 26.22
C SER B 62 20.40 -23.96 26.95
N GLU B 63 20.36 -23.15 28.00
CA GLU B 63 21.56 -22.87 28.78
C GLU B 63 22.07 -24.11 29.52
N LYS B 64 21.17 -24.93 30.08
CA LYS B 64 21.56 -26.12 30.81
C LYS B 64 22.27 -27.15 29.92
N PHE B 65 21.73 -27.39 28.72
CA PHE B 65 22.37 -28.36 27.82
C PHE B 65 23.77 -27.89 27.43
N SER B 66 23.90 -26.60 27.10
CA SER B 66 25.21 -26.07 26.71
C SER B 66 26.17 -26.14 27.89
N LEU B 67 25.66 -25.89 29.10
CA LEU B 67 26.50 -25.94 30.29
C LEU B 67 27.04 -27.35 30.50
N VAL B 68 26.16 -28.35 30.37
CA VAL B 68 26.58 -29.73 30.54
C VAL B 68 27.59 -30.13 29.49
N ASN B 69 27.34 -29.73 28.23
CA ASN B 69 28.27 -30.07 27.16
C ASN B 69 29.63 -29.42 27.37
N THR B 70 29.65 -28.17 27.81
CA THR B 70 30.92 -27.48 28.04
C THR B 70 31.68 -28.09 29.22
N VAL B 71 30.98 -28.42 30.30
CA VAL B 71 31.64 -28.99 31.47
C VAL B 71 32.19 -30.38 31.15
N CYS B 72 31.38 -31.22 30.51
CA CYS B 72 31.83 -32.56 30.16
C CYS B 72 32.77 -32.59 28.96
N ASP B 73 32.94 -31.46 28.27
CA ASP B 73 33.80 -31.33 27.09
C ASP B 73 33.39 -32.23 25.94
N ARG B 74 32.20 -32.79 25.98
CA ARG B 74 31.71 -33.68 24.93
C ARG B 74 30.25 -33.35 24.64
N GLN B 75 29.81 -33.72 23.45
CA GLN B 75 28.42 -33.47 23.04
C GLN B 75 27.47 -34.43 23.74
N VAL B 76 27.23 -34.20 25.04
CA VAL B 76 26.32 -35.07 25.78
C VAL B 76 24.91 -34.96 25.21
N PHE B 77 24.46 -33.73 24.96
CA PHE B 77 23.14 -33.49 24.41
C PHE B 77 23.29 -33.09 22.95
N PRO B 78 22.94 -33.96 22.00
CA PRO B 78 23.08 -33.59 20.58
C PRO B 78 22.17 -32.44 20.19
N LEU B 79 22.65 -31.62 19.27
CA LEU B 79 21.91 -30.47 18.78
C LEU B 79 20.80 -30.93 17.84
N PHE B 80 19.78 -30.08 17.70
CA PHE B 80 18.63 -30.36 16.85
C PHE B 80 17.92 -31.65 17.27
N ARG B 81 17.46 -31.65 18.52
CA ARG B 81 16.77 -32.81 19.07
C ARG B 81 15.63 -32.37 19.99
N GLN B 133 -0.66 -33.70 30.73
CA GLN B 133 -1.00 -33.75 32.15
C GLN B 133 -0.05 -32.87 32.96
N ASP B 134 1.20 -33.31 33.06
CA ASP B 134 2.21 -32.58 33.80
C ASP B 134 3.19 -31.88 32.86
N TYR B 135 3.94 -30.94 33.42
CA TYR B 135 4.92 -30.16 32.67
C TYR B 135 6.23 -30.05 33.44
N SER B 136 6.66 -31.15 34.04
CA SER B 136 7.90 -31.20 34.81
C SER B 136 8.71 -32.39 34.33
N LEU B 137 10.03 -32.25 34.38
CA LEU B 137 10.91 -33.33 33.94
C LEU B 137 12.24 -33.25 34.67
N LEU B 138 12.80 -34.42 34.95
CA LEU B 138 14.09 -34.55 35.64
C LEU B 138 14.95 -35.49 34.83
N GLN B 139 16.07 -34.98 34.31
CA GLN B 139 16.98 -35.78 33.52
C GLN B 139 18.25 -36.05 34.31
N ALA B 140 18.82 -37.24 34.11
CA ALA B 140 20.03 -37.64 34.81
C ALA B 140 21.09 -38.08 33.80
N TYR B 141 22.34 -37.76 34.12
CA TYR B 141 23.46 -38.12 33.25
C TYR B 141 24.69 -38.40 34.10
N TYR B 142 25.34 -39.52 33.86
CA TYR B 142 26.55 -39.90 34.60
C TYR B 142 27.79 -39.70 33.74
N SER B 143 28.86 -39.24 34.37
CA SER B 143 30.14 -39.00 33.71
C SER B 143 31.19 -39.84 34.42
N GLN B 144 31.67 -40.89 33.73
CA GLN B 144 32.68 -41.78 34.28
C GLN B 144 34.06 -41.15 34.25
N GLU B 145 34.35 -40.35 33.21
CA GLU B 145 35.66 -39.71 33.11
C GLU B 145 35.91 -38.78 34.29
N SER B 146 34.85 -38.30 34.94
CA SER B 146 34.96 -37.41 36.08
C SER B 146 34.22 -37.94 37.29
N LYS B 147 33.49 -39.05 37.16
CA LYS B 147 32.73 -39.66 38.25
C LYS B 147 31.78 -38.64 38.89
N VAL B 148 30.93 -38.03 38.06
CA VAL B 148 29.99 -37.05 38.54
C VAL B 148 28.62 -37.26 37.88
N LEU B 149 27.57 -37.11 38.68
CA LEU B 149 26.20 -37.27 38.21
C LEU B 149 25.54 -35.90 38.14
N TYR B 150 24.85 -35.63 37.04
CA TYR B 150 24.16 -34.38 36.81
C TYR B 150 22.65 -34.62 36.75
N LEU B 151 21.90 -33.77 37.44
CA LEU B 151 20.44 -33.84 37.50
C LEU B 151 19.87 -32.52 37.01
N LEU B 152 19.38 -32.51 35.77
CA LEU B 152 18.80 -31.31 35.17
C LEU B 152 17.30 -31.26 35.46
N LEU B 153 16.82 -30.08 35.82
CA LEU B 153 15.40 -29.89 36.12
C LEU B 153 14.74 -28.98 35.11
N THR B 154 13.56 -29.38 34.64
CA THR B 154 12.78 -28.61 33.67
C THR B 154 11.37 -28.48 34.22
N SER B 155 10.82 -27.28 34.19
CA SER B 155 9.47 -27.06 34.70
C SER B 155 8.82 -25.93 33.90
N ILE B 156 7.74 -25.37 34.44
CA ILE B 156 7.03 -24.29 33.78
C ILE B 156 7.90 -23.05 33.63
N CYS B 157 8.93 -22.89 34.47
CA CYS B 157 9.80 -21.72 34.37
C CYS B 157 10.46 -21.67 33.01
N ASP B 158 10.95 -22.82 32.52
CA ASP B 158 11.59 -22.87 31.22
C ASP B 158 10.56 -22.58 30.13
N ASN B 159 11.02 -21.91 29.07
CA ASN B 159 10.10 -21.58 27.99
C ASN B 159 9.72 -22.80 27.16
N SER B 160 10.55 -23.84 27.14
CA SER B 160 10.21 -25.04 26.37
C SER B 160 8.92 -25.66 26.87
N GLN B 161 8.77 -25.78 28.19
CA GLN B 161 7.56 -26.37 28.74
C GLN B 161 6.40 -25.38 28.74
N LEU B 162 6.69 -24.09 28.95
CA LEU B 162 5.63 -23.08 28.96
C LEU B 162 4.96 -23.00 27.60
N LEU B 163 5.74 -23.09 26.51
CA LEU B 163 5.16 -23.01 25.19
C LEU B 163 4.20 -24.17 24.96
N ARG B 164 4.60 -25.38 25.37
CA ARG B 164 3.73 -26.54 25.20
C ARG B 164 2.47 -26.40 26.05
N ALA B 165 2.63 -25.89 27.28
CA ALA B 165 1.46 -25.72 28.15
C ALA B 165 0.47 -24.74 27.53
N CYS B 166 0.98 -23.62 27.00
CA CYS B 166 0.10 -22.63 26.38
C CYS B 166 -0.57 -23.21 25.14
N ARG B 167 0.18 -23.95 24.33
CA ARG B 167 -0.39 -24.54 23.12
C ARG B 167 -1.50 -25.52 23.47
N ALA B 168 -1.28 -26.33 24.52
CA ALA B 168 -2.30 -27.30 24.93
C ALA B 168 -3.52 -26.59 25.49
N LEU B 169 -3.31 -25.54 26.28
CA LEU B 169 -4.42 -24.80 26.87
C LEU B 169 -5.21 -24.05 25.81
N GLN B 170 -4.59 -23.69 24.68
CA GLN B 170 -5.30 -22.97 23.64
C GLN B 170 -6.43 -23.81 23.06
N SER B 171 -6.20 -25.10 22.83
CA SER B 171 -7.21 -26.00 22.29
C SER B 171 -7.89 -26.82 23.37
N GLY B 172 -7.13 -27.57 24.17
CA GLY B 172 -7.70 -28.38 25.22
C GLY B 172 -6.75 -29.45 25.73
N PRO B 181 -12.53 -20.48 31.13
CA PRO B 181 -13.05 -20.03 32.43
C PRO B 181 -11.96 -19.42 33.31
N HIS B 182 -12.32 -18.40 34.08
CA HIS B 182 -11.37 -17.73 34.96
C HIS B 182 -10.99 -18.56 36.17
N ALA B 183 -11.72 -19.63 36.46
CA ALA B 183 -11.42 -20.49 37.61
C ALA B 183 -10.59 -21.71 37.24
N GLU B 184 -10.71 -22.20 36.01
CA GLU B 184 -9.94 -23.37 35.60
C GLU B 184 -8.48 -23.01 35.37
N ALA B 185 -8.22 -21.86 34.75
CA ALA B 185 -6.84 -21.45 34.49
C ALA B 185 -6.09 -21.23 35.80
N HIS B 186 -6.74 -20.61 36.78
CA HIS B 186 -6.07 -20.37 38.06
C HIS B 186 -5.68 -21.69 38.71
N GLU B 187 -6.59 -22.66 38.71
CA GLU B 187 -6.29 -23.96 39.31
C GLU B 187 -5.17 -24.66 38.54
N PHE B 188 -5.19 -24.54 37.22
CA PHE B 188 -4.16 -25.17 36.39
C PHE B 188 -2.79 -24.61 36.73
N TRP B 189 -2.68 -23.28 36.79
CA TRP B 189 -1.40 -22.65 37.11
C TRP B 189 -0.96 -23.01 38.53
N LYS B 190 -1.92 -23.06 39.46
CA LYS B 190 -1.57 -23.41 40.84
C LYS B 190 -1.02 -24.83 40.90
N HIS B 191 -1.64 -25.76 40.18
CA HIS B 191 -1.17 -27.13 40.18
C HIS B 191 0.23 -27.21 39.58
N GLN B 192 0.48 -26.48 38.49
CA GLN B 192 1.79 -26.50 37.88
C GLN B 192 2.85 -25.96 38.85
N GLU B 193 2.52 -24.87 39.55
CA GLU B 193 3.46 -24.30 40.50
C GLU B 193 3.75 -25.28 41.63
N LYS B 194 2.70 -25.95 42.12
CA LYS B 194 2.89 -26.90 43.21
C LYS B 194 3.79 -28.05 42.76
N LEU B 195 3.58 -28.55 41.54
CA LEU B 195 4.39 -29.64 41.02
C LEU B 195 5.85 -29.22 40.92
N GLN B 196 6.09 -28.01 40.40
CA GLN B 196 7.45 -27.52 40.26
C GLN B 196 8.10 -27.38 41.64
N CYS B 197 7.34 -26.88 42.62
CA CYS B 197 7.88 -26.72 43.97
C CYS B 197 8.25 -28.08 44.56
N LEU B 198 7.40 -29.08 44.35
CA LEU B 198 7.69 -30.41 44.87
C LEU B 198 8.96 -30.97 44.25
N SER B 199 9.11 -30.81 42.93
CA SER B 199 10.31 -31.31 42.26
C SER B 199 11.54 -30.60 42.79
N LEU B 200 11.45 -29.29 43.00
CA LEU B 200 12.58 -28.53 43.50
C LEU B 200 12.95 -29.01 44.90
N LEU B 201 11.95 -29.29 45.73
CA LEU B 201 12.21 -29.78 47.08
C LEU B 201 12.92 -31.12 47.01
N TYR B 202 12.49 -31.98 46.08
CA TYR B 202 13.13 -33.29 45.95
C TYR B 202 14.59 -33.13 45.55
N LEU B 203 14.88 -32.20 44.64
CA LEU B 203 16.27 -32.00 44.22
C LEU B 203 17.10 -31.38 45.33
N PHE B 204 16.50 -30.57 46.20
CA PHE B 204 17.21 -29.92 47.29
C PHE B 204 17.62 -30.88 48.41
N SER B 205 17.28 -32.16 48.34
CA SER B 205 17.66 -33.10 49.39
C SER B 205 18.45 -34.32 48.91
N VAL B 206 18.73 -34.44 47.62
CA VAL B 206 19.47 -35.59 47.13
C VAL B 206 20.62 -35.12 46.24
N CYS B 207 21.03 -33.87 46.40
CA CYS B 207 22.12 -33.30 45.61
C CYS B 207 23.23 -32.76 46.51
N HIS B 208 24.46 -32.84 45.99
CA HIS B 208 25.64 -32.37 46.72
C HIS B 208 25.88 -30.89 46.45
N ILE B 209 25.90 -30.50 45.17
CA ILE B 209 26.12 -29.12 44.75
C ILE B 209 25.05 -28.79 43.72
N LEU B 210 24.38 -27.66 43.87
CA LEU B 210 23.35 -27.26 42.92
C LEU B 210 23.59 -25.85 42.43
N LEU B 211 23.25 -25.60 41.17
CA LEU B 211 23.44 -24.29 40.56
C LEU B 211 22.17 -23.80 39.89
N LEU B 212 21.93 -22.49 40.05
CA LEU B 212 20.79 -21.78 39.51
C LEU B 212 21.26 -20.87 38.39
N VAL B 213 20.61 -20.99 37.23
CA VAL B 213 20.95 -20.19 36.06
C VAL B 213 19.93 -19.06 35.91
N HIS B 214 20.31 -18.06 35.11
CA HIS B 214 19.48 -16.89 34.86
C HIS B 214 19.90 -16.29 33.53
N PRO B 215 18.96 -15.75 32.76
CA PRO B 215 19.31 -15.14 31.46
C PRO B 215 19.83 -13.71 31.51
N THR B 216 19.84 -13.06 32.67
CA THR B 216 20.33 -11.69 32.77
C THR B 216 21.23 -11.55 33.98
N CYS B 217 22.05 -10.49 33.97
CA CYS B 217 22.97 -10.25 35.07
C CYS B 217 22.22 -10.05 36.38
N SER B 218 21.16 -9.25 36.35
CA SER B 218 20.38 -9.01 37.56
C SER B 218 19.61 -10.25 37.96
N PHE B 219 19.48 -10.45 39.27
CA PHE B 219 18.77 -11.60 39.82
C PHE B 219 17.44 -11.16 40.38
N ASP B 220 16.40 -11.93 40.12
CA ASP B 220 15.07 -11.61 40.61
C ASP B 220 15.00 -11.83 42.11
N ILE B 221 14.48 -10.83 42.84
CA ILE B 221 14.37 -10.95 44.28
C ILE B 221 13.28 -11.93 44.67
N THR B 222 12.38 -12.29 43.73
CA THR B 222 11.31 -13.22 44.03
C THR B 222 11.85 -14.54 44.55
N TYR B 223 13.05 -14.94 44.12
CA TYR B 223 13.63 -16.19 44.59
C TYR B 223 13.72 -16.21 46.10
N ASP B 224 14.06 -15.06 46.71
CA ASP B 224 14.17 -14.98 48.16
C ASP B 224 12.90 -15.48 48.82
N ARG B 225 11.74 -15.17 48.24
CA ARG B 225 10.49 -15.63 48.82
C ARG B 225 10.28 -17.12 48.56
N VAL B 226 10.61 -17.57 47.35
CA VAL B 226 10.44 -18.98 47.01
C VAL B 226 11.18 -19.86 48.00
N PHE B 227 12.46 -19.54 48.24
CA PHE B 227 13.24 -20.33 49.20
C PHE B 227 12.60 -20.25 50.58
N ARG B 228 12.11 -19.07 50.96
CA ARG B 228 11.48 -18.93 52.27
C ARG B 228 10.24 -19.80 52.37
N ALA B 229 9.59 -20.06 51.24
CA ALA B 229 8.39 -20.89 51.21
C ALA B 229 8.73 -22.35 50.99
N LEU B 230 10.01 -22.67 50.78
CA LEU B 230 10.44 -24.05 50.55
C LEU B 230 11.03 -24.67 51.82
N ASP B 231 11.88 -23.93 52.53
CA ASP B 231 12.48 -24.45 53.76
C ASP B 231 11.41 -24.95 54.72
N GLY B 232 10.44 -24.09 55.03
CA GLY B 232 9.39 -24.51 55.95
C GLY B 232 8.70 -25.77 55.47
N LEU B 233 8.54 -25.89 54.15
CA LEU B 233 7.89 -27.07 53.59
C LEU B 233 8.64 -28.34 53.96
N ARG B 234 9.97 -28.34 53.82
CA ARG B 234 10.71 -29.55 54.18
C ARG B 234 10.57 -29.84 55.67
N GLN B 235 10.42 -28.79 56.49
CA GLN B 235 10.28 -29.01 57.92
C GLN B 235 9.00 -29.80 58.22
N LYS B 236 8.01 -29.73 57.33
CA LYS B 236 6.77 -30.45 57.52
C LYS B 236 6.78 -31.78 56.79
N VAL B 237 7.81 -32.04 55.99
CA VAL B 237 7.93 -33.28 55.24
C VAL B 237 9.10 -34.13 55.71
N LEU B 238 10.08 -33.53 56.40
CA LEU B 238 11.25 -34.28 56.88
C LEU B 238 10.87 -35.51 57.69
N PRO B 239 9.94 -35.46 58.65
CA PRO B 239 9.62 -36.70 59.40
C PRO B 239 9.11 -37.81 58.51
N LEU B 240 8.42 -37.48 57.43
CA LEU B 240 7.89 -38.50 56.54
C LEU B 240 8.98 -39.07 55.62
N LEU B 241 9.96 -38.25 55.23
CA LEU B 241 11.03 -38.73 54.36
C LEU B 241 11.95 -39.70 55.09
N LYS B 242 12.32 -39.39 56.34
CA LYS B 242 13.21 -40.27 57.08
C LYS B 242 12.58 -41.62 57.38
N THR B 243 11.25 -41.72 57.34
CA THR B 243 10.58 -42.99 57.59
C THR B 243 10.71 -43.96 56.43
N ALA B 244 10.79 -43.46 55.20
CA ALA B 244 10.91 -44.33 54.03
C ALA B 244 12.33 -44.78 53.77
N ILE B 245 13.33 -44.01 54.20
CA ILE B 245 14.73 -44.38 53.99
C ILE B 245 15.35 -44.97 55.26
N LYS B 246 14.53 -45.46 56.19
CA LYS B 246 15.06 -46.03 57.42
C LYS B 246 15.89 -47.29 57.13
N ASP B 247 15.45 -48.10 56.18
CA ASP B 247 16.15 -49.33 55.80
C ASP B 247 17.04 -49.10 54.59
N CYS B 248 18.06 -48.26 54.78
CA CYS B 248 18.99 -47.94 53.71
C CYS B 248 20.41 -47.97 54.24
N PRO B 249 21.39 -48.29 53.38
CA PRO B 249 22.78 -48.33 53.83
C PRO B 249 23.48 -46.99 53.71
N VAL B 250 22.69 -45.91 53.59
CA VAL B 250 23.25 -44.57 53.46
C VAL B 250 24.17 -44.25 54.63
N GLY B 251 23.73 -44.50 55.84
CA GLY B 251 24.55 -44.23 57.00
C GLY B 251 23.69 -43.78 58.17
N LYS B 252 24.30 -42.97 59.05
CA LYS B 252 23.64 -42.44 60.22
C LYS B 252 23.18 -40.99 60.04
N ASP B 253 24.09 -40.10 59.62
CA ASP B 253 23.73 -38.71 59.42
C ASP B 253 22.70 -38.56 58.31
N TRP B 254 22.79 -39.41 57.28
CA TRP B 254 21.84 -39.34 56.17
C TRP B 254 20.43 -39.63 56.64
N LYS B 255 20.27 -40.62 57.52
CA LYS B 255 18.94 -40.96 58.02
C LYS B 255 18.38 -39.89 58.94
N LEU B 256 19.23 -39.06 59.55
CA LEU B 256 18.79 -38.02 60.46
C LEU B 256 18.45 -36.72 59.73
N ASN B 257 19.35 -36.25 58.87
CA ASN B 257 19.12 -35.02 58.13
C ASN B 257 18.46 -35.21 56.78
N CYS B 258 18.23 -36.46 56.36
CA CYS B 258 17.59 -36.75 55.07
C CYS B 258 18.36 -36.14 53.90
N ARG B 259 19.66 -35.94 54.07
CA ARG B 259 20.52 -35.36 53.06
C ARG B 259 21.94 -35.81 53.30
N PRO B 260 22.78 -35.90 52.26
CA PRO B 260 24.16 -36.33 52.49
C PRO B 260 24.99 -35.28 53.21
N CYS B 261 24.80 -34.02 52.88
CA CYS B 261 25.52 -32.90 53.48
C CYS B 261 24.85 -31.61 53.01
N PRO B 262 25.02 -30.51 53.73
CA PRO B 262 24.41 -29.24 53.32
C PRO B 262 24.81 -28.90 51.90
N PRO B 263 23.87 -28.89 50.97
CA PRO B 263 24.20 -28.56 49.58
C PRO B 263 24.68 -27.13 49.42
N ARG B 264 25.56 -26.94 48.45
CA ARG B 264 26.12 -25.63 48.14
C ARG B 264 25.46 -25.09 46.88
N LEU B 265 24.91 -23.88 46.97
CA LEU B 265 24.24 -23.25 45.85
C LEU B 265 25.16 -22.29 45.12
N LEU B 266 25.12 -22.36 43.80
CA LEU B 266 25.93 -21.52 42.92
C LEU B 266 24.99 -20.71 42.03
N PHE B 267 25.42 -19.50 41.67
CA PHE B 267 24.63 -18.62 40.82
C PHE B 267 25.36 -18.36 39.51
N LEU B 268 24.64 -18.49 38.40
CA LEU B 268 25.22 -18.26 37.08
C LEU B 268 24.33 -17.30 36.31
N PHE B 269 24.92 -16.22 35.80
CA PHE B 269 24.23 -15.20 35.04
C PHE B 269 24.87 -15.07 33.66
N GLN B 270 24.18 -14.33 32.79
CA GLN B 270 24.66 -14.09 31.44
C GLN B 270 24.83 -12.60 31.22
N LEU B 271 25.85 -12.23 30.42
CA LEU B 271 26.11 -10.82 30.15
C LEU B 271 24.91 -10.15 29.49
N ASN B 272 24.33 -10.81 28.49
CA ASN B 272 23.17 -10.28 27.76
C ASN B 272 23.45 -8.90 27.16
N GLY B 273 24.67 -8.72 26.66
CA GLY B 273 25.07 -7.47 26.06
C GLY B 273 25.51 -6.39 27.01
N ALA B 274 25.50 -6.64 28.32
CA ALA B 274 25.91 -5.63 29.28
C ALA B 274 27.43 -5.42 29.21
N LEU B 275 27.85 -4.24 29.66
CA LEU B 275 29.27 -3.85 29.67
C LEU B 275 29.90 -3.96 28.28
N SER B 295 39.39 -5.57 35.95
CA SER B 295 38.41 -5.90 34.94
C SER B 295 36.99 -5.66 35.46
N PRO B 296 36.12 -5.11 34.60
CA PRO B 296 34.73 -4.85 35.03
C PRO B 296 33.99 -6.11 35.44
N LYS B 297 34.31 -7.26 34.84
CA LYS B 297 33.63 -8.50 35.21
C LYS B 297 33.86 -8.86 36.67
N ARG B 298 35.09 -8.71 37.15
CA ARG B 298 35.38 -9.03 38.54
C ARG B 298 34.61 -8.12 39.48
N ARG B 299 34.57 -6.82 39.18
CA ARG B 299 33.85 -5.88 40.03
C ARG B 299 32.36 -6.21 40.05
N LEU B 300 31.80 -6.51 38.88
CA LEU B 300 30.38 -6.85 38.80
C LEU B 300 30.09 -8.12 39.59
N GLN B 301 30.96 -9.12 39.48
CA GLN B 301 30.76 -10.37 40.21
C GLN B 301 30.81 -10.13 41.71
N HIS B 302 31.78 -9.33 42.18
CA HIS B 302 31.88 -9.07 43.60
C HIS B 302 30.66 -8.32 44.10
N ALA B 303 30.19 -7.34 43.32
CA ALA B 303 29.00 -6.58 43.74
C ALA B 303 27.79 -7.49 43.81
N LEU B 304 27.64 -8.38 42.82
CA LEU B 304 26.50 -9.30 42.83
C LEU B 304 26.57 -10.23 44.03
N GLU B 305 27.76 -10.73 44.35
CA GLU B 305 27.89 -11.63 45.49
C GLU B 305 27.53 -10.90 46.78
N ASP B 306 28.01 -9.67 46.94
CA ASP B 306 27.70 -8.92 48.15
C ASP B 306 26.19 -8.65 48.27
N GLN B 307 25.56 -8.26 47.15
CA GLN B 307 24.13 -7.99 47.17
C GLN B 307 23.34 -9.24 47.52
N ILE B 308 23.70 -10.37 46.89
CA ILE B 308 23.01 -11.63 47.16
C ILE B 308 23.16 -12.04 48.62
N TYR B 309 24.39 -11.93 49.15
CA TYR B 309 24.62 -12.30 50.54
C TYR B 309 23.82 -11.42 51.50
N ARG B 310 23.82 -10.11 51.26
CA ARG B 310 23.07 -9.22 52.14
C ARG B 310 21.57 -9.48 52.07
N ILE B 311 21.03 -9.66 50.87
CA ILE B 311 19.59 -9.91 50.72
C ILE B 311 19.21 -11.23 51.37
N PHE B 312 20.01 -12.28 51.18
CA PHE B 312 19.68 -13.57 51.79
C PHE B 312 19.82 -13.53 53.31
N ARG B 313 20.81 -12.78 53.82
CA ARG B 313 20.98 -12.71 55.27
C ARG B 313 19.85 -11.93 55.92
N LYS B 314 19.39 -10.84 55.29
CA LYS B 314 18.31 -10.05 55.87
C LYS B 314 17.02 -10.85 55.93
N SER B 315 16.70 -11.60 54.87
CA SER B 315 15.49 -12.40 54.81
C SER B 315 15.56 -13.66 55.66
N ARG B 316 16.61 -13.83 56.46
CA ARG B 316 16.83 -14.97 57.34
C ARG B 316 16.97 -16.28 56.59
N VAL B 317 17.16 -16.24 55.27
CA VAL B 317 17.31 -17.47 54.50
C VAL B 317 18.60 -18.18 54.90
N LEU B 318 19.68 -17.42 55.07
CA LEU B 318 20.97 -17.95 55.45
C LEU B 318 21.25 -17.60 56.91
N THR B 319 21.64 -18.60 57.69
CA THR B 319 21.94 -18.41 59.11
C THR B 319 23.37 -18.81 59.39
N ASN B 320 23.82 -18.54 60.62
CA ASN B 320 25.18 -18.88 61.02
C ASN B 320 25.39 -20.39 61.02
N GLN B 321 24.41 -21.15 61.51
CA GLN B 321 24.51 -22.59 61.55
C GLN B 321 24.28 -23.17 60.16
N SER B 322 25.17 -24.07 59.75
CA SER B 322 25.07 -24.70 58.44
C SER B 322 24.25 -25.99 58.47
N ILE B 323 23.41 -26.17 59.48
CA ILE B 323 22.57 -27.35 59.62
C ILE B 323 21.10 -27.02 59.41
N ASN B 324 20.59 -26.01 60.12
CA ASN B 324 19.19 -25.64 59.96
C ASN B 324 18.90 -25.10 58.56
N CYS B 325 19.80 -24.30 58.01
CA CYS B 325 19.60 -23.75 56.67
C CYS B 325 19.64 -24.85 55.62
N LEU B 326 18.80 -24.70 54.59
CA LEU B 326 18.74 -25.67 53.52
C LEU B 326 19.92 -25.58 52.55
N PHE B 327 20.64 -24.47 52.54
CA PHE B 327 21.78 -24.32 51.65
C PHE B 327 22.69 -23.23 52.20
N THR B 328 23.95 -23.24 51.74
CA THR B 328 24.94 -22.26 52.17
C THR B 328 25.77 -21.82 50.99
N VAL B 329 26.58 -20.79 51.22
CA VAL B 329 27.45 -20.24 50.18
C VAL B 329 28.87 -20.15 50.73
N PRO B 330 29.89 -20.17 49.87
CA PRO B 330 31.28 -20.09 50.37
C PRO B 330 31.55 -18.75 51.05
N ALA B 331 32.46 -18.79 52.02
CA ALA B 331 32.84 -17.60 52.77
C ALA B 331 34.13 -16.97 52.27
N ASN B 332 34.93 -17.70 51.49
CA ASN B 332 36.19 -17.16 50.97
C ASN B 332 36.40 -17.42 49.49
N GLN B 333 35.59 -18.27 48.85
CA GLN B 333 35.72 -18.57 47.44
C GLN B 333 34.66 -17.81 46.64
N ALA B 334 34.60 -18.06 45.34
CA ALA B 334 33.66 -17.42 44.45
C ALA B 334 32.48 -18.34 44.19
N PHE B 335 31.27 -17.77 44.22
CA PHE B 335 30.05 -18.55 43.99
C PHE B 335 29.15 -17.91 42.94
N VAL B 336 29.66 -16.95 42.17
CA VAL B 336 28.89 -16.29 41.14
C VAL B 336 29.73 -16.22 39.88
N TYR B 337 29.18 -16.71 38.76
CA TYR B 337 29.86 -16.72 37.48
C TYR B 337 28.99 -16.03 36.44
N ILE B 338 29.65 -15.32 35.52
CA ILE B 338 28.95 -14.60 34.46
C ILE B 338 29.49 -15.13 33.13
N VAL B 339 28.61 -15.71 32.33
CA VAL B 339 29.00 -16.25 31.03
C VAL B 339 29.08 -15.11 30.03
N PRO B 340 30.24 -14.88 29.42
CA PRO B 340 30.38 -13.79 28.45
C PRO B 340 29.74 -14.14 27.12
N GLY B 341 29.49 -13.11 26.33
CA GLY B 341 28.89 -13.32 25.02
C GLY B 341 29.81 -14.09 24.09
N SER B 342 29.21 -14.84 23.18
CA SER B 342 29.96 -15.62 22.22
C SER B 342 29.12 -15.87 20.98
N GLN B 343 29.78 -16.30 19.92
CA GLN B 343 29.12 -16.59 18.65
C GLN B 343 28.58 -18.00 18.58
N GLU B 344 28.69 -18.79 19.65
CA GLU B 344 28.19 -20.15 19.64
C GLU B 344 26.69 -20.19 19.43
N GLU B 345 25.96 -19.28 20.07
CA GLU B 345 24.51 -19.24 19.93
C GLU B 345 24.15 -18.82 18.50
N ASP B 346 22.95 -19.24 18.06
CA ASP B 346 22.45 -18.92 16.73
C ASP B 346 23.44 -19.44 15.68
N PRO B 347 23.49 -20.76 15.45
CA PRO B 347 24.42 -21.30 14.45
C PRO B 347 24.29 -20.65 13.08
N VAL B 348 23.12 -20.11 12.74
CA VAL B 348 22.94 -19.47 11.44
C VAL B 348 23.89 -18.28 11.31
N GLY B 349 23.99 -17.47 12.37
CA GLY B 349 24.88 -16.33 12.33
C GLY B 349 26.33 -16.74 12.18
N MET B 350 26.74 -17.78 12.90
CA MET B 350 28.11 -18.26 12.81
C MET B 350 28.41 -18.75 11.40
N LEU B 351 27.47 -19.49 10.81
CA LEU B 351 27.68 -19.99 9.46
C LEU B 351 27.77 -18.85 8.47
N LEU B 352 26.94 -17.82 8.63
CA LEU B 352 26.99 -16.68 7.73
C LEU B 352 28.32 -15.95 7.87
N ASP B 353 28.81 -15.81 9.10
CA ASP B 353 30.09 -15.14 9.31
C ASP B 353 31.20 -15.94 8.65
N GLN B 354 31.16 -17.26 8.78
CA GLN B 354 32.18 -18.11 8.17
C GLN B 354 32.14 -17.98 6.66
N LEU B 355 30.92 -17.93 6.10
CA LEU B 355 30.77 -17.79 4.65
C LEU B 355 31.35 -16.46 4.19
N ARG B 356 31.09 -15.39 4.94
CA ARG B 356 31.61 -14.08 4.58
C ARG B 356 33.13 -14.07 4.63
N SER B 357 33.69 -14.72 5.66
CA SER B 357 35.15 -14.77 5.78
C SER B 357 35.77 -15.57 4.66
N HIS B 358 35.10 -16.65 4.24
CA HIS B 358 35.62 -17.48 3.16
C HIS B 358 35.47 -16.83 1.79
N CYS B 359 34.47 -15.96 1.62
CA CYS B 359 34.26 -15.29 0.34
C CYS B 359 35.21 -14.13 0.10
N THR B 360 35.93 -13.68 1.13
CA THR B 360 36.87 -12.57 0.98
C THR B 360 38.31 -13.07 1.03
N PHE B 408 38.79 -16.86 35.47
CA PHE B 408 38.66 -18.31 35.46
C PHE B 408 37.82 -18.80 34.29
N THR B 409 37.23 -19.98 34.46
CA THR B 409 36.40 -20.59 33.44
C THR B 409 35.34 -21.43 34.15
N LEU B 410 34.24 -21.70 33.45
CA LEU B 410 33.15 -22.49 34.03
C LEU B 410 33.67 -23.83 34.54
N ARG B 411 34.50 -24.50 33.73
CA ARG B 411 35.04 -25.79 34.15
C ARG B 411 35.83 -25.65 35.45
N GLU B 412 36.77 -24.71 35.48
CA GLU B 412 37.56 -24.50 36.69
C GLU B 412 36.68 -24.02 37.83
N PHE B 413 35.69 -23.18 37.53
CA PHE B 413 34.80 -22.67 38.55
C PHE B 413 34.06 -23.81 39.25
N LEU B 414 33.73 -24.86 38.50
CA LEU B 414 33.02 -25.99 39.12
C LEU B 414 34.00 -26.95 39.80
N TRP B 415 35.16 -27.22 39.19
CA TRP B 415 36.10 -28.13 39.83
C TRP B 415 36.62 -27.56 41.14
N GLN B 416 36.64 -26.23 41.28
CA GLN B 416 37.12 -25.62 42.52
C GLN B 416 36.32 -26.13 43.71
N HIS B 417 35.03 -26.43 43.51
CA HIS B 417 34.15 -26.94 44.54
C HIS B 417 34.02 -28.45 44.50
N VAL B 418 34.16 -29.04 43.31
CA VAL B 418 34.04 -30.49 43.17
C VAL B 418 35.23 -31.20 43.82
N GLU B 419 36.42 -30.60 43.76
CA GLU B 419 37.59 -31.22 44.36
C GLU B 419 37.43 -31.40 45.86
N LEU B 420 36.66 -30.51 46.51
CA LEU B 420 36.47 -30.62 47.96
C LEU B 420 35.65 -31.85 48.30
N VAL B 421 34.52 -32.04 47.62
CA VAL B 421 33.67 -33.20 47.92
C VAL B 421 34.35 -34.49 47.47
N LEU B 422 35.08 -34.45 46.35
CA LEU B 422 35.76 -35.66 45.87
C LEU B 422 36.91 -36.07 46.77
N SER B 423 37.43 -35.16 47.60
CA SER B 423 38.53 -35.45 48.50
C SER B 423 38.07 -35.79 49.91
N LYS B 424 36.76 -35.93 50.12
CA LYS B 424 36.11 -36.26 51.38
C LYS B 424 36.26 -35.15 52.43
N LYS B 425 36.84 -34.00 52.08
CA LYS B 425 37.00 -32.93 53.05
C LYS B 425 35.64 -32.34 53.44
N GLY B 426 34.74 -32.21 52.48
CA GLY B 426 33.42 -31.66 52.76
C GLY B 426 33.41 -30.14 52.66
N PHE B 427 32.41 -29.56 53.32
CA PHE B 427 32.22 -28.12 53.35
C PHE B 427 32.15 -27.64 54.79
N ASP B 428 32.59 -26.41 55.01
CA ASP B 428 32.57 -25.79 56.35
C ASP B 428 32.28 -24.30 56.16
N ASP B 429 31.05 -23.90 56.45
CA ASP B 429 30.62 -22.51 56.33
C ASP B 429 29.87 -22.12 57.60
N SER B 430 30.57 -21.53 58.55
CA SER B 430 29.97 -21.11 59.82
C SER B 430 30.87 -20.06 60.44
N VAL B 431 30.36 -18.83 60.56
CA VAL B 431 31.13 -17.73 61.14
C VAL B 431 30.33 -17.08 62.26
N GLY B 432 29.48 -17.87 62.92
CA GLY B 432 28.67 -17.35 64.02
C GLY B 432 29.38 -17.34 65.35
N ARG B 433 30.69 -17.07 65.34
CA ARG B 433 31.57 -17.01 66.51
C ARG B 433 31.70 -18.34 67.23
N ASN B 434 31.07 -19.41 66.74
CA ASN B 434 31.14 -20.72 67.35
C ASN B 434 30.74 -21.78 66.34
N PRO B 435 31.60 -22.07 65.35
CA PRO B 435 31.25 -23.08 64.35
C PRO B 435 31.18 -24.48 64.95
N GLN B 436 30.37 -25.31 64.32
CA GLN B 436 30.16 -26.70 64.73
C GLN B 436 30.37 -27.61 63.55
N PRO B 437 30.77 -28.86 63.80
CA PRO B 437 30.99 -29.80 62.68
C PRO B 437 29.72 -30.04 61.89
N SER B 438 29.88 -30.21 60.58
CA SER B 438 28.79 -30.45 59.66
C SER B 438 28.89 -31.86 59.09
N HIS B 439 27.75 -32.55 59.05
CA HIS B 439 27.73 -33.91 58.53
C HIS B 439 28.03 -33.93 57.03
N PHE B 440 28.73 -34.97 56.61
CA PHE B 440 29.10 -35.13 55.21
C PHE B 440 29.34 -36.61 54.92
N GLU B 441 28.98 -37.02 53.71
CA GLU B 441 29.15 -38.41 53.31
C GLU B 441 29.45 -38.47 51.82
N LEU B 442 30.15 -39.53 51.42
CA LEU B 442 30.53 -39.76 50.03
C LEU B 442 30.05 -41.16 49.64
N PRO B 443 28.80 -41.28 49.21
CA PRO B 443 28.26 -42.59 48.84
C PRO B 443 28.73 -43.01 47.44
N THR B 444 28.41 -44.26 47.10
CA THR B 444 28.76 -44.83 45.81
C THR B 444 27.53 -44.80 44.90
N TYR B 445 27.62 -45.45 43.74
CA TYR B 445 26.51 -45.46 42.80
C TYR B 445 25.32 -46.23 43.37
N GLN B 446 25.52 -47.50 43.71
CA GLN B 446 24.43 -48.30 44.26
C GLN B 446 23.96 -47.74 45.60
N LYS B 447 24.90 -47.25 46.42
CA LYS B 447 24.53 -46.69 47.71
C LYS B 447 23.63 -45.47 47.55
N TRP B 448 23.94 -44.63 46.56
CA TRP B 448 23.13 -43.44 46.33
C TRP B 448 21.77 -43.81 45.74
N ILE B 449 21.76 -44.78 44.81
CA ILE B 449 20.49 -45.18 44.20
C ILE B 449 19.56 -45.82 45.23
N SER B 450 20.11 -46.56 46.18
CA SER B 450 19.29 -47.21 47.21
C SER B 450 18.39 -46.20 47.91
N ALA B 451 18.88 -44.98 48.12
CA ALA B 451 18.09 -43.94 48.78
C ALA B 451 17.35 -43.06 47.80
N ALA B 452 17.93 -42.82 46.61
CA ALA B 452 17.27 -41.98 45.62
C ALA B 452 15.97 -42.61 45.15
N SER B 453 15.95 -43.93 44.95
CA SER B 453 14.73 -44.60 44.51
C SER B 453 13.63 -44.48 45.56
N LYS B 454 13.99 -44.67 46.83
CA LYS B 454 13.00 -44.58 47.90
C LYS B 454 12.46 -43.15 48.01
N LEU B 455 13.34 -42.15 47.88
CA LEU B 455 12.87 -40.77 47.97
C LEU B 455 12.02 -40.38 46.77
N TYR B 456 12.34 -40.92 45.59
CA TYR B 456 11.58 -40.60 44.39
C TYR B 456 10.22 -41.27 44.39
N GLU B 457 10.13 -42.48 44.98
CA GLU B 457 8.86 -43.19 45.02
C GLU B 457 7.81 -42.47 45.87
N VAL B 458 8.24 -41.60 46.78
CA VAL B 458 7.32 -40.88 47.64
C VAL B 458 6.77 -39.65 46.92
N SER B 476 1.97 -40.56 50.19
CA SER B 476 0.69 -40.66 50.89
C SER B 476 0.27 -39.30 51.44
N LYS B 477 0.98 -38.83 52.46
CA LYS B 477 0.69 -37.55 53.09
C LYS B 477 1.46 -36.39 52.45
N ILE B 478 2.26 -36.66 51.43
CA ILE B 478 3.02 -35.59 50.79
C ILE B 478 2.08 -34.60 50.10
N LEU B 479 1.05 -35.10 49.42
CA LEU B 479 0.11 -34.23 48.74
C LEU B 479 -0.65 -33.35 49.73
N SER B 480 -1.05 -33.92 50.87
CA SER B 480 -1.78 -33.15 51.87
C SER B 480 -0.91 -32.04 52.45
N SER B 481 0.37 -32.34 52.71
CA SER B 481 1.27 -31.33 53.26
C SER B 481 1.61 -30.26 52.23
N ILE B 482 1.73 -30.63 50.96
CA ILE B 482 2.05 -29.66 49.92
C ILE B 482 0.87 -28.76 49.58
N LYS B 483 -0.36 -29.19 49.88
CA LYS B 483 -1.54 -28.39 49.59
C LYS B 483 -1.78 -27.29 50.60
N VAL B 484 -1.02 -27.26 51.69
CA VAL B 484 -1.20 -26.22 52.70
C VAL B 484 -0.30 -25.01 52.48
N LEU B 485 0.65 -25.09 51.55
CA LEU B 485 1.55 -23.98 51.28
C LEU B 485 0.95 -23.02 50.26
N PHE B 488 3.60 -17.19 44.44
CA PHE B 488 2.52 -18.12 44.74
C PHE B 488 1.16 -17.48 44.51
N LEU B 489 0.24 -18.24 43.89
CA LEU B 489 -1.09 -17.73 43.61
C LEU B 489 -2.03 -17.86 44.81
N ASP B 490 -1.58 -18.47 45.91
CA ASP B 490 -2.44 -18.60 47.08
C ASP B 490 -2.82 -17.24 47.64
N ILE B 491 -1.87 -16.30 47.69
CA ILE B 491 -2.16 -14.97 48.21
C ILE B 491 -3.20 -14.28 47.34
N ASP B 492 -3.03 -14.38 46.02
CA ASP B 492 -3.99 -13.74 45.11
C ASP B 492 -5.37 -14.36 45.27
N THR B 493 -5.44 -15.69 45.38
CA THR B 493 -6.73 -16.36 45.53
C THR B 493 -7.40 -15.93 46.83
N LYS B 494 -6.64 -15.86 47.92
CA LYS B 494 -7.21 -15.45 49.20
C LYS B 494 -7.71 -14.02 49.13
N PHE B 495 -6.93 -13.12 48.52
CA PHE B 495 -7.35 -11.74 48.41
C PHE B 495 -8.62 -11.61 47.58
N SER B 496 -8.69 -12.33 46.46
CA SER B 496 -9.88 -12.29 45.62
C SER B 496 -11.10 -12.82 46.35
N GLU B 497 -10.93 -13.92 47.07
CA GLU B 497 -12.06 -14.49 47.82
C GLU B 497 -12.54 -13.52 48.88
N ASN B 498 -11.60 -12.90 49.61
CA ASN B 498 -11.99 -11.94 50.64
C ASN B 498 -12.72 -10.75 50.04
N ARG B 499 -12.21 -10.24 48.91
CA ARG B 499 -12.87 -9.09 48.28
C ARG B 499 -14.27 -9.46 47.81
N CYS B 500 -14.44 -10.64 47.21
CA CYS B 500 -15.75 -11.05 46.75
C CYS B 500 -16.72 -11.22 47.93
N GLN B 501 -16.25 -11.83 49.01
CA GLN B 501 -17.10 -12.02 50.18
C GLN B 501 -17.51 -10.68 50.77
N LYS B 502 -16.58 -9.73 50.84
CA LYS B 502 -16.90 -8.42 51.39
C LYS B 502 -17.87 -7.67 50.49
N ALA B 503 -17.71 -7.79 49.17
CA ALA B 503 -18.61 -7.10 48.24
C ALA B 503 -20.00 -7.72 48.25
N LEU B 504 -20.11 -9.03 48.49
CA LEU B 504 -21.42 -9.67 48.51
C LEU B 504 -22.35 -9.07 49.57
N PRO B 505 -21.91 -8.81 50.80
CA PRO B 505 -22.83 -8.24 51.80
C PRO B 505 -23.39 -6.89 51.38
N MET B 506 -22.59 -6.06 50.69
CA MET B 506 -23.09 -4.75 50.27
C MET B 506 -24.23 -4.89 49.27
N ALA B 507 -24.10 -5.82 48.32
CA ALA B 507 -25.14 -6.01 47.33
C ALA B 507 -26.35 -6.72 47.93
N HIS B 508 -26.14 -7.58 48.93
CA HIS B 508 -27.25 -8.29 49.56
C HIS B 508 -28.15 -7.37 50.35
N SER B 509 -27.67 -6.18 50.71
CA SER B 509 -28.45 -5.21 51.48
C SER B 509 -28.99 -4.09 50.61
N ALA B 510 -28.91 -4.22 49.28
CA ALA B 510 -29.40 -3.21 48.36
C ALA B 510 -30.76 -3.53 47.75
N TYR B 511 -31.12 -4.81 47.69
CA TYR B 511 -32.41 -5.21 47.12
C TYR B 511 -33.54 -5.05 48.14
N VAL B 523 -40.09 -6.39 36.84
CA VAL B 523 -40.25 -6.02 38.23
C VAL B 523 -38.92 -6.18 38.97
N HIS B 524 -38.61 -7.42 39.35
CA HIS B 524 -37.37 -7.70 40.06
C HIS B 524 -36.14 -7.63 39.16
N LYS B 525 -36.32 -7.57 37.84
CA LYS B 525 -35.18 -7.50 36.93
C LYS B 525 -34.35 -6.24 37.17
N ASN B 526 -35.01 -5.11 37.35
CA ASN B 526 -34.29 -3.86 37.58
C ASN B 526 -33.50 -3.94 38.89
N GLN B 527 -34.11 -4.45 39.96
CA GLN B 527 -33.42 -4.56 41.23
C GLN B 527 -32.23 -5.50 41.12
N LEU B 528 -32.40 -6.63 40.43
CA LEU B 528 -31.32 -7.58 40.26
C LEU B 528 -30.16 -6.95 39.49
N ALA B 529 -30.48 -6.23 38.41
CA ALA B 529 -29.44 -5.59 37.62
C ALA B 529 -28.70 -4.55 38.43
N GLN B 530 -29.44 -3.74 39.20
CA GLN B 530 -28.79 -2.72 40.02
C GLN B 530 -27.88 -3.36 41.06
N ALA B 531 -28.35 -4.43 41.71
CA ALA B 531 -27.54 -5.10 42.71
C ALA B 531 -26.28 -5.69 42.09
N LEU B 532 -26.42 -6.30 40.90
CA LEU B 532 -25.26 -6.89 40.24
C LEU B 532 -24.25 -5.82 39.87
N ARG B 533 -24.73 -4.67 39.36
CA ARG B 533 -23.82 -3.60 38.99
C ARG B 533 -23.11 -3.05 40.22
N VAL B 534 -23.84 -2.88 41.32
CA VAL B 534 -23.24 -2.37 42.54
C VAL B 534 -22.18 -3.33 43.05
N TYR B 535 -22.48 -4.64 43.02
CA TYR B 535 -21.51 -5.63 43.47
C TYR B 535 -20.27 -5.64 42.60
N SER B 536 -20.45 -5.54 41.29
CA SER B 536 -19.31 -5.54 40.37
C SER B 536 -18.43 -4.31 40.57
N GLN B 537 -19.06 -3.15 40.78
CA GLN B 537 -18.28 -1.93 40.97
C GLN B 537 -17.66 -1.87 42.36
N HIS B 538 -18.24 -2.56 43.34
CA HIS B 538 -17.69 -2.53 44.69
C HIS B 538 -16.34 -3.25 44.75
N ALA B 539 -16.28 -4.47 44.22
CA ALA B 539 -15.02 -5.23 44.25
C ALA B 539 -15.08 -6.33 43.20
N ARG B 540 -13.90 -6.86 42.88
CA ARG B 540 -13.77 -7.92 41.89
C ARG B 540 -12.45 -8.65 42.16
N GLY B 541 -12.35 -9.85 41.60
CA GLY B 541 -11.16 -10.66 41.77
C GLY B 541 -11.06 -11.79 40.76
N PRO B 542 -10.42 -12.90 41.16
CA PRO B 542 -10.28 -14.03 40.24
C PRO B 542 -11.36 -15.09 40.43
N ALA B 543 -12.18 -14.92 41.47
CA ALA B 543 -13.26 -15.85 41.77
C ALA B 543 -14.56 -15.11 42.01
N PHE B 544 -14.85 -14.11 41.17
CA PHE B 544 -16.06 -13.33 41.32
C PHE B 544 -17.29 -14.04 40.74
N HIS B 545 -17.10 -15.05 39.89
CA HIS B 545 -18.23 -15.77 39.31
C HIS B 545 -19.03 -16.50 40.39
N LYS B 546 -18.34 -17.17 41.31
CA LYS B 546 -19.04 -17.89 42.37
C LYS B 546 -19.85 -16.94 43.25
N TYR B 547 -19.24 -15.83 43.65
CA TYR B 547 -19.95 -14.87 44.49
C TYR B 547 -21.14 -14.27 43.75
N ALA B 548 -20.96 -13.95 42.46
CA ALA B 548 -22.05 -13.38 41.68
C ALA B 548 -23.20 -14.37 41.57
N MET B 549 -22.90 -15.65 41.31
CA MET B 549 -23.95 -16.65 41.19
C MET B 549 -24.67 -16.83 42.52
N GLN B 550 -23.92 -16.86 43.63
CA GLN B 550 -24.54 -17.01 44.94
C GLN B 550 -25.46 -15.83 45.24
N LEU B 551 -25.00 -14.62 44.95
CA LEU B 551 -25.82 -13.44 45.21
C LEU B 551 -27.08 -13.45 44.36
N HIS B 552 -26.94 -13.83 43.08
CA HIS B 552 -28.11 -13.87 42.21
C HIS B 552 -29.11 -14.90 42.70
N GLU B 553 -28.71 -16.17 42.75
CA GLU B 553 -29.69 -17.24 43.04
C GLU B 553 -30.43 -16.94 44.34
N ASP B 554 -29.73 -16.36 45.31
CA ASP B 554 -30.47 -15.97 46.53
C ASP B 554 -31.40 -14.81 46.14
N CYS B 555 -31.53 -14.54 44.85
CA CYS B 555 -32.46 -13.48 44.37
C CYS B 555 -33.82 -14.15 44.21
N TYR B 556 -34.07 -14.74 43.04
CA TYR B 556 -35.33 -15.44 42.63
C TYR B 556 -35.98 -16.17 43.80
N LYS B 557 -35.23 -17.03 44.49
CA LYS B 557 -35.72 -17.77 45.68
C LYS B 557 -36.49 -16.79 46.58
N PHE B 558 -35.85 -15.72 47.01
CA PHE B 558 -36.57 -14.77 47.90
C PHE B 558 -37.16 -13.64 47.07
N TRP B 559 -37.00 -13.69 45.74
CA TRP B 559 -37.56 -12.62 44.87
C TRP B 559 -38.90 -13.09 44.32
N SER B 560 -39.43 -12.39 43.32
CA SER B 560 -40.71 -12.77 42.66
C SER B 560 -41.81 -13.01 43.72
N ASN B 561 -41.93 -14.23 44.25
CA ASN B 561 -42.92 -14.58 45.31
C ASN B 561 -42.97 -13.50 46.39
N GLY B 562 -43.84 -12.51 46.18
CA GLY B 562 -44.04 -11.34 47.06
C GLY B 562 -44.71 -10.27 46.23
N HIS B 563 -44.07 -9.86 45.15
CA HIS B 563 -44.64 -8.90 44.17
C HIS B 563 -44.76 -9.65 42.83
N GLN B 564 -44.96 -10.97 42.92
CA GLN B 564 -45.15 -11.85 41.75
C GLN B 564 -46.61 -11.75 41.33
N LEU B 565 -46.90 -10.74 40.52
CA LEU B 565 -48.25 -10.41 40.07
C LEU B 565 -48.73 -11.49 39.07
N CYS B 566 -50.03 -11.79 39.05
CA CYS B 566 -50.59 -12.59 37.96
C CYS B 566 -50.53 -11.80 36.65
N GLU B 567 -49.96 -12.41 35.60
CA GLU B 567 -49.77 -11.76 34.29
C GLU B 567 -50.89 -12.06 33.30
N GLU B 568 -51.84 -12.91 33.68
CA GLU B 568 -52.96 -13.29 32.83
C GLU B 568 -53.84 -12.09 32.51
N ARG B 569 -54.27 -12.05 31.26
CA ARG B 569 -55.13 -10.98 30.72
C ARG B 569 -56.50 -11.54 30.38
N SER B 570 -57.53 -10.77 30.67
CA SER B 570 -58.89 -11.05 30.24
C SER B 570 -59.01 -10.96 28.73
N LEU B 571 -60.10 -11.50 28.18
CA LEU B 571 -60.40 -11.43 26.74
C LEU B 571 -60.69 -10.00 26.26
N THR B 572 -60.80 -9.02 27.18
CA THR B 572 -60.89 -7.58 26.86
C THR B 572 -59.56 -6.83 27.08
N ASP B 573 -58.44 -7.55 27.22
CA ASP B 573 -57.08 -7.03 27.43
C ASP B 573 -56.86 -6.32 28.78
N GLN B 574 -57.48 -6.82 29.85
CA GLN B 574 -57.28 -6.29 31.21
C GLN B 574 -56.56 -7.30 32.11
N HIS B 575 -55.56 -6.85 32.86
CA HIS B 575 -54.77 -7.73 33.71
C HIS B 575 -55.56 -8.23 34.90
N CYS B 576 -55.26 -9.46 35.34
CA CYS B 576 -55.69 -9.95 36.63
C CYS B 576 -55.17 -9.04 37.76
N VAL B 577 -56.03 -8.72 38.72
CA VAL B 577 -55.70 -7.87 39.88
C VAL B 577 -55.06 -8.64 41.03
N HIS B 578 -55.05 -9.97 40.97
CA HIS B 578 -54.52 -10.82 42.02
C HIS B 578 -53.00 -10.93 41.93
N LYS B 579 -52.37 -11.19 43.08
CA LYS B 579 -50.99 -11.70 43.15
C LYS B 579 -50.92 -13.05 42.43
N PHE B 580 -49.73 -13.59 42.21
CA PHE B 580 -49.61 -14.93 41.65
C PHE B 580 -50.51 -15.93 42.40
N HIS B 581 -51.36 -16.62 41.66
CA HIS B 581 -52.41 -17.50 42.17
C HIS B 581 -52.61 -18.68 41.21
N SER B 582 -53.09 -19.79 41.75
CA SER B 582 -53.49 -20.96 40.99
C SER B 582 -54.97 -20.89 40.63
N LEU B 583 -55.36 -21.55 39.53
CA LEU B 583 -56.77 -21.71 39.16
C LEU B 583 -57.40 -22.88 39.91
N PRO B 584 -58.67 -22.79 40.35
CA PRO B 584 -59.40 -23.91 40.93
C PRO B 584 -59.54 -25.05 39.91
N LYS B 585 -59.31 -26.30 40.33
CA LYS B 585 -59.61 -27.47 39.49
C LYS B 585 -61.12 -27.68 39.37
N SER B 586 -61.56 -28.45 38.38
CA SER B 586 -62.99 -28.75 38.19
C SER B 586 -63.61 -29.33 39.48
N GLY B 587 -64.54 -28.60 40.10
CA GLY B 587 -65.20 -28.97 41.35
C GLY B 587 -64.53 -28.48 42.64
N GLU B 588 -63.35 -27.86 42.58
CA GLU B 588 -62.64 -27.28 43.72
C GLU B 588 -63.17 -25.86 44.02
N LYS B 589 -63.35 -25.52 45.31
CA LYS B 589 -63.76 -24.16 45.70
C LYS B 589 -62.53 -23.23 45.76
N PRO B 590 -62.71 -21.92 45.54
CA PRO B 590 -61.63 -20.96 45.73
C PRO B 590 -61.14 -20.96 47.19
N GLU B 591 -59.82 -21.00 47.39
CA GLU B 591 -59.15 -20.98 48.70
C GLU B 591 -58.13 -19.84 48.75
N ALA B 592 -58.50 -18.75 49.41
CA ALA B 592 -57.68 -17.54 49.48
C ALA B 592 -56.45 -17.69 50.40
N ASP B 593 -56.50 -18.60 51.37
CA ASP B 593 -55.49 -18.72 52.43
C ASP B 593 -54.32 -19.67 52.09
N ARG B 594 -54.40 -20.38 50.95
CA ARG B 594 -53.31 -21.22 50.45
C ARG B 594 -52.16 -20.36 49.90
N ASN B 595 -50.95 -20.91 49.88
CA ASN B 595 -49.80 -20.24 49.25
C ASN B 595 -49.20 -21.11 48.11
N PRO B 596 -49.40 -20.74 46.83
CA PRO B 596 -50.16 -19.57 46.35
C PRO B 596 -51.68 -19.74 46.52
N PRO B 597 -52.45 -18.64 46.58
CA PRO B 597 -53.91 -18.69 46.67
C PRO B 597 -54.55 -19.40 45.48
N VAL B 598 -55.70 -20.03 45.66
CA VAL B 598 -56.48 -20.66 44.58
C VAL B 598 -57.69 -19.79 44.28
N LEU B 599 -57.61 -18.98 43.24
CA LEU B 599 -58.61 -17.96 42.88
C LEU B 599 -58.86 -17.97 41.37
N TYR B 600 -60.07 -17.59 40.95
CA TYR B 600 -60.32 -17.27 39.54
C TYR B 600 -59.69 -15.93 39.19
N HIS B 601 -59.27 -15.77 37.93
CA HIS B 601 -58.81 -14.48 37.45
C HIS B 601 -59.91 -13.42 37.54
N ASN B 602 -59.50 -12.19 37.79
CA ASN B 602 -60.42 -11.07 37.97
C ASN B 602 -59.72 -9.77 37.57
N SER B 603 -60.29 -9.00 36.65
CA SER B 603 -59.78 -7.66 36.27
C SER B 603 -60.50 -6.52 37.00
N ARG B 604 -61.53 -6.84 37.79
CA ARG B 604 -62.53 -5.93 38.40
C ARG B 604 -63.37 -5.15 37.40
N ALA B 605 -63.17 -5.33 36.10
CA ALA B 605 -63.99 -4.69 35.10
C ALA B 605 -65.35 -5.36 34.97
N ARG B 606 -66.38 -4.53 34.77
CA ARG B 606 -67.75 -4.97 34.54
C ARG B 606 -68.33 -4.21 33.35
N SER B 607 -69.12 -4.92 32.56
CA SER B 607 -69.92 -4.39 31.48
C SER B 607 -71.39 -4.76 31.69
N THR B 608 -72.29 -4.25 30.85
CA THR B 608 -73.67 -4.71 30.76
C THR B 608 -73.87 -5.37 29.39
N GLY B 609 -74.42 -6.59 29.39
CA GLY B 609 -74.67 -7.36 28.18
C GLY B 609 -76.16 -7.73 28.04
N ALA B 610 -76.70 -7.75 26.82
CA ALA B 610 -78.02 -8.30 26.53
C ALA B 610 -77.98 -9.83 26.21
N CYS B 611 -79.11 -10.51 26.39
CA CYS B 611 -79.27 -11.94 26.09
C CYS B 611 -79.23 -12.25 24.58
N ASN B 612 -79.33 -13.54 24.21
CA ASN B 612 -79.31 -13.99 22.81
C ASN B 612 -80.34 -13.24 21.93
N CYS B 613 -81.55 -13.07 22.45
CA CYS B 613 -82.65 -12.43 21.72
C CYS B 613 -82.67 -10.88 21.84
N GLY B 614 -81.82 -10.32 22.70
CA GLY B 614 -81.72 -8.88 22.96
C GLY B 614 -82.73 -8.28 23.96
N ARG B 615 -83.76 -9.01 24.41
CA ARG B 615 -84.81 -8.41 25.26
C ARG B 615 -84.39 -8.08 26.69
N LYS B 616 -83.45 -8.83 27.28
CA LYS B 616 -83.05 -8.72 28.69
C LYS B 616 -81.58 -8.41 28.83
N GLN B 617 -81.25 -7.45 29.69
CA GLN B 617 -79.88 -7.05 30.01
C GLN B 617 -79.49 -7.49 31.43
N ALA B 618 -78.20 -7.79 31.62
CA ALA B 618 -77.62 -8.03 32.93
C ALA B 618 -76.16 -7.55 33.01
N PRO B 619 -75.67 -7.25 34.22
CA PRO B 619 -74.25 -7.04 34.47
C PRO B 619 -73.44 -8.27 34.08
N ARG B 620 -72.24 -8.03 33.56
CA ARG B 620 -71.31 -9.03 33.05
C ARG B 620 -69.91 -8.74 33.56
N ASP B 621 -69.32 -9.71 34.25
CA ASP B 621 -67.91 -9.64 34.63
C ASP B 621 -67.00 -9.86 33.40
N ASP B 622 -65.82 -9.26 33.43
CA ASP B 622 -64.85 -9.36 32.35
C ASP B 622 -64.28 -10.78 32.22
N PRO B 623 -64.54 -11.48 31.10
CA PRO B 623 -64.23 -12.90 30.98
C PRO B 623 -62.75 -13.16 30.70
N PHE B 624 -62.17 -14.15 31.38
CA PHE B 624 -60.83 -14.69 31.10
C PHE B 624 -60.89 -15.98 30.28
N ASP B 625 -62.04 -16.65 30.26
CA ASP B 625 -62.26 -17.89 29.52
C ASP B 625 -63.33 -17.70 28.45
N ILE B 626 -63.17 -18.42 27.33
CA ILE B 626 -64.02 -18.28 26.14
C ILE B 626 -65.43 -18.83 26.36
N LYS B 627 -65.60 -19.85 27.23
CA LYS B 627 -66.92 -20.37 27.62
C LYS B 627 -67.66 -19.36 28.47
N ALA B 628 -66.98 -18.75 29.44
CA ALA B 628 -67.54 -17.65 30.23
C ALA B 628 -67.98 -16.48 29.33
N ALA B 629 -67.21 -16.19 28.27
CA ALA B 629 -67.50 -15.12 27.33
C ALA B 629 -68.69 -15.42 26.40
N ASN B 630 -68.67 -16.54 25.70
CA ASN B 630 -69.60 -16.76 24.58
C ASN B 630 -70.80 -17.65 24.93
N TYR B 631 -70.74 -18.36 26.07
CA TYR B 631 -71.75 -19.36 26.42
C TYR B 631 -72.39 -19.09 27.79
N ASP B 632 -71.64 -19.17 28.89
CA ASP B 632 -72.22 -19.21 30.25
C ASP B 632 -73.07 -17.98 30.60
N PHE B 633 -72.58 -16.79 30.25
CA PHE B 633 -73.32 -15.54 30.44
C PHE B 633 -74.69 -15.57 29.74
N TYR B 634 -74.73 -16.10 28.52
CA TYR B 634 -75.94 -16.12 27.72
C TYR B 634 -76.88 -17.24 28.16
N GLN B 635 -76.35 -18.40 28.54
CA GLN B 635 -77.14 -19.52 29.07
C GLN B 635 -77.91 -19.10 30.32
N LEU B 636 -77.23 -18.42 31.26
CA LEU B 636 -77.86 -17.91 32.49
C LEU B 636 -78.99 -16.91 32.21
N LEU B 637 -78.85 -16.09 31.15
CA LEU B 637 -79.89 -15.14 30.74
C LEU B 637 -81.02 -15.81 29.97
N GLU B 638 -80.72 -16.86 29.22
CA GLU B 638 -81.66 -17.59 28.39
C GLU B 638 -82.74 -18.26 29.24
N GLU B 639 -82.34 -18.92 30.34
CA GLU B 639 -83.25 -19.48 31.35
C GLU B 639 -84.29 -18.44 31.84
N LYS B 640 -83.89 -17.16 31.87
CA LYS B 640 -84.71 -16.05 32.38
C LYS B 640 -85.41 -15.23 31.29
N CYS B 641 -85.25 -15.56 30.00
CA CYS B 641 -85.75 -14.73 28.91
C CYS B 641 -86.14 -15.51 27.64
N CYS B 642 -85.17 -16.02 26.89
CA CYS B 642 -85.38 -16.57 25.54
C CYS B 642 -85.43 -18.10 25.45
N GLY B 643 -85.34 -18.82 26.57
CA GLY B 643 -85.30 -20.29 26.56
C GLY B 643 -86.56 -20.99 26.04
N LYS B 644 -87.68 -20.27 25.89
CA LYS B 644 -88.94 -20.79 25.31
C LYS B 644 -89.14 -20.43 23.83
N LEU B 645 -88.21 -19.69 23.23
CA LEU B 645 -88.28 -19.32 21.81
C LEU B 645 -87.76 -20.46 20.94
N ASP B 646 -88.09 -20.46 19.64
CA ASP B 646 -87.54 -21.46 18.72
C ASP B 646 -86.06 -21.14 18.45
N HIS B 647 -85.22 -22.18 18.46
CA HIS B 647 -83.79 -22.07 18.22
C HIS B 647 -83.36 -22.91 17.02
N ILE B 648 -82.40 -22.39 16.25
CA ILE B 648 -81.62 -23.21 15.32
C ILE B 648 -80.28 -23.47 16.01
N ASN B 649 -80.10 -24.71 16.47
CA ASN B 649 -78.88 -25.11 17.16
C ASN B 649 -77.73 -25.32 16.18
N PHE B 650 -76.55 -24.85 16.56
CA PHE B 650 -75.31 -25.13 15.85
C PHE B 650 -74.73 -26.46 16.33
N PRO B 651 -74.17 -27.29 15.44
CA PRO B 651 -73.50 -28.53 15.83
C PRO B 651 -72.38 -28.28 16.83
N VAL B 652 -72.31 -29.08 17.88
CA VAL B 652 -71.23 -29.10 18.87
C VAL B 652 -70.62 -30.49 18.93
N PHE B 653 -69.43 -30.60 19.48
CA PHE B 653 -68.77 -31.89 19.67
C PHE B 653 -69.56 -32.80 20.61
N GLU B 654 -69.92 -33.97 20.13
CA GLU B 654 -70.59 -35.01 20.91
C GLU B 654 -69.59 -36.16 21.17
N PRO B 655 -69.13 -36.33 22.42
CA PRO B 655 -68.16 -37.38 22.74
C PRO B 655 -68.76 -38.77 22.58
N SER B 656 -68.09 -39.64 21.81
CA SER B 656 -68.36 -41.08 21.79
C SER B 656 -67.57 -41.85 22.85
N THR B 657 -66.66 -41.19 23.56
CA THR B 657 -65.81 -41.75 24.62
C THR B 657 -65.95 -40.94 25.92
N PRO B 658 -65.77 -41.56 27.10
CA PRO B 658 -65.92 -40.86 28.38
C PRO B 658 -64.86 -39.77 28.64
N ASP B 659 -63.71 -39.84 27.97
CA ASP B 659 -62.63 -38.84 28.07
C ASP B 659 -62.12 -38.44 26.68
N PRO B 660 -62.81 -37.51 25.98
CA PRO B 660 -62.40 -37.05 24.66
C PRO B 660 -61.19 -36.12 24.76
N ALA B 661 -60.18 -36.32 23.90
CA ALA B 661 -58.96 -35.53 23.90
C ALA B 661 -59.13 -34.21 23.13
N PRO B 662 -58.45 -33.11 23.52
CA PRO B 662 -58.33 -31.92 22.67
C PRO B 662 -57.47 -32.25 21.45
N ALA B 663 -57.89 -31.82 20.26
CA ALA B 663 -57.12 -32.01 19.04
C ALA B 663 -55.75 -31.31 19.16
N LYS B 664 -54.67 -32.03 18.78
CA LYS B 664 -53.30 -31.49 18.77
C LYS B 664 -53.03 -30.77 17.46
N ASN B 665 -52.44 -29.59 17.53
CA ASN B 665 -52.31 -28.69 16.40
C ASN B 665 -51.05 -29.02 15.56
N ARG B 739 -67.06 -35.22 5.48
CA ARG B 739 -66.20 -35.92 6.43
C ARG B 739 -66.88 -35.77 7.77
N GLN B 740 -67.46 -36.88 8.26
CA GLN B 740 -68.20 -36.93 9.52
C GLN B 740 -67.38 -36.28 10.64
N ALA B 741 -68.01 -35.41 11.43
CA ALA B 741 -67.34 -34.69 12.51
C ALA B 741 -66.71 -35.67 13.50
N SER B 742 -65.50 -35.35 13.98
CA SER B 742 -64.81 -36.17 14.98
C SER B 742 -65.65 -36.30 16.24
N THR B 743 -65.80 -37.53 16.74
CA THR B 743 -66.48 -37.84 18.01
C THR B 743 -65.50 -38.21 19.13
N VAL B 744 -64.20 -38.24 18.83
CA VAL B 744 -63.12 -38.62 19.77
C VAL B 744 -62.27 -37.42 20.16
N GLU B 745 -62.13 -36.44 19.24
CA GLU B 745 -61.34 -35.23 19.45
C GLU B 745 -62.17 -33.97 19.23
N TYR B 746 -62.04 -33.01 20.14
CA TYR B 746 -62.76 -31.72 20.07
C TYR B 746 -61.81 -30.57 19.74
N LEU B 747 -62.38 -29.51 19.13
CA LEU B 747 -61.68 -28.24 18.91
C LEU B 747 -61.60 -27.46 20.24
N PRO B 748 -60.40 -27.15 20.78
CA PRO B 748 -60.27 -26.46 22.06
C PRO B 748 -60.79 -25.02 22.07
N GLY B 749 -60.72 -24.35 20.91
CA GLY B 749 -61.15 -22.97 20.72
C GLY B 749 -62.41 -22.82 19.88
N MET B 750 -62.48 -21.73 19.13
CA MET B 750 -63.60 -21.44 18.22
C MET B 750 -63.28 -21.85 16.79
N LEU B 751 -64.31 -22.23 16.03
CA LEU B 751 -64.15 -22.58 14.62
C LEU B 751 -63.75 -21.35 13.78
N HIS B 752 -62.66 -21.49 13.02
CA HIS B 752 -62.15 -20.44 12.13
C HIS B 752 -61.42 -21.03 10.91
N SER B 753 -61.10 -20.19 9.92
CA SER B 753 -60.49 -20.59 8.64
C SER B 753 -59.21 -21.42 8.73
N ASN B 754 -58.46 -21.30 9.82
CA ASN B 754 -57.20 -22.04 10.03
C ASN B 754 -57.39 -23.36 10.80
N CYS B 755 -58.60 -23.73 11.19
CA CYS B 755 -58.85 -24.97 11.94
C CYS B 755 -58.77 -26.20 11.01
N PRO B 756 -58.33 -27.37 11.51
CA PRO B 756 -58.48 -28.62 10.80
C PRO B 756 -59.95 -28.92 10.49
N LYS B 757 -60.23 -29.42 9.27
CA LYS B 757 -61.59 -29.76 8.84
C LYS B 757 -62.13 -30.95 9.65
N GLY B 758 -63.40 -30.88 10.06
CA GLY B 758 -64.11 -31.99 10.73
C GLY B 758 -64.06 -31.98 12.26
N LEU B 759 -63.47 -30.96 12.89
CA LEU B 759 -63.51 -30.79 14.35
C LEU B 759 -64.60 -29.79 14.75
N LEU B 760 -65.29 -30.08 15.84
CA LEU B 760 -66.31 -29.21 16.43
C LEU B 760 -65.90 -28.76 17.84
N PRO B 761 -66.30 -27.56 18.28
CA PRO B 761 -66.08 -27.10 19.65
C PRO B 761 -67.07 -27.75 20.62
N LYS B 762 -66.73 -27.75 21.91
CA LYS B 762 -67.59 -28.29 23.00
C LYS B 762 -68.89 -27.50 23.23
N PHE B 763 -68.94 -26.26 22.78
CA PHE B 763 -70.10 -25.39 22.85
C PHE B 763 -70.07 -24.42 21.68
N SER B 764 -71.24 -24.01 21.19
CA SER B 764 -71.29 -23.00 20.13
C SER B 764 -71.16 -21.59 20.73
N SER B 765 -70.31 -20.78 20.11
CA SER B 765 -70.20 -19.35 20.44
C SER B 765 -71.28 -18.49 19.77
N TRP B 766 -72.12 -19.09 18.93
CA TRP B 766 -73.17 -18.45 18.14
C TRP B 766 -74.55 -18.85 18.67
N SER B 767 -75.59 -18.03 18.45
CA SER B 767 -76.98 -18.42 18.75
C SER B 767 -77.92 -17.80 17.72
N LEU B 768 -78.91 -18.56 17.28
CA LEU B 768 -79.91 -18.14 16.31
C LEU B 768 -81.31 -18.44 16.84
N VAL B 769 -82.06 -17.37 17.16
CA VAL B 769 -83.34 -17.44 17.88
C VAL B 769 -84.46 -16.80 17.06
N LYS B 770 -85.62 -17.45 17.00
CA LYS B 770 -86.84 -16.88 16.43
C LYS B 770 -87.59 -16.08 17.51
N LEU B 771 -87.74 -14.77 17.32
CA LEU B 771 -88.51 -13.92 18.22
C LEU B 771 -90.03 -14.07 18.08
N GLY B 772 -90.48 -14.53 16.90
CA GLY B 772 -91.89 -14.64 16.51
C GLY B 772 -92.07 -14.71 14.99
N PRO B 773 -93.32 -14.69 14.50
CA PRO B 773 -93.63 -14.57 13.07
C PRO B 773 -93.17 -13.22 12.49
N ALA B 774 -93.14 -13.08 11.16
CA ALA B 774 -92.64 -11.86 10.51
C ALA B 774 -93.43 -10.60 10.92
N LYS B 775 -94.75 -10.76 11.13
CA LYS B 775 -95.67 -9.72 11.60
C LYS B 775 -95.37 -9.18 13.01
N SER B 776 -94.52 -9.85 13.79
CA SER B 776 -94.08 -9.36 15.11
C SER B 776 -93.19 -8.13 15.01
N TYR B 777 -92.60 -7.87 13.84
CA TYR B 777 -91.90 -6.62 13.59
C TYR B 777 -92.85 -5.58 12.97
N ASN B 778 -92.95 -4.41 13.59
CA ASN B 778 -93.71 -3.28 13.06
C ASN B 778 -92.75 -2.20 12.53
N PHE B 779 -92.84 -1.94 11.23
CA PHE B 779 -92.01 -0.94 10.53
C PHE B 779 -92.14 0.48 11.09
N HIS B 780 -93.30 0.86 11.63
CA HIS B 780 -93.56 2.22 12.10
C HIS B 780 -93.13 2.45 13.56
N THR B 781 -93.04 1.40 14.37
CA THR B 781 -92.67 1.50 15.80
C THR B 781 -91.27 0.95 16.10
N GLY B 782 -90.70 0.15 15.19
CA GLY B 782 -89.44 -0.54 15.41
C GLY B 782 -89.58 -1.73 16.37
N LEU B 783 -88.45 -2.19 16.90
CA LEU B 783 -88.38 -3.25 17.89
C LEU B 783 -88.69 -2.71 19.29
N ASP B 784 -89.57 -3.40 20.01
CA ASP B 784 -89.86 -3.12 21.42
C ASP B 784 -88.88 -3.91 22.32
N GLN B 785 -87.69 -3.35 22.53
CA GLN B 785 -86.66 -3.91 23.40
C GLN B 785 -85.93 -2.80 24.17
N GLN B 786 -85.49 -3.11 25.40
CA GLN B 786 -84.78 -2.16 26.26
C GLN B 786 -83.33 -1.93 25.80
N GLY B 787 -82.76 -0.80 26.22
CA GLY B 787 -81.35 -0.45 25.98
C GLY B 787 -81.08 0.25 24.65
N PHE B 788 -82.04 0.28 23.72
CA PHE B 788 -81.87 1.02 22.48
C PHE B 788 -81.81 2.54 22.71
N ILE B 789 -80.88 3.20 22.03
CA ILE B 789 -80.85 4.66 21.93
C ILE B 789 -82.15 5.10 21.23
N PRO B 790 -82.83 6.16 21.71
CA PRO B 790 -84.08 6.62 21.10
C PRO B 790 -83.96 6.84 19.58
N GLY B 791 -84.85 6.22 18.81
CA GLY B 791 -84.91 6.34 17.35
C GLY B 791 -83.97 5.41 16.57
N THR B 792 -83.23 4.51 17.24
CA THR B 792 -82.26 3.62 16.58
C THR B 792 -82.67 2.13 16.60
N ASN B 793 -83.91 1.81 16.99
CA ASN B 793 -84.46 0.46 17.17
C ASN B 793 -85.19 -0.07 15.92
N TYR B 794 -84.92 0.48 14.74
CA TYR B 794 -85.60 0.13 13.49
C TYR B 794 -84.78 -0.86 12.68
N LEU B 795 -85.40 -1.56 11.72
CA LEU B 795 -84.74 -2.47 10.79
C LEU B 795 -84.89 -1.90 9.37
N MET B 796 -83.86 -2.04 8.55
CA MET B 796 -83.87 -1.53 7.17
C MET B 796 -84.68 -2.44 6.25
N PRO B 797 -85.56 -1.90 5.38
CA PRO B 797 -86.23 -2.68 4.36
C PRO B 797 -85.26 -3.26 3.34
N TRP B 798 -85.46 -4.54 3.01
CA TRP B 798 -84.78 -5.27 1.95
C TRP B 798 -85.82 -5.78 0.95
N ASP B 799 -85.95 -5.07 -0.16
CA ASP B 799 -86.88 -5.41 -1.24
C ASP B 799 -86.22 -6.43 -2.19
N ILE B 800 -86.77 -7.64 -2.27
CA ILE B 800 -86.28 -8.77 -3.05
C ILE B 800 -87.25 -9.02 -4.22
N VAL B 801 -86.74 -9.01 -5.45
CA VAL B 801 -87.53 -9.28 -6.66
C VAL B 801 -87.68 -10.78 -6.85
N ILE B 802 -88.92 -11.29 -6.94
CA ILE B 802 -89.23 -12.73 -7.02
C ILE B 802 -89.29 -13.23 -8.47
N ARG B 803 -89.80 -12.42 -9.41
CA ARG B 803 -89.91 -12.79 -10.83
C ARG B 803 -89.21 -11.78 -11.72
N THR B 804 -88.15 -12.23 -12.39
CA THR B 804 -87.67 -11.60 -13.63
C THR B 804 -88.26 -12.38 -14.79
N ARG B 838 -96.78 -4.88 -10.48
CA ARG B 838 -97.71 -5.46 -9.51
C ARG B 838 -96.95 -5.64 -8.19
N ARG B 839 -97.61 -5.32 -7.07
CA ARG B 839 -97.05 -5.49 -5.72
C ARG B 839 -96.61 -6.94 -5.44
N ASP B 840 -97.08 -7.87 -6.27
CA ASP B 840 -96.85 -9.32 -6.20
C ASP B 840 -95.45 -9.77 -6.64
N ASP B 841 -94.66 -8.91 -7.31
CA ASP B 841 -93.32 -9.28 -7.82
C ASP B 841 -92.17 -9.00 -6.84
N ILE B 842 -92.46 -8.34 -5.70
CA ILE B 842 -91.46 -7.91 -4.71
C ILE B 842 -91.86 -8.39 -3.32
N ALA B 843 -91.02 -9.22 -2.71
CA ALA B 843 -91.13 -9.53 -1.28
C ALA B 843 -90.23 -8.60 -0.46
N ARG B 844 -90.75 -8.14 0.68
CA ARG B 844 -90.04 -7.22 1.56
C ARG B 844 -89.60 -7.92 2.84
N ALA B 845 -88.29 -8.12 2.98
CA ALA B 845 -87.63 -8.51 4.21
C ALA B 845 -87.17 -7.28 5.01
N PHE B 846 -86.70 -7.47 6.24
CA PHE B 846 -86.05 -6.40 7.03
C PHE B 846 -84.77 -6.90 7.69
N VAL B 847 -83.74 -6.04 7.74
CA VAL B 847 -82.43 -6.39 8.30
C VAL B 847 -81.92 -5.29 9.23
N GLY B 848 -81.32 -5.65 10.37
CA GLY B 848 -80.69 -4.69 11.28
C GLY B 848 -79.41 -5.22 11.91
N PHE B 849 -78.34 -4.44 11.79
CA PHE B 849 -77.05 -4.69 12.42
C PHE B 849 -76.98 -3.96 13.75
N GLU B 850 -77.06 -4.69 14.86
CA GLU B 850 -77.12 -4.14 16.21
C GLU B 850 -75.74 -4.07 16.86
N TYR B 851 -75.39 -2.87 17.30
CA TYR B 851 -74.21 -2.59 18.11
C TYR B 851 -74.59 -2.40 19.57
N GLU B 852 -73.77 -2.94 20.47
CA GLU B 852 -73.91 -2.84 21.92
C GLU B 852 -72.60 -2.34 22.53
N ASP B 853 -72.66 -1.33 23.40
CA ASP B 853 -71.49 -0.84 24.13
C ASP B 853 -71.38 -1.44 25.55
N SER B 854 -70.25 -1.20 26.21
CA SER B 854 -69.96 -1.74 27.55
C SER B 854 -70.95 -1.29 28.64
N ARG B 855 -71.76 -0.25 28.38
CA ARG B 855 -72.81 0.23 29.29
C ARG B 855 -74.18 -0.39 29.00
N GLY B 856 -74.27 -1.28 28.01
CA GLY B 856 -75.52 -1.89 27.56
C GLY B 856 -76.38 -0.94 26.72
N ARG B 857 -75.83 0.10 26.09
CA ARG B 857 -76.60 0.89 25.13
C ARG B 857 -76.51 0.25 23.76
N ARG B 858 -77.64 0.26 23.06
CA ARG B 858 -77.83 -0.49 21.82
C ARG B 858 -78.27 0.45 20.70
N PHE B 859 -77.80 0.22 19.49
CA PHE B 859 -78.26 0.96 18.33
C PHE B 859 -78.03 0.16 17.05
N MET B 860 -78.84 0.45 16.03
CA MET B 860 -78.69 -0.17 14.72
C MET B 860 -77.85 0.73 13.80
N CYS B 861 -77.05 0.12 12.93
CA CYS B 861 -76.34 0.83 11.85
C CYS B 861 -76.91 0.47 10.48
N SER B 862 -76.96 1.46 9.59
CA SER B 862 -77.42 1.30 8.21
C SER B 862 -76.30 1.22 7.17
N GLY B 863 -75.07 1.24 7.65
CA GLY B 863 -73.86 1.03 6.89
C GLY B 863 -72.64 1.20 7.80
N PRO B 864 -71.42 1.03 7.27
CA PRO B 864 -70.20 0.99 8.05
C PRO B 864 -69.97 2.20 8.97
N ASP B 865 -70.25 3.40 8.46
CA ASP B 865 -70.02 4.66 9.19
C ASP B 865 -71.33 5.39 9.55
N LYS B 866 -72.48 4.69 9.55
CA LYS B 866 -73.79 5.34 9.70
C LYS B 866 -74.68 4.65 10.73
N VAL B 867 -74.78 5.27 11.91
CA VAL B 867 -75.78 4.94 12.93
C VAL B 867 -77.16 5.33 12.41
N MET B 868 -78.11 4.39 12.42
CA MET B 868 -79.47 4.62 11.99
C MET B 868 -80.21 5.49 13.01
N LYS B 869 -80.80 6.58 12.53
CA LYS B 869 -81.68 7.46 13.31
C LYS B 869 -82.95 7.72 12.52
N VAL B 870 -84.08 7.20 13.02
CA VAL B 870 -85.39 7.38 12.39
C VAL B 870 -86.15 8.49 13.12
N MET B 871 -86.53 9.52 12.37
CA MET B 871 -87.45 10.56 12.81
C MET B 871 -88.71 10.49 11.92
N GLY B 872 -89.83 10.04 12.47
CA GLY B 872 -91.11 9.95 11.76
C GLY B 872 -91.51 8.52 11.32
N SER B 873 -92.14 8.40 10.15
CA SER B 873 -92.89 7.22 9.69
C SER B 873 -92.04 6.03 9.19
N GLY B 874 -90.98 5.67 9.91
CA GLY B 874 -90.13 4.50 9.63
C GLY B 874 -88.83 4.79 8.85
N PRO B 875 -87.95 3.77 8.73
CA PRO B 875 -86.63 3.91 8.11
C PRO B 875 -86.71 4.08 6.58
N LYS B 876 -85.97 5.07 6.06
CA LYS B 876 -85.90 5.36 4.61
C LYS B 876 -84.77 4.63 3.88
N GLU B 877 -83.88 3.97 4.63
CA GLU B 877 -82.61 3.45 4.12
C GLU B 877 -82.74 1.99 3.76
N SER B 878 -82.32 1.61 2.55
CA SER B 878 -82.37 0.21 2.10
C SER B 878 -81.25 -0.61 2.73
N ALA B 879 -81.58 -1.85 3.14
CA ALA B 879 -80.61 -2.81 3.66
C ALA B 879 -79.53 -3.20 2.63
N LEU B 880 -79.81 -3.06 1.34
CA LEU B 880 -78.92 -3.51 0.26
C LEU B 880 -77.52 -2.88 0.35
N LYS B 881 -77.45 -1.62 0.81
CA LYS B 881 -76.15 -0.94 1.03
C LYS B 881 -75.33 -1.64 2.10
N ALA B 882 -75.94 -1.92 3.26
CA ALA B 882 -75.26 -2.58 4.38
C ALA B 882 -74.87 -4.03 4.05
N LEU B 883 -75.74 -4.76 3.35
CA LEU B 883 -75.50 -6.16 2.97
C LEU B 883 -74.34 -6.34 1.96
N ASN B 884 -74.13 -5.34 1.09
CA ASN B 884 -73.07 -5.35 0.08
C ASN B 884 -71.75 -4.72 0.55
N SER B 885 -71.70 -4.23 1.79
CA SER B 885 -70.50 -3.65 2.42
C SER B 885 -70.02 -4.51 3.58
N ASP B 886 -68.72 -4.49 3.84
CA ASP B 886 -68.17 -5.04 5.07
C ASP B 886 -68.62 -4.17 6.25
N MET B 887 -69.32 -4.74 7.22
CA MET B 887 -69.80 -4.01 8.40
C MET B 887 -68.72 -4.06 9.50
N PRO B 888 -68.31 -2.94 10.10
CA PRO B 888 -67.25 -2.94 11.09
C PRO B 888 -67.71 -3.68 12.36
N LEU B 889 -66.86 -4.50 12.95
CA LEU B 889 -67.16 -5.21 14.20
C LEU B 889 -67.20 -4.22 15.38
N TYR B 890 -66.44 -3.13 15.33
CA TYR B 890 -66.41 -2.08 16.36
C TYR B 890 -66.67 -0.70 15.75
N ILE B 891 -67.52 0.10 16.40
CA ILE B 891 -67.80 1.50 16.06
C ILE B 891 -67.67 2.36 17.32
N LEU B 892 -67.29 3.63 17.18
CA LEU B 892 -67.30 4.59 18.28
C LEU B 892 -68.74 4.81 18.81
N SER B 893 -68.95 4.58 20.11
CA SER B 893 -70.23 4.86 20.77
C SER B 893 -70.49 6.36 20.79
N SER B 894 -71.72 6.77 20.48
CA SER B 894 -72.09 8.18 20.28
C SER B 894 -72.11 9.03 21.56
N SER B 895 -71.69 8.49 22.70
CA SER B 895 -71.61 9.26 23.94
C SER B 895 -70.18 9.64 24.27
N GLN B 896 -69.94 10.93 24.45
CA GLN B 896 -68.79 11.42 25.19
C GLN B 896 -69.00 11.03 26.67
N GLY B 897 -68.36 9.94 27.10
CA GLY B 897 -68.17 9.70 28.53
C GLY B 897 -67.33 10.83 29.11
N ARG B 898 -67.43 11.08 30.43
CA ARG B 898 -66.58 12.08 31.13
C ARG B 898 -65.09 11.66 31.24
N GLY B 899 -64.59 10.81 30.34
CA GLY B 899 -63.24 10.24 30.38
C GLY B 899 -62.52 10.35 29.04
N LEU B 900 -61.19 10.30 29.09
CA LEU B 900 -60.31 10.45 27.92
C LEU B 900 -60.31 9.25 26.96
N LYS B 901 -60.75 8.06 27.40
CA LYS B 901 -60.70 6.84 26.58
C LYS B 901 -61.94 6.70 25.67
N PRO B 902 -61.77 6.44 24.37
CA PRO B 902 -62.89 6.17 23.47
C PRO B 902 -63.65 4.90 23.88
N HIS B 903 -64.98 4.98 23.87
CA HIS B 903 -65.85 3.83 24.12
C HIS B 903 -66.30 3.22 22.79
N TYR B 904 -65.92 1.98 22.54
CA TYR B 904 -66.39 1.23 21.38
C TYR B 904 -67.71 0.49 21.68
N ALA B 905 -68.59 0.45 20.70
CA ALA B 905 -69.72 -0.47 20.64
C ALA B 905 -69.36 -1.60 19.67
N GLN B 906 -69.70 -2.83 20.03
CA GLN B 906 -69.43 -4.03 19.24
C GLN B 906 -70.69 -4.49 18.53
N LEU B 907 -70.57 -4.95 17.27
CA LEU B 907 -71.68 -5.63 16.60
C LEU B 907 -71.97 -6.96 17.31
N MET B 908 -73.13 -7.03 17.97
CA MET B 908 -73.50 -8.18 18.80
C MET B 908 -74.64 -9.00 18.20
N ARG B 909 -75.52 -8.40 17.38
CA ARG B 909 -76.69 -9.10 16.84
C ARG B 909 -77.03 -8.68 15.41
N LEU B 910 -77.56 -9.62 14.63
CA LEU B 910 -78.18 -9.39 13.31
C LEU B 910 -79.64 -9.82 13.37
N PHE B 911 -80.54 -8.87 13.13
CA PHE B 911 -81.99 -9.11 13.06
C PHE B 911 -82.40 -9.30 11.61
N VAL B 912 -83.22 -10.32 11.35
CA VAL B 912 -83.70 -10.66 10.00
C VAL B 912 -85.19 -10.98 10.07
N VAL B 913 -86.01 -10.22 9.36
CA VAL B 913 -87.42 -10.53 9.14
C VAL B 913 -87.57 -11.21 7.78
N VAL B 914 -87.89 -12.49 7.80
CA VAL B 914 -88.15 -13.32 6.61
C VAL B 914 -89.64 -13.24 6.29
N PRO B 915 -90.03 -12.71 5.11
CA PRO B 915 -91.44 -12.63 4.72
C PRO B 915 -92.02 -14.02 4.41
N ASP B 916 -93.34 -14.12 4.44
CA ASP B 916 -94.06 -15.27 3.89
C ASP B 916 -94.16 -15.12 2.36
N ALA B 917 -93.13 -15.57 1.65
CA ALA B 917 -93.00 -15.43 0.20
C ALA B 917 -92.18 -16.60 -0.39
N PRO B 918 -92.34 -16.92 -1.70
CA PRO B 918 -91.60 -18.01 -2.36
C PRO B 918 -90.12 -17.62 -2.61
N LEU B 919 -89.37 -17.44 -1.54
CA LEU B 919 -87.94 -17.17 -1.54
C LEU B 919 -87.28 -17.84 -0.34
N GLN B 920 -85.99 -18.12 -0.44
CA GLN B 920 -85.13 -18.60 0.63
C GLN B 920 -84.16 -17.49 1.03
N ILE B 921 -84.10 -17.18 2.32
CA ILE B 921 -83.05 -16.31 2.89
C ILE B 921 -82.00 -17.20 3.53
N ILE B 922 -80.77 -17.12 3.05
CA ILE B 922 -79.61 -17.88 3.49
C ILE B 922 -78.68 -16.96 4.27
N LEU B 923 -78.31 -17.38 5.48
CA LEU B 923 -77.41 -16.67 6.40
C LEU B 923 -76.02 -17.33 6.37
N MET B 924 -74.97 -16.53 6.13
CA MET B 924 -73.57 -16.94 5.99
C MET B 924 -72.64 -15.98 6.76
N PRO B 925 -72.64 -16.00 8.11
CA PRO B 925 -71.92 -15.01 8.88
C PRO B 925 -70.42 -15.35 8.93
N GLN B 926 -69.60 -14.38 8.54
CA GLN B 926 -68.14 -14.46 8.57
C GLN B 926 -67.57 -13.21 9.23
N VAL B 927 -66.70 -13.39 10.23
CA VAL B 927 -66.14 -12.30 11.02
C VAL B 927 -64.62 -12.36 11.02
N GLN B 928 -63.98 -11.24 10.73
CA GLN B 928 -62.55 -11.04 10.85
C GLN B 928 -62.27 -10.06 11.99
N PRO B 929 -61.82 -10.53 13.17
CA PRO B 929 -61.64 -9.70 14.37
C PRO B 929 -60.25 -9.04 14.45
N GLY B 930 -59.64 -8.70 13.30
CA GLY B 930 -58.33 -8.05 13.26
C GLY B 930 -57.69 -8.06 11.86
N PRO B 931 -56.57 -7.34 11.68
CA PRO B 931 -55.90 -7.28 10.39
C PRO B 931 -55.33 -8.65 9.97
N PRO B 932 -55.30 -8.97 8.65
CA PRO B 932 -54.57 -10.14 8.15
C PRO B 932 -53.15 -10.19 8.71
N PRO B 933 -52.63 -11.37 9.12
CA PRO B 933 -53.13 -12.72 8.86
C PRO B 933 -54.18 -13.26 9.86
N CYS B 934 -54.95 -12.39 10.56
CA CYS B 934 -56.05 -12.82 11.43
C CYS B 934 -57.08 -13.71 10.70
N PRO B 935 -57.42 -14.89 11.25
CA PRO B 935 -58.34 -15.84 10.62
C PRO B 935 -59.79 -15.33 10.61
N VAL B 936 -60.60 -15.92 9.73
CA VAL B 936 -62.03 -15.63 9.62
C VAL B 936 -62.82 -16.64 10.43
N PHE B 937 -63.66 -16.16 11.34
CA PHE B 937 -64.54 -16.95 12.20
C PHE B 937 -65.93 -17.08 11.56
N TYR B 938 -66.52 -18.26 11.69
CA TYR B 938 -67.85 -18.59 11.20
C TYR B 938 -68.49 -19.66 12.10
N PRO B 939 -69.83 -19.75 12.13
CA PRO B 939 -70.52 -20.78 12.89
C PRO B 939 -70.25 -22.17 12.33
N GLU B 940 -70.49 -23.18 13.17
CA GLU B 940 -70.27 -24.58 12.84
C GLU B 940 -71.08 -25.04 11.62
N LYS B 941 -72.22 -24.38 11.37
CA LYS B 941 -73.01 -24.50 10.14
C LYS B 941 -72.83 -23.24 9.28
N GLN B 942 -72.04 -23.33 8.21
CA GLN B 942 -71.66 -22.17 7.38
C GLN B 942 -72.80 -21.56 6.56
N GLU B 943 -73.77 -22.37 6.11
CA GLU B 943 -74.95 -21.91 5.37
C GLU B 943 -76.23 -22.30 6.12
N ILE B 944 -77.03 -21.30 6.49
CA ILE B 944 -78.25 -21.51 7.28
C ILE B 944 -79.45 -20.91 6.52
N THR B 945 -80.30 -21.77 5.97
CA THR B 945 -81.57 -21.34 5.39
C THR B 945 -82.57 -21.01 6.48
N LEU B 946 -83.00 -19.75 6.55
CA LEU B 946 -83.99 -19.30 7.53
C LEU B 946 -85.40 -19.72 7.08
N PRO B 947 -86.19 -20.35 7.97
CA PRO B 947 -87.58 -20.66 7.69
C PRO B 947 -88.42 -19.41 7.35
N PRO B 948 -89.41 -19.53 6.45
CA PRO B 948 -90.32 -18.43 6.10
C PRO B 948 -91.17 -17.99 7.31
N ASP B 949 -91.77 -16.80 7.18
CA ASP B 949 -92.57 -16.14 8.23
C ASP B 949 -91.90 -16.13 9.63
N GLY B 950 -90.79 -15.41 9.73
CA GLY B 950 -90.04 -15.34 10.99
C GLY B 950 -89.23 -14.08 11.18
N LEU B 951 -89.26 -13.55 12.41
CA LEU B 951 -88.29 -12.57 12.91
C LEU B 951 -87.19 -13.32 13.65
N TRP B 952 -86.01 -13.40 13.06
CA TRP B 952 -84.84 -14.11 13.54
C TRP B 952 -83.77 -13.16 14.08
N VAL B 953 -83.01 -13.61 15.08
CA VAL B 953 -81.87 -12.89 15.64
C VAL B 953 -80.67 -13.83 15.71
N LEU B 954 -79.61 -13.51 14.99
CA LEU B 954 -78.30 -14.11 15.16
C LEU B 954 -77.50 -13.30 16.18
N ARG B 955 -76.98 -13.94 17.23
CA ARG B 955 -76.04 -13.37 18.20
C ARG B 955 -74.62 -13.78 17.85
N PHE B 956 -73.77 -12.79 17.60
CA PHE B 956 -72.34 -12.95 17.33
C PHE B 956 -71.54 -13.23 18.61
N PRO B 957 -70.38 -13.90 18.51
CA PRO B 957 -69.46 -14.06 19.64
C PRO B 957 -69.07 -12.70 20.27
N TYR B 958 -68.96 -12.68 21.59
CA TYR B 958 -68.48 -11.51 22.33
C TYR B 958 -66.95 -11.40 22.23
N ALA B 959 -66.24 -12.52 22.41
CA ALA B 959 -64.80 -12.62 22.27
C ALA B 959 -64.44 -13.63 21.18
N TYR B 960 -63.30 -13.43 20.53
CA TYR B 960 -62.76 -14.29 19.48
C TYR B 960 -61.40 -14.82 19.91
N VAL B 961 -61.20 -16.13 19.86
CA VAL B 961 -59.98 -16.78 20.33
C VAL B 961 -59.47 -17.76 19.28
N THR B 962 -58.17 -17.66 19.01
CA THR B 962 -57.44 -18.59 18.14
C THR B 962 -56.51 -19.46 18.99
N GLU B 963 -55.89 -20.45 18.35
CA GLU B 963 -54.79 -21.26 18.89
C GLU B 963 -53.61 -20.41 19.38
N ARG B 964 -53.41 -19.20 18.82
CA ARG B 964 -52.35 -18.26 19.22
C ARG B 964 -52.75 -17.34 20.37
N GLY B 965 -53.99 -17.48 20.87
CA GLY B 965 -54.57 -16.63 21.91
C GLY B 965 -55.73 -15.75 21.42
N PRO B 966 -56.24 -14.88 22.31
CA PRO B 966 -57.40 -14.03 22.04
C PRO B 966 -57.12 -12.92 21.03
N CYS B 967 -58.11 -12.63 20.18
CA CYS B 967 -58.14 -11.44 19.35
C CYS B 967 -58.71 -10.28 20.18
N PHE B 968 -57.83 -9.48 20.76
CA PHE B 968 -58.23 -8.39 21.63
C PHE B 968 -59.00 -7.29 20.88
N PRO B 969 -59.94 -6.59 21.56
CA PRO B 969 -60.58 -5.39 21.04
C PRO B 969 -59.56 -4.32 20.60
N PRO B 970 -59.91 -3.46 19.64
CA PRO B 970 -59.01 -2.43 19.13
C PRO B 970 -58.57 -1.46 20.24
N LYS B 971 -57.26 -1.16 20.26
CA LYS B 971 -56.67 -0.13 21.13
C LYS B 971 -56.84 1.26 20.53
N GLU B 972 -56.58 2.28 21.34
CA GLU B 972 -56.49 3.66 20.88
C GLU B 972 -55.43 3.74 19.75
N ASN B 973 -55.80 4.34 18.60
CA ASN B 973 -55.01 4.46 17.37
C ASN B 973 -55.02 3.29 16.36
N VAL B 974 -55.88 2.27 16.51
CA VAL B 974 -55.98 1.17 15.53
C VAL B 974 -57.08 1.45 14.49
N GLN B 975 -56.80 1.16 13.20
CA GLN B 975 -57.80 1.27 12.12
C GLN B 975 -58.93 0.24 12.31
N LEU B 976 -60.14 0.73 12.60
CA LEU B 976 -61.31 -0.13 12.85
C LEU B 976 -61.76 -0.94 11.63
N MET B 977 -61.37 -0.54 10.42
CA MET B 977 -61.74 -1.22 9.16
C MET B 977 -61.19 -2.65 9.05
N SER B 978 -60.15 -2.99 9.83
CA SER B 978 -59.61 -4.34 9.90
C SER B 978 -60.46 -5.30 10.76
N TYR B 979 -61.40 -4.76 11.55
CA TYR B 979 -62.32 -5.52 12.39
C TYR B 979 -63.69 -5.49 11.75
N LYS B 980 -64.14 -6.59 11.15
CA LYS B 980 -65.32 -6.55 10.28
C LYS B 980 -66.08 -7.86 10.21
N VAL B 981 -67.37 -7.73 9.98
CA VAL B 981 -68.24 -8.78 9.43
C VAL B 981 -68.22 -8.63 7.92
N LEU B 982 -67.83 -9.68 7.22
CA LEU B 982 -67.66 -9.66 5.78
C LEU B 982 -69.02 -9.46 5.08
N ARG B 983 -69.00 -8.73 3.97
CA ARG B 983 -70.15 -8.57 3.08
C ARG B 983 -70.69 -9.93 2.63
N GLY B 984 -71.97 -9.99 2.29
CA GLY B 984 -72.62 -11.24 1.87
C GLY B 984 -73.10 -12.11 3.04
N VAL B 985 -73.25 -11.54 4.24
CA VAL B 985 -73.82 -12.24 5.41
C VAL B 985 -75.23 -12.81 5.16
N LEU B 986 -76.00 -12.21 4.24
CA LEU B 986 -77.32 -12.68 3.84
C LEU B 986 -77.41 -12.75 2.31
N LYS B 987 -78.01 -13.82 1.80
CA LYS B 987 -78.33 -14.03 0.39
C LYS B 987 -79.80 -14.43 0.26
N ALA B 988 -80.50 -13.82 -0.69
CA ALA B 988 -81.85 -14.24 -1.04
C ALA B 988 -81.81 -15.05 -2.35
N VAL B 989 -82.48 -16.20 -2.38
CA VAL B 989 -82.65 -17.06 -3.54
C VAL B 989 -84.14 -17.21 -3.80
N THR B 990 -84.62 -16.79 -4.96
CA THR B 990 -86.02 -16.96 -5.36
C THR B 990 -86.28 -18.44 -5.69
N GLN B 991 -87.41 -18.97 -5.22
CA GLN B 991 -87.80 -20.37 -5.48
C GLN B 991 -88.46 -20.56 -6.84
N LYS C 170 1.81 38.04 20.35
CA LYS C 170 1.00 37.90 21.56
C LYS C 170 0.41 36.49 21.65
N LEU C 171 1.05 35.53 20.98
CA LEU C 171 0.61 34.15 20.97
C LEU C 171 1.79 33.19 21.10
N LEU C 172 2.91 33.66 21.64
CA LEU C 172 4.08 32.83 21.80
C LEU C 172 3.83 31.70 22.80
N PRO C 173 4.52 30.58 22.67
CA PRO C 173 4.33 29.45 23.59
C PRO C 173 4.74 29.83 25.01
N PRO C 174 4.22 29.11 26.02
CA PRO C 174 4.59 29.45 27.41
C PRO C 174 6.07 29.30 27.70
N GLU C 175 6.62 28.11 27.48
CA GLU C 175 8.03 27.85 27.73
C GLU C 175 8.38 26.49 27.14
N ARG C 176 9.68 26.25 27.02
CA ARG C 176 10.21 25.00 26.48
C ARG C 176 11.03 24.29 27.56
N MET C 177 10.72 23.03 27.81
CA MET C 177 11.43 22.26 28.81
C MET C 177 12.71 21.68 28.23
N LYS C 178 13.81 21.84 28.95
CA LYS C 178 15.10 21.34 28.51
C LYS C 178 15.48 20.01 29.16
N HIS C 179 15.01 19.77 30.38
CA HIS C 179 15.29 18.54 31.10
C HIS C 179 14.07 18.13 31.90
N SER C 180 13.89 16.83 32.09
CA SER C 180 12.76 16.32 32.83
C SER C 180 12.86 16.71 34.30
N ILE C 181 11.70 16.84 34.95
CA ILE C 181 11.66 17.22 36.37
C ILE C 181 11.19 16.02 37.18
N LYS C 182 11.22 16.15 38.50
CA LYS C 182 10.80 15.08 39.40
C LYS C 182 9.35 15.31 39.83
N LEU C 183 8.45 14.44 39.37
CA LEU C 183 7.04 14.57 39.72
C LEU C 183 6.77 14.03 41.11
N VAL C 184 7.50 13.01 41.53
CA VAL C 184 7.36 12.39 42.85
C VAL C 184 8.76 12.15 43.40
N ASP C 185 8.99 12.60 44.64
CA ASP C 185 10.30 12.42 45.26
C ASP C 185 10.58 10.93 45.48
N ASP C 186 11.85 10.62 45.76
CA ASP C 186 12.23 9.24 45.98
C ASP C 186 11.63 8.67 47.27
N GLN C 187 11.10 9.52 48.15
CA GLN C 187 10.49 9.09 49.40
C GLN C 187 8.98 8.94 49.27
N MET C 188 8.47 8.82 48.03
CA MET C 188 7.04 8.67 47.76
C MET C 188 6.27 9.89 48.27
N ASN C 189 6.76 11.06 47.88
CA ASN C 189 6.16 12.34 48.26
C ASN C 189 5.85 13.13 47.01
N TRP C 190 4.70 13.80 47.00
CA TRP C 190 4.30 14.60 45.85
C TRP C 190 5.16 15.85 45.71
N CYS C 191 5.42 16.24 44.48
CA CYS C 191 6.22 17.42 44.16
C CYS C 191 5.44 18.25 43.13
N ASP C 192 4.73 19.26 43.62
CA ASP C 192 3.93 20.14 42.75
C ASP C 192 4.83 21.23 42.18
N SER C 193 5.51 20.89 41.07
CA SER C 193 6.40 21.84 40.42
C SER C 193 6.30 21.78 38.89
N ALA C 194 5.26 21.13 38.37
CA ALA C 194 5.06 21.02 36.93
C ALA C 194 3.96 21.93 36.39
N ILE C 195 3.27 22.66 37.26
CA ILE C 195 2.21 23.55 36.81
C ILE C 195 2.76 24.74 36.01
N GLU C 196 4.04 25.07 36.19
CA GLU C 196 4.63 26.18 35.45
C GLU C 196 4.73 25.92 33.96
N TYR C 197 4.69 24.65 33.54
CA TYR C 197 4.79 24.29 32.14
C TYR C 197 3.47 23.75 31.58
N LEU C 198 2.38 23.88 32.31
CA LEU C 198 1.07 23.40 31.88
C LEU C 198 0.19 24.56 31.41
N LEU C 199 -0.74 24.23 30.52
CA LEU C 199 -1.67 25.19 29.94
C LEU C 199 -3.10 24.78 30.29
N ASP C 200 -4.07 25.48 29.69
CA ASP C 200 -5.48 25.22 29.90
C ASP C 200 -6.10 24.45 28.74
N GLN C 201 -5.26 23.86 27.88
CA GLN C 201 -5.72 23.09 26.73
C GLN C 201 -6.25 21.73 27.16
N THR C 202 -7.07 21.14 26.30
CA THR C 202 -7.68 19.84 26.54
C THR C 202 -7.09 18.81 25.58
N ASP C 203 -7.62 17.59 25.65
CA ASP C 203 -7.20 16.48 24.81
C ASP C 203 -5.70 16.18 24.98
N VAL C 204 -5.32 15.85 26.21
CA VAL C 204 -3.93 15.54 26.53
C VAL C 204 -3.72 14.03 26.48
N LEU C 205 -2.47 13.63 26.22
CA LEU C 205 -2.09 12.23 26.13
C LEU C 205 -1.05 11.94 27.20
N VAL C 206 -1.22 10.83 27.92
CA VAL C 206 -0.30 10.44 28.98
C VAL C 206 0.27 9.05 28.68
N VAL C 207 1.60 8.96 28.71
CA VAL C 207 2.31 7.72 28.44
C VAL C 207 3.19 7.39 29.64
N GLY C 208 3.14 6.12 30.08
CA GLY C 208 3.92 5.68 31.20
C GLY C 208 4.73 4.45 30.80
N VAL C 209 5.74 4.14 31.60
CA VAL C 209 6.60 3.00 31.32
C VAL C 209 6.78 2.16 32.58
N LEU C 210 7.04 0.87 32.38
CA LEU C 210 7.26 -0.10 33.44
C LEU C 210 8.28 -1.12 32.95
N GLY C 211 9.01 -1.70 33.89
CA GLY C 211 10.01 -2.69 33.52
C GLY C 211 10.89 -3.05 34.69
N LEU C 212 11.89 -3.89 34.41
CA LEU C 212 12.84 -4.36 35.39
C LEU C 212 13.96 -3.34 35.55
N GLN C 213 15.05 -3.73 36.21
CA GLN C 213 16.20 -2.84 36.44
C GLN C 213 16.98 -2.43 35.19
N GLY C 214 17.54 -3.39 34.47
CA GLY C 214 18.30 -3.06 33.27
C GLY C 214 17.61 -3.16 31.93
N THR C 215 16.27 -3.11 31.92
CA THR C 215 15.55 -3.21 30.65
C THR C 215 15.85 -2.04 29.73
N GLY C 216 15.93 -0.83 30.27
CA GLY C 216 16.20 0.34 29.45
C GLY C 216 15.00 1.23 29.24
N LYS C 217 14.21 1.44 30.30
CA LYS C 217 13.03 2.28 30.20
C LYS C 217 13.39 3.75 30.00
N SER C 218 14.41 4.23 30.72
CA SER C 218 14.83 5.63 30.59
C SER C 218 15.28 5.95 29.17
N MET C 219 16.08 5.08 28.57
CA MET C 219 16.55 5.32 27.21
C MET C 219 15.40 5.34 26.23
N VAL C 220 14.46 4.41 26.37
CA VAL C 220 13.31 4.36 25.46
C VAL C 220 12.47 5.63 25.60
N MET C 221 12.21 6.05 26.83
CA MET C 221 11.42 7.26 27.04
C MET C 221 12.12 8.48 26.46
N SER C 222 13.44 8.57 26.64
CA SER C 222 14.18 9.71 26.10
C SER C 222 14.13 9.72 24.57
N LEU C 223 14.37 8.56 23.95
CA LEU C 223 14.36 8.48 22.50
C LEU C 223 12.96 8.73 21.93
N LEU C 224 11.92 8.46 22.71
CA LEU C 224 10.56 8.67 22.24
C LEU C 224 10.00 10.05 22.54
N SER C 225 10.61 10.80 23.47
CA SER C 225 10.06 12.12 23.77
C SER C 225 10.73 13.25 23.00
N ALA C 226 12.01 13.52 23.27
CA ALA C 226 12.71 14.60 22.59
C ALA C 226 14.17 14.26 22.30
N ASN C 227 14.43 13.05 21.80
CA ASN C 227 15.81 12.69 21.51
C ASN C 227 15.89 11.89 20.21
N THR C 228 17.12 11.70 19.74
CA THR C 228 17.44 10.99 18.53
C THR C 228 18.57 10.01 18.82
N PRO C 229 18.56 8.82 18.20
CA PRO C 229 19.63 7.85 18.46
C PRO C 229 21.01 8.39 18.13
N GLU C 230 21.14 9.26 17.14
CA GLU C 230 22.44 9.80 16.78
C GLU C 230 22.97 10.79 17.80
N GLU C 231 22.17 11.19 18.78
CA GLU C 231 22.58 12.13 19.81
C GLU C 231 23.42 11.37 20.84
N ASP C 232 23.82 12.03 21.93
CA ASP C 232 24.61 11.39 22.97
C ASP C 232 23.78 11.10 24.20
N GLN C 233 24.17 10.05 24.92
CA GLN C 233 23.48 9.62 26.14
C GLN C 233 23.69 10.56 27.31
N ARG C 234 24.65 11.48 27.24
CA ARG C 234 24.90 12.42 28.33
C ARG C 234 23.97 13.62 28.31
N THR C 235 23.21 13.84 27.24
CA THR C 235 22.29 14.97 27.16
C THR C 235 20.83 14.53 27.02
N TYR C 236 20.53 13.28 27.39
CA TYR C 236 19.16 12.79 27.29
C TYR C 236 18.26 13.48 28.31
N VAL C 237 16.97 13.59 27.95
CA VAL C 237 16.00 14.22 28.83
C VAL C 237 15.87 13.42 30.13
N PHE C 238 15.94 12.11 30.05
CA PHE C 238 15.84 11.22 31.20
C PHE C 238 17.23 10.64 31.44
N ARG C 239 17.73 10.79 32.67
CA ARG C 239 19.05 10.27 33.00
C ARG C 239 19.11 8.77 32.79
N ALA C 240 20.17 8.31 32.13
CA ALA C 240 20.39 6.90 31.84
C ALA C 240 21.53 6.36 32.70
N GLN C 241 21.61 5.04 32.77
CA GLN C 241 22.66 4.39 33.55
C GLN C 241 24.03 4.64 32.92
N SER C 242 25.01 4.94 33.76
CA SER C 242 26.37 5.20 33.32
C SER C 242 27.21 3.92 33.38
N ALA C 243 28.37 3.97 32.74
CA ALA C 243 29.26 2.82 32.72
C ALA C 243 29.76 2.49 34.12
N GLU C 244 30.06 3.51 34.93
CA GLU C 244 30.54 3.29 36.28
C GLU C 244 29.46 2.72 37.19
N MET C 245 28.20 2.82 36.80
CA MET C 245 27.10 2.31 37.61
C MET C 245 26.79 0.85 37.30
N LYS C 246 27.03 0.40 36.06
CA LYS C 246 26.76 -0.98 35.70
C LYS C 246 27.65 -1.94 36.48
N GLU C 247 28.92 -1.57 36.66
CA GLU C 247 29.84 -2.44 37.39
C GLU C 247 29.42 -2.63 38.84
N ARG C 248 28.72 -1.66 39.42
CA ARG C 248 28.28 -1.77 40.80
C ARG C 248 26.90 -2.41 40.93
N GLY C 249 26.21 -2.65 39.83
CA GLY C 249 24.89 -3.27 39.89
C GLY C 249 23.86 -2.42 40.63
N GLY C 250 23.82 -1.12 40.35
CA GLY C 250 22.89 -0.22 40.97
C GLY C 250 21.94 0.41 39.96
N ASN C 251 20.88 1.01 40.49
CA ASN C 251 19.87 1.66 39.67
C ASN C 251 20.18 3.14 39.52
N GLN C 252 19.57 3.76 38.51
CA GLN C 252 19.77 5.17 38.23
C GLN C 252 18.50 5.99 38.44
N THR C 253 17.39 5.60 37.82
CA THR C 253 16.14 6.33 37.96
C THR C 253 15.52 6.08 39.32
N SER C 254 15.02 7.14 39.94
CA SER C 254 14.39 7.07 41.25
C SER C 254 13.09 7.87 41.21
N GLY C 255 12.08 7.36 41.92
CA GLY C 255 10.80 8.04 41.93
C GLY C 255 10.14 8.05 40.56
N ILE C 256 9.38 9.12 40.31
CA ILE C 256 8.67 9.30 39.04
C ILE C 256 9.10 10.62 38.43
N ASP C 257 9.39 10.61 37.14
CA ASP C 257 9.81 11.79 36.42
C ASP C 257 8.64 12.39 35.65
N PHE C 258 8.87 13.55 35.06
CA PHE C 258 7.85 14.24 34.28
C PHE C 258 8.50 15.03 33.16
N PHE C 259 7.86 15.03 31.99
CA PHE C 259 8.35 15.72 30.82
C PHE C 259 7.23 15.81 29.80
N ILE C 260 7.09 16.97 29.16
CA ILE C 260 6.06 17.21 28.15
C ILE C 260 6.71 17.80 26.91
N THR C 261 6.49 17.17 25.76
CA THR C 261 7.05 17.64 24.51
C THR C 261 6.26 18.84 23.98
N GLN C 262 6.71 19.39 22.86
CA GLN C 262 6.00 20.55 22.30
C GLN C 262 4.62 20.18 21.77
N GLU C 263 4.36 18.90 21.47
CA GLU C 263 3.04 18.50 20.97
C GLU C 263 2.04 18.31 22.10
N ARG C 264 2.37 18.76 23.32
CA ARG C 264 1.50 18.65 24.48
C ARG C 264 1.24 17.19 24.84
N ILE C 265 2.30 16.39 24.80
CA ILE C 265 2.25 14.97 25.12
C ILE C 265 3.03 14.77 26.42
N VAL C 266 2.38 14.25 27.44
CA VAL C 266 3.01 14.01 28.74
C VAL C 266 3.66 12.64 28.77
N PHE C 267 4.90 12.61 29.26
CA PHE C 267 5.68 11.38 29.38
C PHE C 267 6.04 11.22 30.85
N LEU C 268 5.84 10.02 31.38
CA LEU C 268 6.13 9.74 32.79
C LEU C 268 7.09 8.56 32.90
N ASP C 269 8.19 8.76 33.58
CA ASP C 269 9.19 7.72 33.77
C ASP C 269 8.82 6.90 35.01
N THR C 270 9.61 5.85 35.26
CA THR C 270 9.33 5.01 36.42
C THR C 270 10.58 4.24 36.84
N GLN C 271 10.78 4.13 38.14
CA GLN C 271 11.92 3.43 38.69
C GLN C 271 11.71 1.92 38.53
N PRO C 272 12.79 1.13 38.55
CA PRO C 272 12.62 -0.32 38.40
C PRO C 272 11.77 -0.91 39.52
N ILE C 273 11.00 -1.94 39.17
CA ILE C 273 10.14 -2.63 40.12
C ILE C 273 10.83 -3.90 40.58
N LEU C 274 10.83 -4.13 41.89
CA LEU C 274 11.45 -5.31 42.49
C LEU C 274 12.92 -5.42 42.11
N SER C 275 13.61 -4.28 42.10
CA SER C 275 15.02 -4.33 41.73
C SER C 275 15.89 -4.51 42.97
N PRO C 276 16.95 -5.33 42.86
CA PRO C 276 17.83 -5.54 44.02
C PRO C 276 18.57 -4.30 44.47
N SER C 277 18.75 -3.30 43.60
CA SER C 277 19.46 -2.09 44.00
C SER C 277 18.71 -1.36 45.11
N ILE C 278 17.41 -1.15 44.93
CA ILE C 278 16.62 -0.47 45.94
C ILE C 278 16.61 -1.28 47.24
N LEU C 279 16.51 -2.60 47.11
CA LEU C 279 16.51 -3.46 48.28
C LEU C 279 17.80 -3.31 49.07
N ASP C 280 18.94 -3.38 48.38
CA ASP C 280 20.23 -3.24 49.05
C ASP C 280 20.36 -1.86 49.69
N HIS C 281 19.92 -0.82 48.99
CA HIS C 281 20.02 0.52 49.55
C HIS C 281 19.13 0.66 50.79
N LEU C 282 18.03 -0.08 50.84
CA LEU C 282 17.12 -0.03 51.97
C LEU C 282 17.55 -0.95 53.11
N ILE C 283 18.47 -1.88 52.85
CA ILE C 283 18.93 -2.79 53.91
C ILE C 283 19.58 -2.01 55.03
N ASN C 284 20.47 -1.07 54.69
CA ASN C 284 21.16 -0.26 55.69
C ASN C 284 20.42 1.04 55.99
N ASN C 285 19.14 0.92 56.32
CA ASN C 285 18.32 2.09 56.63
C ASN C 285 17.18 1.71 57.58
N TYR C 293 7.08 -2.47 58.57
CA TYR C 293 6.73 -3.82 58.17
C TYR C 293 7.54 -4.85 58.97
N ASN C 294 7.20 -6.12 58.79
CA ASN C 294 7.91 -7.19 59.49
C ASN C 294 9.37 -7.28 59.05
N LEU C 295 9.60 -7.30 57.74
CA LEU C 295 10.93 -7.38 57.17
C LEU C 295 11.02 -6.35 56.05
N PRO C 296 12.22 -5.86 55.75
CA PRO C 296 12.35 -4.86 54.68
C PRO C 296 12.33 -5.45 53.26
N HIS C 297 11.37 -6.35 53.03
CA HIS C 297 11.24 -6.99 51.72
C HIS C 297 9.89 -6.75 51.05
N THR C 298 8.79 -6.68 51.80
CA THR C 298 7.50 -6.45 51.17
C THR C 298 7.32 -4.98 50.82
N TYR C 299 8.16 -4.11 51.38
CA TYR C 299 8.06 -2.68 51.10
C TYR C 299 8.32 -2.39 49.63
N VAL C 300 9.33 -3.04 49.04
CA VAL C 300 9.63 -2.83 47.64
C VAL C 300 8.48 -3.31 46.76
N GLU C 301 7.92 -4.48 47.11
CA GLU C 301 6.81 -5.03 46.34
C GLU C 301 5.61 -4.08 46.39
N MET C 302 5.31 -3.54 47.57
CA MET C 302 4.18 -2.63 47.68
C MET C 302 4.45 -1.33 46.93
N GLN C 303 5.70 -0.84 46.94
CA GLN C 303 5.99 0.38 46.21
C GLN C 303 5.77 0.15 44.72
N SER C 304 6.19 -1.03 44.24
CA SER C 304 6.01 -1.35 42.83
C SER C 304 4.53 -1.45 42.49
N LEU C 305 3.75 -2.06 43.39
CA LEU C 305 2.31 -2.18 43.15
C LEU C 305 1.66 -0.80 43.13
N GLN C 306 2.09 0.08 44.03
CA GLN C 306 1.54 1.42 44.10
C GLN C 306 1.81 2.17 42.80
N ILE C 307 3.05 2.09 42.31
CA ILE C 307 3.41 2.77 41.07
C ILE C 307 2.61 2.19 39.90
N ALA C 308 2.47 0.87 39.85
CA ALA C 308 1.74 0.24 38.76
C ALA C 308 0.28 0.68 38.77
N ALA C 309 -0.35 0.68 39.94
CA ALA C 309 -1.75 1.10 40.03
C ALA C 309 -1.90 2.57 39.63
N PHE C 310 -1.00 3.43 40.11
CA PHE C 310 -1.06 4.84 39.77
C PHE C 310 -0.94 5.04 38.27
N LEU C 311 0.00 4.34 37.64
CA LEU C 311 0.17 4.48 36.19
C LEU C 311 -1.03 3.90 35.45
N PHE C 312 -1.71 2.92 36.05
CA PHE C 312 -2.88 2.33 35.40
C PHE C 312 -4.14 3.14 35.57
N THR C 313 -4.16 4.11 36.50
CA THR C 313 -5.35 4.91 36.70
C THR C 313 -5.26 6.36 36.26
N VAL C 314 -4.05 6.89 35.98
CA VAL C 314 -3.95 8.28 35.56
C VAL C 314 -3.14 8.44 34.28
N CYS C 315 -2.95 7.36 33.53
CA CYS C 315 -2.19 7.42 32.29
C CYS C 315 -3.02 6.82 31.16
N HIS C 316 -2.84 7.39 29.97
CA HIS C 316 -3.57 6.92 28.80
C HIS C 316 -3.01 5.62 28.25
N VAL C 317 -1.71 5.38 28.37
CA VAL C 317 -1.11 4.16 27.87
C VAL C 317 0.10 3.81 28.73
N VAL C 318 0.36 2.52 28.89
CA VAL C 318 1.48 2.01 29.68
C VAL C 318 2.27 1.06 28.79
N ILE C 319 3.59 1.23 28.76
CA ILE C 319 4.49 0.41 27.95
C ILE C 319 5.34 -0.43 28.90
N VAL C 320 5.32 -1.74 28.70
CA VAL C 320 6.09 -2.67 29.53
C VAL C 320 7.31 -3.09 28.72
N VAL C 321 8.49 -2.84 29.27
CA VAL C 321 9.75 -3.18 28.62
C VAL C 321 10.32 -4.42 29.31
N GLN C 322 10.63 -5.43 28.52
CA GLN C 322 11.19 -6.69 29.02
C GLN C 322 12.57 -6.93 28.42
N ASP C 323 13.53 -7.24 29.27
CA ASP C 323 14.88 -7.49 28.79
C ASP C 323 14.94 -8.79 28.01
N TRP C 324 14.26 -9.84 28.50
CA TRP C 324 14.21 -11.14 27.86
C TRP C 324 12.75 -11.57 27.74
N PHE C 325 12.51 -12.52 26.85
CA PHE C 325 11.16 -13.02 26.62
C PHE C 325 10.68 -13.98 27.71
N THR C 326 9.39 -13.89 28.02
CA THR C 326 8.70 -14.71 29.01
C THR C 326 9.28 -14.75 30.42
N ASP C 327 9.25 -13.62 31.13
CA ASP C 327 9.79 -13.62 32.49
C ASP C 327 8.95 -14.53 33.38
N LEU C 328 7.67 -14.70 33.05
CA LEU C 328 6.64 -15.50 33.71
C LEU C 328 6.21 -14.90 35.04
N SER C 329 6.89 -13.86 35.52
CA SER C 329 6.53 -13.23 36.79
C SER C 329 5.95 -11.84 36.60
N LEU C 330 6.11 -11.23 35.43
CA LEU C 330 5.56 -9.90 35.20
C LEU C 330 4.06 -9.94 34.99
N TYR C 331 3.56 -11.01 34.35
CA TYR C 331 2.12 -11.12 34.11
C TYR C 331 1.36 -11.21 35.43
N ARG C 332 1.85 -12.04 36.36
CA ARG C 332 1.17 -12.18 37.64
C ARG C 332 1.21 -10.85 38.39
N PHE C 333 2.34 -10.15 38.33
CA PHE C 333 2.46 -8.87 39.01
C PHE C 333 1.49 -7.86 38.42
N LEU C 334 1.36 -7.84 37.10
CA LEU C 334 0.44 -6.90 36.44
C LEU C 334 -0.98 -7.18 36.86
N GLN C 335 -1.37 -8.47 36.86
CA GLN C 335 -2.73 -8.82 37.25
C GLN C 335 -2.99 -8.44 38.70
N THR C 336 -2.02 -8.70 39.59
CA THR C 336 -2.19 -8.36 40.99
C THR C 336 -2.30 -6.85 41.17
N ALA C 337 -1.50 -6.07 40.43
CA ALA C 337 -1.55 -4.62 40.54
C ALA C 337 -2.89 -4.10 40.07
N GLU C 338 -3.39 -4.59 38.94
CA GLU C 338 -4.67 -4.14 38.43
C GLU C 338 -5.82 -4.57 39.34
N MET C 339 -5.61 -5.64 40.11
CA MET C 339 -6.65 -6.12 41.01
C MET C 339 -6.73 -5.27 42.27
N VAL C 340 -5.63 -4.63 42.65
CA VAL C 340 -5.56 -3.79 43.84
C VAL C 340 -5.54 -2.30 43.47
N LYS C 341 -5.97 -1.96 42.25
CA LYS C 341 -5.97 -0.57 41.84
C LYS C 341 -7.04 0.21 42.61
N PRO C 342 -6.89 1.54 42.70
CA PRO C 342 -7.88 2.33 43.43
C PRO C 342 -9.30 2.20 42.88
N SER C 343 -9.49 2.53 41.61
CA SER C 343 -10.79 2.45 40.98
C SER C 343 -10.67 2.52 39.47
N THR C 361 -18.71 0.60 34.02
CA THR C 361 -18.05 1.83 33.56
C THR C 361 -16.66 1.96 34.17
N GLU C 362 -15.81 0.99 33.89
CA GLU C 362 -14.45 0.97 34.39
C GLU C 362 -13.48 1.37 33.28
N TYR C 363 -12.40 2.05 33.67
CA TYR C 363 -11.38 2.50 32.73
C TYR C 363 -10.14 1.63 32.85
N TYR C 364 -9.70 1.10 31.71
CA TYR C 364 -8.50 0.25 31.65
C TYR C 364 -7.60 0.79 30.56
N PRO C 365 -6.42 1.30 30.89
CA PRO C 365 -5.52 1.84 29.86
C PRO C 365 -4.91 0.73 29.01
N HIS C 366 -4.49 1.13 27.81
CA HIS C 366 -3.89 0.20 26.88
C HIS C 366 -2.54 -0.28 27.42
N LEU C 367 -2.18 -1.51 27.06
CA LEU C 367 -0.94 -2.11 27.49
C LEU C 367 -0.11 -2.45 26.26
N VAL C 368 1.17 -2.10 26.30
CA VAL C 368 2.09 -2.36 25.20
C VAL C 368 3.25 -3.20 25.70
N PHE C 369 3.57 -4.27 24.97
CA PHE C 369 4.66 -5.17 25.33
C PHE C 369 5.86 -4.85 24.44
N LEU C 370 6.89 -4.25 25.04
CA LEU C 370 8.11 -3.87 24.34
C LEU C 370 9.22 -4.84 24.71
N GLN C 371 9.80 -5.49 23.71
CA GLN C 371 10.88 -6.46 23.92
C GLN C 371 12.17 -5.76 23.48
N ASN C 372 12.92 -5.27 24.46
CA ASN C 372 14.18 -4.58 24.21
C ASN C 372 15.33 -5.57 24.07
N LYS C 373 16.36 -5.14 23.34
CA LYS C 373 17.56 -5.94 23.09
C LYS C 373 17.22 -7.23 22.34
N ALA C 374 16.41 -7.09 21.29
CA ALA C 374 16.01 -8.24 20.50
C ALA C 374 17.17 -8.70 19.61
N ARG C 375 17.12 -9.96 19.22
CA ARG C 375 18.14 -10.56 18.37
C ARG C 375 17.52 -11.04 17.07
N ARG C 376 18.38 -11.57 16.19
CA ARG C 376 17.90 -12.06 14.90
C ARG C 376 16.94 -13.23 15.06
N GLU C 377 17.24 -14.14 15.99
CA GLU C 377 16.38 -15.30 16.22
C GLU C 377 14.96 -14.88 16.60
N ASP C 378 14.79 -13.71 17.20
CA ASP C 378 13.49 -13.23 17.61
C ASP C 378 12.75 -12.49 16.49
N PHE C 379 13.36 -12.34 15.32
CA PHE C 379 12.75 -11.65 14.19
C PHE C 379 12.30 -12.62 13.10
N CYS C 380 11.76 -13.77 13.51
CA CYS C 380 11.31 -14.78 12.57
C CYS C 380 9.82 -15.03 12.74
N PRO C 381 9.09 -15.27 11.64
CA PRO C 381 7.64 -15.51 11.78
C PRO C 381 7.31 -16.70 12.67
N ARG C 382 8.11 -17.77 12.61
CA ARG C 382 7.86 -18.93 13.44
C ARG C 382 7.91 -18.56 14.90
N LYS C 383 8.91 -17.76 15.30
CA LYS C 383 9.00 -17.36 16.69
C LYS C 383 7.94 -16.33 17.03
N LEU C 384 7.58 -15.49 16.06
CA LEU C 384 6.56 -14.47 16.29
C LEU C 384 5.22 -15.11 16.65
N ARG C 385 4.87 -16.20 15.95
CA ARG C 385 3.60 -16.86 16.25
C ARG C 385 3.60 -17.38 17.68
N GLN C 386 4.71 -17.97 18.11
CA GLN C 386 4.79 -18.49 19.47
C GLN C 386 4.70 -17.35 20.47
N MET C 387 5.35 -16.23 20.18
CA MET C 387 5.32 -15.08 21.07
C MET C 387 3.89 -14.58 21.26
N HIS C 388 3.19 -14.38 20.14
CA HIS C 388 1.81 -13.90 20.20
C HIS C 388 0.91 -14.90 20.92
N LEU C 389 1.09 -16.19 20.64
CA LEU C 389 0.26 -17.21 21.28
C LEU C 389 0.47 -17.21 22.78
N MET C 390 1.72 -17.14 23.23
CA MET C 390 2.01 -17.12 24.66
C MET C 390 1.44 -15.88 25.32
N ILE C 391 1.59 -14.73 24.67
CA ILE C 391 1.08 -13.48 25.24
C ILE C 391 -0.44 -13.54 25.38
N ASP C 392 -1.12 -14.03 24.34
CA ASP C 392 -2.58 -14.12 24.38
C ASP C 392 -3.07 -15.13 25.42
N GLN C 393 -2.44 -16.29 25.50
CA GLN C 393 -2.86 -17.30 26.48
C GLN C 393 -2.52 -16.92 27.91
N LEU C 394 -1.47 -16.14 28.13
CA LEU C 394 -1.10 -15.75 29.49
C LEU C 394 -1.89 -14.57 30.03
N MET C 395 -2.68 -13.89 29.21
CA MET C 395 -3.47 -12.74 29.66
C MET C 395 -4.89 -12.82 29.11
N ALA C 396 -5.51 -14.00 29.20
CA ALA C 396 -6.86 -14.18 28.69
C ALA C 396 -7.90 -13.39 29.49
N HIS C 397 -7.71 -13.27 30.81
CA HIS C 397 -8.67 -12.54 31.63
C HIS C 397 -8.02 -11.33 32.31
N SER C 398 -7.26 -10.55 31.54
CA SER C 398 -6.60 -9.37 32.08
C SER C 398 -7.45 -8.10 32.05
N HIS C 399 -8.54 -8.09 31.27
CA HIS C 399 -9.46 -6.97 31.13
C HIS C 399 -8.81 -5.73 30.52
N LEU C 400 -7.53 -5.80 30.16
CA LEU C 400 -6.84 -4.66 29.56
C LEU C 400 -6.90 -4.74 28.04
N ARG C 401 -6.68 -3.60 27.40
CA ARG C 401 -6.71 -3.50 25.94
C ARG C 401 -5.31 -3.78 25.41
N TYR C 402 -4.97 -5.07 25.28
CA TYR C 402 -3.67 -5.50 24.80
C TYR C 402 -3.73 -6.06 23.38
N LYS C 403 -4.77 -5.73 22.63
CA LYS C 403 -4.92 -6.23 21.26
C LYS C 403 -5.80 -5.28 20.47
N GLY C 404 -5.70 -5.37 19.15
CA GLY C 404 -6.48 -4.54 18.26
C GLY C 404 -5.87 -3.20 17.94
N THR C 405 -4.75 -2.84 18.58
CA THR C 405 -4.09 -1.57 18.35
C THR C 405 -2.59 -1.80 18.37
N LEU C 406 -1.84 -0.93 17.70
CA LEU C 406 -0.39 -1.01 17.63
C LEU C 406 0.05 -2.39 17.10
N SER C 407 -0.32 -2.64 15.85
CA SER C 407 0.00 -3.88 15.17
C SER C 407 1.25 -3.65 14.32
N MET C 408 2.38 -4.22 14.74
CA MET C 408 3.62 -4.06 14.01
C MET C 408 3.59 -4.74 12.65
N LEU C 409 2.61 -5.63 12.41
CA LEU C 409 2.53 -6.31 11.13
C LEU C 409 2.17 -5.34 10.00
N GLN C 410 1.36 -4.33 10.30
CA GLN C 410 0.95 -3.35 9.31
C GLN C 410 1.94 -2.19 9.18
N CYS C 411 2.97 -2.14 10.03
CA CYS C 411 3.96 -1.08 9.99
C CYS C 411 5.09 -1.39 9.02
N ASN C 412 4.86 -2.29 8.06
CA ASN C 412 5.84 -2.70 7.04
C ASN C 412 7.04 -3.41 7.63
N VAL C 413 6.96 -3.90 8.87
CA VAL C 413 8.09 -4.59 9.46
C VAL C 413 8.35 -5.90 8.72
N PHE C 414 7.28 -6.62 8.40
CA PHE C 414 7.36 -7.91 7.68
C PHE C 414 6.70 -7.68 6.33
N PRO C 415 7.48 -7.50 5.27
CA PRO C 415 6.90 -7.26 3.94
C PRO C 415 5.94 -8.32 3.41
N GLY C 416 6.37 -9.57 3.32
CA GLY C 416 5.50 -10.62 2.82
C GLY C 416 4.70 -11.45 3.81
N LEU C 417 4.56 -10.99 5.05
CA LEU C 417 3.81 -11.75 6.03
C LEU C 417 2.35 -11.34 5.99
N PRO C 418 1.43 -12.24 5.65
CA PRO C 418 0.01 -11.88 5.60
C PRO C 418 -0.57 -11.76 6.99
N PRO C 419 -1.59 -10.92 7.17
CA PRO C 419 -2.19 -10.77 8.51
C PRO C 419 -2.86 -12.03 9.03
N ASP C 420 -3.40 -12.88 8.15
CA ASP C 420 -4.05 -14.10 8.59
C ASP C 420 -3.08 -15.13 9.15
N PHE C 421 -1.77 -14.93 8.97
CA PHE C 421 -0.78 -15.87 9.47
C PHE C 421 -0.75 -15.90 11.00
N LEU C 422 -1.30 -14.88 11.65
CA LEU C 422 -1.34 -14.79 13.10
C LEU C 422 -2.77 -14.95 13.58
N ASP C 423 -2.97 -15.83 14.57
CA ASP C 423 -4.31 -16.06 15.09
C ASP C 423 -4.86 -14.80 15.76
N SER C 424 -4.03 -14.11 16.55
CA SER C 424 -4.43 -12.89 17.23
C SER C 424 -3.18 -12.06 17.44
N GLU C 425 -3.04 -11.00 16.64
CA GLU C 425 -1.88 -10.11 16.73
C GLU C 425 -2.07 -9.12 17.87
N VAL C 426 -1.34 -9.34 18.96
CA VAL C 426 -1.41 -8.48 20.13
C VAL C 426 -0.47 -7.29 19.90
N ASN C 427 -0.57 -6.27 20.74
CA ASN C 427 0.27 -5.08 20.61
C ASN C 427 1.64 -5.38 21.21
N LEU C 428 2.52 -5.94 20.39
CA LEU C 428 3.88 -6.29 20.79
C LEU C 428 4.85 -5.67 19.80
N PHE C 429 5.92 -5.07 20.31
CA PHE C 429 6.93 -4.44 19.46
C PHE C 429 8.31 -4.88 19.93
N LEU C 430 9.24 -4.99 18.98
CA LEU C 430 10.61 -5.39 19.26
C LEU C 430 11.58 -4.26 18.97
N VAL C 431 12.53 -4.06 19.88
CA VAL C 431 13.55 -3.03 19.77
C VAL C 431 14.91 -3.73 19.76
N PRO C 432 15.69 -3.64 18.69
CA PRO C 432 17.00 -4.31 18.65
C PRO C 432 18.09 -3.64 19.45
N PHE C 433 19.27 -4.26 19.41
CA PHE C 433 20.45 -3.77 20.11
C PHE C 433 21.05 -2.59 19.34
N MET C 434 21.88 -1.81 20.02
CA MET C 434 22.51 -0.66 19.39
C MET C 434 23.29 -1.07 18.15
N ASP C 435 23.12 -0.31 17.07
CA ASP C 435 23.81 -0.59 15.83
C ASP C 435 25.24 -0.06 15.86
N PRO C 452 35.27 -4.32 -5.87
CA PRO C 452 35.56 -3.15 -5.05
C PRO C 452 34.49 -2.90 -3.99
N LEU C 453 33.22 -2.92 -4.40
CA LEU C 453 32.12 -2.70 -3.47
C LEU C 453 31.71 -3.96 -2.72
N PHE C 454 32.01 -5.14 -3.26
CA PHE C 454 31.64 -6.38 -2.57
C PHE C 454 32.38 -6.54 -1.25
N SER C 455 33.67 -6.17 -1.22
CA SER C 455 34.45 -6.29 0.01
C SER C 455 33.98 -5.33 1.10
N LEU C 456 33.20 -4.30 0.74
CA LEU C 456 32.71 -3.33 1.71
C LEU C 456 31.31 -3.66 2.21
N LEU C 457 30.75 -4.80 1.82
CA LEU C 457 29.42 -5.17 2.28
C LEU C 457 29.41 -5.38 3.79
N PRO C 458 28.45 -4.83 4.51
CA PRO C 458 28.41 -5.01 5.96
C PRO C 458 27.87 -6.38 6.34
N GLY C 459 27.90 -6.66 7.64
CA GLY C 459 27.42 -7.93 8.13
C GLY C 459 25.92 -8.06 8.04
N TYR C 460 25.45 -9.31 8.11
CA TYR C 460 24.03 -9.61 8.04
C TYR C 460 23.46 -9.66 9.45
N ARG C 461 22.50 -8.77 9.74
CA ARG C 461 21.88 -8.73 11.06
C ARG C 461 20.53 -9.43 11.10
N GLY C 462 19.79 -9.44 10.01
CA GLY C 462 18.50 -10.10 9.97
C GLY C 462 17.35 -9.33 10.58
N HIS C 463 17.58 -8.10 11.02
CA HIS C 463 16.54 -7.28 11.63
C HIS C 463 16.66 -5.86 11.10
N PRO C 464 15.57 -5.10 11.10
CA PRO C 464 15.63 -3.72 10.60
C PRO C 464 16.55 -2.85 11.44
N SER C 465 16.88 -1.69 10.90
CA SER C 465 17.76 -0.75 11.59
C SER C 465 17.12 -0.26 12.88
N PHE C 466 17.97 0.06 13.86
CA PHE C 466 17.49 0.55 15.15
C PHE C 466 16.74 1.87 15.00
N GLN C 467 17.27 2.78 14.19
CA GLN C 467 16.63 4.08 14.00
C GLN C 467 15.25 3.94 13.35
N SER C 468 15.14 3.05 12.34
CA SER C 468 13.86 2.86 11.67
C SER C 468 12.80 2.35 12.64
N LEU C 469 13.14 1.33 13.43
CA LEU C 469 12.17 0.80 14.38
C LEU C 469 11.83 1.82 15.46
N VAL C 470 12.82 2.59 15.91
CA VAL C 470 12.54 3.60 16.94
C VAL C 470 11.57 4.64 16.40
N SER C 471 11.80 5.09 15.15
CA SER C 471 10.92 6.09 14.56
C SER C 471 9.51 5.53 14.38
N LYS C 472 9.41 4.28 13.93
CA LYS C 472 8.09 3.67 13.74
C LYS C 472 7.36 3.58 15.07
N LEU C 473 8.06 3.17 16.13
CA LEU C 473 7.44 3.06 17.44
C LEU C 473 6.97 4.42 17.93
N ARG C 474 7.79 5.46 17.72
CA ARG C 474 7.40 6.80 18.14
C ARG C 474 6.16 7.27 17.40
N SER C 475 6.11 7.04 16.09
CA SER C 475 4.95 7.46 15.31
C SER C 475 3.70 6.73 15.77
N GLN C 476 3.80 5.42 15.98
CA GLN C 476 2.65 4.65 16.43
C GLN C 476 2.18 5.10 17.80
N VAL C 477 3.11 5.40 18.71
CA VAL C 477 2.72 5.84 20.05
C VAL C 477 2.03 7.20 19.98
N MET C 478 2.56 8.11 19.17
CA MET C 478 1.95 9.43 19.05
C MET C 478 0.60 9.41 18.36
N SER C 479 0.38 8.48 17.43
CA SER C 479 -0.88 8.38 16.71
C SER C 479 -1.90 7.50 17.42
N MET C 480 -1.82 7.37 18.74
CA MET C 480 -2.75 6.53 19.48
C MET C 480 -3.94 7.35 20.00
N ALA C 481 -4.99 6.62 20.38
CA ALA C 481 -6.21 7.23 20.90
C ALA C 481 -6.01 7.80 22.29
N ARG C 482 -6.90 8.74 22.66
CA ARG C 482 -6.88 9.41 23.95
C ARG C 482 -8.27 9.37 24.56
N PRO C 483 -8.67 8.25 25.15
CA PRO C 483 -10.00 8.15 25.75
C PRO C 483 -10.09 8.92 27.05
N GLN C 484 -11.33 9.22 27.43
CA GLN C 484 -11.59 9.97 28.66
C GLN C 484 -11.22 9.15 29.89
N LEU C 485 -10.75 9.84 30.93
CA LEU C 485 -10.36 9.19 32.17
C LEU C 485 -11.50 9.17 33.19
N SER C 486 -11.99 10.34 33.57
CA SER C 486 -13.08 10.47 34.52
C SER C 486 -14.38 10.76 33.79
N HIS C 487 -15.45 10.95 34.57
CA HIS C 487 -16.76 11.24 33.99
C HIS C 487 -16.96 12.73 33.77
N THR C 488 -15.98 13.37 33.13
CA THR C 488 -15.98 14.79 32.82
C THR C 488 -14.74 15.10 32.00
N ILE C 489 -14.77 16.24 31.31
CA ILE C 489 -13.64 16.64 30.48
C ILE C 489 -12.57 17.25 31.39
N LEU C 490 -11.31 16.95 31.09
CA LEU C 490 -10.20 17.45 31.86
C LEU C 490 -9.16 18.13 30.97
N THR C 491 -8.49 19.12 31.55
CA THR C 491 -7.45 19.90 30.88
C THR C 491 -6.11 19.52 31.50
N GLU C 492 -5.05 20.21 31.07
CA GLU C 492 -3.73 19.91 31.60
C GLU C 492 -3.67 20.16 33.10
N LYS C 493 -4.10 21.35 33.53
CA LYS C 493 -4.08 21.65 34.96
C LYS C 493 -5.03 20.73 35.71
N ASN C 494 -6.22 20.49 35.13
CA ASN C 494 -7.18 19.61 35.77
C ASN C 494 -6.62 18.20 35.87
N TRP C 495 -5.90 17.75 34.83
CA TRP C 495 -5.32 16.42 34.87
C TRP C 495 -4.27 16.33 35.95
N PHE C 496 -3.46 17.40 36.11
CA PHE C 496 -2.44 17.39 37.13
C PHE C 496 -3.07 17.29 38.52
N HIS C 497 -4.14 18.08 38.75
CA HIS C 497 -4.80 18.03 40.06
C HIS C 497 -5.42 16.67 40.29
N TYR C 498 -6.01 16.08 39.24
CA TYR C 498 -6.64 14.76 39.37
C TYR C 498 -5.58 13.72 39.71
N ALA C 499 -4.42 13.79 39.07
CA ALA C 499 -3.35 12.84 39.35
C ALA C 499 -2.86 13.00 40.77
N ALA C 500 -2.75 14.24 41.25
CA ALA C 500 -2.30 14.46 42.61
C ALA C 500 -3.29 13.86 43.61
N ARG C 501 -4.58 14.09 43.37
CA ARG C 501 -5.60 13.54 44.26
C ARG C 501 -5.57 12.02 44.24
N ILE C 502 -5.40 11.43 43.05
CA ILE C 502 -5.36 9.98 42.93
C ILE C 502 -4.17 9.42 43.72
N TRP C 503 -3.00 10.06 43.57
CA TRP C 503 -1.83 9.58 44.30
C TRP C 503 -2.05 9.67 45.80
N ASP C 504 -2.62 10.78 46.26
CA ASP C 504 -2.88 10.94 47.69
C ASP C 504 -3.82 9.85 48.18
N GLY C 505 -4.85 9.53 47.39
CA GLY C 505 -5.79 8.50 47.80
C GLY C 505 -5.16 7.13 47.80
N VAL C 506 -4.28 6.86 46.83
CA VAL C 506 -3.62 5.56 46.74
C VAL C 506 -2.70 5.36 47.93
N ARG C 507 -2.01 6.41 48.36
CA ARG C 507 -1.11 6.27 49.51
C ARG C 507 -1.86 5.78 50.74
N LYS C 508 -2.95 6.46 51.10
CA LYS C 508 -3.76 6.10 52.25
C LYS C 508 -4.98 5.29 51.82
N SER C 509 -4.73 4.17 51.15
CA SER C 509 -5.79 3.30 50.66
C SER C 509 -6.05 2.16 51.65
N SER C 510 -7.12 1.42 51.38
CA SER C 510 -7.52 0.29 52.22
C SER C 510 -7.16 -1.06 51.63
N ALA C 511 -7.22 -1.21 50.31
CA ALA C 511 -6.88 -2.49 49.68
C ALA C 511 -5.42 -2.85 49.93
N LEU C 512 -4.54 -1.83 49.92
CA LEU C 512 -3.12 -2.09 50.14
C LEU C 512 -2.89 -2.69 51.52
N ALA C 513 -3.60 -2.18 52.54
CA ALA C 513 -3.43 -2.73 53.88
C ALA C 513 -3.90 -4.17 53.93
N GLU C 514 -5.01 -4.47 53.23
CA GLU C 514 -5.54 -5.82 53.20
C GLU C 514 -4.50 -6.76 52.59
N TYR C 515 -3.85 -6.32 51.51
CA TYR C 515 -2.84 -7.14 50.87
C TYR C 515 -1.58 -7.23 51.73
N SER C 516 -1.33 -6.21 52.56
CA SER C 516 -0.16 -6.20 53.42
C SER C 516 -0.29 -7.20 54.55
N ARG C 517 -1.47 -7.30 55.17
CA ARG C 517 -1.61 -8.26 56.26
C ARG C 517 -1.51 -9.70 55.78
N LEU C 518 -1.60 -9.94 54.48
CA LEU C 518 -1.52 -11.30 53.93
C LEU C 518 -0.09 -11.75 53.68
N LEU C 519 0.89 -10.86 53.85
CA LEU C 519 2.29 -11.22 53.64
C LEU C 519 3.08 -11.12 54.94
#